data_2LYB
#
_entry.id   2LYB
#
loop_
_entity.id
_entity.type
_entity.pdbx_description
1 polymer 'Matrix protein p17'
2 non-polymer O-[(R)-{[(2R)-2,3-bis(octanoyloxy)propyl]oxy}(hydroxy)phosphoryl]-L-serine
#
_entity_poly.entity_id   1
_entity_poly.type   'polypeptide(L)'
_entity_poly.pdbx_seq_one_letter_code
;GARASVLSGGELDKWEKIRLRPGGKKQYKLKHIVWASRELERFAVNPGLLETSEGCRQILGQLQPSLQTGSEELRSLYNT
IAVLYCVHQRIDVKDTKEALDKIEEEQNKSKKKAQQAAADTGNNSQVSQNYHHHHHH
;
_entity_poly.pdbx_strand_id   A
#
# COMPACT_ATOMS: atom_id res chain seq x y z
N GLY A 1 15.93 5.80 -17.12
CA GLY A 1 15.93 6.66 -15.95
C GLY A 1 16.99 7.75 -16.03
N ALA A 2 16.58 8.98 -15.75
CA ALA A 2 17.50 10.11 -15.79
C ALA A 2 17.64 10.76 -14.41
N ARG A 3 16.49 11.08 -13.81
CA ARG A 3 16.49 11.71 -12.50
C ARG A 3 15.42 11.07 -11.60
N ALA A 4 15.84 10.06 -10.84
CA ALA A 4 14.92 9.37 -9.94
C ALA A 4 14.43 10.29 -8.83
N SER A 5 13.20 10.07 -8.39
CA SER A 5 12.61 10.90 -7.34
C SER A 5 11.40 10.19 -6.71
N VAL A 6 11.63 9.56 -5.57
CA VAL A 6 10.56 8.85 -4.87
C VAL A 6 9.75 9.79 -4.00
N LEU A 7 10.39 10.36 -2.99
CA LEU A 7 9.73 11.29 -2.07
C LEU A 7 10.38 12.67 -2.14
N SER A 8 9.58 13.67 -2.49
CA SER A 8 10.07 15.04 -2.59
C SER A 8 10.36 15.62 -1.21
N GLY A 9 10.65 16.92 -1.17
CA GLY A 9 10.93 17.57 0.09
C GLY A 9 9.83 17.38 1.12
N GLY A 10 8.60 17.65 0.71
CA GLY A 10 7.47 17.50 1.61
C GLY A 10 7.24 16.05 2.00
N GLU A 11 7.23 15.16 1.01
CA GLU A 11 7.01 13.75 1.25
C GLU A 11 8.10 13.18 2.17
N LEU A 12 9.30 13.72 2.06
CA LEU A 12 10.43 13.27 2.87
C LEU A 12 10.17 13.53 4.35
N ASP A 13 9.82 14.77 4.68
CA ASP A 13 9.54 15.15 6.06
C ASP A 13 8.50 14.22 6.67
N LYS A 14 7.37 14.08 6.00
CA LYS A 14 6.29 13.21 6.47
C LYS A 14 6.75 11.76 6.54
N TRP A 15 7.49 11.33 5.53
CA TRP A 15 7.99 9.96 5.48
C TRP A 15 8.76 9.62 6.75
N GLU A 16 9.76 10.43 7.06
CA GLU A 16 10.58 10.22 8.25
C GLU A 16 9.72 10.20 9.51
N LYS A 17 8.58 10.89 9.45
CA LYS A 17 7.66 10.95 10.59
C LYS A 17 6.89 9.65 10.73
N ILE A 18 6.29 9.19 9.65
CA ILE A 18 5.52 7.95 9.65
C ILE A 18 6.33 6.80 10.26
N ARG A 19 5.66 5.96 11.04
CA ARG A 19 6.32 4.82 11.67
C ARG A 19 5.95 3.52 10.96
N LEU A 20 6.81 2.51 11.11
CA LEU A 20 6.58 1.22 10.48
C LEU A 20 5.46 0.46 11.19
N ARG A 21 5.29 0.73 12.48
CA ARG A 21 4.25 0.08 13.28
C ARG A 21 3.61 1.07 14.24
N PRO A 22 2.36 0.76 14.65
CA PRO A 22 1.61 1.62 15.57
C PRO A 22 2.19 1.59 16.99
N GLY A 23 2.65 0.42 17.41
CA GLY A 23 3.22 0.28 18.74
C GLY A 23 4.71 0.00 18.71
N GLY A 24 5.47 0.90 18.09
CA GLY A 24 6.91 0.73 18.00
C GLY A 24 7.66 1.96 18.45
N LYS A 25 8.99 1.89 18.38
CA LYS A 25 9.83 3.02 18.78
C LYS A 25 10.79 3.41 17.65
N LYS A 26 10.37 3.16 16.42
CA LYS A 26 11.18 3.49 15.26
C LYS A 26 10.33 4.09 14.14
N GLN A 27 10.88 5.05 13.43
CA GLN A 27 10.18 5.71 12.33
C GLN A 27 10.65 5.19 10.98
N TYR A 28 10.14 5.77 9.91
CA TYR A 28 10.52 5.36 8.56
C TYR A 28 11.78 6.08 8.11
N LYS A 29 12.56 5.42 7.26
CA LYS A 29 13.80 5.99 6.74
C LYS A 29 14.08 5.51 5.33
N LEU A 30 15.04 6.14 4.67
CA LEU A 30 15.40 5.77 3.31
C LEU A 30 15.72 4.28 3.21
N LYS A 31 16.20 3.71 4.31
CA LYS A 31 16.54 2.30 4.35
C LYS A 31 15.38 1.44 3.86
N HIS A 32 14.15 1.90 4.13
CA HIS A 32 12.96 1.18 3.70
C HIS A 32 12.63 1.48 2.24
N ILE A 33 12.93 2.67 1.73
CA ILE A 33 12.64 3.00 0.35
C ILE A 33 13.59 2.27 -0.61
N VAL A 34 14.84 2.14 -0.19
CA VAL A 34 15.85 1.46 -1.00
C VAL A 34 15.69 -0.06 -0.92
N TRP A 35 15.41 -0.55 0.28
CA TRP A 35 15.24 -1.98 0.49
C TRP A 35 14.09 -2.53 -0.37
N ALA A 36 12.91 -1.93 -0.20
CA ALA A 36 11.74 -2.35 -0.96
C ALA A 36 12.01 -2.29 -2.46
N SER A 37 12.93 -1.42 -2.86
CA SER A 37 13.28 -1.26 -4.27
C SER A 37 13.95 -2.52 -4.81
N ARG A 38 14.87 -3.08 -4.01
CA ARG A 38 15.59 -4.27 -4.42
C ARG A 38 14.67 -5.49 -4.42
N GLU A 39 13.79 -5.58 -3.42
CA GLU A 39 12.86 -6.69 -3.32
C GLU A 39 11.78 -6.60 -4.40
N LEU A 40 11.53 -5.38 -4.86
CA LEU A 40 10.51 -5.16 -5.89
C LEU A 40 10.96 -5.75 -7.23
N GLU A 41 12.14 -5.33 -7.68
CA GLU A 41 12.69 -5.82 -8.94
C GLU A 41 12.75 -7.34 -8.96
N ARG A 42 12.86 -7.93 -7.77
CA ARG A 42 12.93 -9.39 -7.65
C ARG A 42 11.61 -10.03 -8.04
N PHE A 43 10.52 -9.30 -7.84
CA PHE A 43 9.18 -9.79 -8.16
C PHE A 43 8.75 -9.31 -9.54
N ALA A 44 9.72 -9.07 -10.41
CA ALA A 44 9.44 -8.61 -11.77
C ALA A 44 8.78 -7.23 -11.75
N VAL A 45 8.97 -6.50 -10.65
CA VAL A 45 8.40 -5.18 -10.51
C VAL A 45 9.48 -4.12 -10.36
N ASN A 46 9.57 -3.23 -11.34
CA ASN A 46 10.58 -2.16 -11.31
C ASN A 46 10.36 -1.24 -10.12
N PRO A 47 11.47 -0.74 -9.55
CA PRO A 47 11.42 0.17 -8.39
C PRO A 47 10.87 1.55 -8.76
N GLY A 48 10.78 1.81 -10.06
CA GLY A 48 10.28 3.10 -10.52
C GLY A 48 8.81 3.30 -10.17
N LEU A 49 8.13 2.20 -9.82
CA LEU A 49 6.72 2.26 -9.45
C LEU A 49 6.54 2.88 -8.08
N LEU A 50 7.58 2.81 -7.25
CA LEU A 50 7.54 3.35 -5.91
C LEU A 50 7.35 4.87 -5.93
N GLU A 51 7.75 5.48 -7.05
CA GLU A 51 7.63 6.92 -7.20
C GLU A 51 6.42 7.27 -8.06
N THR A 52 5.43 6.39 -8.07
CA THR A 52 4.21 6.60 -8.85
C THR A 52 2.97 6.25 -8.04
N SER A 53 2.06 7.22 -7.91
CA SER A 53 0.84 7.02 -7.16
C SER A 53 0.04 5.85 -7.72
N GLU A 54 0.28 5.54 -8.99
CA GLU A 54 -0.42 4.44 -9.65
C GLU A 54 0.26 3.11 -9.36
N GLY A 55 1.58 3.08 -9.53
CA GLY A 55 2.34 1.86 -9.29
C GLY A 55 2.21 1.38 -7.85
N CYS A 56 2.43 2.28 -6.90
CA CYS A 56 2.34 1.95 -5.49
C CYS A 56 1.01 1.26 -5.18
N ARG A 57 -0.03 1.64 -5.91
CA ARG A 57 -1.35 1.07 -5.71
C ARG A 57 -1.40 -0.38 -6.20
N GLN A 58 -0.88 -0.60 -7.40
CA GLN A 58 -0.87 -1.94 -7.99
C GLN A 58 -0.06 -2.90 -7.13
N ILE A 59 1.11 -2.45 -6.67
CA ILE A 59 1.97 -3.28 -5.84
C ILE A 59 1.22 -3.81 -4.63
N LEU A 60 0.34 -2.97 -4.07
CA LEU A 60 -0.44 -3.36 -2.90
C LEU A 60 -1.54 -4.35 -3.29
N GLY A 61 -1.97 -4.29 -4.54
CA GLY A 61 -3.01 -5.18 -5.01
C GLY A 61 -2.54 -6.62 -5.10
N GLN A 62 -1.29 -6.81 -5.48
CA GLN A 62 -0.72 -8.15 -5.60
C GLN A 62 -0.29 -8.68 -4.23
N LEU A 63 0.08 -7.77 -3.34
CA LEU A 63 0.52 -8.15 -2.00
C LEU A 63 -0.68 -8.34 -1.08
N GLN A 64 -1.78 -7.67 -1.39
CA GLN A 64 -3.00 -7.77 -0.59
C GLN A 64 -3.39 -9.23 -0.38
N PRO A 65 -3.68 -9.93 -1.49
CA PRO A 65 -4.07 -11.34 -1.44
C PRO A 65 -2.91 -12.25 -1.05
N SER A 66 -1.70 -11.74 -1.13
CA SER A 66 -0.51 -12.51 -0.79
C SER A 66 -0.26 -12.48 0.71
N LEU A 67 -0.74 -11.42 1.37
CA LEU A 67 -0.56 -11.27 2.80
C LEU A 67 -1.05 -12.51 3.55
N GLN A 68 -2.04 -13.18 2.97
CA GLN A 68 -2.60 -14.39 3.57
C GLN A 68 -1.52 -15.46 3.73
N THR A 69 -0.69 -15.63 2.70
CA THR A 69 0.37 -16.62 2.71
C THR A 69 1.73 -15.97 2.44
N GLY A 70 1.96 -14.82 3.08
CA GLY A 70 3.22 -14.12 2.89
C GLY A 70 4.13 -14.24 4.09
N SER A 71 5.44 -14.15 3.86
CA SER A 71 6.42 -14.26 4.93
C SER A 71 6.82 -12.87 5.43
N GLU A 72 7.83 -12.83 6.29
CA GLU A 72 8.31 -11.57 6.84
C GLU A 72 8.63 -10.57 5.73
N GLU A 73 9.17 -11.07 4.63
CA GLU A 73 9.52 -10.22 3.49
C GLU A 73 8.28 -9.53 2.93
N LEU A 74 7.23 -10.31 2.70
CA LEU A 74 5.98 -9.78 2.17
C LEU A 74 5.39 -8.73 3.11
N ARG A 75 5.58 -8.94 4.41
CA ARG A 75 5.06 -8.01 5.41
C ARG A 75 5.71 -6.63 5.26
N SER A 76 7.02 -6.58 5.41
CA SER A 76 7.76 -5.33 5.29
C SER A 76 7.41 -4.62 3.99
N LEU A 77 7.10 -5.39 2.96
CA LEU A 77 6.75 -4.84 1.66
C LEU A 77 5.41 -4.13 1.70
N TYR A 78 4.35 -4.91 1.90
CA TYR A 78 3.00 -4.35 1.96
C TYR A 78 2.93 -3.22 2.98
N ASN A 79 3.77 -3.29 4.01
CA ASN A 79 3.81 -2.27 5.05
C ASN A 79 4.42 -0.99 4.52
N THR A 80 5.59 -1.11 3.90
CA THR A 80 6.29 0.04 3.35
C THR A 80 5.54 0.64 2.17
N ILE A 81 5.27 -0.19 1.17
CA ILE A 81 4.55 0.25 -0.03
C ILE A 81 3.25 0.94 0.35
N ALA A 82 2.66 0.54 1.48
CA ALA A 82 1.42 1.12 1.95
C ALA A 82 1.62 2.58 2.36
N VAL A 83 2.68 2.84 3.11
CA VAL A 83 2.97 4.19 3.56
C VAL A 83 3.34 5.10 2.40
N LEU A 84 4.26 4.64 1.56
CA LEU A 84 4.70 5.41 0.40
C LEU A 84 3.52 5.73 -0.52
N TYR A 85 2.60 4.78 -0.65
CA TYR A 85 1.42 4.96 -1.48
C TYR A 85 0.58 6.14 -1.00
N CYS A 86 0.16 6.07 0.26
CA CYS A 86 -0.66 7.12 0.86
C CYS A 86 -0.01 8.48 0.66
N VAL A 87 1.32 8.50 0.67
CA VAL A 87 2.06 9.75 0.49
C VAL A 87 1.82 10.34 -0.89
N HIS A 88 1.71 9.48 -1.89
CA HIS A 88 1.47 9.92 -3.26
C HIS A 88 -0.01 10.19 -3.50
N GLN A 89 -0.91 9.71 -2.65
CA GLN A 89 -2.33 9.95 -2.83
C GLN A 89 -2.81 11.13 -1.99
N ARG A 90 -1.89 12.03 -1.69
CA ARG A 90 -2.21 13.21 -0.89
C ARG A 90 -2.81 12.80 0.45
N ILE A 91 -2.46 11.61 0.91
CA ILE A 91 -2.97 11.12 2.19
C ILE A 91 -1.96 11.35 3.32
N ASP A 92 -2.47 11.58 4.52
CA ASP A 92 -1.61 11.82 5.67
C ASP A 92 -1.85 10.76 6.74
N VAL A 93 -0.77 10.11 7.18
CA VAL A 93 -0.86 9.08 8.21
C VAL A 93 0.23 9.25 9.25
N LYS A 94 0.15 8.46 10.32
CA LYS A 94 1.14 8.51 11.39
C LYS A 94 1.96 7.24 11.44
N ASP A 95 1.34 6.12 11.08
CA ASP A 95 2.02 4.84 11.07
C ASP A 95 1.63 4.01 9.85
N THR A 96 2.20 2.82 9.72
CA THR A 96 1.92 1.95 8.60
C THR A 96 0.49 1.43 8.65
N LYS A 97 0.07 0.98 9.84
CA LYS A 97 -1.27 0.46 10.02
C LYS A 97 -2.32 1.50 9.61
N GLU A 98 -2.10 2.74 10.00
CA GLU A 98 -3.01 3.82 9.67
C GLU A 98 -3.29 3.87 8.17
N ALA A 99 -2.22 3.81 7.38
CA ALA A 99 -2.35 3.83 5.92
C ALA A 99 -3.23 2.69 5.43
N LEU A 100 -3.03 1.51 6.00
CA LEU A 100 -3.80 0.33 5.61
C LEU A 100 -5.29 0.57 5.82
N ASP A 101 -5.63 1.22 6.92
CA ASP A 101 -7.02 1.52 7.23
C ASP A 101 -7.65 2.41 6.16
N LYS A 102 -6.86 3.35 5.66
CA LYS A 102 -7.33 4.27 4.62
C LYS A 102 -7.48 3.55 3.28
N ILE A 103 -6.50 2.74 2.94
CA ILE A 103 -6.52 1.99 1.69
C ILE A 103 -7.64 0.96 1.68
N GLU A 104 -7.97 0.45 2.86
CA GLU A 104 -9.03 -0.54 2.99
C GLU A 104 -10.40 0.12 2.99
N GLU A 105 -10.47 1.33 3.55
CA GLU A 105 -11.73 2.07 3.61
C GLU A 105 -12.12 2.57 2.23
N GLU A 106 -11.13 2.98 1.43
CA GLU A 106 -11.39 3.47 0.08
C GLU A 106 -11.75 2.33 -0.86
N GLN A 107 -11.27 1.14 -0.55
CA GLN A 107 -11.53 -0.03 -1.36
C GLN A 107 -12.86 -0.68 -0.99
N ASN A 108 -13.18 -0.68 0.31
CA ASN A 108 -14.42 -1.26 0.80
C ASN A 108 -15.62 -0.63 0.11
N LYS A 109 -15.46 0.62 -0.31
CA LYS A 109 -16.54 1.34 -0.98
C LYS A 109 -16.55 1.02 -2.48
N SER A 110 -15.38 0.70 -3.02
CA SER A 110 -15.25 0.38 -4.43
C SER A 110 -15.25 -1.13 -4.65
N LYS A 111 -15.89 -1.85 -3.74
CA LYS A 111 -15.97 -3.30 -3.83
C LYS A 111 -17.29 -3.74 -4.47
N LYS A 112 -18.37 -3.05 -4.11
CA LYS A 112 -19.69 -3.36 -4.65
C LYS A 112 -19.85 -2.78 -6.05
N LYS A 113 -19.13 -1.70 -6.32
CA LYS A 113 -19.20 -1.05 -7.63
C LYS A 113 -18.04 -1.48 -8.51
N ALA A 114 -17.58 -2.71 -8.32
CA ALA A 114 -16.47 -3.25 -9.09
C ALA A 114 -16.89 -4.49 -9.88
N GLN A 115 -17.79 -5.28 -9.28
CA GLN A 115 -18.28 -6.50 -9.92
C GLN A 115 -19.66 -6.28 -10.52
N GLN A 116 -20.67 -6.16 -9.67
CA GLN A 116 -22.03 -5.95 -10.13
C GLN A 116 -22.45 -7.02 -11.12
N ALA A 117 -21.85 -8.20 -11.00
CA ALA A 117 -22.16 -9.31 -11.89
C ALA A 117 -21.53 -10.61 -11.38
N ALA A 118 -20.31 -10.51 -10.86
CA ALA A 118 -19.61 -11.67 -10.34
C ALA A 118 -19.61 -11.68 -8.82
N ALA A 119 -20.62 -11.05 -8.23
CA ALA A 119 -20.75 -10.99 -6.78
C ALA A 119 -21.97 -11.77 -6.30
N ASP A 120 -22.38 -12.76 -7.10
CA ASP A 120 -23.54 -13.58 -6.75
C ASP A 120 -23.20 -15.07 -6.87
N THR A 121 -21.98 -15.43 -6.46
CA THR A 121 -21.54 -16.81 -6.51
C THR A 121 -21.89 -17.56 -5.22
N GLY A 122 -21.55 -16.95 -4.09
CA GLY A 122 -21.84 -17.56 -2.81
C GLY A 122 -23.28 -17.39 -2.39
N ASN A 123 -23.50 -17.26 -1.08
CA ASN A 123 -24.85 -17.09 -0.54
C ASN A 123 -24.81 -16.37 0.80
N ASN A 124 -25.29 -15.13 0.81
CA ASN A 124 -25.31 -14.33 2.03
C ASN A 124 -26.36 -13.23 1.95
N SER A 125 -27.16 -13.09 3.00
CA SER A 125 -28.21 -12.08 3.04
C SER A 125 -28.23 -11.37 4.38
N GLN A 126 -28.79 -10.17 4.41
CA GLN A 126 -28.88 -9.39 5.64
C GLN A 126 -29.71 -10.11 6.68
N VAL A 127 -29.75 -9.55 7.90
CA VAL A 127 -30.51 -10.14 8.99
C VAL A 127 -31.84 -9.41 9.19
N SER A 128 -32.84 -10.14 9.66
CA SER A 128 -34.16 -9.58 9.89
C SER A 128 -34.65 -9.90 11.30
N GLN A 129 -34.97 -8.86 12.07
CA GLN A 129 -35.46 -9.05 13.43
C GLN A 129 -36.68 -8.18 13.70
N ASN A 130 -37.22 -8.27 14.91
CA ASN A 130 -38.38 -7.49 15.29
C ASN A 130 -37.98 -6.23 16.05
N TYR A 131 -38.65 -5.12 15.74
CA TYR A 131 -38.36 -3.85 16.39
C TYR A 131 -36.91 -3.43 16.14
N 8SP B . 10.36 -20.76 -8.17
P 8SP B . 6.16 -18.16 -9.34
OG 8SP B . 7.57 -18.81 -9.72
C1A 8SP B . 5.88 -19.46 -3.30
O1A 8SP B . 6.55 -20.31 -3.92
C1B 8SP B . 5.64 -14.50 -5.29
O1B 8SP B . 6.07 -14.17 -4.16
CB 8SP B . 8.24 -19.64 -8.77
C1G 8SP B . 6.81 -17.47 -4.49
O1G 8SP B . 6.17 -18.13 -3.40
C2A 8SP B . 4.74 -19.83 -2.43
C2B 8SP B . 4.68 -13.67 -6.04
CA 8SP B . 9.78 -19.62 -8.91
C2G 8SP B . 5.77 -17.02 -5.55
O2G 8SP B . 6.08 -15.65 -5.88
O2P 8SP B . 5.63 -17.25 -10.37
C3A 8SP B . 4.14 -21.25 -2.68
C3B 8SP B . 4.96 -12.14 -6.03
C 8SP B . 10.40 -18.38 -8.42
O 8SP B . 9.79 -17.28 -8.50
OXT 8SP B . 11.62 -18.40 -7.85
C3G 8SP B . 5.71 -17.94 -6.79
O3G 8SP B . 6.35 -17.37 -7.95
O3P 8SP B . 5.12 -19.33 -9.09
C4A 8SP B . 2.95 -21.56 -1.73
C4B 8SP B . 3.68 -11.29 -5.84
C5A 8SP B . 2.18 -22.84 -2.15
C5B 8SP B . 3.90 -9.80 -6.21
C6A 8SP B . 1.04 -22.55 -3.16
C6B 8SP B . 4.05 -8.88 -4.96
C7A 8SP B . 0.87 -23.68 -4.21
C7B 8SP B . 5.47 -8.27 -4.85
C8A 8SP B . -0.20 -23.36 -5.27
C8B 8SP B . 5.45 -6.74 -4.59
H2 8SP B . 10.46 -21.55 -8.80
HB3 8SP B . 7.89 -20.65 -8.99
HB2 8SP B . 7.95 -19.45 -7.72
H11G 8SP B . 7.36 -16.60 -4.13
H21G 8SP B . 7.53 -18.15 -4.97
H 8SP B . 9.75 -21.02 -7.40
H12A 8SP B . 5.06 -19.76 -1.39
H22A 8SP B . 3.95 -19.08 -2.60
H12B 8SP B . 3.68 -13.85 -5.62
H22B 8SP B . 4.68 -14.02 -7.07
HA 8SP B . 10.03 -19.76 -9.97
H2G 8SP B . 4.78 -17.03 -5.06
H13A 8SP B . 4.93 -21.99 -2.54
H23A 8SP B . 3.79 -21.31 -3.71
H13B 8SP B . 5.43 -11.86 -6.98
H23B 8SP B . 5.67 -11.92 -5.22
H13G 8SP B . 6.08 -18.94 -6.50
H23G 8SP B . 4.66 -18.10 -7.05
H14A 8SP B . 2.26 -20.71 -1.73
H24A 8SP B . 3.33 -21.68 -0.71
H14B 8SP B . 3.35 -11.36 -4.80
H24B 8SP B . 2.89 -11.70 -6.48
H15A 8SP B . 1.76 -23.30 -1.25
H25A 8SP B . 2.88 -23.55 -2.60
H15B 8SP B . 3.04 -9.44 -6.80
H25B 8SP B . 4.79 -9.71 -6.83
H16A 8SP B . 1.26 -21.61 -3.67
H26A 8SP B . 0.10 -22.42 -2.61
H16B 8SP B . 3.84 -9.46 -4.06
H26B 8SP B . 3.32 -8.08 -5.03
H17A 8SP B . 0.58 -24.61 -3.69
H27A 8SP B . 1.82 -23.86 -4.71
H17B 8SP B . 6.01 -8.45 -5.78
H27B 8SP B . 6.01 -8.75 -4.03
H18A 8SP B . -1.17 -23.75 -4.94
H28A 8SP B . -0.29 -22.27 -5.40
H38A 8SP B . 0.06 -23.82 -6.22
H18B 8SP B . 6.04 -6.50 -3.70
H28B 8SP B . 5.86 -6.22 -5.45
H38B 8SP B . 4.42 -6.40 -4.43
HNB 8SP B . 11.28 -20.49 -7.81
N GLY A 1 21.22 3.94 -17.03
CA GLY A 1 20.87 4.36 -15.68
C GLY A 1 20.32 5.77 -15.63
N ALA A 2 19.27 5.96 -14.85
CA ALA A 2 18.65 7.28 -14.71
C ALA A 2 18.20 7.52 -13.28
N ARG A 3 18.48 8.73 -12.78
CA ARG A 3 18.10 9.09 -11.41
C ARG A 3 16.60 9.36 -11.32
N ALA A 4 15.98 8.82 -10.28
CA ALA A 4 14.54 9.01 -10.06
C ALA A 4 14.26 9.64 -8.71
N SER A 5 13.07 10.20 -8.56
CA SER A 5 12.68 10.85 -7.31
C SER A 5 11.48 10.14 -6.69
N VAL A 6 11.73 9.48 -5.56
CA VAL A 6 10.67 8.76 -4.86
C VAL A 6 9.83 9.72 -4.01
N LEU A 7 10.46 10.34 -3.03
CA LEU A 7 9.77 11.28 -2.14
C LEU A 7 10.38 12.67 -2.24
N SER A 8 9.56 13.66 -2.58
CA SER A 8 10.03 15.03 -2.71
C SER A 8 10.35 15.62 -1.34
N GLY A 9 10.64 16.92 -1.32
CA GLY A 9 10.97 17.59 -0.07
C GLY A 9 9.90 17.39 0.99
N GLY A 10 8.65 17.66 0.62
CA GLY A 10 7.55 17.50 1.55
C GLY A 10 7.32 16.05 1.94
N GLU A 11 7.32 15.17 0.96
CA GLU A 11 7.09 13.75 1.19
C GLU A 11 8.21 13.17 2.07
N LEU A 12 9.38 13.76 1.98
CA LEU A 12 10.53 13.30 2.76
C LEU A 12 10.32 13.57 4.25
N ASP A 13 10.06 14.83 4.59
CA ASP A 13 9.83 15.21 5.98
C ASP A 13 8.76 14.33 6.61
N LYS A 14 7.65 14.14 5.90
CA LYS A 14 6.55 13.32 6.40
C LYS A 14 6.96 11.85 6.47
N TRP A 15 7.72 11.40 5.48
CA TRP A 15 8.19 10.02 5.44
C TRP A 15 8.97 9.67 6.69
N GLU A 16 10.04 10.43 6.94
CA GLU A 16 10.88 10.20 8.11
C GLU A 16 10.07 10.32 9.40
N LYS A 17 8.99 11.07 9.34
CA LYS A 17 8.12 11.25 10.50
C LYS A 17 7.29 10.00 10.78
N ILE A 18 6.68 9.46 9.73
CA ILE A 18 5.87 8.26 9.86
C ILE A 18 6.63 7.15 10.57
N ARG A 19 5.94 6.42 11.44
CA ARG A 19 6.56 5.33 12.18
C ARG A 19 6.22 3.99 11.54
N LEU A 20 7.01 2.97 11.88
CA LEU A 20 6.80 1.62 11.34
C LEU A 20 5.58 0.97 11.99
N ARG A 21 5.55 0.98 13.31
CA ARG A 21 4.44 0.38 14.06
C ARG A 21 3.66 1.45 14.82
N PRO A 22 2.41 1.12 15.19
CA PRO A 22 1.54 2.04 15.93
C PRO A 22 2.01 2.25 17.36
N GLY A 23 2.60 1.21 17.96
CA GLY A 23 3.08 1.31 19.32
C GLY A 23 4.59 1.28 19.40
N GLY A 24 5.25 1.58 18.28
CA GLY A 24 6.70 1.58 18.25
C GLY A 24 7.28 2.98 18.17
N LYS A 25 8.60 3.08 18.18
CA LYS A 25 9.28 4.37 18.10
C LYS A 25 10.11 4.47 16.83
N LYS A 26 10.53 3.32 16.31
CA LYS A 26 11.33 3.28 15.09
C LYS A 26 10.63 4.00 13.95
N GLN A 27 11.19 5.15 13.55
CA GLN A 27 10.62 5.93 12.47
C GLN A 27 11.01 5.36 11.11
N TYR A 28 10.47 5.97 10.05
CA TYR A 28 10.77 5.52 8.69
C TYR A 28 12.04 6.17 8.17
N LYS A 29 12.72 5.49 7.25
CA LYS A 29 13.95 6.00 6.66
C LYS A 29 14.17 5.42 5.27
N LEU A 30 15.15 5.96 4.56
CA LEU A 30 15.47 5.49 3.21
C LEU A 30 15.74 4.00 3.20
N LYS A 31 16.19 3.47 4.33
CA LYS A 31 16.47 2.05 4.46
C LYS A 31 15.29 1.21 4.00
N HIS A 32 14.09 1.75 4.17
CA HIS A 32 12.87 1.05 3.78
C HIS A 32 12.55 1.32 2.31
N ILE A 33 12.86 2.48 1.76
CA ILE A 33 12.57 2.78 0.36
C ILE A 33 13.53 2.03 -0.55
N VAL A 34 14.78 1.92 -0.14
CA VAL A 34 15.80 1.22 -0.93
C VAL A 34 15.61 -0.28 -0.86
N TRP A 35 15.31 -0.78 0.33
CA TRP A 35 15.11 -2.21 0.54
C TRP A 35 13.97 -2.73 -0.34
N ALA A 36 12.88 -1.98 -0.39
CA ALA A 36 11.72 -2.36 -1.19
C ALA A 36 12.04 -2.29 -2.68
N SER A 37 13.01 -1.45 -3.03
CA SER A 37 13.40 -1.28 -4.42
C SER A 37 14.12 -2.53 -4.94
N ARG A 38 15.02 -3.06 -4.12
CA ARG A 38 15.78 -4.26 -4.50
C ARG A 38 14.90 -5.49 -4.43
N GLU A 39 13.87 -5.45 -3.59
CA GLU A 39 12.95 -6.57 -3.43
C GLU A 39 11.87 -6.53 -4.50
N LEU A 40 11.57 -5.35 -5.00
CA LEU A 40 10.55 -5.18 -6.03
C LEU A 40 11.03 -5.74 -7.36
N GLU A 41 12.21 -5.32 -7.80
CA GLU A 41 12.78 -5.79 -9.06
C GLU A 41 12.85 -7.30 -9.09
N ARG A 42 12.94 -7.91 -7.91
CA ARG A 42 13.02 -9.37 -7.81
C ARG A 42 11.69 -10.02 -8.19
N PHE A 43 10.60 -9.28 -7.98
CA PHE A 43 9.27 -9.78 -8.30
C PHE A 43 8.82 -9.30 -9.67
N ALA A 44 9.79 -9.06 -10.55
CA ALA A 44 9.50 -8.61 -11.90
C ALA A 44 8.85 -7.23 -11.89
N VAL A 45 9.03 -6.50 -10.79
CA VAL A 45 8.47 -5.16 -10.65
C VAL A 45 9.55 -4.11 -10.50
N ASN A 46 9.66 -3.22 -11.49
CA ASN A 46 10.67 -2.17 -11.46
C ASN A 46 10.45 -1.24 -10.26
N PRO A 47 11.57 -0.76 -9.69
CA PRO A 47 11.53 0.13 -8.53
C PRO A 47 10.99 1.52 -8.88
N GLY A 48 10.88 1.80 -10.17
CA GLY A 48 10.37 3.08 -10.62
C GLY A 48 8.92 3.29 -10.26
N LEU A 49 8.23 2.19 -9.92
CA LEU A 49 6.83 2.25 -9.56
C LEU A 49 6.66 2.85 -8.17
N LEU A 50 7.68 2.73 -7.34
CA LEU A 50 7.65 3.26 -5.98
C LEU A 50 7.46 4.77 -5.98
N GLU A 51 7.87 5.41 -7.08
CA GLU A 51 7.74 6.86 -7.21
C GLU A 51 6.53 7.22 -8.06
N THR A 52 5.54 6.33 -8.09
CA THR A 52 4.33 6.55 -8.87
C THR A 52 3.08 6.21 -8.05
N SER A 53 2.19 7.19 -7.91
CA SER A 53 0.97 6.99 -7.14
C SER A 53 0.15 5.84 -7.72
N GLU A 54 0.38 5.53 -9.00
CA GLU A 54 -0.33 4.45 -9.66
C GLU A 54 0.35 3.10 -9.40
N GLY A 55 1.68 3.08 -9.53
CA GLY A 55 2.43 1.87 -9.30
C GLY A 55 2.16 1.27 -7.93
N CYS A 56 2.23 2.10 -6.90
CA CYS A 56 2.01 1.64 -5.53
C CYS A 56 0.68 0.89 -5.42
N ARG A 57 -0.37 1.47 -6.01
CA ARG A 57 -1.69 0.86 -5.98
C ARG A 57 -1.66 -0.53 -6.60
N GLN A 58 -0.85 -0.69 -7.63
CA GLN A 58 -0.74 -1.98 -8.32
C GLN A 58 0.07 -2.97 -7.48
N ILE A 59 1.22 -2.51 -6.98
CA ILE A 59 2.08 -3.36 -6.17
C ILE A 59 1.33 -3.93 -4.97
N LEU A 60 0.45 -3.11 -4.39
CA LEU A 60 -0.34 -3.52 -3.23
C LEU A 60 -1.41 -4.54 -3.64
N GLY A 61 -1.82 -4.48 -4.90
CA GLY A 61 -2.83 -5.40 -5.40
C GLY A 61 -2.34 -6.83 -5.45
N GLN A 62 -1.05 -7.00 -5.75
CA GLN A 62 -0.45 -8.33 -5.84
C GLN A 62 -0.10 -8.85 -4.45
N LEU A 63 0.14 -7.93 -3.51
CA LEU A 63 0.48 -8.31 -2.15
C LEU A 63 -0.76 -8.52 -1.30
N GLN A 64 -1.85 -7.86 -1.70
CA GLN A 64 -3.11 -7.98 -0.97
C GLN A 64 -3.50 -9.45 -0.79
N PRO A 65 -3.70 -10.16 -1.91
CA PRO A 65 -4.08 -11.57 -1.90
C PRO A 65 -2.94 -12.46 -1.43
N SER A 66 -1.72 -11.93 -1.43
CA SER A 66 -0.55 -12.68 -1.01
C SER A 66 -0.41 -12.65 0.51
N LEU A 67 -0.92 -11.59 1.13
CA LEU A 67 -0.86 -11.44 2.58
C LEU A 67 -1.41 -12.68 3.28
N GLN A 68 -2.37 -13.34 2.64
CA GLN A 68 -2.97 -14.54 3.21
C GLN A 68 -1.91 -15.56 3.59
N THR A 69 -1.00 -15.85 2.66
CA THR A 69 0.06 -16.81 2.90
C THR A 69 1.42 -16.23 2.53
N GLY A 70 1.66 -14.98 2.94
CA GLY A 70 2.91 -14.33 2.64
C GLY A 70 3.95 -14.53 3.73
N SER A 71 5.19 -14.17 3.44
CA SER A 71 6.28 -14.32 4.41
C SER A 71 6.65 -12.98 5.03
N GLU A 72 7.74 -12.97 5.79
CA GLU A 72 8.20 -11.75 6.44
C GLU A 72 8.48 -10.66 5.41
N GLU A 73 9.15 -11.02 4.33
CA GLU A 73 9.48 -10.07 3.28
C GLU A 73 8.22 -9.42 2.71
N LEU A 74 7.20 -10.23 2.46
CA LEU A 74 5.94 -9.75 1.91
C LEU A 74 5.30 -8.72 2.85
N ARG A 75 5.18 -9.10 4.13
CA ARG A 75 4.60 -8.21 5.12
C ARG A 75 5.30 -6.86 5.14
N SER A 76 6.62 -6.89 5.27
CA SER A 76 7.41 -5.66 5.30
C SER A 76 7.11 -4.79 4.07
N LEU A 77 6.92 -5.43 2.93
CA LEU A 77 6.63 -4.72 1.69
C LEU A 77 5.30 -3.96 1.80
N TYR A 78 4.23 -4.69 2.10
CA TYR A 78 2.91 -4.09 2.24
C TYR A 78 2.94 -2.91 3.20
N ASN A 79 3.85 -2.97 4.17
CA ASN A 79 3.99 -1.91 5.16
C ASN A 79 4.60 -0.66 4.53
N THR A 80 5.79 -0.81 3.96
CA THR A 80 6.48 0.30 3.32
C THR A 80 5.68 0.86 2.15
N ILE A 81 5.28 -0.02 1.23
CA ILE A 81 4.50 0.38 0.07
C ILE A 81 3.23 1.12 0.49
N ALA A 82 2.76 0.84 1.70
CA ALA A 82 1.56 1.48 2.21
C ALA A 82 1.84 2.92 2.61
N VAL A 83 2.72 3.12 3.58
CA VAL A 83 3.08 4.44 4.05
C VAL A 83 3.48 5.34 2.89
N LEU A 84 4.17 4.78 1.91
CA LEU A 84 4.61 5.52 0.74
C LEU A 84 3.43 5.91 -0.14
N TYR A 85 2.60 4.93 -0.47
CA TYR A 85 1.43 5.17 -1.30
C TYR A 85 0.59 6.32 -0.75
N CYS A 86 0.27 6.24 0.54
CA CYS A 86 -0.53 7.26 1.20
C CYS A 86 0.06 8.65 0.95
N VAL A 87 1.38 8.71 0.78
CA VAL A 87 2.07 9.97 0.54
C VAL A 87 1.86 10.44 -0.89
N HIS A 88 1.88 9.49 -1.83
CA HIS A 88 1.69 9.81 -3.23
C HIS A 88 0.22 10.07 -3.55
N GLN A 89 -0.70 9.77 -2.65
CA GLN A 89 -2.12 9.99 -2.91
C GLN A 89 -2.60 11.25 -2.18
N ARG A 90 -2.74 11.14 -0.86
CA ARG A 90 -3.20 12.27 -0.05
C ARG A 90 -3.25 11.89 1.42
N ILE A 91 -3.60 10.64 1.69
CA ILE A 91 -3.69 10.15 3.07
C ILE A 91 -2.41 10.45 3.84
N ASP A 92 -2.56 11.04 5.02
CA ASP A 92 -1.41 11.38 5.86
C ASP A 92 -1.43 10.57 7.15
N VAL A 93 -1.50 9.25 7.02
CA VAL A 93 -1.52 8.37 8.18
C VAL A 93 -0.33 8.62 9.10
N LYS A 94 -0.43 8.16 10.33
CA LYS A 94 0.64 8.34 11.31
C LYS A 94 1.59 7.15 11.30
N ASP A 95 1.02 5.95 11.38
CA ASP A 95 1.82 4.73 11.39
C ASP A 95 1.49 3.85 10.17
N THR A 96 2.21 2.75 10.03
CA THR A 96 1.99 1.84 8.92
C THR A 96 0.64 1.14 9.03
N LYS A 97 0.17 0.98 10.27
CA LYS A 97 -1.11 0.34 10.52
C LYS A 97 -2.26 1.16 9.94
N GLU A 98 -2.26 2.45 10.22
CA GLU A 98 -3.30 3.34 9.72
C GLU A 98 -3.41 3.26 8.21
N ALA A 99 -2.27 3.32 7.54
CA ALA A 99 -2.23 3.25 6.08
C ALA A 99 -2.84 1.94 5.58
N LEU A 100 -2.81 0.91 6.42
CA LEU A 100 -3.36 -0.38 6.06
C LEU A 100 -4.89 -0.36 6.07
N ASP A 101 -5.46 0.18 7.16
CA ASP A 101 -6.90 0.28 7.28
C ASP A 101 -7.49 1.18 6.20
N LYS A 102 -6.85 2.31 5.97
CA LYS A 102 -7.31 3.25 4.95
C LYS A 102 -7.44 2.57 3.59
N ILE A 103 -6.36 1.93 3.15
CA ILE A 103 -6.36 1.24 1.87
C ILE A 103 -7.33 0.06 1.88
N GLU A 104 -7.58 -0.48 3.07
CA GLU A 104 -8.50 -1.61 3.21
C GLU A 104 -9.95 -1.16 3.04
N GLU A 105 -10.24 0.05 3.49
CA GLU A 105 -11.59 0.59 3.38
C GLU A 105 -11.91 0.98 1.94
N GLU A 106 -10.96 1.64 1.28
CA GLU A 106 -11.15 2.07 -0.09
C GLU A 106 -11.43 0.88 -1.00
N GLN A 107 -10.65 -0.17 -0.85
CA GLN A 107 -10.83 -1.38 -1.66
C GLN A 107 -12.22 -1.97 -1.47
N ASN A 108 -12.72 -1.90 -0.24
CA ASN A 108 -14.05 -2.43 0.07
C ASN A 108 -15.14 -1.61 -0.63
N LYS A 109 -14.83 -0.35 -0.90
CA LYS A 109 -15.78 0.53 -1.56
C LYS A 109 -15.84 0.24 -3.06
N SER A 110 -14.67 0.01 -3.66
CA SER A 110 -14.59 -0.28 -5.08
C SER A 110 -15.10 -1.68 -5.39
N LYS A 111 -14.79 -2.63 -4.52
CA LYS A 111 -15.22 -4.01 -4.68
C LYS A 111 -16.72 -4.14 -4.45
N LYS A 112 -17.25 -3.31 -3.57
CA LYS A 112 -18.68 -3.33 -3.26
C LYS A 112 -19.51 -3.02 -4.50
N LYS A 113 -18.92 -2.28 -5.43
CA LYS A 113 -19.61 -1.92 -6.67
C LYS A 113 -19.59 -3.09 -7.66
N ALA A 114 -18.47 -3.80 -7.69
CA ALA A 114 -18.33 -4.94 -8.59
C ALA A 114 -19.33 -6.04 -8.25
N GLN A 115 -19.64 -6.16 -6.97
CA GLN A 115 -20.59 -7.18 -6.52
C GLN A 115 -21.78 -6.53 -5.81
N GLN A 116 -22.16 -5.35 -6.26
CA GLN A 116 -23.28 -4.62 -5.67
C GLN A 116 -24.52 -5.51 -5.59
N ALA A 117 -24.66 -6.39 -6.58
CA ALA A 117 -25.81 -7.29 -6.63
C ALA A 117 -25.71 -8.37 -5.56
N ALA A 118 -24.49 -8.84 -5.31
CA ALA A 118 -24.26 -9.86 -4.30
C ALA A 118 -24.33 -9.28 -2.89
N ALA A 119 -24.04 -7.99 -2.78
CA ALA A 119 -24.08 -7.30 -1.49
C ALA A 119 -25.50 -6.89 -1.12
N ASP A 120 -26.27 -6.49 -2.13
CA ASP A 120 -27.65 -6.06 -1.92
C ASP A 120 -28.63 -7.03 -2.59
N THR A 121 -28.61 -8.28 -2.14
CA THR A 121 -29.50 -9.30 -2.69
C THR A 121 -30.94 -9.08 -2.24
N GLY A 122 -31.85 -9.93 -2.73
CA GLY A 122 -33.24 -9.81 -2.37
C GLY A 122 -33.52 -10.32 -0.96
N ASN A 123 -33.01 -11.50 -0.65
CA ASN A 123 -33.20 -12.10 0.67
C ASN A 123 -31.86 -12.37 1.35
N ASN A 124 -31.07 -11.31 1.52
CA ASN A 124 -29.77 -11.43 2.16
C ASN A 124 -29.92 -11.91 3.60
N SER A 125 -28.94 -12.68 4.06
CA SER A 125 -28.95 -13.21 5.42
C SER A 125 -27.72 -12.75 6.20
N GLN A 126 -27.90 -12.45 7.47
CA GLN A 126 -26.81 -12.01 8.32
C GLN A 126 -26.28 -13.16 9.18
N VAL A 127 -25.01 -13.08 9.56
CA VAL A 127 -24.40 -14.11 10.39
C VAL A 127 -24.05 -13.57 11.77
N SER A 128 -24.15 -14.44 12.78
CA SER A 128 -23.86 -14.05 14.16
C SER A 128 -22.51 -14.62 14.60
N GLN A 129 -22.19 -14.41 15.88
CA GLN A 129 -20.93 -14.89 16.42
C GLN A 129 -20.88 -14.71 17.94
N ASN A 130 -20.88 -13.45 18.37
CA ASN A 130 -20.85 -13.12 19.79
C ASN A 130 -19.56 -13.63 20.42
N TYR A 131 -19.41 -13.37 21.73
CA TYR A 131 -18.22 -13.80 22.45
C TYR A 131 -16.96 -13.14 21.87
N 8SP B . 4.34 -21.42 -6.67
P 8SP B . 8.51 -19.68 -5.87
OG 8SP B . 7.57 -20.94 -6.13
C1A 8SP B . 8.62 -18.00 -1.19
O1A 8SP B . 8.32 -17.22 -0.26
C1B 8SP B . 6.49 -14.35 -5.60
O1B 8SP B . 6.63 -14.61 -6.82
CB 8SP B . 6.69 -20.92 -7.27
C1G 8SP B . 8.35 -16.38 -3.08
O1G 8SP B . 8.34 -17.69 -2.49
C2A 8SP B . 9.29 -19.30 -0.93
C2B 8SP B . 5.42 -13.42 -5.13
CA 8SP B . 5.59 -22.01 -7.20
C2G 8SP B . 7.31 -16.29 -4.22
O2G 8SP B . 7.28 -14.92 -4.66
O2P 8SP B . 9.80 -20.02 -5.25
C3A 8SP B . 10.35 -19.28 0.19
C3B 8SP B . 4.55 -12.79 -6.24
C 8SP B . 5.96 -23.16 -6.36
O 8SP B . 6.72 -24.06 -6.78
OXT 8SP B . 5.53 -23.24 -5.07
C3G 8SP B . 7.57 -17.29 -5.37
O3G 8SP B . 7.71 -18.66 -4.92
O3P 8SP B . 8.76 -18.93 -7.24
C4A 8SP B . 11.47 -18.22 -0.05
C4B 8SP B . 3.89 -11.45 -5.81
C5A 8SP B . 12.78 -18.54 0.71
C5B 8SP B . 4.87 -10.24 -5.92
C6A 8SP B . 12.73 -18.09 2.20
C6B 8SP B . 4.13 -8.88 -6.01
C7A 8SP B . 13.54 -19.02 3.13
C7B 8SP B . 5.10 -7.67 -5.97
C8A 8SP B . 12.74 -20.27 3.57
C8B 8SP B . 5.75 -7.46 -4.58
H2 8SP B . 4.37 -21.42 -5.65
HB3 8SP B . 7.34 -21.15 -8.13
HB2 8SP B . 6.24 -19.94 -7.48
H11G 8SP B . 8.12 -15.64 -2.31
H21G 8SP B . 9.35 -16.17 -3.47
H 8SP B . 3.54 -21.97 -6.98
H12A 8SP B . 8.52 -20.04 -0.70
H22A 8SP B . 9.77 -19.60 -1.87
H12B 8SP B . 5.90 -12.63 -4.54
H22B 8SP B . 4.78 -13.99 -4.46
HA 8SP B . 5.38 -22.36 -8.22
H2G 8SP B . 6.33 -16.52 -3.78
H13A 8SP B . 10.81 -20.28 0.25
H23A 8SP B . 9.87 -19.07 1.14
H13B 8SP B . 3.76 -13.49 -6.52
H23B 8SP B . 5.17 -12.61 -7.13
H13G 8SP B . 6.81 -17.14 -6.15
H23G 8SP B . 8.53 -17.03 -5.84
H14A 8SP B . 11.09 -17.25 0.28
H24A 8SP B . 11.68 -18.16 -1.12
H14B 8SP B . 3.56 -11.54 -4.77
H24B 8SP B . 3.02 -11.27 -6.43
H15A 8SP B . 13.61 -18.04 0.20
H25A 8SP B . 12.96 -19.62 0.68
H15B 8SP B . 5.48 -10.37 -6.81
H25B 8SP B . 5.52 -10.23 -5.04
H16A 8SP B . 11.69 -18.06 2.53
H26A 8SP B . 13.14 -17.07 2.27
H16B 8SP B . 3.42 -8.79 -5.18
H26B 8SP B . 3.55 -8.85 -6.94
H17A 8SP B . 13.83 -18.47 4.03
H27A 8SP B . 14.45 -19.36 2.62
H17B 8SP B . 4.56 -6.76 -6.23
H27B 8SP B . 5.89 -7.82 -6.71
H18A 8SP B . 13.24 -20.77 4.39
H28A 8SP B . 11.73 -19.98 3.89
H38A 8SP B . 12.64 -20.97 2.74
H18B 8SP B . 6.73 -6.98 -4.69
H28B 8SP B . 5.11 -6.83 -3.97
H38B 8SP B . 5.89 -8.42 -4.09
HNB 8SP B . 4.25 -20.46 -7.02
N GLY A 1 20.57 1.02 -10.98
CA GLY A 1 20.80 2.37 -10.52
C GLY A 1 21.12 2.43 -9.04
N ALA A 2 20.69 3.52 -8.40
CA ALA A 2 20.94 3.70 -6.97
C ALA A 2 19.90 4.64 -6.36
N ARG A 3 19.92 5.90 -6.78
CA ARG A 3 18.99 6.89 -6.28
C ARG A 3 17.82 7.09 -7.24
N ALA A 4 16.80 7.79 -6.79
CA ALA A 4 15.62 8.05 -7.60
C ALA A 4 14.71 9.08 -6.94
N SER A 5 13.76 9.60 -7.71
CA SER A 5 12.82 10.60 -7.20
C SER A 5 11.59 9.93 -6.59
N VAL A 6 11.79 9.25 -5.47
CA VAL A 6 10.70 8.57 -4.79
C VAL A 6 9.85 9.54 -3.96
N LEU A 7 10.48 10.16 -2.98
CA LEU A 7 9.79 11.13 -2.12
C LEU A 7 10.45 12.50 -2.21
N SER A 8 9.67 13.49 -2.62
CA SER A 8 10.17 14.86 -2.75
C SER A 8 10.50 15.45 -1.38
N GLY A 9 10.83 16.73 -1.36
CA GLY A 9 11.15 17.40 -0.10
C GLY A 9 10.05 17.26 0.92
N GLY A 10 8.82 17.57 0.52
CA GLY A 10 7.69 17.47 1.44
C GLY A 10 7.40 16.03 1.83
N GLU A 11 7.39 15.14 0.85
CA GLU A 11 7.12 13.72 1.11
C GLU A 11 8.19 13.12 2.03
N LEU A 12 9.40 13.67 1.95
CA LEU A 12 10.51 13.18 2.76
C LEU A 12 10.28 13.49 4.23
N ASP A 13 9.97 14.76 4.52
CA ASP A 13 9.72 15.18 5.90
C ASP A 13 8.69 14.29 6.57
N LYS A 14 7.56 14.10 5.90
CA LYS A 14 6.48 13.26 6.44
C LYS A 14 6.93 11.80 6.53
N TRP A 15 7.64 11.33 5.51
CA TRP A 15 8.12 9.96 5.48
C TRP A 15 8.95 9.64 6.71
N GLU A 16 9.97 10.47 6.97
CA GLU A 16 10.84 10.28 8.11
C GLU A 16 10.04 10.34 9.42
N LYS A 17 8.91 11.05 9.37
CA LYS A 17 8.05 11.18 10.54
C LYS A 17 7.24 9.91 10.78
N ILE A 18 6.62 9.41 9.73
CA ILE A 18 5.81 8.21 9.82
C ILE A 18 6.59 7.07 10.48
N ARG A 19 5.91 6.27 11.28
CA ARG A 19 6.54 5.14 11.96
C ARG A 19 6.06 3.82 11.40
N LEU A 20 6.91 2.80 11.48
CA LEU A 20 6.58 1.48 10.97
C LEU A 20 5.39 0.89 11.72
N ARG A 21 5.39 1.06 13.04
CA ARG A 21 4.30 0.55 13.88
C ARG A 21 3.67 1.67 14.71
N PRO A 22 2.39 1.51 15.03
CA PRO A 22 1.64 2.50 15.81
C PRO A 22 2.10 2.54 17.27
N GLY A 23 2.51 1.39 17.79
CA GLY A 23 2.96 1.32 19.17
C GLY A 23 4.45 1.06 19.27
N GLY A 24 5.19 1.41 18.22
CA GLY A 24 6.62 1.20 18.22
C GLY A 24 7.38 2.42 18.68
N LYS A 25 8.71 2.34 18.63
CA LYS A 25 9.56 3.45 19.06
C LYS A 25 10.57 3.81 17.96
N LYS A 26 10.21 3.51 16.72
CA LYS A 26 11.09 3.81 15.59
C LYS A 26 10.34 4.58 14.51
N GLN A 27 11.07 5.07 13.52
CA GLN A 27 10.48 5.83 12.42
C GLN A 27 10.89 5.26 11.07
N TYR A 28 10.43 5.89 10.00
CA TYR A 28 10.75 5.43 8.65
C TYR A 28 12.00 6.14 8.13
N LYS A 29 12.74 5.45 7.28
CA LYS A 29 13.96 6.00 6.69
C LYS A 29 14.20 5.46 5.29
N LEU A 30 15.11 6.11 4.56
CA LEU A 30 15.43 5.68 3.21
C LEU A 30 15.77 4.19 3.16
N LYS A 31 16.31 3.68 4.25
CA LYS A 31 16.67 2.28 4.34
C LYS A 31 15.51 1.38 3.94
N HIS A 32 14.29 1.85 4.20
CA HIS A 32 13.09 1.10 3.86
C HIS A 32 12.70 1.32 2.39
N ILE A 33 12.95 2.50 1.83
CA ILE A 33 12.59 2.76 0.44
C ILE A 33 13.51 2.01 -0.51
N VAL A 34 14.78 1.91 -0.15
CA VAL A 34 15.77 1.21 -0.97
C VAL A 34 15.57 -0.30 -0.90
N TRP A 35 15.24 -0.79 0.29
CA TRP A 35 15.03 -2.21 0.50
C TRP A 35 13.91 -2.73 -0.39
N ALA A 36 12.77 -2.06 -0.36
CA ALA A 36 11.63 -2.45 -1.17
C ALA A 36 11.97 -2.41 -2.66
N SER A 37 12.90 -1.54 -3.02
CA SER A 37 13.31 -1.40 -4.42
C SER A 37 13.99 -2.68 -4.90
N ARG A 38 14.87 -3.23 -4.07
CA ARG A 38 15.59 -4.45 -4.42
C ARG A 38 14.66 -5.65 -4.44
N GLU A 39 13.80 -5.76 -3.44
CA GLU A 39 12.85 -6.86 -3.35
C GLU A 39 11.79 -6.75 -4.44
N LEU A 40 11.55 -5.53 -4.90
CA LEU A 40 10.55 -5.28 -5.94
C LEU A 40 11.02 -5.87 -7.27
N GLU A 41 12.20 -5.45 -7.72
CA GLU A 41 12.75 -5.93 -8.98
C GLU A 41 12.81 -7.46 -9.01
N ARG A 42 12.91 -8.06 -7.82
CA ARG A 42 12.99 -9.51 -7.71
C ARG A 42 11.66 -10.15 -8.12
N PHE A 43 10.57 -9.41 -7.92
CA PHE A 43 9.24 -9.91 -8.27
C PHE A 43 8.82 -9.41 -9.65
N ALA A 44 9.80 -9.17 -10.50
CA ALA A 44 9.54 -8.69 -11.86
C ALA A 44 8.89 -7.31 -11.84
N VAL A 45 9.07 -6.60 -10.73
CA VAL A 45 8.49 -5.27 -10.58
C VAL A 45 9.58 -4.22 -10.41
N ASN A 46 9.69 -3.31 -11.39
CA ASN A 46 10.69 -2.25 -11.34
C ASN A 46 10.45 -1.33 -10.16
N PRO A 47 11.54 -0.83 -9.56
CA PRO A 47 11.47 0.08 -8.41
C PRO A 47 10.93 1.46 -8.79
N GLY A 48 10.86 1.72 -10.09
CA GLY A 48 10.37 3.00 -10.55
C GLY A 48 8.90 3.21 -10.23
N LEU A 49 8.21 2.12 -9.87
CA LEU A 49 6.80 2.19 -9.53
C LEU A 49 6.60 2.80 -8.15
N LEU A 50 7.63 2.71 -7.31
CA LEU A 50 7.57 3.26 -5.96
C LEU A 50 7.41 4.78 -5.99
N GLU A 51 7.84 5.39 -7.09
CA GLU A 51 7.73 6.84 -7.24
C GLU A 51 6.54 7.21 -8.10
N THR A 52 5.53 6.33 -8.13
CA THR A 52 4.33 6.56 -8.92
C THR A 52 3.07 6.23 -8.11
N SER A 53 2.18 7.20 -7.99
CA SER A 53 0.94 7.01 -7.24
C SER A 53 0.13 5.84 -7.81
N GLU A 54 0.38 5.54 -9.08
CA GLU A 54 -0.31 4.45 -9.75
C GLU A 54 0.35 3.10 -9.45
N GLY A 55 1.67 3.06 -9.64
CA GLY A 55 2.41 1.84 -9.38
C GLY A 55 2.23 1.32 -7.97
N CYS A 56 2.42 2.20 -7.00
CA CYS A 56 2.27 1.82 -5.60
C CYS A 56 0.92 1.15 -5.35
N ARG A 57 -0.11 1.63 -6.04
CA ARG A 57 -1.45 1.08 -5.90
C ARG A 57 -1.53 -0.33 -6.46
N GLN A 58 -0.82 -0.55 -7.58
CA GLN A 58 -0.82 -1.86 -8.22
C GLN A 58 -0.01 -2.86 -7.41
N ILE A 59 1.16 -2.45 -6.95
CA ILE A 59 2.03 -3.31 -6.16
C ILE A 59 1.28 -3.87 -4.96
N LEU A 60 0.43 -3.04 -4.36
CA LEU A 60 -0.35 -3.46 -3.19
C LEU A 60 -1.43 -4.45 -3.60
N GLY A 61 -1.87 -4.38 -4.85
CA GLY A 61 -2.90 -5.27 -5.34
C GLY A 61 -2.43 -6.72 -5.40
N GLN A 62 -1.14 -6.91 -5.61
CA GLN A 62 -0.56 -8.25 -5.70
C GLN A 62 -0.25 -8.79 -4.31
N LEU A 63 0.18 -7.91 -3.41
CA LEU A 63 0.51 -8.31 -2.05
C LEU A 63 -0.76 -8.46 -1.20
N GLN A 64 -1.81 -7.74 -1.59
CA GLN A 64 -3.08 -7.79 -0.86
C GLN A 64 -3.54 -9.24 -0.69
N PRO A 65 -3.78 -9.93 -1.82
CA PRO A 65 -4.22 -11.32 -1.82
C PRO A 65 -3.14 -12.28 -1.34
N SER A 66 -1.90 -11.80 -1.35
CA SER A 66 -0.77 -12.63 -0.93
C SER A 66 -0.30 -12.23 0.48
N LEU A 67 -1.22 -11.68 1.26
CA LEU A 67 -0.91 -11.26 2.63
C LEU A 67 -0.90 -12.45 3.58
N GLN A 68 -1.78 -13.41 3.32
CA GLN A 68 -1.88 -14.61 4.15
C GLN A 68 -0.76 -15.59 3.83
N THR A 69 -0.49 -15.77 2.54
CA THR A 69 0.55 -16.69 2.09
C THR A 69 1.86 -15.95 1.84
N GLY A 70 2.03 -14.81 2.51
CA GLY A 70 3.24 -14.03 2.35
C GLY A 70 4.21 -14.22 3.49
N SER A 71 5.51 -14.08 3.19
CA SER A 71 6.54 -14.24 4.21
C SER A 71 6.89 -12.90 4.84
N GLU A 72 7.89 -12.91 5.73
CA GLU A 72 8.33 -11.71 6.41
C GLU A 72 8.63 -10.60 5.40
N GLU A 73 9.07 -10.99 4.21
CA GLU A 73 9.40 -10.03 3.16
C GLU A 73 8.13 -9.38 2.61
N LEU A 74 7.19 -10.20 2.18
CA LEU A 74 5.93 -9.71 1.63
C LEU A 74 5.24 -8.76 2.61
N ARG A 75 5.14 -9.20 3.86
CA ARG A 75 4.51 -8.40 4.91
C ARG A 75 5.13 -7.01 4.99
N SER A 76 6.46 -6.99 5.13
CA SER A 76 7.19 -5.73 5.22
C SER A 76 6.91 -4.84 4.01
N LEU A 77 6.77 -5.47 2.85
CA LEU A 77 6.51 -4.74 1.62
C LEU A 77 5.18 -4.00 1.70
N TYR A 78 4.11 -4.74 1.96
CA TYR A 78 2.78 -4.14 2.07
C TYR A 78 2.78 -2.98 3.04
N ASN A 79 3.65 -3.04 4.05
CA ASN A 79 3.75 -1.99 5.05
C ASN A 79 4.41 -0.75 4.46
N THR A 80 5.63 -0.91 3.94
CA THR A 80 6.37 0.20 3.36
C THR A 80 5.61 0.80 2.18
N ILE A 81 5.24 -0.05 1.23
CA ILE A 81 4.51 0.40 0.05
C ILE A 81 3.26 1.18 0.45
N ALA A 82 2.72 0.87 1.62
CA ALA A 82 1.52 1.54 2.12
C ALA A 82 1.83 2.98 2.53
N VAL A 83 2.73 3.13 3.49
CA VAL A 83 3.12 4.46 3.97
C VAL A 83 3.51 5.37 2.81
N LEU A 84 4.18 4.80 1.82
CA LEU A 84 4.62 5.56 0.65
C LEU A 84 3.43 5.94 -0.22
N TYR A 85 2.61 4.96 -0.56
CA TYR A 85 1.44 5.19 -1.40
C TYR A 85 0.58 6.32 -0.83
N CYS A 86 0.29 6.24 0.46
CA CYS A 86 -0.52 7.25 1.12
C CYS A 86 0.05 8.65 0.87
N VAL A 87 1.36 8.73 0.70
CA VAL A 87 2.03 10.00 0.46
C VAL A 87 1.80 10.46 -0.97
N HIS A 88 1.83 9.52 -1.91
CA HIS A 88 1.63 9.84 -3.33
C HIS A 88 0.16 10.08 -3.63
N GLN A 89 -0.76 9.75 -2.72
CA GLN A 89 -2.18 9.95 -2.97
C GLN A 89 -2.67 11.22 -2.26
N ARG A 90 -2.79 11.14 -0.94
CA ARG A 90 -3.25 12.27 -0.15
C ARG A 90 -3.27 11.93 1.34
N ILE A 91 -3.61 10.68 1.65
CA ILE A 91 -3.67 10.23 3.03
C ILE A 91 -2.38 10.54 3.77
N ASP A 92 -2.50 11.17 4.94
CA ASP A 92 -1.35 11.53 5.74
C ASP A 92 -1.35 10.77 7.06
N VAL A 93 -1.24 9.44 6.97
CA VAL A 93 -1.22 8.60 8.17
C VAL A 93 0.04 8.83 8.99
N LYS A 94 -0.05 8.54 10.28
CA LYS A 94 1.09 8.71 11.19
C LYS A 94 1.91 7.43 11.28
N ASP A 95 1.23 6.29 11.15
CA ASP A 95 1.91 4.99 11.22
C ASP A 95 1.46 4.09 10.07
N THR A 96 2.12 2.94 9.94
CA THR A 96 1.79 2.00 8.89
C THR A 96 0.42 1.36 9.11
N LYS A 97 0.13 1.05 10.38
CA LYS A 97 -1.16 0.45 10.73
C LYS A 97 -2.31 1.26 10.17
N GLU A 98 -2.30 2.56 10.41
CA GLU A 98 -3.35 3.45 9.93
C GLU A 98 -3.39 3.46 8.41
N ALA A 99 -2.21 3.44 7.79
CA ALA A 99 -2.11 3.45 6.33
C ALA A 99 -2.77 2.21 5.73
N LEU A 100 -2.39 1.04 6.24
CA LEU A 100 -2.94 -0.22 5.76
C LEU A 100 -4.47 -0.19 5.77
N ASP A 101 -5.03 0.29 6.87
CA ASP A 101 -6.48 0.37 7.01
C ASP A 101 -7.10 1.15 5.86
N LYS A 102 -6.32 2.05 5.28
CA LYS A 102 -6.79 2.87 4.16
C LYS A 102 -6.69 2.10 2.85
N ILE A 103 -5.70 1.22 2.76
CA ILE A 103 -5.50 0.41 1.55
C ILE A 103 -6.61 -0.63 1.41
N GLU A 104 -7.02 -1.21 2.52
CA GLU A 104 -8.08 -2.22 2.51
C GLU A 104 -9.43 -1.59 2.20
N GLU A 105 -9.79 -0.57 2.97
CA GLU A 105 -11.06 0.12 2.77
C GLU A 105 -11.18 0.64 1.33
N GLU A 106 -10.08 1.18 0.81
CA GLU A 106 -10.07 1.71 -0.55
C GLU A 106 -10.46 0.64 -1.56
N GLN A 107 -9.88 -0.55 -1.40
CA GLN A 107 -10.17 -1.66 -2.30
C GLN A 107 -11.63 -2.09 -2.18
N ASN A 108 -12.17 -2.04 -0.97
CA ASN A 108 -13.55 -2.42 -0.74
C ASN A 108 -14.50 -1.69 -1.68
N LYS A 109 -14.13 -0.46 -2.03
CA LYS A 109 -14.94 0.36 -2.93
C LYS A 109 -14.57 0.08 -4.39
N SER A 110 -13.31 -0.26 -4.63
CA SER A 110 -12.83 -0.54 -5.98
C SER A 110 -13.50 -1.79 -6.53
N LYS A 111 -13.87 -2.71 -5.64
CA LYS A 111 -14.52 -3.95 -6.03
C LYS A 111 -15.83 -3.67 -6.77
N LYS A 112 -16.58 -2.69 -6.27
CA LYS A 112 -17.85 -2.32 -6.88
C LYS A 112 -17.65 -1.76 -8.29
N LYS A 113 -16.47 -1.19 -8.52
CA LYS A 113 -16.14 -0.62 -9.83
C LYS A 113 -15.03 -1.42 -10.51
N ALA A 114 -15.05 -2.73 -10.29
CA ALA A 114 -14.04 -3.60 -10.89
C ALA A 114 -14.55 -4.21 -12.19
N GLN A 115 -15.85 -4.44 -12.26
CA GLN A 115 -16.46 -5.02 -13.46
C GLN A 115 -16.33 -4.07 -14.65
N GLN A 116 -16.35 -2.78 -14.37
CA GLN A 116 -16.24 -1.77 -15.43
C GLN A 116 -14.96 -1.97 -16.24
N ALA A 117 -13.86 -2.20 -15.53
CA ALA A 117 -12.57 -2.41 -16.19
C ALA A 117 -12.43 -3.84 -16.70
N ALA A 118 -12.92 -4.78 -15.90
CA ALA A 118 -12.86 -6.20 -16.27
C ALA A 118 -13.60 -6.46 -17.57
N ALA A 119 -14.64 -5.67 -17.83
CA ALA A 119 -15.43 -5.82 -19.03
C ALA A 119 -14.97 -4.85 -20.12
N ASP A 120 -13.69 -4.45 -20.05
CA ASP A 120 -13.12 -3.54 -21.03
C ASP A 120 -11.71 -3.98 -21.42
N THR A 121 -11.47 -5.29 -21.38
CA THR A 121 -10.17 -5.84 -21.73
C THR A 121 -10.10 -6.14 -23.23
N GLY A 122 -8.88 -6.36 -23.72
CA GLY A 122 -8.70 -6.67 -25.13
C GLY A 122 -7.52 -5.93 -25.72
N ASN A 123 -7.76 -4.72 -26.24
CA ASN A 123 -6.71 -3.91 -26.84
C ASN A 123 -5.53 -3.76 -25.88
N ASN A 124 -4.32 -3.84 -26.43
CA ASN A 124 -3.12 -3.70 -25.63
C ASN A 124 -1.90 -3.42 -26.52
N SER A 125 -0.81 -2.97 -25.90
CA SER A 125 0.41 -2.66 -26.63
C SER A 125 1.31 -3.88 -26.72
N GLN A 126 1.85 -4.13 -27.91
CA GLN A 126 2.74 -5.26 -28.14
C GLN A 126 3.38 -5.19 -29.53
N VAL A 127 4.41 -4.36 -29.64
CA VAL A 127 5.12 -4.20 -30.91
C VAL A 127 6.61 -4.46 -30.74
N SER A 128 7.19 -5.14 -31.72
CA SER A 128 8.61 -5.46 -31.69
C SER A 128 9.18 -5.62 -33.10
N GLN A 129 10.41 -5.15 -33.30
CA GLN A 129 11.05 -5.25 -34.60
C GLN A 129 12.36 -6.04 -34.51
N ASN A 130 12.53 -7.00 -35.41
CA ASN A 130 13.73 -7.82 -35.43
C ASN A 130 14.35 -7.86 -36.82
N TYR A 131 15.38 -8.69 -36.98
CA TYR A 131 16.05 -8.82 -38.27
C TYR A 131 16.47 -7.46 -38.81
N 8SP B . -5.23 -19.32 -6.18
P 8SP B . -1.95 -16.57 -8.08
OG 8SP B . -2.27 -17.18 -6.64
C1A 8SP B . 2.92 -18.57 -11.75
O1A 8SP B . 4.04 -19.13 -11.74
C1B 8SP B . 3.13 -14.46 -7.64
O1B 8SP B . 3.33 -15.09 -6.57
CB 8SP B . -2.94 -18.46 -6.55
C1G 8SP B . 2.82 -16.70 -10.10
O1G 8SP B . 2.44 -17.97 -10.62
C2A 8SP B . 2.07 -18.52 -12.96
C2B 8SP B . 3.86 -13.23 -7.96
CA 8SP B . -4.20 -18.42 -5.63
C2G 8SP B . 1.93 -16.30 -8.89
O2G 8SP B . 2.24 -14.94 -8.57
O2P 8SP B . -2.16 -17.53 -9.17
C3A 8SP B . 2.12 -17.19 -13.75
C3B 8SP B . 3.45 -11.97 -7.14
C 8SP B . -4.78 -17.07 -5.49
O 8SP B . -5.05 -16.38 -6.48
OXT 8SP B . -5.06 -16.59 -4.25
C3G 8SP B . 0.41 -16.53 -9.16
O3G 8SP B . -0.42 -16.08 -8.06
O3P 8SP B . -2.85 -15.29 -8.30
C4A 8SP B . 1.00 -16.20 -13.31
C4B 8SP B . 4.57 -11.50 -6.16
C5A 8SP B . 1.50 -14.74 -13.19
C5B 8SP B . 4.11 -10.32 -5.26
C6A 8SP B . 0.59 -13.72 -13.93
C6B 8SP B . 4.01 -8.97 -6.03
C7A 8SP B . 1.07 -12.26 -13.76
C7B 8SP B . 5.33 -8.16 -6.02
C8A 8SP B . 0.41 -11.30 -14.77
C8B 8SP B . 5.32 -6.99 -5.02
H2 8SP B . -5.50 -19.00 -7.12
HB3 8SP B . -2.21 -19.12 -6.09
HB2 8SP B . -3.19 -18.90 -7.52
H11G 8SP B . 3.87 -16.73 -9.77
H21G 8SP B . 2.74 -15.93 -10.88
H 8SP B . -6.05 -19.32 -5.57
H12A 8SP B . 2.36 -19.34 -13.61
H22A 8SP B . 1.04 -18.70 -12.63
H12B 8SP B . 3.71 -13.01 -9.02
H22B 8SP B . 4.93 -13.43 -7.80
HA 8SP B . -3.91 -18.81 -4.65
H2G 8SP B . 2.23 -16.93 -8.05
H13A 8SP B . 2.01 -17.40 -14.82
H23A 8SP B . 3.09 -16.71 -13.60
H13B 8SP B . 2.56 -12.21 -6.55
H23B 8SP B . 3.21 -11.16 -7.83
H13G 8SP B . 0.17 -16.09 -10.14
H23G 8SP B . 0.24 -17.61 -9.27
H14A 8SP B . 0.60 -16.52 -12.34
H24A 8SP B . 0.19 -16.23 -14.04
H14B 8SP B . 5.44 -11.18 -6.74
H24B 8SP B . 4.87 -12.33 -5.53
H15A 8SP B . 2.51 -14.67 -13.60
H25A 8SP B . 1.55 -14.46 -12.13
H15B 8SP B . 4.83 -10.19 -4.45
H25B 8SP B . 3.14 -10.56 -4.83
H16A 8SP B . -0.43 -13.82 -13.53
H26A 8SP B . 0.57 -13.98 -14.99
H16B 8SP B . 3.22 -8.36 -5.58
H26B 8SP B . 3.72 -9.18 -7.07
H17A 8SP B . 2.15 -12.22 -13.90
H27A 8SP B . 0.84 -11.91 -12.75
H17B 8SP B . 5.53 -7.77 -7.02
H27B 8SP B . 6.16 -8.84 -5.77
H18A 8SP B . -0.67 -11.50 -14.82
H28A 8SP B . 0.55 -10.26 -14.46
H38A 8SP B . 0.83 -11.43 -15.77
H18B 8SP B . 4.29 -6.68 -4.81
H28B 8SP B . 5.78 -7.31 -4.08
H38B 8SP B . 5.88 -6.15 -5.41
HNB 8SP B . -4.86 -20.27 -6.24
N GLY A 1 25.09 8.23 -12.84
CA GLY A 1 24.07 7.57 -12.04
C GLY A 1 22.68 7.77 -12.59
N ALA A 2 21.71 8.01 -11.71
CA ALA A 2 20.33 8.22 -12.12
C ALA A 2 19.65 9.26 -11.24
N ARG A 3 19.84 9.13 -9.93
CA ARG A 3 19.24 10.06 -8.98
C ARG A 3 17.72 10.00 -9.05
N ALA A 4 17.18 8.78 -9.02
CA ALA A 4 15.74 8.58 -9.08
C ALA A 4 15.14 8.60 -7.68
N SER A 5 14.75 9.79 -7.23
CA SER A 5 14.15 9.94 -5.91
C SER A 5 12.67 9.55 -5.92
N VAL A 6 12.30 8.67 -4.99
CA VAL A 6 10.92 8.21 -4.90
C VAL A 6 10.03 9.27 -4.27
N LEU A 7 10.50 9.84 -3.16
CA LEU A 7 9.75 10.87 -2.44
C LEU A 7 10.39 12.24 -2.63
N SER A 8 9.56 13.26 -2.81
CA SER A 8 10.05 14.62 -2.99
C SER A 8 10.41 15.25 -1.65
N GLY A 9 10.73 16.55 -1.69
CA GLY A 9 11.09 17.26 -0.47
C GLY A 9 9.97 17.23 0.56
N GLY A 10 8.77 17.60 0.13
CA GLY A 10 7.63 17.60 1.03
C GLY A 10 7.26 16.22 1.52
N GLU A 11 7.30 15.25 0.63
CA GLU A 11 6.97 13.87 0.97
C GLU A 11 8.01 13.28 1.92
N LEU A 12 9.26 13.69 1.73
CA LEU A 12 10.35 13.20 2.57
C LEU A 12 10.12 13.57 4.04
N ASP A 13 9.74 14.81 4.27
CA ASP A 13 9.49 15.29 5.63
C ASP A 13 8.47 14.40 6.34
N LYS A 14 7.33 14.19 5.70
CA LYS A 14 6.28 13.36 6.26
C LYS A 14 6.74 11.91 6.39
N TRP A 15 7.43 11.41 5.37
CA TRP A 15 7.94 10.05 5.38
C TRP A 15 8.76 9.77 6.64
N GLU A 16 9.73 10.64 6.91
CA GLU A 16 10.59 10.49 8.07
C GLU A 16 9.77 10.54 9.36
N LYS A 17 8.62 11.20 9.30
CA LYS A 17 7.74 11.31 10.45
C LYS A 17 6.99 10.01 10.69
N ILE A 18 6.38 9.48 9.63
CA ILE A 18 5.62 8.24 9.73
C ILE A 18 6.45 7.14 10.38
N ARG A 19 5.82 6.34 11.23
CA ARG A 19 6.50 5.26 11.92
C ARG A 19 6.15 3.91 11.28
N LEU A 20 7.03 2.93 11.48
CA LEU A 20 6.82 1.60 10.92
C LEU A 20 5.73 0.86 11.68
N ARG A 21 5.60 1.17 12.97
CA ARG A 21 4.59 0.52 13.81
C ARG A 21 3.89 1.55 14.70
N PRO A 22 2.69 1.20 15.18
CA PRO A 22 1.89 2.07 16.04
C PRO A 22 2.51 2.25 17.42
N GLY A 23 2.97 1.15 18.00
CA GLY A 23 3.57 1.20 19.32
C GLY A 23 5.08 0.97 19.28
N GLY A 24 5.72 1.49 18.25
CA GLY A 24 7.16 1.32 18.11
C GLY A 24 7.93 2.53 18.62
N LYS A 25 9.26 2.44 18.53
CA LYS A 25 10.11 3.54 18.98
C LYS A 25 11.05 3.98 17.87
N LYS A 26 10.64 3.79 16.63
CA LYS A 26 11.44 4.17 15.47
C LYS A 26 10.55 4.72 14.35
N GLN A 27 11.11 5.61 13.54
CA GLN A 27 10.38 6.21 12.43
C GLN A 27 10.85 5.64 11.10
N TYR A 28 10.26 6.13 10.01
CA TYR A 28 10.60 5.66 8.68
C TYR A 28 11.85 6.38 8.17
N LYS A 29 12.61 5.69 7.32
CA LYS A 29 13.83 6.26 6.75
C LYS A 29 14.08 5.71 5.35
N LEU A 30 15.01 6.34 4.63
CA LEU A 30 15.34 5.91 3.28
C LEU A 30 15.71 4.43 3.26
N LYS A 31 16.22 3.94 4.38
CA LYS A 31 16.62 2.53 4.49
C LYS A 31 15.47 1.62 4.05
N HIS A 32 14.24 2.05 4.30
CA HIS A 32 13.06 1.28 3.93
C HIS A 32 12.70 1.50 2.47
N ILE A 33 12.92 2.69 1.91
CA ILE A 33 12.59 2.95 0.51
C ILE A 33 13.54 2.22 -0.42
N VAL A 34 14.81 2.14 -0.03
CA VAL A 34 15.82 1.47 -0.84
C VAL A 34 15.63 -0.05 -0.79
N TRP A 35 15.27 -0.57 0.38
CA TRP A 35 15.06 -1.99 0.56
C TRP A 35 13.93 -2.49 -0.34
N ALA A 36 12.76 -1.86 -0.23
CA ALA A 36 11.61 -2.24 -1.03
C ALA A 36 11.96 -2.30 -2.51
N SER A 37 12.69 -1.29 -2.98
CA SER A 37 13.09 -1.22 -4.38
C SER A 37 13.77 -2.51 -4.82
N ARG A 38 14.59 -3.06 -3.93
CA ARG A 38 15.31 -4.30 -4.23
C ARG A 38 14.34 -5.48 -4.31
N GLU A 39 13.57 -5.69 -3.25
CA GLU A 39 12.60 -6.78 -3.21
C GLU A 39 11.62 -6.67 -4.36
N LEU A 40 11.41 -5.45 -4.84
CA LEU A 40 10.48 -5.21 -5.94
C LEU A 40 10.99 -5.82 -7.24
N GLU A 41 12.16 -5.37 -7.67
CA GLU A 41 12.78 -5.88 -8.89
C GLU A 41 12.87 -7.40 -8.87
N ARG A 42 12.99 -7.96 -7.66
CA ARG A 42 13.10 -9.40 -7.50
C ARG A 42 11.84 -10.09 -7.99
N PHE A 43 10.69 -9.43 -7.84
CA PHE A 43 9.41 -9.98 -8.26
C PHE A 43 9.05 -9.48 -9.66
N ALA A 44 10.06 -9.17 -10.45
CA ALA A 44 9.84 -8.67 -11.81
C ALA A 44 9.11 -7.33 -11.80
N VAL A 45 9.24 -6.60 -10.69
CA VAL A 45 8.59 -5.31 -10.56
C VAL A 45 9.61 -4.20 -10.37
N ASN A 46 9.68 -3.30 -11.35
CA ASN A 46 10.62 -2.18 -11.31
C ASN A 46 10.36 -1.31 -10.08
N PRO A 47 11.45 -0.79 -9.49
CA PRO A 47 11.37 0.07 -8.30
C PRO A 47 10.77 1.44 -8.62
N GLY A 48 10.73 1.78 -9.90
CA GLY A 48 10.19 3.06 -10.31
C GLY A 48 8.70 3.18 -9.98
N LEU A 49 8.02 2.05 -9.92
CA LEU A 49 6.59 2.04 -9.61
C LEU A 49 6.31 2.73 -8.28
N LEU A 50 7.31 2.74 -7.41
CA LEU A 50 7.17 3.37 -6.10
C LEU A 50 7.21 4.89 -6.22
N GLU A 51 7.87 5.37 -7.27
CA GLU A 51 7.99 6.81 -7.50
C GLU A 51 6.69 7.37 -8.09
N THR A 52 5.75 6.47 -8.40
CA THR A 52 4.48 6.87 -8.97
C THR A 52 3.31 6.30 -8.17
N SER A 53 2.37 7.16 -7.80
CA SER A 53 1.20 6.73 -7.03
C SER A 53 0.48 5.60 -7.74
N GLU A 54 0.61 5.54 -9.06
CA GLU A 54 -0.04 4.51 -9.85
C GLU A 54 0.68 3.18 -9.72
N GLY A 55 2.01 3.22 -9.85
CA GLY A 55 2.80 2.02 -9.74
C GLY A 55 2.62 1.31 -8.41
N CYS A 56 2.46 2.10 -7.35
CA CYS A 56 2.26 1.56 -6.00
C CYS A 56 1.01 0.70 -5.95
N ARG A 57 -0.08 1.23 -6.50
CA ARG A 57 -1.35 0.51 -6.50
C ARG A 57 -1.18 -0.91 -7.06
N GLN A 58 -0.46 -1.02 -8.16
CA GLN A 58 -0.23 -2.31 -8.79
C GLN A 58 0.54 -3.23 -7.85
N ILE A 59 1.40 -2.65 -7.03
CA ILE A 59 2.20 -3.43 -6.09
C ILE A 59 1.34 -3.91 -4.91
N LEU A 60 0.49 -3.01 -4.41
CA LEU A 60 -0.38 -3.34 -3.29
C LEU A 60 -1.50 -4.30 -3.72
N GLY A 61 -1.93 -4.15 -4.97
CA GLY A 61 -2.99 -5.01 -5.48
C GLY A 61 -2.59 -6.47 -5.52
N GLN A 62 -1.32 -6.73 -5.87
CA GLN A 62 -0.82 -8.09 -5.95
C GLN A 62 -0.45 -8.61 -4.57
N LEU A 63 -0.13 -7.71 -3.66
CA LEU A 63 0.23 -8.07 -2.30
C LEU A 63 -1.01 -8.30 -1.44
N GLN A 64 -2.10 -7.64 -1.82
CA GLN A 64 -3.36 -7.78 -1.08
C GLN A 64 -3.74 -9.24 -0.90
N PRO A 65 -3.95 -9.94 -2.03
CA PRO A 65 -4.31 -11.36 -2.02
C PRO A 65 -3.16 -12.25 -1.56
N SER A 66 -1.95 -11.70 -1.58
CA SER A 66 -0.78 -12.46 -1.17
C SER A 66 -0.61 -12.43 0.35
N LEU A 67 -1.13 -11.39 0.98
CA LEU A 67 -1.05 -11.24 2.42
C LEU A 67 -1.58 -12.49 3.12
N GLN A 68 -2.52 -13.16 2.48
CA GLN A 68 -3.12 -14.38 3.05
C GLN A 68 -2.04 -15.39 3.41
N THR A 69 -1.07 -15.57 2.50
CA THR A 69 0.01 -16.51 2.73
C THR A 69 1.37 -15.88 2.41
N GLY A 70 1.55 -14.64 2.86
CA GLY A 70 2.80 -13.94 2.61
C GLY A 70 3.77 -14.08 3.76
N SER A 71 5.05 -14.27 3.43
CA SER A 71 6.08 -14.43 4.45
C SER A 71 6.50 -13.08 5.01
N GLU A 72 7.44 -13.09 5.94
CA GLU A 72 7.93 -11.87 6.56
C GLU A 72 8.39 -10.86 5.51
N GLU A 73 8.86 -11.38 4.38
CA GLU A 73 9.35 -10.54 3.30
C GLU A 73 8.19 -9.79 2.65
N LEU A 74 7.04 -10.44 2.55
CA LEU A 74 5.86 -9.84 1.95
C LEU A 74 5.24 -8.81 2.89
N ARG A 75 5.34 -9.07 4.18
CA ARG A 75 4.78 -8.18 5.19
C ARG A 75 5.42 -6.79 5.10
N SER A 76 6.74 -6.75 5.23
CA SER A 76 7.47 -5.49 5.17
C SER A 76 7.11 -4.71 3.91
N LEU A 77 6.84 -5.44 2.82
CA LEU A 77 6.48 -4.83 1.56
C LEU A 77 5.15 -4.10 1.65
N TYR A 78 4.10 -4.85 1.93
CA TYR A 78 2.76 -4.27 2.06
C TYR A 78 2.73 -3.17 3.10
N ASN A 79 3.66 -3.25 4.05
CA ASN A 79 3.74 -2.24 5.11
C ASN A 79 4.43 -0.97 4.60
N THR A 80 5.68 -1.09 4.20
CA THR A 80 6.45 0.04 3.69
C THR A 80 5.75 0.66 2.49
N ILE A 81 5.47 -0.16 1.48
CA ILE A 81 4.81 0.31 0.28
C ILE A 81 3.54 1.08 0.60
N ALA A 82 2.80 0.59 1.60
CA ALA A 82 1.56 1.24 2.02
C ALA A 82 1.81 2.69 2.43
N VAL A 83 2.71 2.87 3.40
CA VAL A 83 3.04 4.21 3.89
C VAL A 83 3.43 5.13 2.75
N LEU A 84 4.14 4.59 1.76
CA LEU A 84 4.59 5.36 0.62
C LEU A 84 3.40 5.78 -0.25
N TYR A 85 2.58 4.80 -0.64
CA TYR A 85 1.41 5.07 -1.47
C TYR A 85 0.53 6.15 -0.84
N CYS A 86 0.25 6.00 0.44
CA CYS A 86 -0.57 6.97 1.17
C CYS A 86 -0.02 8.38 0.99
N VAL A 87 1.29 8.49 0.91
CA VAL A 87 1.93 9.80 0.74
C VAL A 87 1.68 10.36 -0.65
N HIS A 88 1.82 9.52 -1.66
CA HIS A 88 1.60 9.95 -3.03
C HIS A 88 0.13 10.29 -3.27
N GLN A 89 -0.81 9.59 -2.64
CA GLN A 89 -2.23 9.88 -2.83
C GLN A 89 -2.64 11.14 -2.07
N ARG A 90 -2.71 11.04 -0.75
CA ARG A 90 -3.09 12.17 0.09
C ARG A 90 -3.09 11.77 1.57
N ILE A 91 -3.47 10.53 1.84
CA ILE A 91 -3.51 10.03 3.21
C ILE A 91 -2.18 10.28 3.92
N ASP A 92 -2.23 11.03 5.01
CA ASP A 92 -1.03 11.33 5.79
C ASP A 92 -1.05 10.60 7.13
N VAL A 93 -1.11 9.27 7.07
CA VAL A 93 -1.13 8.45 8.28
C VAL A 93 0.07 8.75 9.17
N LYS A 94 0.00 8.29 10.42
CA LYS A 94 1.08 8.50 11.37
C LYS A 94 1.97 7.28 11.47
N ASP A 95 1.41 6.11 11.19
CA ASP A 95 2.16 4.87 11.23
C ASP A 95 1.78 3.95 10.07
N THR A 96 2.36 2.75 10.06
CA THR A 96 2.07 1.78 9.00
C THR A 96 0.70 1.15 9.18
N LYS A 97 0.35 0.84 10.43
CA LYS A 97 -0.94 0.23 10.73
C LYS A 97 -2.08 1.09 10.21
N GLU A 98 -2.03 2.38 10.51
CA GLU A 98 -3.06 3.31 10.07
C GLU A 98 -3.15 3.34 8.54
N ALA A 99 -2.00 3.30 7.89
CA ALA A 99 -1.94 3.32 6.43
C ALA A 99 -2.62 2.08 5.85
N LEU A 100 -2.60 0.98 6.59
CA LEU A 100 -3.22 -0.25 6.14
C LEU A 100 -4.74 -0.18 6.25
N ASP A 101 -5.22 0.22 7.42
CA ASP A 101 -6.65 0.33 7.67
C ASP A 101 -7.30 1.25 6.64
N LYS A 102 -6.57 2.26 6.19
CA LYS A 102 -7.07 3.21 5.21
C LYS A 102 -7.24 2.54 3.85
N ILE A 103 -6.14 2.05 3.30
CA ILE A 103 -6.17 1.38 2.00
C ILE A 103 -7.19 0.23 1.99
N GLU A 104 -7.24 -0.50 3.09
CA GLU A 104 -8.17 -1.63 3.21
C GLU A 104 -9.61 -1.15 3.01
N GLU A 105 -9.90 0.07 3.43
CA GLU A 105 -11.23 0.62 3.29
C GLU A 105 -11.50 1.07 1.85
N GLU A 106 -10.53 1.74 1.26
CA GLU A 106 -10.66 2.21 -0.12
C GLU A 106 -10.91 1.05 -1.07
N GLN A 107 -10.21 -0.05 -0.85
CA GLN A 107 -10.36 -1.23 -1.70
C GLN A 107 -11.74 -1.85 -1.52
N ASN A 108 -12.24 -1.84 -0.29
CA ASN A 108 -13.55 -2.40 0.00
C ASN A 108 -14.64 -1.68 -0.76
N LYS A 109 -14.50 -0.36 -0.90
CA LYS A 109 -15.47 0.45 -1.62
C LYS A 109 -15.60 -0.02 -3.06
N SER A 110 -14.47 -0.40 -3.67
CA SER A 110 -14.47 -0.86 -5.05
C SER A 110 -15.23 -2.17 -5.19
N LYS A 111 -15.25 -2.96 -4.12
CA LYS A 111 -15.95 -4.24 -4.13
C LYS A 111 -17.44 -4.04 -3.90
N LYS A 112 -17.78 -3.01 -3.12
CA LYS A 112 -19.17 -2.71 -2.82
C LYS A 112 -19.68 -1.54 -3.69
N LYS A 113 -19.16 -1.46 -4.91
CA LYS A 113 -19.56 -0.40 -5.83
C LYS A 113 -18.98 -0.65 -7.21
N ALA A 114 -18.95 -1.91 -7.63
CA ALA A 114 -18.43 -2.27 -8.93
C ALA A 114 -19.54 -2.76 -9.86
N GLN A 115 -20.59 -3.31 -9.26
CA GLN A 115 -21.72 -3.82 -10.03
C GLN A 115 -23.04 -3.35 -9.43
N GLN A 116 -23.14 -2.05 -9.16
CA GLN A 116 -24.35 -1.49 -8.58
C GLN A 116 -24.82 -0.27 -9.38
N ALA A 117 -23.94 0.70 -9.53
CA ALA A 117 -24.26 1.92 -10.27
C ALA A 117 -23.67 1.88 -11.68
N ALA A 118 -23.52 0.67 -12.22
CA ALA A 118 -22.95 0.50 -13.55
C ALA A 118 -23.49 -0.77 -14.21
N ALA A 119 -24.77 -1.06 -13.96
CA ALA A 119 -25.40 -2.24 -14.53
C ALA A 119 -26.75 -1.89 -15.14
N ASP A 120 -27.52 -1.06 -14.45
CA ASP A 120 -28.84 -0.65 -14.93
C ASP A 120 -28.73 0.56 -15.84
N THR A 121 -28.05 1.61 -15.37
CA THR A 121 -27.87 2.83 -16.14
C THR A 121 -29.22 3.49 -16.42
N GLY A 122 -29.17 4.70 -16.97
CA GLY A 122 -30.39 5.43 -17.29
C GLY A 122 -30.70 5.43 -18.76
N ASN A 123 -29.94 6.22 -19.52
CA ASN A 123 -30.15 6.31 -20.97
C ASN A 123 -30.00 4.94 -21.62
N ASN A 124 -30.32 4.87 -22.92
CA ASN A 124 -30.21 3.62 -23.65
C ASN A 124 -28.77 3.18 -23.79
N SER A 125 -27.92 4.08 -24.27
CA SER A 125 -26.50 3.78 -24.46
C SER A 125 -25.89 3.24 -23.17
N GLN A 126 -25.47 1.98 -23.21
CA GLN A 126 -24.87 1.34 -22.04
C GLN A 126 -23.48 1.90 -21.76
N VAL A 127 -23.35 2.63 -20.66
CA VAL A 127 -22.08 3.23 -20.28
C VAL A 127 -21.58 2.68 -18.95
N SER A 128 -20.31 2.30 -18.90
CA SER A 128 -19.72 1.75 -17.69
C SER A 128 -18.52 2.59 -17.24
N GLN A 129 -18.74 3.42 -16.23
CA GLN A 129 -17.68 4.27 -15.70
C GLN A 129 -16.47 3.45 -15.26
N ASN A 130 -15.31 4.09 -15.20
CA ASN A 130 -14.09 3.42 -14.79
C ASN A 130 -13.02 4.42 -14.36
N TYR A 131 -13.23 5.02 -13.19
CA TYR A 131 -12.29 6.01 -12.66
C TYR A 131 -10.90 5.40 -12.52
N 8SP B . -0.46 -18.65 -8.18
P 8SP B . 3.14 -17.28 -10.09
OG 8SP B . 2.02 -17.55 -8.98
C1A 8SP B . 7.93 -14.24 -10.24
O1A 8SP B . 8.78 -13.97 -9.37
C1B 8SP B . 5.03 -14.56 -5.58
O1B 8SP B . 4.08 -15.24 -5.14
CB 8SP B . 2.00 -18.84 -8.30
C1G 8SP B . 6.01 -14.08 -8.65
O1G 8SP B . 6.61 -14.37 -9.92
C2A 8SP B . 8.28 -14.41 -11.66
C2B 8SP B . 5.27 -13.16 -5.15
CA 8SP B . 0.74 -19.03 -7.42
C2G 8SP B . 5.73 -15.39 -7.86
O2G 8SP B . 5.93 -15.10 -6.46
O2P 8SP B . 3.99 -18.46 -10.34
C3A 8SP B . 9.78 -14.71 -11.94
C3B 8SP B . 3.99 -12.38 -4.71
C 8SP B . 0.78 -18.25 -6.17
O 8SP B . -0.27 -17.90 -5.59
OXT 8SP B . 1.96 -17.95 -5.59
C3G 8SP B . 4.33 -16.00 -8.16
O3G 8SP B . 4.03 -16.06 -9.58
O3P 8SP B . 2.42 -16.84 -11.42
C4A 8SP B . 10.31 -13.95 -13.19
C4B 8SP B . 3.76 -11.11 -5.57
C5A 8SP B . 10.01 -14.68 -14.52
C5B 8SP B . 4.58 -9.88 -5.07
C6A 8SP B . 9.73 -13.70 -15.69
C6B 8SP B . 4.12 -8.55 -5.69
C7A 8SP B . 10.59 -14.02 -16.95
C7B 8SP B . 5.25 -7.49 -5.75
C8A 8SP B . 9.81 -13.85 -18.27
C8B 8SP B . 5.68 -6.98 -4.36
H2 8SP B . -1.06 -19.47 -8.32
HB3 8SP B . 2.87 -18.81 -7.65
HB2 8SP B . 2.15 -19.70 -8.97
H11G 8SP B . 6.67 -13.45 -8.06
H21G 8SP B . 5.06 -13.55 -8.80
H 8SP B . -0.18 -18.26 -9.09
H12A 8SP B . 7.67 -15.21 -12.07
H22A 8SP B . 8.01 -13.49 -12.18
H12B 8SP B . 5.76 -12.63 -5.96
H22B 8SP B . 5.97 -13.20 -4.30
HA 8SP B . 0.65 -20.10 -7.18
H2G 8SP B . 6.49 -16.12 -8.17
H13A 8SP B . 9.91 -15.79 -12.10
H23A 8SP B . 10.38 -14.42 -11.08
H13B 8SP B . 4.10 -12.09 -3.67
H23B 8SP B . 3.13 -13.04 -4.79
H13G 8SP B . 4.25 -16.96 -7.64
H23G 8SP B . 3.58 -15.36 -7.71
H14A 8SP B . 11.40 -13.83 -13.09
H24A 8SP B . 9.87 -12.95 -13.22
H14B 8SP B . 2.69 -10.85 -5.53
H24B 8SP B . 4.02 -11.32 -6.60
H15A 8SP B . 9.12 -15.31 -14.38
H25A 8SP B . 10.85 -15.32 -14.78
H15B 8SP B . 5.63 -10.04 -5.32
H25B 8SP B . 4.50 -9.82 -3.98
H16A 8SP B . 9.97 -12.68 -15.37
H26A 8SP B . 8.68 -13.73 -15.97
H16B 8SP B . 3.29 -8.14 -5.10
H26B 8SP B . 3.75 -8.73 -6.70
H17A 8SP B . 10.95 -15.06 -16.89
H27A 8SP B . 11.47 -13.36 -16.97
H17B 8SP B . 4.92 -6.63 -6.35
H27B 8SP B . 6.13 -7.93 -6.24
H18A 8SP B . 9.75 -14.80 -18.79
H28A 8SP B . 8.80 -13.49 -18.06
H38A 8SP B . 10.32 -13.12 -18.91
H18B 8SP B . 5.76 -7.81 -3.65
H28B 8SP B . 6.65 -6.48 -4.43
H38B 8SP B . 4.95 -6.26 -3.98
HNB 8SP B . -0.98 -17.94 -7.66
N GLY A 1 23.95 4.92 -10.67
CA GLY A 1 23.83 5.37 -12.04
C GLY A 1 22.52 6.09 -12.30
N ALA A 2 21.51 5.34 -12.73
CA ALA A 2 20.20 5.92 -13.01
C ALA A 2 19.61 6.57 -11.77
N ARG A 3 19.66 7.90 -11.72
CA ARG A 3 19.13 8.65 -10.60
C ARG A 3 17.60 8.72 -10.64
N ALA A 4 16.98 8.67 -9.48
CA ALA A 4 15.52 8.72 -9.39
C ALA A 4 15.07 8.86 -7.94
N SER A 5 14.37 9.95 -7.63
CA SER A 5 13.87 10.21 -6.29
C SER A 5 12.40 9.84 -6.17
N VAL A 6 12.10 8.88 -5.31
CA VAL A 6 10.72 8.43 -5.10
C VAL A 6 9.90 9.51 -4.38
N LEU A 7 10.41 9.96 -3.24
CA LEU A 7 9.72 10.98 -2.46
C LEU A 7 10.44 12.33 -2.59
N SER A 8 9.68 13.37 -2.91
CA SER A 8 10.23 14.70 -3.07
C SER A 8 10.56 15.32 -1.71
N GLY A 9 10.96 16.59 -1.71
CA GLY A 9 11.29 17.27 -0.48
C GLY A 9 10.15 17.28 0.51
N GLY A 10 8.98 17.72 0.04
CA GLY A 10 7.82 17.78 0.91
C GLY A 10 7.39 16.41 1.40
N GLU A 11 7.40 15.44 0.51
CA GLU A 11 7.01 14.07 0.87
C GLU A 11 8.00 13.46 1.85
N LEU A 12 9.28 13.73 1.63
CA LEU A 12 10.33 13.20 2.50
C LEU A 12 10.08 13.60 3.95
N ASP A 13 9.74 14.86 4.17
CA ASP A 13 9.47 15.36 5.51
C ASP A 13 8.44 14.49 6.22
N LYS A 14 7.33 14.23 5.53
CA LYS A 14 6.27 13.41 6.10
C LYS A 14 6.72 11.96 6.27
N TRP A 15 7.42 11.45 5.26
CA TRP A 15 7.91 10.08 5.30
C TRP A 15 8.72 9.83 6.57
N GLU A 16 9.71 10.68 6.81
CA GLU A 16 10.55 10.56 8.00
C GLU A 16 9.72 10.61 9.28
N LYS A 17 8.57 11.28 9.19
CA LYS A 17 7.69 11.42 10.34
C LYS A 17 6.93 10.13 10.60
N ILE A 18 6.32 9.59 9.55
CA ILE A 18 5.56 8.34 9.66
C ILE A 18 6.39 7.26 10.33
N ARG A 19 5.73 6.46 11.18
CA ARG A 19 6.42 5.38 11.89
C ARG A 19 6.03 4.03 11.29
N LEU A 20 6.91 3.04 11.47
CA LEU A 20 6.66 1.70 10.95
C LEU A 20 5.53 1.01 11.72
N ARG A 21 5.62 1.04 13.05
CA ARG A 21 4.60 0.42 13.89
C ARG A 21 3.93 1.46 14.77
N PRO A 22 2.71 1.16 15.23
CA PRO A 22 1.93 2.05 16.09
C PRO A 22 2.53 2.17 17.49
N GLY A 23 3.07 1.06 18.00
CA GLY A 23 3.67 1.07 19.32
C GLY A 23 5.17 0.88 19.28
N GLY A 24 5.86 1.76 18.55
CA GLY A 24 7.30 1.67 18.45
C GLY A 24 7.99 2.99 18.72
N LYS A 25 9.32 2.97 18.71
CA LYS A 25 10.10 4.18 18.95
C LYS A 25 11.02 4.48 17.78
N LYS A 26 10.62 4.04 16.59
CA LYS A 26 11.41 4.26 15.38
C LYS A 26 10.53 4.76 14.24
N GLN A 27 11.02 5.77 13.53
CA GLN A 27 10.27 6.33 12.41
C GLN A 27 10.74 5.73 11.08
N TYR A 28 10.18 6.22 9.99
CA TYR A 28 10.54 5.73 8.66
C TYR A 28 11.79 6.44 8.14
N LYS A 29 12.56 5.73 7.31
CA LYS A 29 13.77 6.28 6.73
C LYS A 29 14.03 5.72 5.34
N LEU A 30 14.96 6.33 4.62
CA LEU A 30 15.30 5.88 3.28
C LEU A 30 15.66 4.41 3.26
N LYS A 31 16.16 3.91 4.39
CA LYS A 31 16.53 2.51 4.51
C LYS A 31 15.39 1.60 4.08
N HIS A 32 14.16 2.04 4.32
CA HIS A 32 12.97 1.26 3.96
C HIS A 32 12.62 1.49 2.49
N ILE A 33 12.82 2.68 1.94
CA ILE A 33 12.50 2.94 0.54
C ILE A 33 13.44 2.19 -0.39
N VAL A 34 14.71 2.11 0.00
CA VAL A 34 15.71 1.42 -0.81
C VAL A 34 15.52 -0.10 -0.75
N TRP A 35 15.22 -0.60 0.45
CA TRP A 35 15.01 -2.03 0.64
C TRP A 35 13.89 -2.54 -0.25
N ALA A 36 12.74 -1.89 -0.15
CA ALA A 36 11.58 -2.28 -0.96
C ALA A 36 11.92 -2.32 -2.44
N SER A 37 12.64 -1.31 -2.91
CA SER A 37 13.03 -1.24 -4.32
C SER A 37 13.72 -2.52 -4.75
N ARG A 38 14.58 -3.05 -3.88
CA ARG A 38 15.31 -4.27 -4.19
C ARG A 38 14.36 -5.46 -4.28
N GLU A 39 13.58 -5.68 -3.23
CA GLU A 39 12.62 -6.77 -3.21
C GLU A 39 11.62 -6.66 -4.35
N LEU A 40 11.41 -5.44 -4.82
CA LEU A 40 10.47 -5.20 -5.91
C LEU A 40 11.01 -5.78 -7.23
N GLU A 41 12.17 -5.29 -7.65
CA GLU A 41 12.78 -5.77 -8.88
C GLU A 41 12.92 -7.29 -8.88
N ARG A 42 13.05 -7.86 -7.69
CA ARG A 42 13.18 -9.31 -7.55
C ARG A 42 11.93 -10.02 -8.06
N PHE A 43 10.79 -9.37 -7.90
CA PHE A 43 9.52 -9.95 -8.34
C PHE A 43 9.14 -9.43 -9.72
N ALA A 44 10.16 -9.08 -10.51
CA ALA A 44 9.93 -8.57 -11.86
C ALA A 44 9.16 -7.24 -11.82
N VAL A 45 9.27 -6.53 -10.71
CA VAL A 45 8.60 -5.25 -10.54
C VAL A 45 9.60 -4.11 -10.34
N ASN A 46 9.65 -3.20 -11.30
CA ASN A 46 10.57 -2.07 -11.23
C ASN A 46 10.28 -1.21 -9.99
N PRO A 47 11.35 -0.68 -9.38
CA PRO A 47 11.24 0.16 -8.19
C PRO A 47 10.62 1.51 -8.49
N GLY A 48 10.59 1.87 -9.77
CA GLY A 48 10.02 3.15 -10.17
C GLY A 48 8.54 3.25 -9.84
N LEU A 49 7.86 2.10 -9.78
CA LEU A 49 6.44 2.06 -9.47
C LEU A 49 6.15 2.75 -8.15
N LEU A 50 7.15 2.77 -7.27
CA LEU A 50 7.00 3.40 -5.96
C LEU A 50 7.02 4.92 -6.08
N GLU A 51 7.69 5.42 -7.12
CA GLU A 51 7.78 6.85 -7.34
C GLU A 51 6.47 7.40 -7.91
N THR A 52 5.55 6.49 -8.23
CA THR A 52 4.26 6.88 -8.77
C THR A 52 3.11 6.27 -7.99
N SER A 53 2.15 7.10 -7.59
CA SER A 53 1.00 6.64 -6.83
C SER A 53 0.28 5.52 -7.56
N GLU A 54 0.41 5.51 -8.88
CA GLU A 54 -0.24 4.48 -9.70
C GLU A 54 0.51 3.16 -9.61
N GLY A 55 1.84 3.23 -9.74
CA GLY A 55 2.65 2.03 -9.68
C GLY A 55 2.45 1.27 -8.39
N CYS A 56 2.41 1.99 -7.27
CA CYS A 56 2.23 1.37 -5.96
C CYS A 56 0.97 0.51 -5.94
N ARG A 57 -0.11 1.03 -6.53
CA ARG A 57 -1.38 0.31 -6.57
C ARG A 57 -1.17 -1.10 -7.13
N GLN A 58 -0.43 -1.20 -8.23
CA GLN A 58 -0.18 -2.49 -8.85
C GLN A 58 0.61 -3.40 -7.92
N ILE A 59 1.43 -2.80 -7.06
CA ILE A 59 2.24 -3.56 -6.12
C ILE A 59 1.38 -4.08 -4.96
N LEU A 60 0.46 -3.25 -4.50
CA LEU A 60 -0.42 -3.63 -3.40
C LEU A 60 -1.51 -4.59 -3.87
N GLY A 61 -1.87 -4.49 -5.15
CA GLY A 61 -2.88 -5.36 -5.71
C GLY A 61 -2.43 -6.80 -5.79
N GLN A 62 -1.14 -7.00 -6.03
CA GLN A 62 -0.58 -8.34 -6.14
C GLN A 62 -0.22 -8.89 -4.77
N LEU A 63 0.07 -8.00 -3.83
CA LEU A 63 0.42 -8.40 -2.47
C LEU A 63 -0.83 -8.61 -1.62
N GLN A 64 -1.91 -7.93 -1.98
CA GLN A 64 -3.16 -8.05 -1.26
C GLN A 64 -3.57 -9.51 -1.09
N PRO A 65 -3.79 -10.18 -2.23
CA PRO A 65 -4.19 -11.60 -2.24
C PRO A 65 -3.06 -12.52 -1.80
N SER A 66 -1.84 -12.00 -1.81
CA SER A 66 -0.67 -12.78 -1.42
C SER A 66 -0.52 -12.80 0.10
N LEU A 67 -1.02 -11.75 0.75
CA LEU A 67 -0.94 -11.64 2.20
C LEU A 67 -1.49 -12.90 2.87
N GLN A 68 -2.45 -13.55 2.21
CA GLN A 68 -3.05 -14.77 2.74
C GLN A 68 -1.99 -15.80 3.09
N THR A 69 -1.08 -16.04 2.14
CA THR A 69 -0.01 -17.01 2.34
C THR A 69 1.36 -16.37 2.09
N GLY A 70 1.53 -15.14 2.57
CA GLY A 70 2.80 -14.45 2.38
C GLY A 70 3.80 -14.77 3.47
N SER A 71 5.04 -14.33 3.28
CA SER A 71 6.09 -14.57 4.26
C SER A 71 6.54 -13.27 4.91
N GLU A 72 7.55 -13.37 5.77
CA GLU A 72 8.07 -12.19 6.46
C GLU A 72 8.41 -11.09 5.48
N GLU A 73 8.96 -11.46 4.34
CA GLU A 73 9.33 -10.49 3.31
C GLU A 73 8.09 -9.85 2.70
N LEU A 74 7.10 -10.66 2.38
CA LEU A 74 5.85 -10.18 1.79
C LEU A 74 5.13 -9.24 2.75
N ARG A 75 5.31 -9.48 4.05
CA ARG A 75 4.67 -8.65 5.07
C ARG A 75 5.30 -7.27 5.11
N SER A 76 6.62 -7.22 5.27
CA SER A 76 7.34 -5.96 5.34
C SER A 76 7.02 -5.09 4.13
N LEU A 77 6.90 -5.71 2.97
CA LEU A 77 6.61 -4.99 1.74
C LEU A 77 5.27 -4.24 1.86
N TYR A 78 4.21 -4.98 2.15
CA TYR A 78 2.89 -4.39 2.29
C TYR A 78 2.91 -3.23 3.28
N ASN A 79 3.80 -3.32 4.26
CA ASN A 79 3.93 -2.28 5.28
C ASN A 79 4.51 -1.00 4.68
N THR A 80 5.73 -1.10 4.16
CA THR A 80 6.40 0.04 3.55
C THR A 80 5.58 0.60 2.38
N ILE A 81 5.21 -0.27 1.45
CA ILE A 81 4.43 0.13 0.29
C ILE A 81 3.18 0.91 0.71
N ALA A 82 2.55 0.47 1.80
CA ALA A 82 1.35 1.12 2.31
C ALA A 82 1.62 2.58 2.65
N VAL A 83 2.59 2.81 3.52
CA VAL A 83 2.96 4.17 3.93
C VAL A 83 3.37 5.01 2.72
N LEU A 84 4.08 4.38 1.79
CA LEU A 84 4.54 5.08 0.59
C LEU A 84 3.36 5.55 -0.25
N TYR A 85 2.51 4.61 -0.66
CA TYR A 85 1.34 4.93 -1.47
C TYR A 85 0.52 6.03 -0.82
N CYS A 86 0.32 5.93 0.48
CA CYS A 86 -0.45 6.93 1.22
C CYS A 86 0.13 8.32 1.03
N VAL A 87 1.46 8.42 1.10
CA VAL A 87 2.14 9.70 0.93
C VAL A 87 1.81 10.32 -0.43
N HIS A 88 1.78 9.50 -1.47
CA HIS A 88 1.48 9.96 -2.81
C HIS A 88 0.00 10.28 -2.96
N GLN A 89 -0.87 9.78 -2.08
CA GLN A 89 -2.30 10.06 -2.18
C GLN A 89 -2.70 11.19 -1.23
N ARG A 90 -1.74 12.05 -0.91
CA ARG A 90 -1.99 13.17 -0.02
C ARG A 90 -2.53 12.69 1.33
N ILE A 91 -2.19 11.45 1.68
CA ILE A 91 -2.64 10.87 2.94
C ILE A 91 -1.60 11.05 4.03
N ASP A 92 -2.00 11.65 5.14
CA ASP A 92 -1.10 11.88 6.26
C ASP A 92 -1.44 10.95 7.42
N VAL A 93 -0.56 9.99 7.68
CA VAL A 93 -0.76 9.04 8.77
C VAL A 93 0.38 9.10 9.78
N LYS A 94 0.14 8.55 10.96
CA LYS A 94 1.15 8.54 12.02
C LYS A 94 1.99 7.27 11.94
N ASP A 95 1.34 6.14 11.67
CA ASP A 95 2.02 4.86 11.57
C ASP A 95 1.54 4.07 10.37
N THR A 96 2.09 2.87 10.19
CA THR A 96 1.71 2.02 9.06
C THR A 96 0.38 1.30 9.34
N LYS A 97 0.13 1.02 10.61
CA LYS A 97 -1.10 0.34 11.01
C LYS A 97 -2.33 1.10 10.54
N GLU A 98 -2.26 2.43 10.63
CA GLU A 98 -3.37 3.28 10.20
C GLU A 98 -3.42 3.37 8.68
N ALA A 99 -2.28 3.64 8.06
CA ALA A 99 -2.21 3.76 6.61
C ALA A 99 -2.74 2.50 5.93
N LEU A 100 -2.65 1.37 6.63
CA LEU A 100 -3.13 0.10 6.10
C LEU A 100 -4.64 -0.02 6.22
N ASP A 101 -5.17 0.36 7.37
CA ASP A 101 -6.61 0.31 7.61
C ASP A 101 -7.36 1.20 6.63
N LYS A 102 -6.74 2.32 6.26
CA LYS A 102 -7.35 3.25 5.32
C LYS A 102 -7.54 2.61 3.95
N ILE A 103 -6.51 1.90 3.49
CA ILE A 103 -6.57 1.22 2.20
C ILE A 103 -7.56 0.06 2.22
N GLU A 104 -7.72 -0.54 3.40
CA GLU A 104 -8.63 -1.68 3.55
C GLU A 104 -10.08 -1.19 3.56
N GLU A 105 -10.35 -0.16 4.34
CA GLU A 105 -11.70 0.40 4.43
C GLU A 105 -12.17 0.92 3.08
N GLU A 106 -11.29 1.66 2.40
CA GLU A 106 -11.62 2.22 1.10
C GLU A 106 -11.94 1.12 0.09
N GLN A 107 -11.06 0.13 0.02
CA GLN A 107 -11.24 -0.99 -0.91
C GLN A 107 -12.51 -1.78 -0.57
N ASN A 108 -12.89 -1.75 0.70
CA ASN A 108 -14.08 -2.47 1.16
C ASN A 108 -15.33 -1.94 0.45
N LYS A 109 -15.42 -0.63 0.32
CA LYS A 109 -16.56 -0.01 -0.36
C LYS A 109 -16.62 -0.41 -1.83
N SER A 110 -15.45 -0.65 -2.41
CA SER A 110 -15.36 -1.04 -3.82
C SER A 110 -15.27 -2.56 -3.95
N LYS A 111 -15.84 -3.26 -2.99
CA LYS A 111 -15.82 -4.72 -3.01
C LYS A 111 -17.23 -5.28 -3.22
N LYS A 112 -18.22 -4.61 -2.63
CA LYS A 112 -19.61 -5.04 -2.76
C LYS A 112 -20.12 -4.78 -4.18
N LYS A 113 -19.60 -3.74 -4.81
CA LYS A 113 -20.01 -3.37 -6.16
C LYS A 113 -19.61 -4.47 -7.16
N ALA A 114 -18.57 -5.21 -6.82
CA ALA A 114 -18.09 -6.29 -7.68
C ALA A 114 -18.56 -7.65 -7.17
N GLN A 115 -19.69 -7.66 -6.46
CA GLN A 115 -20.24 -8.89 -5.92
C GLN A 115 -21.76 -8.84 -5.90
N GLN A 116 -22.34 -8.21 -6.92
CA GLN A 116 -23.79 -8.09 -7.02
C GLN A 116 -24.39 -9.32 -7.68
N ALA A 117 -23.60 -9.97 -8.53
CA ALA A 117 -24.05 -11.17 -9.24
C ALA A 117 -23.32 -12.41 -8.74
N ALA A 118 -23.10 -12.46 -7.43
CA ALA A 118 -22.42 -13.60 -6.82
C ALA A 118 -22.50 -13.54 -5.30
N ALA A 119 -23.61 -13.00 -4.80
CA ALA A 119 -23.81 -12.89 -3.36
C ALA A 119 -25.29 -13.04 -3.00
N ASP A 120 -26.01 -13.79 -3.81
CA ASP A 120 -27.43 -14.01 -3.58
C ASP A 120 -27.69 -15.39 -2.96
N THR A 121 -26.85 -15.74 -1.98
CA THR A 121 -26.96 -17.03 -1.31
C THR A 121 -27.85 -16.92 -0.07
N GLY A 122 -28.37 -18.06 0.39
CA GLY A 122 -29.22 -18.06 1.56
C GLY A 122 -28.53 -17.51 2.78
N ASN A 123 -29.30 -16.85 3.65
CA ASN A 123 -28.75 -16.27 4.87
C ASN A 123 -28.47 -17.35 5.92
N ASN A 124 -27.98 -16.93 7.07
CA ASN A 124 -27.67 -17.86 8.15
C ASN A 124 -27.72 -17.15 9.51
N SER A 125 -28.10 -17.90 10.54
CA SER A 125 -28.18 -17.34 11.89
C SER A 125 -27.67 -18.34 12.92
N GLN A 126 -26.39 -18.20 13.27
CA GLN A 126 -25.76 -19.09 14.24
C GLN A 126 -24.82 -18.31 15.15
N VAL A 127 -25.11 -18.31 16.44
CA VAL A 127 -24.29 -17.61 17.42
C VAL A 127 -22.86 -18.16 17.43
N SER A 128 -21.93 -17.36 17.94
CA SER A 128 -20.53 -17.76 18.01
C SER A 128 -19.84 -17.13 19.21
N GLN A 129 -18.81 -17.80 19.71
CA GLN A 129 -18.06 -17.30 20.87
C GLN A 129 -16.66 -17.92 20.92
N ASN A 130 -15.72 -17.16 21.43
CA ASN A 130 -14.34 -17.62 21.54
C ASN A 130 -14.02 -18.08 22.96
N TYR A 131 -13.59 -19.32 23.09
CA TYR A 131 -13.25 -19.88 24.40
C TYR A 131 -11.92 -19.33 24.90
N 8SP B . -5.40 -16.06 -11.69
P 8SP B . -2.09 -15.70 -9.41
OG 8SP B . -2.95 -16.16 -10.68
C1A 8SP B . 3.64 -13.19 -12.27
O1A 8SP B . 4.72 -13.59 -11.77
C1B 8SP B . 2.55 -14.39 -7.46
O1B 8SP B . 2.22 -15.22 -6.58
CB 8SP B . -3.06 -15.25 -11.81
C1G 8SP B . 1.84 -13.20 -10.55
O1G 8SP B . 2.45 -13.60 -11.77
C2A 8SP B . 3.62 -12.24 -13.40
C2B 8SP B . 3.06 -13.05 -7.12
CA 8SP B . -4.54 -14.98 -12.22
C2G 8SP B . 1.41 -14.44 -9.72
O2G 8SP B . 2.47 -14.72 -8.79
O2P 8SP B . -2.93 -15.20 -8.30
C3A 8SP B . 5.00 -11.90 -14.02
C3B 8SP B . 3.88 -12.97 -5.80
C 8SP B . -4.73 -14.89 -13.67
O 8SP B . -4.67 -13.79 -14.27
OXT 8SP B . -4.93 -16.01 -14.42
C3G 8SP B . 0.03 -14.25 -9.02
O3G 8SP B . -1.09 -14.54 -9.89
O3P 8SP B . -1.22 -16.93 -8.93
C4A 8SP B . 5.43 -12.91 -15.12
C4B 8SP B . 4.90 -11.80 -5.78
C5A 8SP B . 6.89 -12.71 -15.59
C5B 8SP B . 4.21 -10.41 -5.75
C6A 8SP B . 7.00 -11.80 -16.84
C6B 8SP B . 5.20 -9.23 -6.00
C7A 8SP B . 6.35 -12.44 -18.09
C7B 8SP B . 4.53 -7.84 -5.85
C8A 8SP B . 6.76 -11.73 -19.41
C8B 8SP B . 5.10 -7.03 -4.66
H2 8SP B . -5.04 -16.97 -12.02
HB3 8SP B . -2.58 -15.77 -12.63
HB2 8SP B . -2.53 -14.30 -11.69
H11G 8SP B . 2.55 -12.61 -9.97
H21G 8SP B . 0.97 -12.58 -10.75
H 8SP B . -6.36 -15.94 -12.03
H12A 8SP B . 2.97 -12.66 -14.18
H22A 8SP B . 3.15 -11.32 -13.04
H12B 8SP B . 2.22 -12.36 -7.05
H22B 8SP B . 3.69 -12.72 -7.94
HA 8SP B . -4.87 -14.05 -11.74
H2G 8SP B . 1.33 -15.28 -10.40
H13A 8SP B . 5.75 -11.88 -13.24
H23A 8SP B . 4.94 -10.90 -14.48
H13B 8SP B . 4.43 -13.91 -5.66
H23B 8SP B . 3.19 -12.85 -4.96
H13G 8SP B . 0.04 -14.81 -8.08
H23G 8SP B . -0.07 -13.20 -8.73
H14A 8SP B . 4.76 -12.82 -15.98
H24A 8SP B . 5.32 -13.93 -14.73
H14B 8SP B . 5.53 -11.86 -6.68
H24B 8SP B . 5.54 -11.90 -4.91
H15A 8SP B . 7.33 -13.69 -15.81
H25A 8SP B . 7.47 -12.26 -14.77
H15B 8SP B . 3.75 -10.26 -4.77
H25B 8SP B . 3.43 -10.38 -6.51
H16A 8SP B . 8.05 -11.60 -17.04
H26A 8SP B . 6.51 -10.84 -16.63
H16B 8SP B . 5.61 -9.32 -7.02
H26B 8SP B . 6.04 -9.31 -5.29
H17A 8SP B . 5.26 -12.38 -18.01
H27A 8SP B . 6.64 -13.49 -18.16
H17B 8SP B . 3.46 -7.97 -5.69
H27B 8SP B . 4.68 -7.27 -6.76
H18A 8SP B . 7.85 -11.80 -19.54
H28A 8SP B . 6.29 -12.21 -20.26
H38A 8SP B . 6.49 -10.68 -19.38
H18B 8SP B . 5.30 -7.68 -3.81
H28B 8SP B . 6.03 -6.55 -4.95
H38B 8SP B . 4.39 -6.25 -4.36
HNB 8SP B . -5.39 -16.04 -10.67
N GLY A 1 10.51 6.17 -13.31
CA GLY A 1 11.60 5.23 -13.15
C GLY A 1 12.65 5.71 -12.15
N ALA A 2 13.36 6.77 -12.51
CA ALA A 2 14.39 7.32 -11.63
C ALA A 2 14.50 8.83 -11.82
N ARG A 3 13.50 9.57 -11.36
CA ARG A 3 13.49 11.02 -11.48
C ARG A 3 13.35 11.68 -10.11
N ALA A 4 14.45 12.18 -9.59
CA ALA A 4 14.46 12.84 -8.28
C ALA A 4 14.05 11.87 -7.18
N SER A 5 14.60 10.65 -7.24
CA SER A 5 14.29 9.63 -6.25
C SER A 5 12.80 9.33 -6.22
N VAL A 6 12.39 8.48 -5.28
CA VAL A 6 10.99 8.11 -5.15
C VAL A 6 10.18 9.22 -4.49
N LEU A 7 10.60 9.62 -3.30
CA LEU A 7 9.91 10.67 -2.56
C LEU A 7 10.62 12.01 -2.74
N SER A 8 9.86 13.06 -3.01
CA SER A 8 10.42 14.38 -3.20
C SER A 8 10.82 14.99 -1.86
N GLY A 9 11.23 16.26 -1.89
CA GLY A 9 11.64 16.94 -0.68
C GLY A 9 10.52 17.01 0.35
N GLY A 10 9.35 17.46 -0.07
CA GLY A 10 8.22 17.57 0.83
C GLY A 10 7.77 16.22 1.34
N GLU A 11 7.79 15.21 0.48
CA GLU A 11 7.38 13.87 0.86
C GLU A 11 8.39 13.23 1.80
N LEU A 12 9.66 13.52 1.56
CA LEU A 12 10.73 12.96 2.39
C LEU A 12 10.58 13.40 3.85
N ASP A 13 10.31 14.68 4.05
CA ASP A 13 10.13 15.22 5.39
C ASP A 13 9.08 14.42 6.17
N LYS A 14 7.92 14.23 5.56
CA LYS A 14 6.84 13.49 6.20
C LYS A 14 7.21 12.01 6.31
N TRP A 15 7.79 11.46 5.26
CA TRP A 15 8.18 10.06 5.26
C TRP A 15 9.04 9.73 6.47
N GLU A 16 9.98 10.61 6.78
CA GLU A 16 10.86 10.41 7.92
C GLU A 16 10.08 10.50 9.23
N LYS A 17 8.98 11.23 9.21
CA LYS A 17 8.14 11.39 10.39
C LYS A 17 7.29 10.15 10.63
N ILE A 18 6.70 9.63 9.57
CA ILE A 18 5.86 8.44 9.66
C ILE A 18 6.58 7.32 10.39
N ARG A 19 5.84 6.57 11.21
CA ARG A 19 6.41 5.47 11.96
C ARG A 19 6.02 4.13 11.35
N LEU A 20 6.83 3.11 11.60
CA LEU A 20 6.56 1.78 11.07
C LEU A 20 5.38 1.12 11.78
N ARG A 21 5.40 1.18 13.11
CA ARG A 21 4.34 0.61 13.92
C ARG A 21 3.65 1.68 14.76
N PRO A 22 2.36 1.44 15.07
CA PRO A 22 1.56 2.37 15.87
C PRO A 22 2.01 2.42 17.32
N GLY A 23 2.35 1.26 17.88
CA GLY A 23 2.79 1.19 19.26
C GLY A 23 4.27 0.89 19.38
N GLY A 24 5.09 1.72 18.74
CA GLY A 24 6.53 1.51 18.79
C GLY A 24 7.29 2.81 19.02
N LYS A 25 8.60 2.76 18.86
CA LYS A 25 9.45 3.93 19.06
C LYS A 25 10.45 4.07 17.93
N LYS A 26 9.99 3.86 16.69
CA LYS A 26 10.86 3.96 15.52
C LYS A 26 10.17 4.75 14.41
N GLN A 27 10.97 5.31 13.51
CA GLN A 27 10.44 6.09 12.39
C GLN A 27 10.89 5.50 11.06
N TYR A 28 10.34 6.04 9.97
CA TYR A 28 10.69 5.57 8.63
C TYR A 28 11.94 6.27 8.11
N LYS A 29 12.70 5.59 7.26
CA LYS A 29 13.91 6.15 6.69
C LYS A 29 14.15 5.60 5.28
N LEU A 30 15.08 6.21 4.57
CA LEU A 30 15.41 5.79 3.21
C LEU A 30 15.76 4.30 3.18
N LYS A 31 16.27 3.79 4.29
CA LYS A 31 16.64 2.38 4.39
C LYS A 31 15.49 1.49 3.96
N HIS A 32 14.26 1.96 4.18
CA HIS A 32 13.07 1.20 3.81
C HIS A 32 12.70 1.44 2.36
N ILE A 33 12.88 2.65 1.82
CA ILE A 33 12.54 2.92 0.43
C ILE A 33 13.49 2.21 -0.52
N VAL A 34 14.76 2.12 -0.14
CA VAL A 34 15.76 1.45 -0.96
C VAL A 34 15.59 -0.06 -0.91
N TRP A 35 15.23 -0.58 0.26
CA TRP A 35 15.03 -2.01 0.44
C TRP A 35 13.89 -2.51 -0.45
N ALA A 36 12.72 -1.89 -0.32
CA ALA A 36 11.57 -2.27 -1.12
C ALA A 36 11.91 -2.34 -2.60
N SER A 37 12.62 -1.32 -3.08
CA SER A 37 13.01 -1.25 -4.48
C SER A 37 13.69 -2.55 -4.92
N ARG A 38 14.53 -3.10 -4.04
CA ARG A 38 15.24 -4.33 -4.34
C ARG A 38 14.27 -5.51 -4.42
N GLU A 39 13.51 -5.72 -3.35
CA GLU A 39 12.55 -6.80 -3.30
C GLU A 39 11.55 -6.70 -4.44
N LEU A 40 11.32 -5.48 -4.92
CA LEU A 40 10.39 -5.24 -6.02
C LEU A 40 10.91 -5.85 -7.31
N GLU A 41 12.07 -5.37 -7.77
CA GLU A 41 12.67 -5.87 -8.99
C GLU A 41 12.78 -7.39 -8.97
N ARG A 42 12.93 -7.95 -7.78
CA ARG A 42 13.04 -9.39 -7.62
C ARG A 42 11.78 -10.10 -8.11
N PHE A 43 10.64 -9.45 -7.94
CA PHE A 43 9.36 -10.01 -8.37
C PHE A 43 8.98 -9.50 -9.75
N ALA A 44 9.98 -9.17 -10.55
CA ALA A 44 9.75 -8.67 -11.91
C ALA A 44 9.01 -7.35 -11.88
N VAL A 45 9.13 -6.62 -10.77
CA VAL A 45 8.47 -5.33 -10.62
C VAL A 45 9.49 -4.21 -10.44
N ASN A 46 9.54 -3.30 -11.41
CA ASN A 46 10.47 -2.18 -11.36
C ASN A 46 10.21 -1.31 -10.13
N PRO A 47 11.30 -0.79 -9.54
CA PRO A 47 11.20 0.06 -8.35
C PRO A 47 10.59 1.43 -8.65
N GLY A 48 10.54 1.77 -9.92
CA GLY A 48 9.97 3.05 -10.33
C GLY A 48 8.50 3.16 -9.97
N LEU A 49 7.82 2.02 -9.91
CA LEU A 49 6.40 2.00 -9.57
C LEU A 49 6.14 2.69 -8.24
N LEU A 50 7.15 2.70 -7.37
CA LEU A 50 7.04 3.32 -6.06
C LEU A 50 7.08 4.85 -6.18
N GLU A 51 7.74 5.33 -7.24
CA GLU A 51 7.85 6.77 -7.45
C GLU A 51 6.56 7.34 -8.00
N THR A 52 5.60 6.46 -8.29
CA THR A 52 4.31 6.88 -8.82
C THR A 52 3.17 6.32 -8.00
N SER A 53 2.24 7.19 -7.61
CA SER A 53 1.10 6.78 -6.80
C SER A 53 0.33 5.66 -7.48
N GLU A 54 0.42 5.60 -8.81
CA GLU A 54 -0.26 4.58 -9.58
C GLU A 54 0.45 3.23 -9.48
N GLY A 55 1.78 3.27 -9.60
CA GLY A 55 2.56 2.05 -9.52
C GLY A 55 2.34 1.31 -8.21
N CYS A 56 2.27 2.05 -7.12
CA CYS A 56 2.05 1.46 -5.80
C CYS A 56 0.80 0.58 -5.80
N ARG A 57 -0.30 1.14 -6.30
CA ARG A 57 -1.56 0.41 -6.35
C ARG A 57 -1.39 -0.94 -7.03
N GLN A 58 -0.61 -0.96 -8.10
CA GLN A 58 -0.36 -2.20 -8.84
C GLN A 58 0.43 -3.20 -7.99
N ILE A 59 1.37 -2.68 -7.20
CA ILE A 59 2.19 -3.53 -6.34
C ILE A 59 1.36 -4.10 -5.20
N LEU A 60 0.56 -3.25 -4.57
CA LEU A 60 -0.28 -3.66 -3.46
C LEU A 60 -1.34 -4.67 -3.91
N GLY A 61 -1.72 -4.57 -5.19
CA GLY A 61 -2.72 -5.47 -5.73
C GLY A 61 -2.24 -6.91 -5.77
N GLN A 62 -0.95 -7.09 -6.01
CA GLN A 62 -0.37 -8.44 -6.07
C GLN A 62 -0.04 -8.96 -4.67
N LEU A 63 0.24 -8.03 -3.76
CA LEU A 63 0.57 -8.40 -2.39
C LEU A 63 -0.70 -8.64 -1.57
N GLN A 64 -1.79 -8.01 -1.98
CA GLN A 64 -3.06 -8.15 -1.28
C GLN A 64 -3.42 -9.62 -1.11
N PRO A 65 -3.58 -10.33 -2.24
CA PRO A 65 -3.94 -11.75 -2.23
C PRO A 65 -2.78 -12.62 -1.73
N SER A 66 -1.58 -12.06 -1.72
CA SER A 66 -0.40 -12.78 -1.27
C SER A 66 -0.28 -12.76 0.25
N LEU A 67 -0.85 -11.71 0.85
CA LEU A 67 -0.80 -11.56 2.30
C LEU A 67 -1.31 -12.82 3.00
N GLN A 68 -2.23 -13.53 2.35
CA GLN A 68 -2.78 -14.75 2.90
C GLN A 68 -1.68 -15.74 3.27
N THR A 69 -0.73 -15.93 2.34
CA THR A 69 0.38 -16.84 2.57
C THR A 69 1.72 -16.14 2.36
N GLY A 70 1.84 -14.93 2.89
CA GLY A 70 3.08 -14.17 2.75
C GLY A 70 3.99 -14.34 3.95
N SER A 71 5.28 -14.10 3.74
CA SER A 71 6.27 -14.23 4.80
C SER A 71 6.71 -12.85 5.30
N GLU A 72 7.73 -12.83 6.15
CA GLU A 72 8.24 -11.59 6.71
C GLU A 72 8.55 -10.59 5.59
N GLU A 73 8.97 -11.12 4.44
CA GLU A 73 9.31 -10.27 3.30
C GLU A 73 8.05 -9.64 2.70
N LEU A 74 7.06 -10.49 2.41
CA LEU A 74 5.81 -10.02 1.83
C LEU A 74 5.08 -9.08 2.78
N ARG A 75 5.31 -9.26 4.07
CA ARG A 75 4.68 -8.42 5.09
C ARG A 75 5.33 -7.04 5.13
N SER A 76 6.66 -7.01 5.18
CA SER A 76 7.39 -5.76 5.23
C SER A 76 7.07 -4.89 4.02
N LEU A 77 6.90 -5.54 2.87
CA LEU A 77 6.59 -4.83 1.63
C LEU A 77 5.27 -4.08 1.76
N TYR A 78 4.20 -4.81 2.07
CA TYR A 78 2.89 -4.20 2.21
C TYR A 78 2.93 -3.03 3.18
N ASN A 79 3.83 -3.09 4.15
CA ASN A 79 3.97 -2.04 5.14
C ASN A 79 4.58 -0.78 4.51
N THR A 80 5.78 -0.92 3.97
CA THR A 80 6.47 0.20 3.34
C THR A 80 5.66 0.75 2.18
N ILE A 81 5.29 -0.12 1.25
CA ILE A 81 4.51 0.28 0.09
C ILE A 81 3.25 1.04 0.50
N ALA A 82 2.68 0.65 1.64
CA ALA A 82 1.48 1.30 2.15
C ALA A 82 1.75 2.75 2.53
N VAL A 83 2.69 2.96 3.43
CA VAL A 83 3.05 4.31 3.87
C VAL A 83 3.40 5.19 2.69
N LEU A 84 4.07 4.61 1.70
CA LEU A 84 4.48 5.35 0.51
C LEU A 84 3.26 5.85 -0.26
N TYR A 85 2.35 4.94 -0.58
CA TYR A 85 1.14 5.29 -1.31
C TYR A 85 0.41 6.46 -0.63
N CYS A 86 0.17 6.32 0.66
CA CYS A 86 -0.51 7.34 1.43
C CYS A 86 0.14 8.70 1.24
N VAL A 87 1.47 8.70 1.09
CA VAL A 87 2.22 9.93 0.89
C VAL A 87 1.95 10.51 -0.49
N HIS A 88 1.95 9.65 -1.50
CA HIS A 88 1.71 10.08 -2.87
C HIS A 88 0.25 10.50 -3.06
N GLN A 89 -0.71 9.90 -2.36
CA GLN A 89 -2.11 10.26 -2.51
C GLN A 89 -2.42 11.55 -1.75
N ARG A 90 -2.49 11.45 -0.43
CA ARG A 90 -2.78 12.60 0.41
C ARG A 90 -2.79 12.22 1.89
N ILE A 91 -3.26 11.00 2.17
CA ILE A 91 -3.31 10.50 3.55
C ILE A 91 -1.96 10.65 4.23
N ASP A 92 -1.97 11.32 5.39
CA ASP A 92 -0.75 11.53 6.16
C ASP A 92 -0.76 10.72 7.44
N VAL A 93 -1.00 9.42 7.32
CA VAL A 93 -1.04 8.52 8.47
C VAL A 93 0.20 8.69 9.33
N LYS A 94 0.04 8.48 10.63
CA LYS A 94 1.14 8.59 11.58
C LYS A 94 1.97 7.31 11.62
N ASP A 95 1.31 6.19 11.35
CA ASP A 95 1.98 4.89 11.36
C ASP A 95 1.57 4.06 10.15
N THR A 96 2.11 2.85 10.05
CA THR A 96 1.79 1.96 8.94
C THR A 96 0.46 1.24 9.17
N LYS A 97 0.09 1.09 10.43
CA LYS A 97 -1.16 0.42 10.79
C LYS A 97 -2.36 1.22 10.27
N GLU A 98 -2.24 2.54 10.32
CA GLU A 98 -3.31 3.42 9.86
C GLU A 98 -3.40 3.43 8.34
N ALA A 99 -2.23 3.41 7.69
CA ALA A 99 -2.17 3.41 6.23
C ALA A 99 -2.83 2.17 5.65
N LEU A 100 -2.84 1.09 6.42
CA LEU A 100 -3.45 -0.16 5.97
C LEU A 100 -4.97 -0.07 6.04
N ASP A 101 -5.49 0.57 7.08
CA ASP A 101 -6.92 0.72 7.26
C ASP A 101 -7.50 1.70 6.23
N LYS A 102 -6.71 2.73 5.89
CA LYS A 102 -7.15 3.73 4.93
C LYS A 102 -7.26 3.12 3.53
N ILE A 103 -6.29 2.29 3.18
CA ILE A 103 -6.30 1.64 1.87
C ILE A 103 -7.28 0.48 1.83
N GLU A 104 -7.56 -0.08 3.00
CA GLU A 104 -8.50 -1.20 3.10
C GLU A 104 -9.94 -0.72 3.00
N GLU A 105 -10.29 0.27 3.83
CA GLU A 105 -11.64 0.82 3.84
C GLU A 105 -12.01 1.38 2.46
N GLU A 106 -11.03 1.98 1.80
CA GLU A 106 -11.25 2.55 0.47
C GLU A 106 -11.66 1.48 -0.53
N GLN A 107 -11.18 0.26 -0.30
CA GLN A 107 -11.49 -0.86 -1.19
C GLN A 107 -12.91 -1.35 -0.97
N ASN A 108 -13.29 -1.47 0.30
CA ASN A 108 -14.63 -1.93 0.66
C ASN A 108 -15.69 -0.94 0.18
N LYS A 109 -15.38 0.34 0.28
CA LYS A 109 -16.32 1.39 -0.14
C LYS A 109 -16.52 1.34 -1.65
N SER A 110 -15.44 1.19 -2.39
CA SER A 110 -15.51 1.13 -3.85
C SER A 110 -16.51 0.07 -4.30
N LYS A 111 -16.43 -1.12 -3.69
CA LYS A 111 -17.31 -2.22 -4.03
C LYS A 111 -18.77 -1.83 -3.82
N LYS A 112 -19.00 -0.94 -2.85
CA LYS A 112 -20.35 -0.48 -2.54
C LYS A 112 -20.81 0.58 -3.54
N LYS A 113 -19.86 1.36 -4.05
CA LYS A 113 -20.15 2.41 -5.01
C LYS A 113 -20.55 1.81 -6.36
N ALA A 114 -20.05 0.61 -6.64
CA ALA A 114 -20.36 -0.08 -7.89
C ALA A 114 -21.86 -0.39 -8.00
N GLN A 115 -22.50 -0.57 -6.85
CA GLN A 115 -23.92 -0.87 -6.81
C GLN A 115 -24.74 0.39 -6.59
N GLN A 116 -24.69 0.91 -5.36
CA GLN A 116 -25.43 2.12 -5.01
C GLN A 116 -26.92 1.93 -5.27
N ALA A 117 -27.38 0.69 -5.19
CA ALA A 117 -28.78 0.37 -5.41
C ALA A 117 -29.10 -1.06 -5.00
N ALA A 118 -28.22 -1.98 -5.37
CA ALA A 118 -28.40 -3.39 -5.04
C ALA A 118 -27.96 -3.68 -3.60
N ALA A 119 -27.03 -2.87 -3.11
CA ALA A 119 -26.53 -3.04 -1.75
C ALA A 119 -27.66 -3.01 -0.73
N ASP A 120 -28.55 -2.03 -0.87
CA ASP A 120 -29.68 -1.88 0.03
C ASP A 120 -30.66 -3.03 -0.13
N THR A 121 -30.68 -3.62 -1.32
CA THR A 121 -31.58 -4.72 -1.62
C THR A 121 -30.80 -6.01 -1.87
N GLY A 122 -30.25 -6.58 -0.81
CA GLY A 122 -29.48 -7.81 -0.93
C GLY A 122 -28.71 -8.15 0.32
N ASN A 123 -27.86 -7.22 0.76
CA ASN A 123 -27.06 -7.42 1.96
C ASN A 123 -27.91 -7.32 3.21
N ASN A 124 -28.72 -6.26 3.30
CA ASN A 124 -29.59 -6.04 4.44
C ASN A 124 -28.77 -5.87 5.72
N SER A 125 -29.44 -5.42 6.77
CA SER A 125 -28.78 -5.20 8.06
C SER A 125 -29.54 -5.89 9.19
N GLN A 126 -28.80 -6.43 10.15
CA GLN A 126 -29.40 -7.11 11.29
C GLN A 126 -29.56 -6.17 12.47
N VAL A 127 -30.36 -5.13 12.29
CA VAL A 127 -30.60 -4.15 13.34
C VAL A 127 -31.17 -4.81 14.59
N SER A 128 -31.28 -4.03 15.67
CA SER A 128 -31.81 -4.55 16.93
C SER A 128 -33.09 -3.83 17.31
N GLN A 129 -33.68 -4.23 18.43
CA GLN A 129 -34.92 -3.62 18.91
C GLN A 129 -34.76 -2.11 19.05
N ASN A 130 -35.87 -1.40 18.91
CA ASN A 130 -35.86 0.06 19.02
C ASN A 130 -34.98 0.68 17.93
N TYR A 131 -34.93 2.00 17.90
CA TYR A 131 -34.12 2.72 16.93
C TYR A 131 -32.64 2.69 17.31
N 8SP B . 5.29 -22.49 -9.04
P 8SP B . 4.20 -18.85 -8.43
OG 8SP B . 3.76 -20.23 -9.09
C1A 8SP B . 5.94 -15.09 -11.89
O1A 8SP B . 5.74 -13.90 -12.23
C1B 8SP B . 3.19 -13.51 -7.98
O1B 8SP B . 1.96 -13.71 -7.91
CB 8SP B . 3.28 -21.29 -8.23
C1G 8SP B . 3.75 -15.62 -10.80
O1G 8SP B . 4.90 -15.93 -11.59
C2A 8SP B . 7.31 -15.66 -11.81
C2B 8SP B . 3.90 -12.70 -6.96
CA 8SP B . 4.37 -22.33 -7.89
C2G 8SP B . 4.13 -15.43 -9.31
O2G 8SP B . 3.94 -14.05 -8.99
O2P 8SP B . 4.24 -18.88 -6.96
C3A 8SP B . 7.87 -16.22 -13.14
C3B 8SP B . 3.06 -11.61 -6.26
C 8SP B . 3.83 -23.66 -7.54
O 8SP B . 4.32 -24.71 -8.01
OXT 8SP B . 2.80 -23.77 -6.66
C3G 8SP B . 3.35 -16.39 -8.36
O3G 8SP B . 3.18 -17.72 -8.92
O3P 8SP B . 5.64 -18.46 -9.00
C4A 8SP B . 8.55 -17.61 -12.95
C4B 8SP B . 3.81 -10.92 -5.09
C5A 8SP B . 8.80 -18.34 -14.30
C5B 8SP B . 4.90 -9.93 -5.57
C6A 8SP B . 7.63 -19.25 -14.72
C6B 8SP B . 4.34 -8.52 -5.89
C7A 8SP B . 7.85 -19.91 -16.10
C7B 8SP B . 5.45 -7.44 -5.96
C8A 8SP B . 7.73 -18.89 -17.26
C8B 8SP B . 5.89 -6.92 -4.58
H2 8SP B . 6.20 -22.79 -8.71
HB3 8SP B . 2.51 -21.79 -8.81
HB2 8SP B . 2.78 -20.95 -7.32
H11G 8SP B . 3.30 -14.69 -11.17
H21G 8SP B . 3.02 -16.41 -10.90
H 8SP B . 5.39 -21.59 -9.52
H12A 8SP B . 7.97 -14.87 -11.43
H22A 8SP B . 7.28 -16.47 -11.07
H12B 8SP B . 4.77 -12.24 -7.44
H22B 8SP B . 4.28 -13.40 -6.20
HA 8SP B . 4.96 -21.96 -7.05
H2G 8SP B . 5.19 -15.67 -9.22
H13A 8SP B . 8.61 -15.51 -13.54
H23A 8SP B . 7.07 -16.32 -13.86
H13B 8SP B . 2.14 -12.06 -5.87
H23B 8SP B . 2.78 -10.85 -7.00
H13G 8SP B . 3.83 -16.36 -7.38
H23G 8SP B . 2.35 -15.99 -8.22
H14A 8SP B . 7.91 -18.23 -12.33
H24A 8SP B . 9.50 -17.47 -12.44
H14B 8SP B . 4.28 -11.69 -4.46
H24B 8SP B . 3.09 -10.38 -4.48
H15A 8SP B . 9.72 -18.94 -14.21
H25A 8SP B . 8.97 -17.59 -15.09
H15B 8SP B . 5.37 -10.33 -6.48
H25B 8SP B . 5.67 -9.84 -4.80
H16A 8SP B . 6.71 -18.67 -14.74
H26A 8SP B . 7.52 -20.04 -13.97
H16B 8SP B . 3.63 -8.23 -5.11
H26B 8SP B . 3.81 -8.55 -6.84
H17A 8SP B . 7.10 -20.69 -16.25
H27A 8SP B . 8.83 -20.37 -16.14
H17B 8SP B . 5.10 -6.59 -6.56
H27B 8SP B . 6.33 -7.85 -6.47
H18A 8SP B . 8.44 -18.09 -17.12
H28A 8SP B . 7.95 -19.39 -18.22
H38A 8SP B . 6.72 -18.47 -17.31
H18B 8SP B . 5.16 -6.20 -4.20
H28B 8SP B . 5.95 -7.75 -3.87
H38B 8SP B . 6.87 -6.43 -4.64
HNB 8SP B . 4.90 -23.18 -9.69
N GLY A 1 19.09 5.70 -16.43
CA GLY A 1 18.54 6.01 -15.12
C GLY A 1 19.57 5.91 -14.01
N ALA A 2 19.87 7.05 -13.38
CA ALA A 2 20.85 7.08 -12.31
C ALA A 2 20.19 7.49 -10.99
N ARG A 3 19.52 8.64 -11.00
CA ARG A 3 18.85 9.14 -9.80
C ARG A 3 17.34 9.12 -9.97
N ALA A 4 16.64 8.60 -8.98
CA ALA A 4 15.18 8.51 -9.03
C ALA A 4 14.55 9.37 -7.92
N SER A 5 13.48 10.07 -8.27
CA SER A 5 12.78 10.92 -7.32
C SER A 5 11.56 10.22 -6.74
N VAL A 6 11.73 9.62 -5.57
CA VAL A 6 10.64 8.91 -4.91
C VAL A 6 9.83 9.85 -4.03
N LEU A 7 10.44 10.35 -2.96
CA LEU A 7 9.78 11.26 -2.05
C LEU A 7 10.39 12.65 -2.12
N SER A 8 9.62 13.62 -2.58
CA SER A 8 10.08 15.00 -2.69
C SER A 8 10.38 15.58 -1.32
N GLY A 9 10.67 16.88 -1.28
CA GLY A 9 10.97 17.54 -0.02
C GLY A 9 9.87 17.35 1.01
N GLY A 10 8.63 17.61 0.61
CA GLY A 10 7.51 17.45 1.52
C GLY A 10 7.29 16.00 1.92
N GLU A 11 7.30 15.12 0.93
CA GLU A 11 7.08 13.69 1.17
C GLU A 11 8.18 13.13 2.08
N LEU A 12 9.37 13.71 1.98
CA LEU A 12 10.50 13.26 2.79
C LEU A 12 10.26 13.54 4.26
N ASP A 13 9.95 14.80 4.59
CA ASP A 13 9.69 15.19 5.96
C ASP A 13 8.65 14.29 6.60
N LYS A 14 7.51 14.13 5.92
CA LYS A 14 6.43 13.29 6.43
C LYS A 14 6.87 11.84 6.52
N TRP A 15 7.61 11.38 5.52
CA TRP A 15 8.10 10.00 5.49
C TRP A 15 8.87 9.68 6.76
N GLU A 16 9.90 10.49 7.05
CA GLU A 16 10.72 10.29 8.23
C GLU A 16 9.87 10.31 9.49
N LYS A 17 8.74 11.01 9.44
CA LYS A 17 7.84 11.12 10.57
C LYS A 17 7.05 9.82 10.76
N ILE A 18 6.45 9.33 9.68
CA ILE A 18 5.67 8.11 9.73
C ILE A 18 6.47 6.97 10.36
N ARG A 19 5.79 6.14 11.16
CA ARG A 19 6.44 5.02 11.82
C ARG A 19 6.04 3.70 11.15
N LEU A 20 6.91 2.70 11.28
CA LEU A 20 6.66 1.39 10.69
C LEU A 20 5.55 0.66 11.44
N ARG A 21 5.47 0.90 12.74
CA ARG A 21 4.45 0.27 13.57
C ARG A 21 3.74 1.30 14.44
N PRO A 22 2.51 0.97 14.87
CA PRO A 22 1.70 1.85 15.72
C PRO A 22 2.27 1.99 17.13
N GLY A 23 2.87 0.91 17.62
CA GLY A 23 3.45 0.93 18.95
C GLY A 23 4.97 0.96 18.93
N GLY A 24 5.55 0.55 17.81
CA GLY A 24 6.99 0.54 17.68
C GLY A 24 7.62 1.87 18.05
N LYS A 25 8.93 1.88 18.19
CA LYS A 25 9.66 3.10 18.56
C LYS A 25 10.68 3.47 17.48
N LYS A 26 10.40 3.05 16.25
CA LYS A 26 11.28 3.35 15.13
C LYS A 26 10.51 3.98 13.98
N GLN A 27 10.98 5.14 13.52
CA GLN A 27 10.33 5.85 12.43
C GLN A 27 10.79 5.30 11.08
N TYR A 28 10.28 5.89 10.00
CA TYR A 28 10.63 5.46 8.65
C TYR A 28 11.91 6.16 8.18
N LYS A 29 12.66 5.49 7.32
CA LYS A 29 13.90 6.04 6.79
C LYS A 29 14.16 5.54 5.38
N LEU A 30 15.12 6.16 4.69
CA LEU A 30 15.46 5.77 3.33
C LEU A 30 15.79 4.28 3.26
N LYS A 31 16.26 3.73 4.37
CA LYS A 31 16.60 2.31 4.43
C LYS A 31 15.45 1.45 3.94
N HIS A 32 14.23 1.89 4.22
CA HIS A 32 13.03 1.16 3.80
C HIS A 32 12.70 1.45 2.34
N ILE A 33 12.97 2.65 1.83
CA ILE A 33 12.66 2.98 0.44
C ILE A 33 13.61 2.25 -0.51
N VAL A 34 14.87 2.11 -0.11
CA VAL A 34 15.87 1.44 -0.92
C VAL A 34 15.68 -0.08 -0.87
N TRP A 35 15.37 -0.59 0.31
CA TRP A 35 15.17 -2.02 0.51
C TRP A 35 14.04 -2.54 -0.38
N ALA A 36 12.86 -1.94 -0.23
CA ALA A 36 11.70 -2.33 -1.01
C ALA A 36 11.98 -2.24 -2.50
N SER A 37 12.93 -1.39 -2.86
CA SER A 37 13.31 -1.19 -4.26
C SER A 37 13.97 -2.44 -4.82
N ARG A 38 14.88 -3.02 -4.03
CA ARG A 38 15.60 -4.22 -4.44
C ARG A 38 14.67 -5.44 -4.41
N GLU A 39 13.76 -5.46 -3.44
CA GLU A 39 12.83 -6.56 -3.31
C GLU A 39 11.73 -6.50 -4.37
N LEU A 40 11.47 -5.30 -4.87
CA LEU A 40 10.45 -5.11 -5.89
C LEU A 40 10.89 -5.71 -7.22
N GLU A 41 12.08 -5.34 -7.68
CA GLU A 41 12.61 -5.85 -8.93
C GLU A 41 12.64 -7.38 -8.93
N ARG A 42 12.74 -7.96 -7.74
CA ARG A 42 12.77 -9.40 -7.59
C ARG A 42 11.43 -10.03 -7.95
N PHE A 43 10.36 -9.26 -7.74
CA PHE A 43 9.02 -9.74 -8.04
C PHE A 43 8.57 -9.27 -9.43
N ALA A 44 9.53 -9.07 -10.31
CA ALA A 44 9.24 -8.62 -11.67
C ALA A 44 8.63 -7.23 -11.67
N VAL A 45 8.85 -6.49 -10.60
CA VAL A 45 8.31 -5.14 -10.47
C VAL A 45 9.43 -4.11 -10.37
N ASN A 46 9.53 -3.24 -11.37
CA ASN A 46 10.56 -2.20 -11.38
C ASN A 46 10.42 -1.29 -10.18
N PRO A 47 11.56 -0.82 -9.65
CA PRO A 47 11.59 0.08 -8.49
C PRO A 47 11.08 1.47 -8.83
N GLY A 48 10.95 1.76 -10.12
CA GLY A 48 10.47 3.05 -10.56
C GLY A 48 9.02 3.28 -10.19
N LEU A 49 8.32 2.20 -9.87
CA LEU A 49 6.90 2.29 -9.49
C LEU A 49 6.74 2.92 -8.12
N LEU A 50 7.78 2.82 -7.30
CA LEU A 50 7.75 3.38 -5.96
C LEU A 50 7.54 4.89 -6.00
N GLU A 51 7.93 5.51 -7.12
CA GLU A 51 7.78 6.95 -7.28
C GLU A 51 6.58 7.27 -8.16
N THR A 52 5.60 6.37 -8.18
CA THR A 52 4.40 6.55 -8.97
C THR A 52 3.15 6.21 -8.16
N SER A 53 2.24 7.17 -8.06
CA SER A 53 1.00 6.98 -7.32
C SER A 53 0.21 5.80 -7.87
N GLU A 54 0.47 5.47 -9.13
CA GLU A 54 -0.22 4.35 -9.79
C GLU A 54 0.47 3.03 -9.49
N GLY A 55 1.80 3.02 -9.60
CA GLY A 55 2.56 1.82 -9.33
C GLY A 55 2.45 1.36 -7.89
N CYS A 56 2.62 2.30 -6.96
CA CYS A 56 2.54 2.00 -5.54
C CYS A 56 1.24 1.26 -5.21
N ARG A 57 0.19 1.57 -5.95
CA ARG A 57 -1.12 0.94 -5.74
C ARG A 57 -1.10 -0.50 -6.24
N GLN A 58 -0.61 -0.69 -7.47
CA GLN A 58 -0.55 -2.02 -8.07
C GLN A 58 0.26 -2.97 -7.18
N ILE A 59 1.38 -2.48 -6.66
CA ILE A 59 2.24 -3.29 -5.80
C ILE A 59 1.47 -3.81 -4.60
N LEU A 60 0.58 -2.98 -4.06
CA LEU A 60 -0.21 -3.36 -2.90
C LEU A 60 -1.37 -4.27 -3.30
N GLY A 61 -1.80 -4.16 -4.56
CA GLY A 61 -2.88 -4.99 -5.04
C GLY A 61 -2.48 -6.45 -5.19
N GLN A 62 -1.20 -6.69 -5.47
CA GLN A 62 -0.71 -8.04 -5.63
C GLN A 62 -0.35 -8.65 -4.28
N LEU A 63 0.07 -7.81 -3.34
CA LEU A 63 0.44 -8.26 -2.01
C LEU A 63 -0.79 -8.38 -1.11
N GLN A 64 -1.83 -7.61 -1.43
CA GLN A 64 -3.06 -7.62 -0.65
C GLN A 64 -3.58 -9.04 -0.50
N PRO A 65 -3.92 -9.68 -1.63
CA PRO A 65 -4.44 -11.05 -1.65
C PRO A 65 -3.37 -12.08 -1.27
N SER A 66 -2.12 -11.66 -1.31
CA SER A 66 -1.01 -12.55 -0.96
C SER A 66 -0.45 -12.22 0.42
N LEU A 67 -1.30 -11.65 1.27
CA LEU A 67 -0.90 -11.29 2.62
C LEU A 67 -0.91 -12.50 3.55
N GLN A 68 -1.92 -13.35 3.37
CA GLN A 68 -2.04 -14.56 4.19
C GLN A 68 -0.96 -15.57 3.83
N THR A 69 -0.65 -15.68 2.54
CA THR A 69 0.36 -16.61 2.06
C THR A 69 1.70 -15.91 1.86
N GLY A 70 1.91 -14.84 2.61
CA GLY A 70 3.16 -14.09 2.50
C GLY A 70 4.03 -14.22 3.74
N SER A 71 5.34 -14.15 3.55
CA SER A 71 6.28 -14.27 4.66
C SER A 71 6.66 -12.90 5.20
N GLU A 72 7.65 -12.88 6.10
CA GLU A 72 8.09 -11.63 6.70
C GLU A 72 8.44 -10.61 5.62
N GLU A 73 8.95 -11.09 4.49
CA GLU A 73 9.32 -10.22 3.38
C GLU A 73 8.09 -9.52 2.80
N LEU A 74 7.02 -10.28 2.63
CA LEU A 74 5.79 -9.75 2.07
C LEU A 74 5.18 -8.71 3.01
N ARG A 75 5.43 -8.88 4.31
CA ARG A 75 4.90 -7.96 5.31
C ARG A 75 5.57 -6.59 5.20
N SER A 76 6.88 -6.57 5.34
CA SER A 76 7.64 -5.32 5.27
C SER A 76 7.32 -4.58 3.98
N LEU A 77 7.00 -5.33 2.93
CA LEU A 77 6.68 -4.74 1.63
C LEU A 77 5.32 -4.03 1.69
N TYR A 78 4.26 -4.81 1.82
CA TYR A 78 2.91 -4.26 1.89
C TYR A 78 2.82 -3.16 2.95
N ASN A 79 3.64 -3.29 3.98
CA ASN A 79 3.65 -2.31 5.07
C ASN A 79 4.30 -1.00 4.61
N THR A 80 5.50 -1.11 4.03
CA THR A 80 6.23 0.05 3.55
C THR A 80 5.50 0.71 2.38
N ILE A 81 5.27 -0.06 1.33
CA ILE A 81 4.58 0.44 0.14
C ILE A 81 3.27 1.12 0.53
N ALA A 82 2.65 0.67 1.61
CA ALA A 82 1.40 1.24 2.08
C ALA A 82 1.59 2.67 2.56
N VAL A 83 2.71 2.92 3.22
CA VAL A 83 3.01 4.26 3.74
C VAL A 83 3.43 5.19 2.60
N LEU A 84 4.17 4.66 1.64
CA LEU A 84 4.64 5.45 0.50
C LEU A 84 3.48 5.82 -0.41
N TYR A 85 2.60 4.85 -0.65
CA TYR A 85 1.44 5.07 -1.52
C TYR A 85 0.59 6.23 -0.99
N CYS A 86 0.21 6.15 0.27
CA CYS A 86 -0.60 7.19 0.89
C CYS A 86 0.00 8.57 0.68
N VAL A 87 1.33 8.61 0.57
CA VAL A 87 2.05 9.87 0.37
C VAL A 87 1.85 10.38 -1.06
N HIS A 88 1.81 9.46 -2.01
CA HIS A 88 1.63 9.82 -3.41
C HIS A 88 0.15 10.03 -3.74
N GLN A 89 -0.77 9.67 -2.84
CA GLN A 89 -2.19 9.86 -3.10
C GLN A 89 -2.71 11.10 -2.39
N ARG A 90 -2.85 11.00 -1.08
CA ARG A 90 -3.35 12.12 -0.27
C ARG A 90 -3.38 11.75 1.21
N ILE A 91 -3.69 10.49 1.49
CA ILE A 91 -3.76 10.02 2.87
C ILE A 91 -2.48 10.35 3.62
N ASP A 92 -2.64 10.97 4.79
CA ASP A 92 -1.50 11.35 5.63
C ASP A 92 -1.54 10.61 6.96
N VAL A 93 -1.34 9.30 6.92
CA VAL A 93 -1.35 8.49 8.13
C VAL A 93 -0.10 8.74 8.98
N LYS A 94 -0.23 8.50 10.27
CA LYS A 94 0.89 8.70 11.19
C LYS A 94 1.79 7.47 11.25
N ASP A 95 1.20 6.30 10.97
CA ASP A 95 1.94 5.05 10.97
C ASP A 95 1.48 4.13 9.85
N THR A 96 2.06 2.94 9.78
CA THR A 96 1.71 1.97 8.75
C THR A 96 0.39 1.29 9.07
N LYS A 97 0.12 1.11 10.36
CA LYS A 97 -1.11 0.46 10.80
C LYS A 97 -2.33 1.13 10.18
N GLU A 98 -2.35 2.46 10.22
CA GLU A 98 -3.46 3.23 9.67
C GLU A 98 -3.48 3.11 8.14
N ALA A 99 -2.30 3.15 7.54
CA ALA A 99 -2.18 3.06 6.09
C ALA A 99 -2.77 1.75 5.57
N LEU A 100 -2.78 0.73 6.43
CA LEU A 100 -3.32 -0.57 6.07
C LEU A 100 -4.84 -0.58 6.12
N ASP A 101 -5.38 0.08 7.13
CA ASP A 101 -6.83 0.16 7.31
C ASP A 101 -7.46 1.05 6.23
N LYS A 102 -6.80 2.16 5.93
CA LYS A 102 -7.29 3.09 4.92
C LYS A 102 -7.42 2.40 3.57
N ILE A 103 -6.34 1.76 3.13
CA ILE A 103 -6.34 1.06 1.85
C ILE A 103 -7.31 -0.12 1.86
N GLU A 104 -7.44 -0.75 3.02
CA GLU A 104 -8.34 -1.89 3.17
C GLU A 104 -9.79 -1.46 3.01
N GLU A 105 -10.17 -0.39 3.70
CA GLU A 105 -11.54 0.12 3.63
C GLU A 105 -11.93 0.43 2.19
N GLU A 106 -11.03 1.09 1.47
CA GLU A 106 -11.28 1.45 0.08
C GLU A 106 -11.61 0.23 -0.75
N GLN A 107 -11.12 -0.93 -0.32
CA GLN A 107 -11.36 -2.18 -1.03
C GLN A 107 -12.74 -2.75 -0.68
N ASN A 108 -13.19 -2.47 0.53
CA ASN A 108 -14.49 -2.95 0.99
C ASN A 108 -15.62 -2.16 0.34
N LYS A 109 -15.49 -0.84 0.35
CA LYS A 109 -16.50 0.03 -0.24
C LYS A 109 -16.63 -0.21 -1.73
N SER A 110 -15.54 -0.68 -2.35
CA SER A 110 -15.53 -0.95 -3.78
C SER A 110 -15.45 -2.45 -4.04
N LYS A 111 -15.93 -3.24 -3.09
CA LYS A 111 -15.91 -4.69 -3.23
C LYS A 111 -16.76 -5.15 -4.40
N LYS A 112 -17.89 -4.47 -4.61
CA LYS A 112 -18.80 -4.80 -5.71
C LYS A 112 -18.23 -4.32 -7.03
N LYS A 113 -17.76 -3.08 -7.06
CA LYS A 113 -17.20 -2.49 -8.27
C LYS A 113 -15.98 -3.29 -8.74
N ALA A 114 -15.26 -3.89 -7.79
CA ALA A 114 -14.09 -4.69 -8.11
C ALA A 114 -14.45 -5.86 -9.02
N GLN A 115 -15.68 -6.35 -8.89
CA GLN A 115 -16.14 -7.47 -9.69
C GLN A 115 -15.95 -7.19 -11.18
N GLN A 116 -16.36 -6.00 -11.61
CA GLN A 116 -16.23 -5.61 -13.01
C GLN A 116 -14.77 -5.66 -13.46
N ALA A 117 -13.87 -5.27 -12.55
CA ALA A 117 -12.44 -5.27 -12.86
C ALA A 117 -11.88 -6.70 -12.88
N ALA A 118 -12.40 -7.54 -12.00
CA ALA A 118 -11.96 -8.92 -11.91
C ALA A 118 -12.91 -9.85 -12.65
N ALA A 119 -13.62 -9.31 -13.63
CA ALA A 119 -14.57 -10.09 -14.42
C ALA A 119 -14.00 -10.41 -15.79
N ASP A 120 -13.11 -9.57 -16.28
CA ASP A 120 -12.49 -9.77 -17.58
C ASP A 120 -10.96 -9.83 -17.46
N THR A 121 -10.49 -10.26 -16.29
CA THR A 121 -9.05 -10.36 -16.04
C THR A 121 -8.35 -9.05 -16.38
N GLY A 122 -7.02 -9.08 -16.38
CA GLY A 122 -6.24 -7.90 -16.69
C GLY A 122 -5.11 -8.17 -17.65
N ASN A 123 -5.13 -7.52 -18.81
CA ASN A 123 -4.09 -7.71 -19.82
C ASN A 123 -3.44 -6.37 -20.17
N ASN A 124 -2.53 -6.41 -21.15
CA ASN A 124 -1.84 -5.21 -21.60
C ASN A 124 -2.84 -4.11 -21.94
N SER A 125 -2.33 -2.89 -22.11
CA SER A 125 -3.18 -1.75 -22.45
C SER A 125 -2.40 -0.72 -23.26
N GLN A 126 -2.76 -0.59 -24.54
CA GLN A 126 -2.11 0.35 -25.43
C GLN A 126 -3.13 1.23 -26.15
N VAL A 127 -2.74 2.47 -26.44
CA VAL A 127 -3.61 3.41 -27.12
C VAL A 127 -2.82 4.39 -27.97
N SER A 128 -3.39 4.81 -29.10
CA SER A 128 -2.74 5.75 -29.99
C SER A 128 -2.83 7.17 -29.45
N GLN A 129 -2.40 8.14 -30.25
CA GLN A 129 -2.44 9.54 -29.85
C GLN A 129 -2.26 10.45 -31.07
N ASN A 130 -2.90 11.61 -31.02
CA ASN A 130 -2.81 12.58 -32.11
C ASN A 130 -1.43 13.24 -32.15
N TYR A 131 -1.24 14.14 -33.11
CA TYR A 131 0.03 14.84 -33.25
C TYR A 131 1.18 13.84 -33.41
N 8SP B . 7.64 -21.55 -2.19
P 8SP B . 7.71 -18.28 -5.47
OG 8SP B . 7.93 -19.12 -4.13
C1A 8SP B . 2.57 -20.12 -3.62
O1A 8SP B . 1.87 -20.71 -4.48
C1B 8SP B . 3.58 -14.82 -3.69
O1B 8SP B . 4.08 -14.56 -2.57
CB 8SP B . 8.52 -20.43 -4.21
C1G 8SP B . 3.20 -18.25 -5.16
O1G 8SP B . 3.11 -18.90 -3.88
C2A 8SP B . 2.83 -20.70 -2.28
C2B 8SP B . 3.29 -13.76 -4.68
CA 8SP B . 8.87 -21.03 -2.83
C2G 8SP B . 3.99 -16.91 -5.04
O2G 8SP B . 3.31 -16.12 -4.05
O2P 8SP B . 8.40 -16.99 -5.47
C3A 8SP B . 3.51 -19.74 -1.27
C3B 8SP B . 4.32 -12.62 -4.76
C 8SP B . 9.50 -20.05 -1.91
O 8SP B . 8.96 -19.74 -0.82
OXT 8SP B . 10.70 -19.51 -2.22
C3G 8SP B . 5.49 -17.12 -4.74
O3G 8SP B . 6.13 -18.06 -5.65
O3P 8SP B . 8.20 -19.15 -6.70
C4A 8SP B . 3.41 -20.28 0.19
C4B 8SP B . 3.69 -11.25 -5.12
C5A 8SP B . 4.66 -21.08 0.63
C5B 8SP B . 4.71 -10.07 -5.05
C6A 8SP B . 4.32 -22.53 1.07
C6B 8SP B . 4.10 -8.71 -5.48
C7A 8SP B . 5.12 -22.97 2.33
C7B 8SP B . 5.16 -7.59 -5.56
C8A 8SP B . 4.30 -22.83 3.64
C8B 8SP B . 5.84 -7.29 -4.20
H2 8SP B . 7.09 -20.77 -1.82
HB3 8SP B . 9.46 -20.28 -4.75
HB2 8SP B . 7.95 -21.15 -4.81
H11G 8SP B . 3.71 -18.92 -5.87
H21G 8SP B . 2.19 -18.04 -5.53
H 8SP B . 7.89 -22.18 -1.43
H12A 8SP B . 1.88 -21.04 -1.88
H22A 8SP B . 3.47 -21.57 -2.43
H12B 8SP B . 2.31 -13.34 -4.44
H22B 8SP B . 3.21 -14.25 -5.66
HA 8SP B . 9.54 -21.87 -2.97
H2G 8SP B . 3.90 -16.40 -6.01
H13A 8SP B . 3.04 -18.76 -1.32
H23A 8SP B . 4.56 -19.63 -1.52
H13B 8SP B . 5.06 -12.86 -5.54
H23B 8SP B . 4.84 -12.54 -3.81
H13G 8SP B . 5.97 -16.14 -4.69
H23G 8SP B . 5.59 -17.56 -3.74
H14A 8SP B . 2.53 -20.92 0.27
H24A 8SP B . 3.28 -19.43 0.87
H14B 8SP B . 2.86 -11.04 -4.43
H24B 8SP B . 3.27 -11.30 -6.13
H15A 8SP B . 5.16 -20.56 1.45
H25A 8SP B . 5.36 -21.14 -0.22
H15B 8SP B . 5.56 -10.30 -5.70
H25B 8SP B . 5.08 -10.00 -4.03
H16A 8SP B . 4.54 -23.22 0.26
H26A 8SP B . 3.25 -22.59 1.29
H16B 8SP B . 3.33 -8.43 -4.77
H26B 8SP B . 3.63 -8.83 -6.46
H17A 8SP B . 6.02 -22.36 2.42
H27A 8SP B . 5.43 -24.02 2.22
H17B 8SP B . 4.69 -6.66 -5.92
H27B 8SP B . 5.94 -7.87 -6.28
H18A 8SP B . 4.25 -21.78 3.93
H28A 8SP B . 3.28 -23.21 3.49
H38A 8SP B . 4.78 -23.39 4.45
H18B 8SP B . 5.89 -8.21 -3.61
H28B 8SP B . 6.84 -6.92 -4.36
H38B 8SP B . 5.26 -6.54 -3.65
HNB 8SP B . 7.09 -22.05 -2.89
N GLY A 1 18.13 12.36 -17.91
CA GLY A 1 17.64 13.28 -16.91
C GLY A 1 18.19 13.00 -15.53
N ALA A 2 17.85 13.85 -14.57
CA ALA A 2 18.32 13.68 -13.20
C ALA A 2 17.94 12.30 -12.65
N ARG A 3 18.38 12.02 -11.43
CA ARG A 3 18.09 10.74 -10.80
C ARG A 3 16.62 10.63 -10.42
N ALA A 4 16.14 9.41 -10.27
CA ALA A 4 14.74 9.18 -9.91
C ALA A 4 14.37 9.92 -8.62
N SER A 5 13.09 10.20 -8.46
CA SER A 5 12.61 10.91 -7.28
C SER A 5 11.40 10.20 -6.67
N VAL A 6 11.63 9.54 -5.53
CA VAL A 6 10.56 8.82 -4.84
C VAL A 6 9.72 9.76 -3.99
N LEU A 7 10.34 10.35 -2.97
CA LEU A 7 9.65 11.27 -2.08
C LEU A 7 10.27 12.67 -2.16
N SER A 8 9.47 13.64 -2.58
CA SER A 8 9.93 15.02 -2.70
C SER A 8 10.26 15.61 -1.33
N GLY A 9 10.55 16.90 -1.31
CA GLY A 9 10.87 17.55 -0.05
C GLY A 9 9.79 17.37 1.00
N GLY A 10 8.54 17.64 0.63
CA GLY A 10 7.45 17.49 1.55
C GLY A 10 7.21 16.04 1.94
N GLU A 11 7.21 15.15 0.95
CA GLU A 11 6.99 13.74 1.19
C GLU A 11 8.09 13.16 2.07
N LEU A 12 9.27 13.75 1.98
CA LEU A 12 10.42 13.30 2.78
C LEU A 12 10.21 13.57 4.26
N ASP A 13 9.91 14.82 4.58
CA ASP A 13 9.68 15.23 5.97
C ASP A 13 8.65 14.31 6.62
N LYS A 14 7.51 14.14 5.95
CA LYS A 14 6.44 13.29 6.47
C LYS A 14 6.88 11.84 6.55
N TRP A 15 7.61 11.39 5.53
CA TRP A 15 8.09 10.01 5.48
C TRP A 15 8.90 9.68 6.73
N GLU A 16 9.92 10.49 7.00
CA GLU A 16 10.77 10.28 8.16
C GLU A 16 9.96 10.33 9.46
N LYS A 17 8.84 11.05 9.41
CA LYS A 17 7.97 11.18 10.57
C LYS A 17 7.18 9.90 10.81
N ILE A 18 6.57 9.37 9.75
CA ILE A 18 5.79 8.16 9.85
C ILE A 18 6.59 7.05 10.51
N ARG A 19 5.92 6.28 11.39
CA ARG A 19 6.58 5.18 12.09
C ARG A 19 6.32 3.86 11.38
N LEU A 20 7.16 2.87 11.67
CA LEU A 20 7.03 1.55 11.06
C LEU A 20 5.90 0.76 11.69
N ARG A 21 5.58 1.08 12.94
CA ARG A 21 4.51 0.40 13.67
C ARG A 21 3.69 1.40 14.47
N PRO A 22 2.46 0.99 14.83
CA PRO A 22 1.55 1.83 15.61
C PRO A 22 2.00 2.02 17.05
N GLY A 23 2.62 0.98 17.61
CA GLY A 23 3.11 1.06 18.97
C GLY A 23 4.62 1.02 19.05
N GLY A 24 5.27 1.35 17.94
CA GLY A 24 6.72 1.35 17.91
C GLY A 24 7.31 2.75 17.94
N LYS A 25 8.63 2.84 18.00
CA LYS A 25 9.31 4.13 18.04
C LYS A 25 10.18 4.32 16.81
N LYS A 26 10.62 3.21 16.22
CA LYS A 26 11.45 3.25 15.03
C LYS A 26 10.73 3.96 13.88
N GLN A 27 11.18 5.17 13.57
CA GLN A 27 10.58 5.95 12.49
C GLN A 27 11.01 5.41 11.13
N TYR A 28 10.41 5.95 10.08
CA TYR A 28 10.72 5.53 8.71
C TYR A 28 11.98 6.22 8.20
N LYS A 29 12.70 5.54 7.31
CA LYS A 29 13.92 6.08 6.73
C LYS A 29 14.16 5.52 5.35
N LEU A 30 15.13 6.09 4.64
CA LEU A 30 15.48 5.65 3.29
C LEU A 30 15.79 4.16 3.27
N LYS A 31 16.25 3.65 4.41
CA LYS A 31 16.59 2.23 4.53
C LYS A 31 15.43 1.36 4.07
N HIS A 32 14.21 1.86 4.24
CA HIS A 32 13.01 1.13 3.85
C HIS A 32 12.68 1.38 2.38
N ILE A 33 12.97 2.54 1.83
CA ILE A 33 12.69 2.83 0.43
C ILE A 33 13.66 2.10 -0.49
N VAL A 34 14.92 2.02 -0.07
CA VAL A 34 15.94 1.34 -0.85
C VAL A 34 15.76 -0.17 -0.82
N TRP A 35 15.36 -0.68 0.35
CA TRP A 35 15.16 -2.12 0.52
C TRP A 35 14.03 -2.61 -0.39
N ALA A 36 12.88 -1.95 -0.33
CA ALA A 36 11.74 -2.32 -1.14
C ALA A 36 12.06 -2.23 -2.63
N SER A 37 13.04 -1.39 -2.96
CA SER A 37 13.45 -1.21 -4.35
C SER A 37 14.13 -2.46 -4.88
N ARG A 38 15.02 -3.03 -4.07
CA ARG A 38 15.74 -4.24 -4.46
C ARG A 38 14.83 -5.46 -4.42
N GLU A 39 13.89 -5.46 -3.47
CA GLU A 39 12.96 -6.58 -3.32
C GLU A 39 11.89 -6.53 -4.40
N LEU A 40 11.61 -5.33 -4.91
CA LEU A 40 10.61 -5.15 -5.95
C LEU A 40 11.09 -5.71 -7.28
N GLU A 41 12.26 -5.28 -7.71
CA GLU A 41 12.84 -5.75 -8.97
C GLU A 41 12.92 -7.27 -9.00
N ARG A 42 13.02 -7.87 -7.82
CA ARG A 42 13.11 -9.33 -7.71
C ARG A 42 11.79 -9.98 -8.11
N PHE A 43 10.69 -9.26 -7.92
CA PHE A 43 9.37 -9.77 -8.26
C PHE A 43 8.94 -9.29 -9.63
N ALA A 44 9.92 -9.04 -10.50
CA ALA A 44 9.64 -8.58 -11.86
C ALA A 44 8.97 -7.21 -11.84
N VAL A 45 9.14 -6.48 -10.74
CA VAL A 45 8.55 -5.15 -10.60
C VAL A 45 9.62 -4.09 -10.42
N ASN A 46 9.73 -3.20 -11.40
CA ASN A 46 10.72 -2.12 -11.36
C ASN A 46 10.48 -1.20 -10.17
N PRO A 47 11.57 -0.70 -9.58
CA PRO A 47 11.50 0.20 -8.43
C PRO A 47 10.93 1.57 -8.79
N GLY A 48 10.86 1.84 -10.09
CA GLY A 48 10.34 3.12 -10.55
C GLY A 48 8.87 3.31 -10.22
N LEU A 49 8.20 2.22 -9.88
CA LEU A 49 6.79 2.26 -9.54
C LEU A 49 6.58 2.85 -8.15
N LEU A 50 7.62 2.77 -7.32
CA LEU A 50 7.55 3.30 -5.96
C LEU A 50 7.36 4.82 -5.97
N GLU A 51 7.78 5.45 -7.06
CA GLU A 51 7.66 6.90 -7.20
C GLU A 51 6.45 7.25 -8.06
N THR A 52 5.46 6.36 -8.10
CA THR A 52 4.26 6.58 -8.88
C THR A 52 3.02 6.23 -8.08
N SER A 53 2.10 7.18 -7.94
CA SER A 53 0.86 6.97 -7.20
C SER A 53 0.08 5.81 -7.79
N GLU A 54 0.33 5.51 -9.06
CA GLU A 54 -0.37 4.42 -9.74
C GLU A 54 0.33 3.09 -9.47
N GLY A 55 1.64 3.06 -9.63
CA GLY A 55 2.40 1.85 -9.41
C GLY A 55 2.15 1.25 -8.03
N CYS A 56 2.24 2.09 -7.01
CA CYS A 56 2.01 1.65 -5.63
C CYS A 56 0.69 0.90 -5.51
N ARG A 57 -0.36 1.48 -6.10
CA ARG A 57 -1.69 0.87 -6.05
C ARG A 57 -1.66 -0.53 -6.65
N GLN A 58 -0.86 -0.72 -7.69
CA GLN A 58 -0.76 -2.01 -8.35
C GLN A 58 0.07 -2.98 -7.51
N ILE A 59 1.20 -2.51 -7.01
CA ILE A 59 2.08 -3.34 -6.20
C ILE A 59 1.33 -3.89 -4.99
N LEU A 60 0.45 -3.07 -4.41
CA LEU A 60 -0.33 -3.48 -3.25
C LEU A 60 -1.41 -4.48 -3.65
N GLY A 61 -1.84 -4.42 -4.90
CA GLY A 61 -2.87 -5.32 -5.38
C GLY A 61 -2.39 -6.76 -5.45
N GLN A 62 -1.12 -6.94 -5.76
CA GLN A 62 -0.53 -8.27 -5.85
C GLN A 62 -0.17 -8.81 -4.47
N LEU A 63 0.09 -7.90 -3.54
CA LEU A 63 0.45 -8.29 -2.18
C LEU A 63 -0.79 -8.47 -1.32
N GLN A 64 -1.87 -7.79 -1.69
CA GLN A 64 -3.13 -7.89 -0.95
C GLN A 64 -3.54 -9.35 -0.77
N PRO A 65 -3.77 -10.04 -1.89
CA PRO A 65 -4.17 -11.46 -1.88
C PRO A 65 -3.05 -12.38 -1.42
N SER A 66 -1.83 -11.86 -1.44
CA SER A 66 -0.66 -12.64 -1.04
C SER A 66 -0.50 -12.61 0.47
N LEU A 67 -0.99 -11.55 1.10
CA LEU A 67 -0.89 -11.41 2.56
C LEU A 67 -1.43 -12.64 3.26
N GLN A 68 -2.43 -13.29 2.66
CA GLN A 68 -3.03 -14.48 3.23
C GLN A 68 -1.96 -15.52 3.57
N THR A 69 -1.07 -15.78 2.61
CA THR A 69 0.00 -16.75 2.80
C THR A 69 1.37 -16.11 2.56
N GLY A 70 1.53 -14.88 3.03
CA GLY A 70 2.79 -14.18 2.86
C GLY A 70 3.70 -14.33 4.06
N SER A 71 4.99 -14.13 3.84
CA SER A 71 5.97 -14.24 4.92
C SER A 71 6.42 -12.87 5.40
N GLU A 72 7.43 -12.84 6.26
CA GLU A 72 7.96 -11.59 6.80
C GLU A 72 8.42 -10.68 5.68
N GLU A 73 8.81 -11.27 4.55
CA GLU A 73 9.28 -10.50 3.41
C GLU A 73 8.13 -9.71 2.77
N LEU A 74 7.05 -10.41 2.45
CA LEU A 74 5.88 -9.78 1.84
C LEU A 74 5.25 -8.78 2.79
N ARG A 75 5.17 -9.14 4.06
CA ARG A 75 4.58 -8.27 5.07
C ARG A 75 5.29 -6.92 5.10
N SER A 76 6.62 -6.96 5.21
CA SER A 76 7.42 -5.73 5.24
C SER A 76 7.12 -4.85 4.03
N LEU A 77 6.97 -5.48 2.87
CA LEU A 77 6.69 -4.76 1.64
C LEU A 77 5.36 -4.00 1.74
N TYR A 78 4.29 -4.74 2.03
CA TYR A 78 2.97 -4.14 2.16
C TYR A 78 3.00 -2.97 3.13
N ASN A 79 3.89 -3.04 4.11
CA ASN A 79 4.01 -1.99 5.12
C ASN A 79 4.63 -0.73 4.52
N THR A 80 5.79 -0.88 3.90
CA THR A 80 6.49 0.24 3.28
C THR A 80 5.68 0.80 2.11
N ILE A 81 5.33 -0.06 1.18
CA ILE A 81 4.56 0.35 0.01
C ILE A 81 3.28 1.08 0.42
N ALA A 82 2.78 0.77 1.61
CA ALA A 82 1.57 1.38 2.12
C ALA A 82 1.84 2.84 2.52
N VAL A 83 2.72 3.03 3.49
CA VAL A 83 3.07 4.37 3.96
C VAL A 83 3.44 5.29 2.80
N LEU A 84 4.19 4.74 1.84
CA LEU A 84 4.61 5.51 0.67
C LEU A 84 3.41 5.88 -0.19
N TYR A 85 2.61 4.89 -0.53
CA TYR A 85 1.42 5.11 -1.36
C TYR A 85 0.56 6.23 -0.79
N CYS A 86 0.25 6.14 0.50
CA CYS A 86 -0.57 7.15 1.16
C CYS A 86 -0.01 8.54 0.93
N VAL A 87 1.31 8.63 0.76
CA VAL A 87 1.97 9.91 0.53
C VAL A 87 1.75 10.39 -0.89
N HIS A 88 1.78 9.46 -1.84
CA HIS A 88 1.57 9.79 -3.26
C HIS A 88 0.09 10.01 -3.55
N GLN A 89 -0.82 9.65 -2.65
CA GLN A 89 -2.24 9.85 -2.88
C GLN A 89 -2.76 11.09 -2.15
N ARG A 90 -2.87 10.99 -0.84
CA ARG A 90 -3.35 12.10 -0.03
C ARG A 90 -3.34 11.74 1.45
N ILE A 91 -3.65 10.48 1.75
CA ILE A 91 -3.68 10.01 3.13
C ILE A 91 -2.37 10.36 3.86
N ASP A 92 -2.51 11.01 5.01
CA ASP A 92 -1.34 11.40 5.79
C ASP A 92 -1.33 10.67 7.14
N VAL A 93 -1.15 9.36 7.09
CA VAL A 93 -1.12 8.54 8.29
C VAL A 93 0.11 8.86 9.14
N LYS A 94 0.13 8.33 10.36
CA LYS A 94 1.25 8.55 11.26
C LYS A 94 2.09 7.28 11.41
N ASP A 95 1.45 6.14 11.21
CA ASP A 95 2.14 4.85 11.33
C ASP A 95 1.69 3.90 10.22
N THR A 96 2.47 2.85 9.99
CA THR A 96 2.15 1.87 8.97
C THR A 96 0.78 1.26 9.20
N LYS A 97 0.36 1.19 10.46
CA LYS A 97 -0.94 0.64 10.81
C LYS A 97 -2.07 1.46 10.21
N GLU A 98 -2.08 2.76 10.51
CA GLU A 98 -3.10 3.65 9.99
C GLU A 98 -3.19 3.56 8.47
N ALA A 99 -2.05 3.36 7.83
CA ALA A 99 -1.99 3.25 6.38
C ALA A 99 -2.70 1.99 5.90
N LEU A 100 -2.69 0.96 6.74
CA LEU A 100 -3.34 -0.30 6.40
C LEU A 100 -4.85 -0.23 6.57
N ASP A 101 -5.28 0.40 7.67
CA ASP A 101 -6.71 0.55 7.95
C ASP A 101 -7.39 1.38 6.86
N LYS A 102 -6.69 2.41 6.40
CA LYS A 102 -7.24 3.28 5.35
C LYS A 102 -7.39 2.52 4.04
N ILE A 103 -6.30 1.91 3.58
CA ILE A 103 -6.33 1.14 2.34
C ILE A 103 -7.31 -0.02 2.42
N GLU A 104 -7.50 -0.54 3.63
CA GLU A 104 -8.41 -1.65 3.85
C GLU A 104 -9.85 -1.17 3.94
N GLU A 105 -10.03 0.07 4.37
CA GLU A 105 -11.36 0.66 4.51
C GLU A 105 -11.93 1.00 3.14
N GLU A 106 -11.14 1.68 2.32
CA GLU A 106 -11.59 2.06 0.98
C GLU A 106 -12.01 0.84 0.17
N GLN A 107 -11.34 -0.29 0.41
CA GLN A 107 -11.65 -1.52 -0.30
C GLN A 107 -12.87 -2.21 0.32
N ASN A 108 -13.02 -2.07 1.63
CA ASN A 108 -14.14 -2.67 2.34
C ASN A 108 -15.47 -2.21 1.75
N LYS A 109 -15.61 -0.90 1.59
CA LYS A 109 -16.83 -0.31 1.03
C LYS A 109 -17.10 -0.85 -0.37
N SER A 110 -16.07 -0.89 -1.19
CA SER A 110 -16.19 -1.38 -2.57
C SER A 110 -16.69 -2.81 -2.58
N LYS A 111 -16.35 -3.56 -1.54
CA LYS A 111 -16.77 -4.96 -1.43
C LYS A 111 -18.19 -5.06 -0.87
N LYS A 112 -18.48 -4.22 0.11
CA LYS A 112 -19.80 -4.21 0.74
C LYS A 112 -20.87 -3.73 -0.23
N LYS A 113 -20.48 -2.81 -1.12
CA LYS A 113 -21.41 -2.27 -2.11
C LYS A 113 -21.77 -3.32 -3.15
N ALA A 114 -20.85 -4.26 -3.38
CA ALA A 114 -21.07 -5.32 -4.35
C ALA A 114 -21.41 -6.64 -3.65
N GLN A 115 -21.93 -6.54 -2.44
CA GLN A 115 -22.29 -7.72 -1.66
C GLN A 115 -23.80 -7.88 -1.56
N GLN A 116 -24.50 -6.75 -1.45
CA GLN A 116 -25.95 -6.76 -1.35
C GLN A 116 -26.59 -7.32 -2.61
N ALA A 117 -25.92 -7.09 -3.74
CA ALA A 117 -26.43 -7.58 -5.03
C ALA A 117 -26.71 -9.08 -4.97
N ALA A 118 -25.81 -9.82 -4.34
CA ALA A 118 -25.96 -11.27 -4.22
C ALA A 118 -26.64 -11.63 -2.91
N ALA A 119 -27.82 -11.06 -2.68
CA ALA A 119 -28.57 -11.33 -1.45
C ALA A 119 -30.05 -11.05 -1.64
N ASP A 120 -30.53 -11.23 -2.87
CA ASP A 120 -31.94 -10.98 -3.19
C ASP A 120 -32.59 -12.25 -3.74
N THR A 121 -32.15 -12.65 -4.93
CA THR A 121 -32.70 -13.84 -5.58
C THR A 121 -34.22 -13.79 -5.64
N GLY A 122 -34.83 -14.90 -6.03
CA GLY A 122 -36.28 -14.95 -6.12
C GLY A 122 -36.96 -14.55 -4.83
N ASN A 123 -36.53 -15.16 -3.72
CA ASN A 123 -37.11 -14.86 -2.42
C ASN A 123 -36.11 -14.11 -1.54
N ASN A 124 -36.57 -13.03 -0.92
CA ASN A 124 -35.72 -12.22 -0.06
C ASN A 124 -35.88 -12.63 1.40
N SER A 125 -37.10 -12.99 1.77
CA SER A 125 -37.39 -13.41 3.14
C SER A 125 -36.76 -14.77 3.44
N GLN A 126 -35.77 -14.78 4.33
CA GLN A 126 -35.09 -16.01 4.71
C GLN A 126 -34.76 -16.02 6.19
N VAL A 127 -35.37 -16.95 6.92
CA VAL A 127 -35.13 -17.07 8.35
C VAL A 127 -34.43 -18.37 8.69
N SER A 128 -33.53 -18.32 9.68
CA SER A 128 -32.79 -19.50 10.10
C SER A 128 -32.04 -19.24 11.40
N GLN A 129 -32.61 -19.69 12.51
CA GLN A 129 -31.99 -19.50 13.81
C GLN A 129 -32.39 -20.62 14.78
N ASN A 130 -31.97 -20.49 16.03
CA ASN A 130 -32.29 -21.48 17.05
C ASN A 130 -33.74 -21.35 17.50
N TYR A 131 -34.22 -22.34 18.25
CA TYR A 131 -35.59 -22.33 18.75
C TYR A 131 -36.58 -22.15 17.60
N 8SP B . 4.67 -22.05 -11.04
P 8SP B . 1.36 -19.22 -9.65
OG 8SP B . 2.50 -19.63 -10.68
C1A 8SP B . 0.10 -16.34 -5.90
O1A 8SP B . 1.11 -15.68 -5.55
C1B 8SP B . 2.80 -13.90 -8.21
O1B 8SP B . 3.26 -13.58 -9.33
CB 8SP B . 3.84 -19.88 -10.19
C1G 8SP B . -0.34 -15.70 -8.27
O1G 8SP B . -0.11 -16.63 -7.22
C2A 8SP B . -0.89 -16.85 -4.93
C2B 8SP B . 3.15 -13.16 -6.98
CA 8SP B . 4.75 -20.59 -11.23
C2G 8SP B . 0.96 -15.41 -9.05
O2G 8SP B . 1.92 -14.95 -8.09
O2P 8SP B . 0.02 -19.17 -10.25
C3A 8SP B . -1.01 -18.40 -4.83
C3B 8SP B . 4.01 -11.88 -7.19
C 8SP B . 6.16 -20.17 -11.14
O 8SP B . 6.97 -20.42 -12.06
OXT 8SP B . 6.61 -19.47 -10.07
C3G 8SP B . 1.46 -16.63 -9.87
O3G 8SP B . 1.75 -17.78 -9.04
O3P 8SP B . 1.37 -20.26 -8.45
C4A 8SP B . 0.08 -19.01 -3.90
C4B 8SP B . 3.62 -10.72 -6.22
C5A 8SP B . -0.53 -19.67 -2.63
C5B 8SP B . 4.26 -9.37 -6.63
C6A 8SP B . -0.61 -21.22 -2.74
C6B 8SP B . 5.15 -8.76 -5.51
C7A 8SP B . -2.07 -21.73 -2.83
C7B 8SP B . 4.81 -7.28 -5.22
C8A 8SP B . -2.37 -22.52 -4.13
C8B 8SP B . 5.77 -6.63 -4.19
H2 8SP B . 5.42 -22.35 -10.42
HB3 8SP B . 3.71 -20.56 -9.34
HB2 8SP B . 4.34 -19.00 -9.78
H11G 8SP B . -1.09 -16.12 -8.96
H21G 8SP B . -0.75 -14.77 -7.86
H 8SP B . 4.76 -22.51 -11.94
H12A 8SP B . -0.64 -16.44 -3.94
H22A 8SP B . -1.86 -16.44 -5.22
H12B 8SP B . 3.68 -13.84 -6.30
H22B 8SP B . 2.21 -12.87 -6.49
HA 8SP B . 4.37 -20.36 -12.23
H2G 8SP B . 0.75 -14.59 -9.75
H13A 8SP B . -0.90 -18.82 -5.83
H23A 8SP B . -2.00 -18.66 -4.44
H13B 8SP B . 3.88 -11.53 -8.22
H23B 8SP B . 5.06 -12.13 -7.05
H13G 8SP B . 0.76 -16.81 -10.68
H23G 8SP B . 2.40 -16.35 -10.35
H14A 8SP B . 0.76 -18.21 -3.59
H24A 8SP B . 0.65 -19.76 -4.44
H14B 8SP B . 3.93 -10.98 -5.21
H24B 8SP B . 2.53 -10.61 -6.22
H15A 8SP B . -1.54 -19.27 -2.47
H25A 8SP B . 0.08 -19.41 -1.76
H15B 8SP B . 3.46 -8.65 -6.87
H25B 8SP B . 4.86 -9.52 -7.53
H16A 8SP B . -0.13 -21.65 -1.87
H26A 8SP B . -0.07 -21.54 -3.64
H16B 8SP B . 6.20 -8.83 -5.82
H26B 8SP B . 5.03 -9.34 -4.60
H17A 8SP B . -2.76 -20.88 -2.77
H27A 8SP B . -2.28 -22.39 -1.98
H17B 8SP B . 3.79 -7.21 -4.83
H27B 8SP B . 4.86 -6.70 -6.15
H18A 8SP B . -1.55 -23.22 -4.32
H28A 8SP B . -3.29 -23.07 -4.05
H38A 8SP B . -2.43 -21.82 -4.98
H18B 8SP B . 5.70 -7.14 -3.23
H28B 8SP B . 6.80 -6.70 -4.54
H38B 8SP B . 5.52 -5.58 -4.05
HNB 8SP B . 3.76 -22.28 -10.63
N GLY A 1 21.04 5.61 -10.79
CA GLY A 1 21.71 5.91 -9.54
C GLY A 1 21.57 7.36 -9.14
N ALA A 2 20.86 7.59 -8.02
CA ALA A 2 20.64 8.95 -7.52
C ALA A 2 20.04 9.84 -8.60
N ARG A 3 19.20 9.25 -9.45
CA ARG A 3 18.56 9.99 -10.53
C ARG A 3 17.04 9.95 -10.39
N ALA A 4 16.52 8.75 -10.13
CA ALA A 4 15.08 8.57 -9.98
C ALA A 4 14.68 8.58 -8.51
N SER A 5 14.19 9.73 -8.06
CA SER A 5 13.76 9.88 -6.67
C SER A 5 12.33 9.40 -6.48
N VAL A 6 11.98 9.04 -5.24
CA VAL A 6 10.64 8.56 -4.93
C VAL A 6 9.83 9.63 -4.21
N LEU A 7 10.20 9.92 -2.97
CA LEU A 7 9.50 10.92 -2.17
C LEU A 7 10.16 12.29 -2.33
N SER A 8 9.35 13.28 -2.69
CA SER A 8 9.85 14.65 -2.88
C SER A 8 10.20 15.29 -1.53
N GLY A 9 10.54 16.57 -1.57
CA GLY A 9 10.91 17.27 -0.35
C GLY A 9 9.80 17.21 0.70
N GLY A 10 8.59 17.56 0.29
CA GLY A 10 7.47 17.53 1.22
C GLY A 10 7.14 16.14 1.70
N GLU A 11 7.13 15.18 0.78
CA GLU A 11 6.83 13.79 1.11
C GLU A 11 7.89 13.22 2.05
N LEU A 12 9.13 13.67 1.87
CA LEU A 12 10.24 13.20 2.69
C LEU A 12 10.04 13.58 4.16
N ASP A 13 9.62 14.82 4.38
CA ASP A 13 9.38 15.32 5.73
C ASP A 13 8.41 14.41 6.48
N LYS A 14 7.24 14.19 5.88
CA LYS A 14 6.23 13.34 6.49
C LYS A 14 6.71 11.90 6.60
N TRP A 15 7.39 11.43 5.56
CA TRP A 15 7.92 10.07 5.52
C TRP A 15 8.75 9.78 6.77
N GLU A 16 9.73 10.64 7.03
CA GLU A 16 10.60 10.48 8.19
C GLU A 16 9.80 10.50 9.49
N LYS A 17 8.65 11.17 9.44
CA LYS A 17 7.79 11.26 10.62
C LYS A 17 7.04 9.95 10.85
N ILE A 18 6.42 9.45 9.80
CA ILE A 18 5.67 8.19 9.88
C ILE A 18 6.51 7.09 10.52
N ARG A 19 5.88 6.28 11.35
CA ARG A 19 6.57 5.18 12.02
C ARG A 19 6.20 3.84 11.40
N LEU A 20 7.06 2.85 11.57
CA LEU A 20 6.81 1.52 11.02
C LEU A 20 5.73 0.80 11.81
N ARG A 21 5.67 1.07 13.10
CA ARG A 21 4.67 0.44 13.98
C ARG A 21 3.90 1.50 14.76
N PRO A 22 2.71 1.11 15.26
CA PRO A 22 1.85 2.01 16.04
C PRO A 22 2.44 2.32 17.42
N GLY A 23 3.14 1.34 17.99
CA GLY A 23 3.73 1.53 19.29
C GLY A 23 5.21 1.15 19.33
N GLY A 24 5.99 1.76 18.45
CA GLY A 24 7.41 1.46 18.39
C GLY A 24 8.26 2.64 18.84
N LYS A 25 9.57 2.52 18.65
CA LYS A 25 10.50 3.57 19.03
C LYS A 25 11.40 3.95 17.86
N LYS A 26 10.89 3.77 16.64
CA LYS A 26 11.65 4.10 15.44
C LYS A 26 10.73 4.62 14.34
N GLN A 27 11.23 5.56 13.55
CA GLN A 27 10.45 6.14 12.46
C GLN A 27 10.89 5.57 11.11
N TYR A 28 10.31 6.10 10.04
CA TYR A 28 10.64 5.64 8.69
C TYR A 28 11.88 6.36 8.16
N LYS A 29 12.63 5.68 7.30
CA LYS A 29 13.84 6.25 6.72
C LYS A 29 14.08 5.69 5.32
N LEU A 30 15.00 6.32 4.59
CA LEU A 30 15.34 5.86 3.24
C LEU A 30 15.70 4.39 3.23
N LYS A 31 16.21 3.90 4.35
CA LYS A 31 16.60 2.50 4.47
C LYS A 31 15.45 1.58 4.07
N HIS A 32 14.22 2.05 4.27
CA HIS A 32 13.04 1.27 3.92
C HIS A 32 12.67 1.48 2.46
N ILE A 33 12.90 2.65 1.88
CA ILE A 33 12.57 2.90 0.49
C ILE A 33 13.52 2.16 -0.45
N VAL A 34 14.79 2.11 -0.07
CA VAL A 34 15.80 1.44 -0.87
C VAL A 34 15.64 -0.08 -0.80
N TRP A 35 15.29 -0.58 0.38
CA TRP A 35 15.10 -2.01 0.58
C TRP A 35 13.97 -2.54 -0.30
N ALA A 36 12.81 -1.91 -0.21
CA ALA A 36 11.66 -2.31 -1.00
C ALA A 36 12.01 -2.38 -2.50
N SER A 37 12.71 -1.36 -2.98
CA SER A 37 13.10 -1.31 -4.38
C SER A 37 13.82 -2.58 -4.79
N ARG A 38 14.74 -3.04 -3.96
CA ARG A 38 15.50 -4.25 -4.24
C ARG A 38 14.56 -5.45 -4.37
N GLU A 39 13.62 -5.58 -3.45
CA GLU A 39 12.67 -6.68 -3.47
C GLU A 39 11.75 -6.58 -4.68
N LEU A 40 11.38 -5.34 -5.04
CA LEU A 40 10.49 -5.11 -6.17
C LEU A 40 11.04 -5.77 -7.44
N GLU A 41 12.30 -5.45 -7.77
CA GLU A 41 12.94 -6.02 -8.95
C GLU A 41 12.88 -7.55 -8.92
N ARG A 42 12.82 -8.10 -7.72
CA ARG A 42 12.77 -9.55 -7.56
C ARG A 42 11.42 -10.10 -8.02
N PHE A 43 10.38 -9.28 -7.92
CA PHE A 43 9.04 -9.69 -8.33
C PHE A 43 8.73 -9.20 -9.74
N ALA A 44 9.79 -9.00 -10.53
CA ALA A 44 9.62 -8.55 -11.90
C ALA A 44 9.03 -7.15 -11.95
N VAL A 45 9.19 -6.40 -10.86
CA VAL A 45 8.66 -5.04 -10.78
C VAL A 45 9.79 -4.04 -10.58
N ASN A 46 9.78 -2.98 -11.41
CA ASN A 46 10.79 -1.95 -11.33
C ASN A 46 10.58 -1.06 -10.10
N PRO A 47 11.69 -0.65 -9.48
CA PRO A 47 11.66 0.20 -8.29
C PRO A 47 11.18 1.62 -8.60
N GLY A 48 11.06 1.92 -9.89
CA GLY A 48 10.61 3.24 -10.30
C GLY A 48 9.10 3.37 -10.30
N LEU A 49 8.43 2.40 -9.70
CA LEU A 49 6.97 2.42 -9.64
C LEU A 49 6.48 3.00 -8.31
N LEU A 50 7.32 2.89 -7.29
CA LEU A 50 6.99 3.41 -5.97
C LEU A 50 6.88 4.93 -5.99
N GLU A 51 7.58 5.56 -6.93
CA GLU A 51 7.56 7.00 -7.07
C GLU A 51 6.25 7.48 -7.71
N THR A 52 5.44 6.52 -8.15
CA THR A 52 4.16 6.84 -8.78
C THR A 52 2.99 6.28 -7.99
N SER A 53 2.00 7.12 -7.73
CA SER A 53 0.82 6.71 -6.98
C SER A 53 0.16 5.49 -7.61
N GLU A 54 0.36 5.34 -8.92
CA GLU A 54 -0.21 4.22 -9.65
C GLU A 54 0.65 2.97 -9.51
N GLY A 55 1.96 3.15 -9.67
CA GLY A 55 2.88 2.04 -9.56
C GLY A 55 2.70 1.25 -8.27
N CYS A 56 2.50 1.97 -7.18
CA CYS A 56 2.30 1.33 -5.87
C CYS A 56 1.03 0.50 -5.86
N ARG A 57 -0.03 1.04 -6.45
CA ARG A 57 -1.31 0.34 -6.50
C ARG A 57 -1.15 -1.07 -7.07
N GLN A 58 -0.47 -1.16 -8.20
CA GLN A 58 -0.24 -2.45 -8.86
C GLN A 58 0.52 -3.39 -7.93
N ILE A 59 1.45 -2.84 -7.16
CA ILE A 59 2.26 -3.63 -6.23
C ILE A 59 1.40 -4.16 -5.08
N LEU A 60 0.57 -3.29 -4.52
CA LEU A 60 -0.31 -3.67 -3.42
C LEU A 60 -1.39 -4.64 -3.89
N GLY A 61 -1.74 -4.54 -5.17
CA GLY A 61 -2.76 -5.42 -5.71
C GLY A 61 -2.32 -6.87 -5.76
N GLN A 62 -1.03 -7.09 -6.03
CA GLN A 62 -0.49 -8.44 -6.10
C GLN A 62 -0.18 -8.98 -4.71
N LEU A 63 0.23 -8.08 -3.81
CA LEU A 63 0.56 -8.46 -2.45
C LEU A 63 -0.71 -8.65 -1.61
N GLN A 64 -1.77 -7.96 -2.00
CA GLN A 64 -3.05 -8.05 -1.29
C GLN A 64 -3.46 -9.51 -1.11
N PRO A 65 -3.68 -10.20 -2.24
CA PRO A 65 -4.10 -11.60 -2.24
C PRO A 65 -2.97 -12.54 -1.76
N SER A 66 -1.75 -12.02 -1.76
CA SER A 66 -0.60 -12.81 -1.33
C SER A 66 -0.47 -12.81 0.19
N LEU A 67 -0.98 -11.75 0.82
CA LEU A 67 -0.93 -11.61 2.27
C LEU A 67 -1.50 -12.86 2.95
N GLN A 68 -2.45 -13.50 2.29
CA GLN A 68 -3.08 -14.70 2.82
C GLN A 68 -2.04 -15.79 3.09
N THR A 69 -1.19 -16.02 2.11
CA THR A 69 -0.14 -17.03 2.23
C THR A 69 1.25 -16.43 2.04
N GLY A 70 1.46 -15.25 2.63
CA GLY A 70 2.74 -14.58 2.52
C GLY A 70 3.55 -14.69 3.78
N SER A 71 4.86 -14.41 3.67
CA SER A 71 5.75 -14.48 4.82
C SER A 71 6.16 -13.09 5.29
N GLU A 72 7.08 -13.03 6.23
CA GLU A 72 7.55 -11.75 6.77
C GLU A 72 8.00 -10.82 5.64
N GLU A 73 8.63 -11.40 4.61
CA GLU A 73 9.12 -10.63 3.48
C GLU A 73 7.96 -9.90 2.79
N LEU A 74 6.82 -10.58 2.69
CA LEU A 74 5.65 -10.00 2.05
C LEU A 74 4.98 -8.98 2.97
N ARG A 75 5.07 -9.20 4.27
CA ARG A 75 4.48 -8.31 5.26
C ARG A 75 5.20 -6.96 5.26
N SER A 76 6.53 -7.00 5.33
CA SER A 76 7.33 -5.79 5.35
C SER A 76 7.01 -4.90 4.14
N LEU A 77 6.88 -5.54 2.98
CA LEU A 77 6.58 -4.82 1.75
C LEU A 77 5.27 -4.05 1.87
N TYR A 78 4.20 -4.78 2.18
CA TYR A 78 2.87 -4.17 2.32
C TYR A 78 2.93 -3.00 3.30
N ASN A 79 3.83 -3.09 4.27
CA ASN A 79 3.97 -2.03 5.27
C ASN A 79 4.56 -0.77 4.64
N THR A 80 5.75 -0.90 4.07
CA THR A 80 6.42 0.23 3.42
C THR A 80 5.60 0.78 2.27
N ILE A 81 5.23 -0.10 1.34
CA ILE A 81 4.44 0.30 0.18
C ILE A 81 3.18 1.06 0.61
N ALA A 82 2.62 0.66 1.73
CA ALA A 82 1.42 1.30 2.26
C ALA A 82 1.68 2.76 2.62
N VAL A 83 2.58 2.97 3.58
CA VAL A 83 2.92 4.32 4.02
C VAL A 83 3.33 5.19 2.83
N LEU A 84 4.02 4.60 1.87
CA LEU A 84 4.47 5.31 0.69
C LEU A 84 3.28 5.69 -0.19
N TYR A 85 2.49 4.69 -0.56
CA TYR A 85 1.33 4.91 -1.42
C TYR A 85 0.44 6.01 -0.85
N CYS A 86 0.16 5.92 0.45
CA CYS A 86 -0.68 6.91 1.11
C CYS A 86 -0.18 8.33 0.85
N VAL A 87 1.14 8.49 0.91
CA VAL A 87 1.76 9.80 0.67
C VAL A 87 1.38 10.35 -0.70
N HIS A 88 1.36 9.46 -1.70
CA HIS A 88 1.01 9.87 -3.05
C HIS A 88 -0.50 10.02 -3.20
N GLN A 89 -1.32 9.47 -2.32
CA GLN A 89 -2.76 9.60 -2.42
C GLN A 89 -3.27 10.72 -1.52
N ARG A 90 -2.41 11.70 -1.26
CA ARG A 90 -2.77 12.83 -0.41
C ARG A 90 -3.18 12.37 0.98
N ILE A 91 -2.47 11.37 1.49
CA ILE A 91 -2.76 10.83 2.81
C ILE A 91 -1.57 11.02 3.75
N ASP A 92 -1.80 11.68 4.88
CA ASP A 92 -0.75 11.92 5.86
C ASP A 92 -1.00 11.13 7.13
N VAL A 93 -0.55 9.87 7.15
CA VAL A 93 -0.73 9.00 8.30
C VAL A 93 0.38 9.21 9.32
N LYS A 94 0.26 8.55 10.46
CA LYS A 94 1.26 8.65 11.52
C LYS A 94 2.07 7.37 11.64
N ASP A 95 1.43 6.24 11.37
CA ASP A 95 2.09 4.94 11.44
C ASP A 95 1.65 4.05 10.29
N THR A 96 2.33 2.91 10.15
CA THR A 96 2.01 1.96 9.09
C THR A 96 0.63 1.34 9.30
N LYS A 97 0.27 1.10 10.55
CA LYS A 97 -1.01 0.52 10.89
C LYS A 97 -2.16 1.39 10.40
N GLU A 98 -2.16 2.65 10.82
CA GLU A 98 -3.19 3.59 10.42
C GLU A 98 -3.34 3.64 8.90
N ALA A 99 -2.20 3.70 8.21
CA ALA A 99 -2.19 3.75 6.75
C ALA A 99 -2.98 2.58 6.16
N LEU A 100 -2.71 1.38 6.66
CA LEU A 100 -3.40 0.20 6.18
C LEU A 100 -4.92 0.33 6.35
N ASP A 101 -5.34 0.93 7.45
CA ASP A 101 -6.75 1.13 7.73
C ASP A 101 -7.35 2.14 6.77
N LYS A 102 -6.52 3.04 6.26
CA LYS A 102 -6.98 4.06 5.32
C LYS A 102 -7.17 3.47 3.93
N ILE A 103 -6.16 2.74 3.46
CA ILE A 103 -6.22 2.12 2.14
C ILE A 103 -7.33 1.08 2.07
N GLU A 104 -7.57 0.40 3.19
CA GLU A 104 -8.60 -0.62 3.25
C GLU A 104 -9.98 -0.03 2.96
N GLU A 105 -10.18 1.22 3.40
CA GLU A 105 -11.45 1.90 3.19
C GLU A 105 -11.64 2.27 1.73
N GLU A 106 -10.55 2.72 1.09
CA GLU A 106 -10.59 3.11 -0.31
C GLU A 106 -10.89 1.92 -1.20
N GLN A 107 -10.26 0.78 -0.90
CA GLN A 107 -10.45 -0.44 -1.68
C GLN A 107 -11.85 -1.01 -1.45
N ASN A 108 -12.41 -0.73 -0.28
CA ASN A 108 -13.75 -1.21 0.06
C ASN A 108 -14.77 -0.76 -0.97
N LYS A 109 -14.57 0.43 -1.50
CA LYS A 109 -15.48 0.97 -2.51
C LYS A 109 -15.43 0.15 -3.79
N SER A 110 -14.24 -0.33 -4.14
CA SER A 110 -14.07 -1.14 -5.34
C SER A 110 -14.56 -2.56 -5.12
N LYS A 111 -14.25 -3.11 -3.96
CA LYS A 111 -14.66 -4.47 -3.61
C LYS A 111 -16.18 -4.62 -3.72
N LYS A 112 -16.90 -3.55 -3.38
CA LYS A 112 -18.35 -3.57 -3.45
C LYS A 112 -18.83 -3.88 -4.86
N LYS A 113 -18.01 -3.54 -5.85
CA LYS A 113 -18.35 -3.80 -7.25
C LYS A 113 -17.58 -4.99 -7.79
N ALA A 114 -17.38 -5.99 -6.95
CA ALA A 114 -16.65 -7.19 -7.34
C ALA A 114 -17.14 -8.41 -6.55
N GLN A 115 -17.26 -8.25 -5.24
CA GLN A 115 -17.71 -9.33 -4.38
C GLN A 115 -19.04 -9.89 -4.86
N GLN A 116 -19.82 -9.05 -5.52
CA GLN A 116 -21.12 -9.48 -6.04
C GLN A 116 -20.97 -10.66 -6.99
N ALA A 117 -20.18 -10.47 -8.05
CA ALA A 117 -19.96 -11.52 -9.03
C ALA A 117 -19.35 -12.76 -8.37
N ALA A 118 -18.51 -12.55 -7.36
CA ALA A 118 -17.86 -13.65 -6.65
C ALA A 118 -18.79 -14.23 -5.60
N ALA A 119 -19.77 -15.01 -6.04
CA ALA A 119 -20.73 -15.63 -5.12
C ALA A 119 -21.58 -16.67 -5.84
N ASP A 120 -22.32 -16.22 -6.86
CA ASP A 120 -23.17 -17.11 -7.63
C ASP A 120 -22.35 -18.00 -8.55
N THR A 121 -21.83 -19.10 -7.99
CA THR A 121 -21.01 -20.03 -8.76
C THR A 121 -20.94 -21.38 -8.07
N GLY A 122 -21.03 -22.45 -8.86
CA GLY A 122 -20.96 -23.79 -8.32
C GLY A 122 -19.67 -24.06 -7.57
N ASN A 123 -19.79 -24.49 -6.32
CA ASN A 123 -18.63 -24.78 -5.50
C ASN A 123 -18.49 -26.27 -5.25
N ASN A 124 -17.37 -26.67 -4.64
CA ASN A 124 -17.12 -28.07 -4.35
C ASN A 124 -17.46 -28.40 -2.90
N SER A 125 -18.75 -28.65 -2.65
CA SER A 125 -19.21 -28.97 -1.30
C SER A 125 -20.20 -30.14 -1.34
N GLN A 126 -19.73 -31.31 -0.92
CA GLN A 126 -20.57 -32.51 -0.91
C GLN A 126 -20.12 -33.47 0.19
N VAL A 127 -19.69 -32.93 1.32
CA VAL A 127 -19.22 -33.73 2.43
C VAL A 127 -20.16 -33.60 3.64
N SER A 128 -21.45 -33.50 3.36
CA SER A 128 -22.45 -33.36 4.41
C SER A 128 -22.59 -34.66 5.19
N GLN A 129 -23.39 -34.62 6.26
CA GLN A 129 -23.61 -35.79 7.09
C GLN A 129 -25.10 -36.15 7.13
N ASN A 130 -25.39 -37.37 7.57
CA ASN A 130 -26.76 -37.84 7.65
C ASN A 130 -26.94 -38.79 8.83
N TYR A 131 -26.50 -38.37 10.00
CA TYR A 131 -26.60 -39.18 11.20
C TYR A 131 -25.91 -40.52 11.02
N 8SP B . 10.96 -16.90 -5.34
P 8SP B . 7.60 -15.39 -8.26
OG 8SP B . 8.60 -15.62 -7.04
C1A 8SP B . 4.97 -20.43 -5.23
O1A 8SP B . 3.82 -20.76 -4.87
C1B 8SP B . 4.69 -14.83 -4.73
O1B 8SP B . 5.73 -15.19 -4.11
CB 8SP B . 10.02 -15.74 -7.31
C1G 8SP B . 4.50 -17.98 -5.02
O1G 8SP B . 5.33 -19.11 -5.31
C2A 8SP B . 6.01 -21.42 -5.53
C2B 8SP B . 4.11 -13.48 -4.59
CA 8SP B . 10.64 -17.05 -6.77
C2G 8SP B . 4.60 -16.92 -6.14
O2G 8SP B . 4.09 -15.69 -5.61
O2P 8SP B . 7.61 -14.00 -8.75
C3A 8SP B . 6.62 -21.35 -6.96
C3B 8SP B . 4.52 -12.46 -5.69
C 8SP B . 11.86 -17.45 -7.50
O 8SP B . 12.79 -18.05 -6.91
OXT 8SP B . 11.98 -17.21 -8.83
C3G 8SP B . 6.04 -16.79 -6.72
O3G 8SP B . 6.13 -15.78 -7.76
O3P 8SP B . 7.99 -16.38 -9.43
C4A 8SP B . 7.59 -22.52 -7.26
C4B 8SP B . 3.76 -11.11 -5.57
C5A 8SP B . 8.90 -22.43 -6.44
C5B 8SP B . 4.72 -9.89 -5.57
C6A 8SP B . 10.13 -23.05 -7.19
C6B 8SP B . 4.04 -8.58 -6.06
C7A 8SP B . 11.48 -22.67 -6.53
C7B 8SP B . 5.02 -7.38 -6.09
C8A 8SP B . 12.43 -21.94 -7.51
C8B 8SP B . 5.58 -7.01 -4.70
H2 8SP B . 11.19 -15.92 -5.15
HB3 8SP B . 10.48 -14.90 -6.76
HB2 8SP B . 10.29 -15.58 -8.36
H11G 8SP B . 3.46 -18.31 -4.92
H21G 8SP B . 4.81 -17.53 -4.07
H 8SP B . 11.77 -17.48 -5.10
H12A 8SP B . 6.81 -21.32 -4.80
H22A 8SP B . 5.57 -22.41 -5.40
H12B 8SP B . 4.42 -13.08 -3.62
H22B 8SP B . 3.03 -13.59 -4.59
HA 8SP B . 9.89 -17.84 -6.86
H2G 8SP B . 3.94 -17.25 -6.95
H13A 8SP B . 7.15 -20.39 -7.06
H23A 8SP B . 5.81 -21.36 -7.69
H13B 8SP B . 4.28 -12.90 -6.68
H23B 8SP B . 5.59 -12.28 -5.64
H13G 8SP B . 6.73 -16.65 -5.89
H23G 8SP B . 6.31 -17.73 -7.19
H14A 8SP B . 7.85 -22.50 -8.33
H24A 8SP B . 7.10 -23.46 -7.05
H14B 8SP B . 3.18 -11.10 -4.63
H24B 8SP B . 3.06 -11.01 -6.41
H15A 8SP B . 8.76 -22.96 -5.49
H25A 8SP B . 9.12 -21.38 -6.22
H15B 8SP B . 5.58 -10.11 -6.21
H25B 8SP B . 5.09 -9.73 -4.55
H16A 8SP B . 10.12 -22.69 -8.22
H26A 8SP B . 10.02 -24.14 -7.19
H16B 8SP B . 3.20 -8.34 -5.41
H26B 8SP B . 3.65 -8.75 -7.07
H17A 8SP B . 11.97 -23.57 -6.16
H27A 8SP B . 11.30 -22.00 -5.68
H17B 8SP B . 4.51 -6.50 -6.50
H27B 8SP B . 5.86 -7.61 -6.75
H18A 8SP B . 12.85 -22.67 -8.20
H28A 8SP B . 11.89 -21.20 -8.09
H38A 8SP B . 13.25 -21.46 -6.97
H18B 8SP B . 5.84 -7.91 -4.14
H28B 8SP B . 6.47 -6.40 -4.80
H38B 8SP B . 4.83 -6.45 -4.13
HNB 8SP B . 10.15 -17.18 -4.78
N GLY A 1 24.49 11.30 0.04
CA GLY A 1 23.95 10.21 -0.73
C GLY A 1 22.45 10.04 -0.54
N ALA A 2 21.72 11.16 -0.61
CA ALA A 2 20.28 11.13 -0.44
C ALA A 2 19.59 11.92 -1.55
N ARG A 3 19.50 11.32 -2.73
CA ARG A 3 18.85 11.96 -3.87
C ARG A 3 17.35 11.67 -3.89
N ALA A 4 16.59 12.63 -4.39
CA ALA A 4 15.13 12.49 -4.47
C ALA A 4 14.72 11.73 -5.72
N SER A 5 14.36 10.46 -5.55
CA SER A 5 13.94 9.63 -6.67
C SER A 5 12.50 9.14 -6.49
N VAL A 6 12.13 8.89 -5.23
CA VAL A 6 10.79 8.42 -4.92
C VAL A 6 9.97 9.51 -4.25
N LEU A 7 10.35 9.87 -3.02
CA LEU A 7 9.65 10.89 -2.27
C LEU A 7 10.33 12.26 -2.44
N SER A 8 9.53 13.28 -2.74
CA SER A 8 10.07 14.63 -2.93
C SER A 8 10.40 15.27 -1.59
N GLY A 9 10.73 16.56 -1.62
CA GLY A 9 11.07 17.27 -0.41
C GLY A 9 9.96 17.24 0.61
N GLY A 10 8.76 17.64 0.18
CA GLY A 10 7.61 17.66 1.08
C GLY A 10 7.25 16.27 1.57
N GLU A 11 7.28 15.30 0.66
CA GLU A 11 6.94 13.92 1.01
C GLU A 11 7.96 13.34 1.98
N LEU A 12 9.22 13.70 1.79
CA LEU A 12 10.30 13.21 2.65
C LEU A 12 10.06 13.60 4.10
N ASP A 13 9.61 14.82 4.32
CA ASP A 13 9.32 15.31 5.66
C ASP A 13 8.33 14.40 6.37
N LYS A 14 7.17 14.21 5.76
CA LYS A 14 6.14 13.36 6.32
C LYS A 14 6.61 11.92 6.45
N TRP A 15 7.34 11.45 5.44
CA TRP A 15 7.86 10.09 5.44
C TRP A 15 8.68 9.82 6.68
N GLU A 16 9.68 10.67 6.94
CA GLU A 16 10.54 10.52 8.10
C GLU A 16 9.72 10.56 9.39
N LYS A 17 8.57 11.23 9.33
CA LYS A 17 7.69 11.34 10.50
C LYS A 17 6.95 10.04 10.75
N ILE A 18 6.32 9.51 9.70
CA ILE A 18 5.57 8.26 9.81
C ILE A 18 6.43 7.17 10.44
N ARG A 19 5.80 6.35 11.28
CA ARG A 19 6.51 5.26 11.95
C ARG A 19 6.12 3.91 11.34
N LEU A 20 7.00 2.93 11.50
CA LEU A 20 6.76 1.58 10.96
C LEU A 20 5.66 0.88 11.75
N ARG A 21 5.72 0.97 13.07
CA ARG A 21 4.73 0.34 13.94
C ARG A 21 4.08 1.37 14.86
N PRO A 22 2.87 1.03 15.36
CA PRO A 22 2.12 1.91 16.26
C PRO A 22 2.78 2.04 17.63
N GLY A 23 3.36 0.95 18.11
CA GLY A 23 4.01 0.97 19.41
C GLY A 23 5.51 0.79 19.30
N GLY A 24 6.08 1.28 18.20
CA GLY A 24 7.52 1.16 18.00
C GLY A 24 8.28 2.35 18.55
N LYS A 25 9.60 2.32 18.41
CA LYS A 25 10.45 3.40 18.89
C LYS A 25 11.34 3.95 17.79
N LYS A 26 10.89 3.80 16.55
CA LYS A 26 11.64 4.27 15.40
C LYS A 26 10.70 4.73 14.28
N GLN A 27 11.14 5.72 13.51
CA GLN A 27 10.35 6.25 12.42
C GLN A 27 10.79 5.66 11.08
N TYR A 28 10.23 6.17 9.99
CA TYR A 28 10.56 5.69 8.66
C TYR A 28 11.80 6.39 8.13
N LYS A 29 12.55 5.69 7.28
CA LYS A 29 13.76 6.25 6.69
C LYS A 29 14.00 5.69 5.30
N LEU A 30 14.93 6.29 4.56
CA LEU A 30 15.25 5.85 3.21
C LEU A 30 15.59 4.35 3.19
N LYS A 31 16.11 3.87 4.31
CA LYS A 31 16.47 2.46 4.43
C LYS A 31 15.32 1.56 4.01
N HIS A 32 14.09 2.02 4.26
CA HIS A 32 12.89 1.26 3.91
C HIS A 32 12.52 1.48 2.44
N ILE A 33 12.78 2.65 1.87
CA ILE A 33 12.44 2.91 0.48
C ILE A 33 13.37 2.16 -0.46
N VAL A 34 14.65 2.08 -0.08
CA VAL A 34 15.65 1.40 -0.89
C VAL A 34 15.51 -0.11 -0.78
N TRP A 35 15.25 -0.59 0.44
CA TRP A 35 15.08 -2.02 0.68
C TRP A 35 13.99 -2.60 -0.22
N ALA A 36 12.80 -2.01 -0.14
CA ALA A 36 11.68 -2.48 -0.95
C ALA A 36 12.03 -2.49 -2.42
N SER A 37 12.71 -1.43 -2.89
CA SER A 37 13.11 -1.32 -4.29
C SER A 37 13.84 -2.57 -4.74
N ARG A 38 14.77 -3.04 -3.91
CA ARG A 38 15.55 -4.22 -4.23
C ARG A 38 14.67 -5.47 -4.27
N GLU A 39 13.56 -5.43 -3.53
CA GLU A 39 12.64 -6.54 -3.47
C GLU A 39 11.67 -6.51 -4.65
N LEU A 40 11.38 -5.31 -5.13
CA LEU A 40 10.47 -5.12 -6.27
C LEU A 40 11.04 -5.78 -7.53
N GLU A 41 12.29 -5.47 -7.83
CA GLU A 41 12.95 -6.02 -9.01
C GLU A 41 12.89 -7.54 -9.00
N ARG A 42 12.80 -8.12 -7.80
CA ARG A 42 12.74 -9.57 -7.66
C ARG A 42 11.39 -10.10 -8.12
N PHE A 43 10.35 -9.28 -8.00
CA PHE A 43 9.01 -9.67 -8.40
C PHE A 43 8.70 -9.19 -9.81
N ALA A 44 9.75 -9.01 -10.62
CA ALA A 44 9.59 -8.56 -11.99
C ALA A 44 9.01 -7.14 -12.04
N VAL A 45 9.17 -6.41 -10.95
CA VAL A 45 8.66 -5.05 -10.87
C VAL A 45 9.79 -4.04 -10.68
N ASN A 46 9.78 -2.99 -11.51
CA ASN A 46 10.82 -1.97 -11.43
C ASN A 46 10.62 -1.08 -10.20
N PRO A 47 11.73 -0.68 -9.57
CA PRO A 47 11.71 0.17 -8.38
C PRO A 47 11.25 1.58 -8.68
N GLY A 48 11.12 1.89 -9.96
CA GLY A 48 10.69 3.22 -10.37
C GLY A 48 9.17 3.37 -10.37
N LEU A 49 8.49 2.40 -9.77
CA LEU A 49 7.04 2.42 -9.69
C LEU A 49 6.57 3.00 -8.36
N LEU A 50 7.41 2.88 -7.34
CA LEU A 50 7.08 3.38 -6.01
C LEU A 50 6.97 4.90 -6.03
N GLU A 51 7.67 5.53 -6.96
CA GLU A 51 7.66 6.99 -7.08
C GLU A 51 6.36 7.47 -7.72
N THR A 52 5.54 6.52 -8.16
CA THR A 52 4.26 6.84 -8.79
C THR A 52 3.10 6.29 -7.99
N SER A 53 2.10 7.13 -7.74
CA SER A 53 0.93 6.73 -6.97
C SER A 53 0.26 5.51 -7.62
N GLU A 54 0.45 5.36 -8.92
CA GLU A 54 -0.13 4.24 -9.65
C GLU A 54 0.76 3.01 -9.55
N GLY A 55 2.07 3.21 -9.73
CA GLY A 55 3.00 2.11 -9.66
C GLY A 55 2.87 1.31 -8.39
N CYS A 56 2.50 1.98 -7.31
CA CYS A 56 2.33 1.32 -6.01
C CYS A 56 1.06 0.48 -5.99
N ARG A 57 -0.01 1.02 -6.55
CA ARG A 57 -1.29 0.32 -6.60
C ARG A 57 -1.12 -1.07 -7.22
N GLN A 58 -0.32 -1.15 -8.27
CA GLN A 58 -0.08 -2.43 -8.96
C GLN A 58 0.69 -3.38 -8.06
N ILE A 59 1.49 -2.82 -7.16
CA ILE A 59 2.28 -3.64 -6.25
C ILE A 59 1.43 -4.17 -5.10
N LEU A 60 0.59 -3.30 -4.54
CA LEU A 60 -0.28 -3.68 -3.44
C LEU A 60 -1.37 -4.62 -3.91
N GLY A 61 -1.78 -4.47 -5.17
CA GLY A 61 -2.81 -5.32 -5.73
C GLY A 61 -2.39 -6.79 -5.79
N GLN A 62 -1.10 -7.01 -5.93
CA GLN A 62 -0.56 -8.36 -6.02
C GLN A 62 -0.23 -8.91 -4.63
N LEU A 63 0.12 -8.00 -3.72
CA LEU A 63 0.46 -8.39 -2.35
C LEU A 63 -0.80 -8.59 -1.51
N GLN A 64 -1.88 -7.91 -1.90
CA GLN A 64 -3.14 -8.01 -1.17
C GLN A 64 -3.55 -9.48 -1.00
N PRO A 65 -3.76 -10.16 -2.13
CA PRO A 65 -4.16 -11.58 -2.12
C PRO A 65 -3.05 -12.50 -1.66
N SER A 66 -1.82 -11.97 -1.67
CA SER A 66 -0.66 -12.76 -1.25
C SER A 66 -0.51 -12.74 0.28
N LEU A 67 -1.01 -11.68 0.89
CA LEU A 67 -0.94 -11.54 2.35
C LEU A 67 -1.50 -12.78 3.04
N GLN A 68 -2.45 -13.44 2.40
CA GLN A 68 -3.05 -14.64 2.96
C GLN A 68 -1.99 -15.69 3.24
N THR A 69 -1.16 -15.99 2.25
CA THR A 69 -0.11 -16.99 2.40
C THR A 69 1.26 -16.35 2.25
N GLY A 70 1.43 -15.16 2.82
CA GLY A 70 2.70 -14.46 2.73
C GLY A 70 3.55 -14.65 3.98
N SER A 71 4.81 -14.23 3.91
CA SER A 71 5.73 -14.36 5.02
C SER A 71 6.19 -12.99 5.52
N GLU A 72 7.15 -12.99 6.43
CA GLU A 72 7.67 -11.74 6.98
C GLU A 72 8.12 -10.80 5.87
N GLU A 73 8.68 -11.36 4.80
CA GLU A 73 9.15 -10.56 3.67
C GLU A 73 7.99 -9.79 3.05
N LEU A 74 6.92 -10.51 2.70
CA LEU A 74 5.75 -9.90 2.08
C LEU A 74 5.14 -8.85 3.01
N ARG A 75 5.07 -9.17 4.29
CA ARG A 75 4.51 -8.26 5.29
C ARG A 75 5.23 -6.92 5.26
N SER A 76 6.56 -6.97 5.35
CA SER A 76 7.37 -5.76 5.34
C SER A 76 7.06 -4.90 4.12
N LEU A 77 6.89 -5.55 2.98
CA LEU A 77 6.59 -4.85 1.74
C LEU A 77 5.27 -4.09 1.85
N TYR A 78 4.20 -4.81 2.14
CA TYR A 78 2.89 -4.21 2.28
C TYR A 78 2.91 -3.05 3.26
N ASN A 79 3.82 -3.12 4.23
CA ASN A 79 3.96 -2.07 5.23
C ASN A 79 4.55 -0.80 4.63
N THR A 80 5.76 -0.93 4.06
CA THR A 80 6.43 0.20 3.44
C THR A 80 5.63 0.75 2.28
N ILE A 81 5.25 -0.13 1.36
CA ILE A 81 4.47 0.27 0.19
C ILE A 81 3.21 1.03 0.61
N ALA A 82 2.64 0.65 1.74
CA ALA A 82 1.44 1.30 2.25
C ALA A 82 1.71 2.76 2.60
N VAL A 83 2.63 2.98 3.53
CA VAL A 83 2.98 4.33 3.96
C VAL A 83 3.39 5.18 2.77
N LEU A 84 4.11 4.59 1.83
CA LEU A 84 4.56 5.30 0.64
C LEU A 84 3.39 5.71 -0.24
N TYR A 85 2.58 4.73 -0.63
CA TYR A 85 1.41 4.99 -1.46
C TYR A 85 0.54 6.08 -0.86
N CYS A 86 0.28 5.97 0.44
CA CYS A 86 -0.54 6.96 1.14
C CYS A 86 -0.02 8.36 0.90
N VAL A 87 1.29 8.52 0.89
CA VAL A 87 1.92 9.82 0.67
C VAL A 87 1.55 10.38 -0.70
N HIS A 88 1.55 9.51 -1.71
CA HIS A 88 1.21 9.91 -3.07
C HIS A 88 -0.28 10.14 -3.22
N GLN A 89 -1.11 9.65 -2.29
CA GLN A 89 -2.55 9.84 -2.40
C GLN A 89 -3.03 10.96 -1.48
N ARG A 90 -2.13 11.89 -1.18
CA ARG A 90 -2.45 13.01 -0.31
C ARG A 90 -2.96 12.52 1.04
N ILE A 91 -2.52 11.34 1.44
CA ILE A 91 -2.93 10.75 2.71
C ILE A 91 -1.87 10.97 3.78
N ASP A 92 -2.29 11.52 4.92
CA ASP A 92 -1.38 11.77 6.02
C ASP A 92 -1.70 10.88 7.22
N VAL A 93 -0.78 9.96 7.53
CA VAL A 93 -0.97 9.04 8.63
C VAL A 93 0.17 9.16 9.64
N LYS A 94 0.07 8.41 10.74
CA LYS A 94 1.10 8.42 11.77
C LYS A 94 1.94 7.16 11.72
N ASP A 95 1.28 6.01 11.69
CA ASP A 95 1.97 4.73 11.65
C ASP A 95 1.54 3.93 10.41
N THR A 96 2.10 2.73 10.28
CA THR A 96 1.78 1.87 9.15
C THR A 96 0.47 1.13 9.37
N LYS A 97 0.12 0.91 10.64
CA LYS A 97 -1.12 0.23 10.99
C LYS A 97 -2.34 1.01 10.51
N GLU A 98 -2.29 2.33 10.68
CA GLU A 98 -3.38 3.20 10.28
C GLU A 98 -3.41 3.36 8.75
N ALA A 99 -2.25 3.62 8.17
CA ALA A 99 -2.13 3.80 6.73
C ALA A 99 -2.75 2.62 5.99
N LEU A 100 -2.67 1.43 6.59
CA LEU A 100 -3.23 0.23 5.99
C LEU A 100 -4.75 0.21 6.08
N ASP A 101 -5.27 0.77 7.18
CA ASP A 101 -6.71 0.83 7.40
C ASP A 101 -7.38 1.77 6.40
N LYS A 102 -6.75 2.93 6.18
CA LYS A 102 -7.29 3.92 5.25
C LYS A 102 -7.47 3.32 3.87
N ILE A 103 -6.39 2.73 3.34
CA ILE A 103 -6.43 2.12 2.01
C ILE A 103 -7.53 1.07 1.93
N GLU A 104 -7.76 0.38 3.04
CA GLU A 104 -8.78 -0.67 3.09
C GLU A 104 -10.19 -0.05 3.08
N GLU A 105 -10.29 1.18 3.57
CA GLU A 105 -11.57 1.87 3.62
C GLU A 105 -11.89 2.52 2.28
N GLU A 106 -10.87 3.16 1.68
CA GLU A 106 -11.05 3.83 0.40
C GLU A 106 -11.42 2.82 -0.69
N GLN A 107 -10.97 1.58 -0.52
CA GLN A 107 -11.26 0.53 -1.49
C GLN A 107 -12.69 0.02 -1.34
N ASN A 108 -13.17 -0.02 -0.11
CA ASN A 108 -14.52 -0.49 0.17
C ASN A 108 -15.55 0.32 -0.62
N LYS A 109 -15.36 1.63 -0.66
CA LYS A 109 -16.26 2.52 -1.38
C LYS A 109 -16.42 2.07 -2.84
N SER A 110 -15.32 1.59 -3.42
CA SER A 110 -15.35 1.12 -4.80
C SER A 110 -15.98 -0.26 -4.90
N LYS A 111 -15.74 -1.10 -3.91
CA LYS A 111 -16.30 -2.45 -3.87
C LYS A 111 -17.82 -2.41 -3.95
N LYS A 112 -18.42 -1.44 -3.26
CA LYS A 112 -19.87 -1.29 -3.24
C LYS A 112 -20.39 -0.92 -4.63
N LYS A 113 -19.56 -0.23 -5.41
CA LYS A 113 -19.93 0.17 -6.76
C LYS A 113 -19.36 -0.78 -7.80
N ALA A 114 -19.18 -2.04 -7.41
CA ALA A 114 -18.65 -3.05 -8.31
C ALA A 114 -19.77 -3.74 -9.08
N GLN A 115 -20.93 -3.85 -8.46
CA GLN A 115 -22.08 -4.50 -9.10
C GLN A 115 -22.78 -3.53 -10.05
N GLN A 116 -23.42 -2.51 -9.48
CA GLN A 116 -24.13 -1.52 -10.27
C GLN A 116 -25.15 -2.19 -11.20
N ALA A 117 -25.69 -3.31 -10.74
CA ALA A 117 -26.69 -4.06 -11.53
C ALA A 117 -27.20 -5.27 -10.76
N ALA A 118 -26.28 -6.01 -10.14
CA ALA A 118 -26.65 -7.20 -9.38
C ALA A 118 -26.92 -6.84 -7.93
N ALA A 119 -26.32 -5.75 -7.46
CA ALA A 119 -26.49 -5.30 -6.09
C ALA A 119 -27.97 -5.10 -5.76
N ASP A 120 -28.75 -4.74 -6.77
CA ASP A 120 -30.17 -4.51 -6.59
C ASP A 120 -30.83 -5.72 -5.91
N THR A 121 -30.30 -6.90 -6.18
CA THR A 121 -30.84 -8.13 -5.62
C THR A 121 -30.92 -8.04 -4.10
N GLY A 122 -31.75 -8.89 -3.50
CA GLY A 122 -31.91 -8.88 -2.06
C GLY A 122 -30.64 -9.31 -1.33
N ASN A 123 -30.07 -8.40 -0.55
CA ASN A 123 -28.84 -8.69 0.19
C ASN A 123 -29.13 -8.84 1.68
N ASN A 124 -28.08 -8.96 2.48
CA ASN A 124 -28.22 -9.12 3.92
C ASN A 124 -29.09 -8.00 4.50
N SER A 125 -29.62 -8.23 5.69
CA SER A 125 -30.47 -7.25 6.36
C SER A 125 -29.67 -6.00 6.72
N GLN A 126 -30.32 -4.85 6.65
CA GLN A 126 -29.67 -3.58 6.97
C GLN A 126 -29.97 -3.16 8.40
N VAL A 127 -29.16 -3.64 9.34
CA VAL A 127 -29.33 -3.31 10.75
C VAL A 127 -29.35 -1.80 10.97
N SER A 128 -30.06 -1.37 12.01
CA SER A 128 -30.15 0.05 12.32
C SER A 128 -30.78 0.25 13.70
N GLN A 129 -30.75 1.50 14.17
CA GLN A 129 -31.31 1.82 15.48
C GLN A 129 -32.83 1.64 15.48
N ASN A 130 -33.45 1.85 16.64
CA ASN A 130 -34.89 1.71 16.76
C ASN A 130 -35.60 3.03 16.46
N TYR A 131 -35.89 3.26 15.18
CA TYR A 131 -36.57 4.47 14.76
C TYR A 131 -38.06 4.24 14.57
N 8SP B . 4.35 -23.19 -10.12
P 8SP B . 5.41 -19.02 -10.23
OG 8SP B . 5.60 -20.58 -10.01
C1A 8SP B . 9.37 -15.06 -9.25
O1A 8SP B . 9.28 -14.01 -8.57
C1B 8SP B . 5.33 -14.28 -7.38
O1B 8SP B . 4.34 -14.42 -8.13
CB 8SP B . 5.76 -21.44 -11.16
C1G 8SP B . 8.15 -16.71 -7.82
O1G 8SP B . 8.50 -16.10 -9.07
C2A 8SP B . 10.41 -15.23 -10.29
C2B 8SP B . 5.30 -13.38 -6.20
CA 8SP B . 5.63 -22.94 -10.82
C2G 8SP B . 6.67 -16.42 -7.48
O2G 8SP B . 6.47 -15.00 -7.58
O2P 8SP B . 5.77 -18.58 -11.57
C3A 8SP B . 11.77 -15.80 -9.81
C3B 8SP B . 4.04 -12.47 -6.10
C 8SP B . 6.73 -23.45 -9.97
O 8SP B . 7.83 -23.79 -10.47
OXT 8SP B . 6.58 -23.51 -8.63
C3G 8SP B . 5.66 -17.24 -8.33
O3G 8SP B . 6.32 -18.25 -9.15
O3P 8SP B . 3.90 -18.63 -9.92
C4A 8SP B . 12.88 -15.67 -10.87
C4B 8SP B . 4.17 -11.38 -5.00
C5A 8SP B . 13.63 -17.01 -11.13
C5B 8SP B . 4.97 -10.14 -5.48
C6A 8SP B . 14.94 -17.13 -10.32
C6B 8SP B . 4.06 -8.92 -5.79
C7A 8SP B . 15.06 -18.48 -9.57
C7B 8SP B . 4.86 -7.61 -6.01
C8A 8SP B . 15.38 -19.67 -10.51
C8B 8SP B . 5.45 -7.03 -4.71
H2 8SP B . 3.72 -23.73 -10.73
HB3 8SP B . 6.79 -21.26 -11.50
HB2 8SP B . 5.12 -21.19 -12.00
H11G 8SP B . 8.30 -17.79 -7.90
H21G 8SP B . 8.79 -16.33 -7.03
H 8SP B . 3.90 -22.29 -9.89
H12A 8SP B . 10.00 -15.88 -11.07
H22A 8SP B . 10.58 -14.25 -10.73
H12B 8SP B . 6.20 -12.74 -6.24
H22B 8SP B . 5.37 -14.00 -5.31
HA 8SP B . 5.61 -23.51 -11.75
H2G 8SP B . 6.53 -16.71 -6.42
H13A 8SP B . 11.63 -16.86 -9.54
H23A 8SP B . 12.09 -15.27 -8.90
H13B 8SP B . 3.17 -13.09 -5.87
H23B 8SP B . 3.87 -11.99 -7.07
H13G 8SP B . 4.86 -17.61 -7.69
H23G 8SP B . 5.18 -16.56 -9.04
H14A 8SP B . 13.61 -14.92 -10.54
H24A 8SP B . 12.44 -15.32 -11.82
H14B 8SP B . 4.67 -11.81 -4.13
H24B 8SP B . 3.17 -11.06 -4.69
H15A 8SP B . 13.85 -17.09 -12.20
H25A 8SP B . 12.97 -17.84 -10.86
H15B 8SP B . 5.53 -10.39 -6.38
H25B 8SP B . 5.69 -9.86 -4.71
H16A 8SP B . 14.98 -16.31 -9.59
H26A 8SP B . 15.79 -17.03 -11.00
H16B 8SP B . 3.36 -8.76 -4.96
H26B 8SP B . 3.48 -9.14 -6.69
H17A 8SP B . 14.12 -18.70 -9.05
H27A 8SP B . 15.86 -18.41 -8.82
H17B 8SP B . 4.21 -6.86 -6.47
H27B 8SP B . 5.68 -7.81 -6.70
H18A 8SP B . 16.00 -20.39 -9.99
H28A 8SP B . 14.45 -20.16 -10.82
H38A 8SP B . 15.90 -19.31 -11.40
H18B 8SP B . 6.07 -6.17 -4.92
H28B 8SP B . 4.63 -6.72 -4.05
H38B 8SP B . 6.04 -7.78 -4.19
HNB 8SP B . 4.52 -23.71 -9.27
N GLY A 1 16.51 7.95 -14.87
CA GLY A 1 16.84 9.31 -15.26
C GLY A 1 18.15 9.79 -14.65
N ALA A 2 18.07 10.40 -13.47
CA ALA A 2 19.26 10.90 -12.78
C ALA A 2 19.26 10.46 -11.33
N ARG A 3 18.27 10.90 -10.57
CA ARG A 3 18.17 10.55 -9.16
C ARG A 3 16.79 10.00 -8.83
N ALA A 4 16.71 9.18 -7.78
CA ALA A 4 15.45 8.59 -7.36
C ALA A 4 14.54 9.62 -6.72
N SER A 5 13.42 9.91 -7.37
CA SER A 5 12.46 10.89 -6.86
C SER A 5 11.24 10.20 -6.26
N VAL A 6 11.46 9.42 -5.21
CA VAL A 6 10.38 8.70 -4.56
C VAL A 6 9.53 9.65 -3.70
N LEU A 7 10.20 10.43 -2.86
CA LEU A 7 9.51 11.37 -1.98
C LEU A 7 10.13 12.77 -2.10
N SER A 8 9.28 13.77 -2.31
CA SER A 8 9.75 15.15 -2.43
C SER A 8 10.08 15.74 -1.06
N GLY A 9 10.36 17.03 -1.03
CA GLY A 9 10.69 17.70 0.21
C GLY A 9 9.63 17.49 1.28
N GLY A 10 8.38 17.75 0.92
CA GLY A 10 7.29 17.59 1.86
C GLY A 10 7.07 16.14 2.25
N GLU A 11 7.04 15.26 1.24
CA GLU A 11 6.83 13.84 1.48
C GLU A 11 7.94 13.26 2.35
N LEU A 12 9.12 13.83 2.23
CA LEU A 12 10.27 13.38 3.00
C LEU A 12 10.05 13.59 4.49
N ASP A 13 9.71 14.82 4.87
CA ASP A 13 9.47 15.15 6.27
C ASP A 13 8.46 14.18 6.88
N LYS A 14 7.32 14.02 6.22
CA LYS A 14 6.27 13.13 6.70
C LYS A 14 6.76 11.68 6.72
N TRP A 15 7.51 11.30 5.71
CA TRP A 15 8.04 9.94 5.61
C TRP A 15 8.86 9.59 6.85
N GLU A 16 9.88 10.41 7.13
CA GLU A 16 10.73 10.18 8.29
C GLU A 16 9.91 10.18 9.59
N LYS A 17 8.78 10.88 9.56
CA LYS A 17 7.90 10.96 10.72
C LYS A 17 7.12 9.66 10.90
N ILE A 18 6.52 9.18 9.82
CA ILE A 18 5.74 7.95 9.86
C ILE A 18 6.54 6.82 10.50
N ARG A 19 5.86 6.01 11.33
CA ARG A 19 6.51 4.89 12.00
C ARG A 19 6.24 3.59 11.26
N LEU A 20 7.10 2.61 11.48
CA LEU A 20 6.96 1.30 10.84
C LEU A 20 5.76 0.54 11.41
N ARG A 21 5.40 0.86 12.64
CA ARG A 21 4.27 0.20 13.30
C ARG A 21 3.50 1.19 14.18
N PRO A 22 2.25 0.85 14.48
CA PRO A 22 1.39 1.69 15.33
C PRO A 22 1.84 1.72 16.78
N GLY A 23 2.39 0.61 17.25
CA GLY A 23 2.86 0.53 18.61
C GLY A 23 4.38 0.43 18.71
N GLY A 24 5.07 1.14 17.82
CA GLY A 24 6.51 1.11 17.82
C GLY A 24 7.12 2.50 17.81
N LYS A 25 8.45 2.57 17.87
CA LYS A 25 9.15 3.85 17.87
C LYS A 25 10.02 3.99 16.63
N LYS A 26 10.43 2.87 16.07
CA LYS A 26 11.28 2.87 14.88
C LYS A 26 10.60 3.63 13.74
N GLN A 27 11.07 4.84 13.48
CA GLN A 27 10.52 5.67 12.42
C GLN A 27 10.96 5.17 11.05
N TYR A 28 10.41 5.77 10.00
CA TYR A 28 10.73 5.38 8.64
C TYR A 28 11.98 6.11 8.14
N LYS A 29 12.72 5.47 7.25
CA LYS A 29 13.93 6.06 6.69
C LYS A 29 14.21 5.52 5.29
N LEU A 30 15.16 6.13 4.60
CA LEU A 30 15.53 5.72 3.25
C LEU A 30 15.88 4.25 3.22
N LYS A 31 16.35 3.72 4.35
CA LYS A 31 16.73 2.31 4.45
C LYS A 31 15.60 1.41 3.96
N HIS A 32 14.37 1.88 4.13
CA HIS A 32 13.19 1.12 3.70
C HIS A 32 12.87 1.38 2.23
N ILE A 33 13.14 2.57 1.71
CA ILE A 33 12.85 2.87 0.32
C ILE A 33 13.84 2.19 -0.61
N VAL A 34 15.10 2.11 -0.18
CA VAL A 34 16.15 1.48 -0.96
C VAL A 34 15.98 -0.03 -0.98
N TRP A 35 15.57 -0.59 0.15
CA TRP A 35 15.36 -2.03 0.28
C TRP A 35 14.24 -2.50 -0.65
N ALA A 36 13.07 -1.88 -0.50
CA ALA A 36 11.92 -2.24 -1.32
C ALA A 36 12.27 -2.23 -2.81
N SER A 37 13.09 -1.26 -3.21
CA SER A 37 13.51 -1.15 -4.60
C SER A 37 14.18 -2.44 -5.08
N ARG A 38 14.99 -3.03 -4.21
CA ARG A 38 15.69 -4.26 -4.54
C ARG A 38 14.73 -5.45 -4.57
N GLU A 39 14.04 -5.68 -3.46
CA GLU A 39 13.09 -6.78 -3.36
C GLU A 39 12.06 -6.70 -4.48
N LEU A 40 11.73 -5.48 -4.89
CA LEU A 40 10.75 -5.27 -5.96
C LEU A 40 11.18 -5.97 -7.23
N GLU A 41 12.36 -5.61 -7.73
CA GLU A 41 12.88 -6.20 -8.96
C GLU A 41 12.91 -7.72 -8.85
N ARG A 42 13.03 -8.22 -7.63
CA ARG A 42 13.08 -9.66 -7.40
C ARG A 42 11.74 -10.32 -7.74
N PHE A 43 10.66 -9.55 -7.57
CA PHE A 43 9.33 -10.04 -7.86
C PHE A 43 8.88 -9.65 -9.26
N ALA A 44 9.85 -9.46 -10.15
CA ALA A 44 9.57 -9.08 -11.53
C ALA A 44 8.90 -7.71 -11.59
N VAL A 45 9.08 -6.91 -10.53
CA VAL A 45 8.49 -5.59 -10.47
C VAL A 45 9.57 -4.51 -10.40
N ASN A 46 9.54 -3.59 -11.36
CA ASN A 46 10.52 -2.50 -11.40
C ASN A 46 10.41 -1.61 -10.17
N PRO A 47 11.56 -1.12 -9.69
CA PRO A 47 11.63 -0.25 -8.51
C PRO A 47 11.02 1.13 -8.78
N GLY A 48 10.71 1.40 -10.04
CA GLY A 48 10.13 2.68 -10.40
C GLY A 48 8.64 2.74 -10.15
N LEU A 49 8.12 1.74 -9.45
CA LEU A 49 6.70 1.67 -9.14
C LEU A 49 6.43 2.12 -7.70
N LEU A 50 7.33 2.96 -7.17
CA LEU A 50 7.20 3.46 -5.81
C LEU A 50 7.02 4.97 -5.80
N GLU A 51 7.49 5.63 -6.86
CA GLU A 51 7.38 7.07 -6.98
C GLU A 51 6.17 7.46 -7.83
N THR A 52 5.20 6.55 -7.90
CA THR A 52 4.00 6.80 -8.68
C THR A 52 2.75 6.39 -7.90
N SER A 53 1.80 7.31 -7.78
CA SER A 53 0.57 7.06 -7.04
C SER A 53 -0.16 5.84 -7.63
N GLU A 54 0.09 5.56 -8.89
CA GLU A 54 -0.52 4.42 -9.56
C GLU A 54 0.22 3.13 -9.25
N GLY A 55 1.52 3.13 -9.53
CA GLY A 55 2.32 1.94 -9.27
C GLY A 55 2.21 1.46 -7.84
N CYS A 56 2.40 2.38 -6.89
CA CYS A 56 2.31 2.05 -5.48
C CYS A 56 1.01 1.33 -5.16
N ARG A 57 -0.05 1.67 -5.90
CA ARG A 57 -1.36 1.07 -5.70
C ARG A 57 -1.39 -0.35 -6.26
N GLN A 58 -0.91 -0.52 -7.49
CA GLN A 58 -0.89 -1.82 -8.14
C GLN A 58 -0.14 -2.84 -7.28
N ILE A 59 0.99 -2.42 -6.73
CA ILE A 59 1.81 -3.29 -5.89
C ILE A 59 0.99 -3.84 -4.73
N LEU A 60 0.12 -3.01 -4.17
CA LEU A 60 -0.72 -3.42 -3.05
C LEU A 60 -1.78 -4.41 -3.50
N GLY A 61 -2.14 -4.37 -4.78
CA GLY A 61 -3.12 -5.28 -5.31
C GLY A 61 -2.64 -6.71 -5.35
N GLN A 62 -1.37 -6.89 -5.72
CA GLN A 62 -0.78 -8.22 -5.81
C GLN A 62 -0.37 -8.72 -4.43
N LEU A 63 0.09 -7.81 -3.59
CA LEU A 63 0.52 -8.16 -2.23
C LEU A 63 -0.69 -8.37 -1.32
N GLN A 64 -1.80 -7.73 -1.66
CA GLN A 64 -3.02 -7.85 -0.87
C GLN A 64 -3.38 -9.32 -0.64
N PRO A 65 -3.64 -10.04 -1.75
CA PRO A 65 -4.00 -11.46 -1.69
C PRO A 65 -2.83 -12.34 -1.27
N SER A 66 -1.63 -11.79 -1.35
CA SER A 66 -0.42 -12.52 -0.98
C SER A 66 -0.19 -12.47 0.53
N LEU A 67 -0.70 -11.41 1.16
CA LEU A 67 -0.55 -11.24 2.59
C LEU A 67 -1.01 -12.48 3.35
N GLN A 68 -2.04 -13.13 2.83
CA GLN A 68 -2.59 -14.33 3.44
C GLN A 68 -1.50 -15.39 3.63
N THR A 69 -0.81 -15.71 2.54
CA THR A 69 0.26 -16.71 2.57
C THR A 69 1.62 -16.05 2.36
N GLY A 70 1.81 -14.88 2.94
CA GLY A 70 3.07 -14.17 2.80
C GLY A 70 3.99 -14.38 4.00
N SER A 71 5.24 -14.00 3.84
CA SER A 71 6.23 -14.15 4.92
C SER A 71 6.67 -12.78 5.44
N GLU A 72 7.69 -12.79 6.29
CA GLU A 72 8.21 -11.56 6.86
C GLU A 72 8.60 -10.57 5.76
N GLU A 73 8.97 -11.10 4.61
CA GLU A 73 9.37 -10.27 3.48
C GLU A 73 8.18 -9.51 2.91
N LEU A 74 7.09 -10.22 2.66
CA LEU A 74 5.87 -9.61 2.14
C LEU A 74 5.36 -8.51 3.06
N ARG A 75 5.57 -8.70 4.36
CA ARG A 75 5.13 -7.72 5.35
C ARG A 75 5.83 -6.38 5.13
N SER A 76 7.15 -6.40 5.19
CA SER A 76 7.95 -5.19 5.01
C SER A 76 7.55 -4.46 3.73
N LEU A 77 7.19 -5.24 2.71
CA LEU A 77 6.79 -4.67 1.42
C LEU A 77 5.45 -3.94 1.55
N TYR A 78 4.39 -4.69 1.81
CA TYR A 78 3.05 -4.11 1.94
C TYR A 78 3.06 -2.97 2.95
N ASN A 79 3.95 -3.07 3.93
CA ASN A 79 4.06 -2.04 4.97
C ASN A 79 4.67 -0.77 4.41
N THR A 80 5.81 -0.91 3.72
CA THR A 80 6.50 0.23 3.14
C THR A 80 5.69 0.83 1.99
N ILE A 81 5.35 0.00 1.01
CA ILE A 81 4.59 0.46 -0.14
C ILE A 81 3.31 1.18 0.30
N ALA A 82 2.79 0.78 1.46
CA ALA A 82 1.58 1.39 1.99
C ALA A 82 1.84 2.83 2.42
N VAL A 83 2.74 3.00 3.37
CA VAL A 83 3.08 4.34 3.87
C VAL A 83 3.43 5.28 2.73
N LEU A 84 4.11 4.75 1.72
CA LEU A 84 4.52 5.55 0.56
C LEU A 84 3.30 5.87 -0.32
N TYR A 85 2.48 4.86 -0.58
CA TYR A 85 1.30 5.03 -1.40
C TYR A 85 0.42 6.16 -0.87
N CYS A 86 0.09 6.09 0.40
CA CYS A 86 -0.75 7.11 1.04
C CYS A 86 -0.18 8.50 0.79
N VAL A 87 1.14 8.62 0.88
CA VAL A 87 1.81 9.90 0.67
C VAL A 87 1.51 10.46 -0.71
N HIS A 88 1.54 9.58 -1.72
CA HIS A 88 1.27 9.98 -3.09
C HIS A 88 -0.23 10.13 -3.32
N GLN A 89 -1.09 9.61 -2.46
CA GLN A 89 -2.53 9.73 -2.64
C GLN A 89 -3.09 10.88 -1.82
N ARG A 90 -2.24 11.86 -1.53
CA ARG A 90 -2.65 13.02 -0.75
C ARG A 90 -3.16 12.59 0.63
N ILE A 91 -2.53 11.57 1.19
CA ILE A 91 -2.92 11.07 2.51
C ILE A 91 -1.82 11.31 3.53
N ASP A 92 -2.21 11.72 4.74
CA ASP A 92 -1.25 11.98 5.80
C ASP A 92 -1.51 11.07 7.00
N VAL A 93 -0.73 10.00 7.11
CA VAL A 93 -0.87 9.05 8.19
C VAL A 93 0.27 9.18 9.20
N LYS A 94 0.16 8.45 10.30
CA LYS A 94 1.19 8.50 11.35
C LYS A 94 1.97 7.19 11.38
N ASP A 95 1.30 6.08 11.09
CA ASP A 95 1.94 4.77 11.09
C ASP A 95 1.45 3.93 9.91
N THR A 96 2.15 2.83 9.65
CA THR A 96 1.80 1.94 8.55
C THR A 96 0.43 1.30 8.77
N LYS A 97 0.06 1.14 10.05
CA LYS A 97 -1.22 0.54 10.40
C LYS A 97 -2.37 1.36 9.85
N GLU A 98 -2.32 2.68 10.09
CA GLU A 98 -3.37 3.58 9.61
C GLU A 98 -3.46 3.55 8.09
N ALA A 99 -2.31 3.63 7.43
CA ALA A 99 -2.27 3.61 5.97
C ALA A 99 -3.02 2.40 5.41
N LEU A 100 -2.83 1.25 6.04
CA LEU A 100 -3.48 0.02 5.61
C LEU A 100 -5.00 0.16 5.68
N ASP A 101 -5.48 0.90 6.68
CA ASP A 101 -6.91 1.11 6.85
C ASP A 101 -7.47 1.98 5.74
N LYS A 102 -6.76 3.07 5.43
CA LYS A 102 -7.18 3.99 4.38
C LYS A 102 -7.34 3.26 3.05
N ILE A 103 -6.49 2.27 2.82
CA ILE A 103 -6.54 1.48 1.59
C ILE A 103 -7.65 0.45 1.64
N GLU A 104 -7.66 -0.36 2.70
CA GLU A 104 -8.68 -1.38 2.87
C GLU A 104 -10.08 -0.78 2.80
N GLU A 105 -10.20 0.46 3.24
CA GLU A 105 -11.49 1.15 3.24
C GLU A 105 -11.92 1.49 1.81
N GLU A 106 -10.96 1.92 1.00
CA GLU A 106 -11.23 2.28 -0.39
C GLU A 106 -11.43 1.03 -1.25
N GLN A 107 -10.75 -0.04 -0.87
CA GLN A 107 -10.85 -1.29 -1.61
C GLN A 107 -12.25 -1.89 -1.51
N ASN A 108 -12.84 -1.79 -0.31
CA ASN A 108 -14.18 -2.31 -0.08
C ASN A 108 -15.17 -1.74 -1.09
N LYS A 109 -14.99 -0.46 -1.43
CA LYS A 109 -15.86 0.21 -2.39
C LYS A 109 -15.66 -0.35 -3.79
N SER A 110 -14.41 -0.54 -4.18
CA SER A 110 -14.08 -1.07 -5.50
C SER A 110 -14.67 -2.47 -5.68
N LYS A 111 -14.81 -3.19 -4.57
CA LYS A 111 -15.35 -4.55 -4.61
C LYS A 111 -16.85 -4.52 -4.89
N LYS A 112 -17.51 -3.44 -4.46
CA LYS A 112 -18.95 -3.30 -4.67
C LYS A 112 -19.25 -2.82 -6.08
N LYS A 113 -18.49 -1.84 -6.55
CA LYS A 113 -18.67 -1.30 -7.89
C LYS A 113 -18.62 -2.40 -8.94
N ALA A 114 -17.68 -3.33 -8.76
CA ALA A 114 -17.53 -4.44 -9.70
C ALA A 114 -18.79 -5.28 -9.75
N GLN A 115 -19.50 -5.36 -8.63
CA GLN A 115 -20.73 -6.14 -8.56
C GLN A 115 -21.95 -5.21 -8.50
N GLN A 116 -21.81 -4.02 -9.07
CA GLN A 116 -22.90 -3.05 -9.07
C GLN A 116 -23.66 -3.11 -10.39
N ALA A 117 -22.99 -3.53 -11.44
CA ALA A 117 -23.60 -3.63 -12.77
C ALA A 117 -24.47 -4.89 -12.86
N ALA A 118 -24.09 -5.92 -12.12
CA ALA A 118 -24.83 -7.18 -12.14
C ALA A 118 -25.96 -7.16 -11.10
N ALA A 119 -25.63 -6.75 -9.88
CA ALA A 119 -26.61 -6.69 -8.81
C ALA A 119 -27.43 -5.40 -8.88
N ASP A 120 -28.29 -5.32 -9.88
CA ASP A 120 -29.14 -4.15 -10.08
C ASP A 120 -30.08 -4.34 -11.26
N THR A 121 -29.57 -4.96 -12.32
CA THR A 121 -30.35 -5.20 -13.52
C THR A 121 -31.02 -3.92 -14.01
N GLY A 122 -31.91 -4.04 -14.98
CA GLY A 122 -32.61 -2.89 -15.52
C GLY A 122 -33.76 -2.44 -14.64
N ASN A 123 -33.92 -1.13 -14.52
CA ASN A 123 -34.98 -0.57 -13.69
C ASN A 123 -35.23 0.91 -14.04
N ASN A 124 -36.34 1.44 -13.55
CA ASN A 124 -36.68 2.84 -13.81
C ASN A 124 -36.03 3.76 -12.79
N SER A 125 -35.49 4.87 -13.27
CA SER A 125 -34.83 5.84 -12.40
C SER A 125 -35.83 6.88 -11.90
N GLN A 126 -35.34 7.78 -11.04
CA GLN A 126 -36.19 8.83 -10.48
C GLN A 126 -36.66 9.79 -11.57
N VAL A 127 -37.89 10.28 -11.44
CA VAL A 127 -38.45 11.20 -12.41
C VAL A 127 -37.52 12.40 -12.63
N SER A 128 -37.31 12.75 -13.89
CA SER A 128 -36.44 13.88 -14.23
C SER A 128 -37.03 15.19 -13.73
N GLN A 129 -36.27 16.26 -13.86
CA GLN A 129 -36.72 17.57 -13.43
C GLN A 129 -35.99 18.68 -14.18
N ASN A 130 -36.52 19.90 -14.10
CA ASN A 130 -35.94 21.04 -14.78
C ASN A 130 -36.25 22.34 -14.06
N TYR A 131 -35.83 23.47 -14.63
CA TYR A 131 -36.07 24.77 -14.03
C TYR A 131 -35.51 24.83 -12.61
N 8SP B . 8.64 -11.57 -16.37
P 8SP B . 6.74 -14.52 -13.32
OG 8SP B . 6.27 -14.01 -14.76
C1A 8SP B . 2.58 -15.63 -13.35
O1A 8SP B . 3.67 -15.88 -13.93
C1B 8SP B . 4.08 -11.97 -8.73
O1B 8SP B . 3.80 -10.87 -9.26
CB 8SP B . 6.79 -12.75 -15.25
C1G 8SP B . 3.03 -14.59 -11.11
O1G 8SP B . 2.50 -14.62 -12.45
C2A 8SP B . 1.35 -16.40 -13.63
C2B 8SP B . 4.51 -12.08 -7.32
CA 8SP B . 8.22 -12.87 -15.83
C2G 8SP B . 3.85 -13.30 -10.87
O2G 8SP B . 3.94 -13.13 -9.45
O2P 8SP B . 7.33 -15.86 -13.35
C3A 8SP B . 1.51 -17.63 -14.55
C3B 8SP B . 3.41 -11.77 -6.26
C 8SP B . 8.34 -13.88 -16.89
O 8SP B . 8.92 -14.97 -16.69
OXT 8SP B . 7.77 -13.68 -18.10
C3G 8SP B . 5.23 -13.32 -11.57
O3G 8SP B . 5.45 -14.52 -12.35
O3P 8SP B . 7.78 -13.49 -12.72
C4A 8SP B . 0.97 -17.38 -15.98
C4B 8SP B . 3.68 -10.46 -5.49
C5A 8SP B . 1.74 -18.18 -17.06
C5B 8SP B . 3.89 -9.24 -6.41
C6A 8SP B . 2.71 -17.29 -17.89
C6B 8SP B . 3.88 -7.88 -5.64
C7A 8SP B . 3.97 -16.88 -17.10
C7B 8SP B . 5.17 -7.05 -5.90
C8A 8SP B . 4.98 -16.08 -17.95
C8B 8SP B . 5.91 -6.66 -4.60
H2 8SP B . 9.61 -11.38 -16.09
HB3 8SP B . 6.83 -12.11 -14.36
HB2 8SP B . 6.13 -12.24 -15.96
H11G 8SP B . 2.21 -14.65 -10.41
H21G 8SP B . 3.68 -15.47 -10.97
H 8SP B . 8.03 -10.83 -16.00
H12A 8SP B . 0.93 -16.72 -12.67
H22A 8SP B . 0.63 -15.71 -14.09
H12B 8SP B . 5.35 -11.40 -7.18
H22B 8SP B . 4.87 -13.10 -7.18
HA 8SP B . 8.90 -13.13 -15.01
H2G 8SP B . 3.27 -12.47 -11.28
H13A 8SP B . 0.98 -18.48 -14.11
H23A 8SP B . 2.58 -17.89 -14.62
H13B 8SP B . 3.37 -12.60 -5.55
H23B 8SP B . 2.45 -11.70 -6.78
H13G 8SP B . 5.35 -12.39 -12.12
H23G 8SP B . 6.01 -13.31 -10.81
H14A 8SP B . 1.05 -16.31 -16.20
H24A 8SP B . -0.08 -17.66 -16.02
H14B 8SP B . 4.57 -10.59 -4.85
H24B 8SP B . 2.83 -10.26 -4.82
H15A 8SP B . 1.02 -18.66 -17.74
H25A 8SP B . 2.33 -18.98 -16.58
H15B 8SP B . 3.09 -9.21 -7.16
H25B 8SP B . 4.84 -9.35 -6.93
H16A 8SP B . 2.17 -16.39 -18.21
H26A 8SP B . 3.01 -17.83 -18.79
H16B 8SP B . 3.80 -8.08 -4.57
H26B 8SP B . 3.01 -7.30 -5.96
H17A 8SP B . 4.47 -17.78 -16.71
H27A 8SP B . 3.68 -16.27 -16.25
H17B 8SP B . 4.91 -6.13 -6.43
H27B 8SP B . 5.85 -7.62 -6.53
H18A 8SP B . 5.92 -16.62 -18.02
H28A 8SP B . 4.59 -15.93 -18.96
H38A 8SP B . 5.17 -15.10 -17.50
H18B 8SP B . 6.88 -6.23 -4.83
H28B 8SP B . 5.32 -5.92 -4.05
H38B 8SP B . 6.05 -7.54 -3.97
HNB 8SP B . 8.58 -11.59 -17.39
N GLY A 1 15.22 19.72 -11.88
CA GLY A 1 14.14 19.14 -11.11
C GLY A 1 14.57 17.91 -10.33
N ALA A 2 14.34 16.73 -10.91
CA ALA A 2 14.72 15.49 -10.25
C ALA A 2 14.51 14.30 -11.19
N ARG A 3 15.12 13.17 -10.85
CA ARG A 3 15.01 11.97 -11.66
C ARG A 3 15.51 10.74 -10.89
N ALA A 4 14.99 9.57 -11.25
CA ALA A 4 15.40 8.33 -10.60
C ALA A 4 15.16 8.39 -9.10
N SER A 5 14.20 9.22 -8.69
CA SER A 5 13.87 9.38 -7.28
C SER A 5 12.42 8.99 -7.00
N VAL A 6 12.11 8.78 -5.73
CA VAL A 6 10.76 8.40 -5.34
C VAL A 6 10.06 9.54 -4.59
N LEU A 7 10.54 9.83 -3.38
CA LEU A 7 9.97 10.89 -2.56
C LEU A 7 10.81 12.17 -2.66
N SER A 8 10.16 13.26 -3.06
CA SER A 8 10.85 14.53 -3.20
C SER A 8 11.20 15.12 -1.84
N GLY A 9 11.71 16.35 -1.83
CA GLY A 9 12.07 17.00 -0.59
C GLY A 9 10.91 17.08 0.38
N GLY A 10 9.77 17.57 -0.10
CA GLY A 10 8.60 17.69 0.76
C GLY A 10 8.13 16.35 1.29
N GLU A 11 8.00 15.38 0.39
CA GLU A 11 7.55 14.04 0.77
C GLU A 11 8.52 13.40 1.77
N LEU A 12 9.82 13.53 1.48
CA LEU A 12 10.84 12.97 2.37
C LEU A 12 10.65 13.44 3.80
N ASP A 13 10.19 14.68 3.96
CA ASP A 13 9.97 15.24 5.28
C ASP A 13 8.93 14.43 6.05
N LYS A 14 7.73 14.33 5.50
CA LYS A 14 6.66 13.57 6.14
C LYS A 14 7.03 12.10 6.27
N TRP A 15 7.67 11.56 5.24
CA TRP A 15 8.09 10.17 5.23
C TRP A 15 8.89 9.84 6.49
N GLU A 16 9.88 10.67 6.79
CA GLU A 16 10.72 10.46 7.97
C GLU A 16 9.89 10.54 9.25
N LYS A 17 8.78 11.28 9.19
CA LYS A 17 7.90 11.44 10.34
C LYS A 17 7.07 10.19 10.56
N ILE A 18 6.50 9.66 9.48
CA ILE A 18 5.67 8.47 9.56
C ILE A 18 6.40 7.34 10.29
N ARG A 19 5.68 6.66 11.18
CA ARG A 19 6.27 5.56 11.93
C ARG A 19 5.95 4.22 11.29
N LEU A 20 6.72 3.20 11.64
CA LEU A 20 6.52 1.86 11.09
C LEU A 20 5.39 1.14 11.80
N ARG A 21 5.43 1.14 13.13
CA ARG A 21 4.40 0.49 13.92
C ARG A 21 3.49 1.52 14.59
N PRO A 22 2.28 1.07 14.97
CA PRO A 22 1.30 1.95 15.63
C PRO A 22 1.71 2.33 17.03
N GLY A 23 2.39 1.42 17.73
CA GLY A 23 2.83 1.68 19.08
C GLY A 23 4.31 1.39 19.27
N GLY A 24 5.16 2.14 18.57
CA GLY A 24 6.59 1.93 18.68
C GLY A 24 7.35 3.24 18.86
N LYS A 25 8.67 3.16 18.83
CA LYS A 25 9.52 4.34 18.99
C LYS A 25 10.47 4.48 17.81
N LYS A 26 10.06 3.96 16.66
CA LYS A 26 10.88 4.05 15.45
C LYS A 26 10.14 4.78 14.34
N GLN A 27 10.90 5.43 13.46
CA GLN A 27 10.31 6.18 12.36
C GLN A 27 10.76 5.62 11.02
N TYR A 28 10.19 6.14 9.93
CA TYR A 28 10.53 5.67 8.59
C TYR A 28 11.81 6.34 8.10
N LYS A 29 12.54 5.64 7.24
CA LYS A 29 13.79 6.16 6.69
C LYS A 29 14.04 5.59 5.30
N LEU A 30 15.01 6.17 4.59
CA LEU A 30 15.35 5.72 3.24
C LEU A 30 15.66 4.23 3.23
N LYS A 31 16.12 3.71 4.37
CA LYS A 31 16.45 2.30 4.49
C LYS A 31 15.28 1.43 4.03
N HIS A 32 14.06 1.93 4.23
CA HIS A 32 12.87 1.20 3.83
C HIS A 32 12.54 1.44 2.36
N ILE A 33 12.81 2.62 1.82
CA ILE A 33 12.52 2.91 0.42
C ILE A 33 13.49 2.18 -0.50
N VAL A 34 14.75 2.09 -0.08
CA VAL A 34 15.78 1.42 -0.86
C VAL A 34 15.64 -0.09 -0.76
N TRP A 35 15.29 -0.57 0.43
CA TRP A 35 15.12 -2.01 0.65
C TRP A 35 13.90 -2.54 -0.09
N ALA A 36 12.84 -1.74 -0.12
CA ALA A 36 11.61 -2.13 -0.81
C ALA A 36 11.84 -2.23 -2.31
N SER A 37 12.63 -1.32 -2.86
CA SER A 37 12.92 -1.30 -4.28
C SER A 37 13.68 -2.56 -4.70
N ARG A 38 14.78 -2.83 -4.01
CA ARG A 38 15.60 -3.99 -4.30
C ARG A 38 14.79 -5.28 -4.19
N GLU A 39 13.96 -5.35 -3.16
CA GLU A 39 13.13 -6.53 -2.94
C GLU A 39 11.98 -6.58 -3.94
N LEU A 40 11.59 -5.42 -4.44
CA LEU A 40 10.51 -5.33 -5.42
C LEU A 40 10.92 -5.95 -6.75
N GLU A 41 12.04 -5.48 -7.30
CA GLU A 41 12.55 -5.99 -8.56
C GLU A 41 12.70 -7.51 -8.51
N ARG A 42 12.93 -8.04 -7.31
CA ARG A 42 13.10 -9.47 -7.13
C ARG A 42 11.80 -10.22 -7.40
N PHE A 43 10.68 -9.55 -7.15
CA PHE A 43 9.36 -10.14 -7.37
C PHE A 43 8.80 -9.76 -8.74
N ALA A 44 9.70 -9.51 -9.68
CA ALA A 44 9.30 -9.13 -11.03
C ALA A 44 8.56 -7.79 -11.04
N VAL A 45 8.78 -7.00 -9.99
CA VAL A 45 8.13 -5.70 -9.87
C VAL A 45 9.16 -4.57 -9.85
N ASN A 46 9.13 -3.74 -10.88
CA ASN A 46 10.06 -2.61 -10.98
C ASN A 46 9.85 -1.63 -9.83
N PRO A 47 10.96 -1.03 -9.36
CA PRO A 47 10.91 -0.06 -8.26
C PRO A 47 10.27 1.25 -8.67
N GLY A 48 10.08 1.43 -9.98
CA GLY A 48 9.47 2.65 -10.49
C GLY A 48 8.02 2.79 -10.07
N LEU A 49 7.46 1.72 -9.53
CA LEU A 49 6.06 1.72 -9.09
C LEU A 49 5.92 2.45 -7.75
N LEU A 50 7.01 2.50 -7.00
CA LEU A 50 7.01 3.17 -5.70
C LEU A 50 7.09 4.69 -5.87
N GLU A 51 7.56 5.12 -7.03
CA GLU A 51 7.68 6.55 -7.31
C GLU A 51 6.47 7.06 -8.08
N THR A 52 5.36 6.34 -7.95
CA THR A 52 4.13 6.72 -8.64
C THR A 52 2.90 6.33 -7.81
N SER A 53 2.12 7.33 -7.42
CA SER A 53 0.92 7.09 -6.63
C SER A 53 -0.06 6.17 -7.37
N GLU A 54 0.10 6.11 -8.69
CA GLU A 54 -0.77 5.26 -9.51
C GLU A 54 -0.18 3.86 -9.66
N GLY A 55 1.07 3.80 -10.13
CA GLY A 55 1.73 2.51 -10.31
C GLY A 55 1.81 1.72 -9.01
N CYS A 56 1.68 2.41 -7.88
CA CYS A 56 1.75 1.77 -6.59
C CYS A 56 0.53 0.87 -6.35
N ARG A 57 -0.64 1.37 -6.73
CA ARG A 57 -1.88 0.61 -6.56
C ARG A 57 -1.75 -0.77 -7.17
N GLN A 58 -0.93 -0.88 -8.21
CA GLN A 58 -0.72 -2.16 -8.89
C GLN A 58 0.01 -3.16 -7.98
N ILE A 59 0.94 -2.64 -7.19
CA ILE A 59 1.71 -3.47 -6.27
C ILE A 59 0.82 -4.06 -5.18
N LEU A 60 0.23 -3.20 -4.37
CA LEU A 60 -0.65 -3.63 -3.29
C LEU A 60 -1.74 -4.56 -3.82
N GLY A 61 -2.11 -4.36 -5.08
CA GLY A 61 -3.14 -5.18 -5.68
C GLY A 61 -2.71 -6.64 -5.82
N GLN A 62 -1.41 -6.86 -5.98
CA GLN A 62 -0.88 -8.20 -6.13
C GLN A 62 -0.30 -8.71 -4.81
N LEU A 63 0.12 -7.78 -3.96
CA LEU A 63 0.69 -8.14 -2.67
C LEU A 63 -0.41 -8.42 -1.65
N GLN A 64 -1.57 -7.82 -1.86
CA GLN A 64 -2.71 -8.01 -0.97
C GLN A 64 -2.98 -9.49 -0.74
N PRO A 65 -3.31 -10.21 -1.83
CA PRO A 65 -3.61 -11.64 -1.77
C PRO A 65 -2.36 -12.47 -1.47
N SER A 66 -1.20 -11.87 -1.65
CA SER A 66 0.07 -12.56 -1.42
C SER A 66 0.44 -12.51 0.07
N LEU A 67 -0.06 -11.49 0.76
CA LEU A 67 0.23 -11.32 2.18
C LEU A 67 -0.10 -12.61 2.94
N GLN A 68 -1.08 -13.35 2.45
CA GLN A 68 -1.49 -14.60 3.09
C GLN A 68 -0.69 -15.78 2.55
N THR A 69 -0.38 -15.75 1.26
CA THR A 69 0.39 -16.81 0.63
C THR A 69 1.77 -16.95 1.26
N GLY A 70 2.54 -15.86 1.24
CA GLY A 70 3.86 -15.90 1.82
C GLY A 70 3.93 -15.19 3.17
N SER A 71 5.14 -14.99 3.68
CA SER A 71 5.32 -14.32 4.96
C SER A 71 6.80 -14.08 5.23
N GLU A 72 7.09 -13.14 6.13
CA GLU A 72 8.47 -12.82 6.49
C GLU A 72 9.29 -12.54 5.24
N GLU A 73 8.65 -12.02 4.21
CA GLU A 73 9.32 -11.71 2.96
C GLU A 73 8.61 -10.57 2.22
N LEU A 74 7.28 -10.61 2.22
CA LEU A 74 6.50 -9.58 1.56
C LEU A 74 5.75 -8.72 2.58
N ARG A 75 5.60 -9.25 3.79
CA ARG A 75 4.91 -8.53 4.85
C ARG A 75 5.49 -7.13 5.02
N SER A 76 6.81 -7.04 5.10
CA SER A 76 7.47 -5.75 5.27
C SER A 76 7.21 -4.85 4.07
N LEU A 77 7.10 -5.45 2.89
CA LEU A 77 6.84 -4.70 1.67
C LEU A 77 5.48 -4.00 1.73
N TYR A 78 4.43 -4.79 1.93
CA TYR A 78 3.08 -4.25 2.01
C TYR A 78 3.01 -3.10 3.01
N ASN A 79 3.85 -3.17 4.04
CA ASN A 79 3.88 -2.13 5.07
C ASN A 79 4.49 -0.85 4.54
N THR A 80 5.65 -0.95 3.90
CA THR A 80 6.33 0.20 3.33
C THR A 80 5.55 0.78 2.16
N ILE A 81 5.27 -0.07 1.17
CA ILE A 81 4.54 0.36 0.00
C ILE A 81 3.24 1.06 0.38
N ALA A 82 2.68 0.67 1.51
CA ALA A 82 1.43 1.26 2.00
C ALA A 82 1.64 2.72 2.40
N VAL A 83 2.61 2.95 3.28
CA VAL A 83 2.91 4.30 3.74
C VAL A 83 3.29 5.21 2.57
N LEU A 84 4.01 4.66 1.61
CA LEU A 84 4.44 5.42 0.44
C LEU A 84 3.24 5.90 -0.36
N TYR A 85 2.39 4.97 -0.77
CA TYR A 85 1.19 5.31 -1.54
C TYR A 85 0.38 6.40 -0.85
N CYS A 86 0.30 6.32 0.47
CA CYS A 86 -0.44 7.30 1.25
C CYS A 86 0.22 8.68 1.17
N VAL A 87 1.54 8.69 1.18
CA VAL A 87 2.29 9.94 1.10
C VAL A 87 2.14 10.59 -0.27
N HIS A 88 2.33 9.80 -1.32
CA HIS A 88 2.20 10.29 -2.69
C HIS A 88 0.85 10.92 -2.92
N GLN A 89 -0.25 10.34 -2.42
CA GLN A 89 -1.58 10.91 -2.62
C GLN A 89 -1.77 12.13 -1.74
N ARG A 90 -1.89 11.91 -0.43
CA ARG A 90 -2.09 13.00 0.52
C ARG A 90 -2.15 12.46 1.95
N ILE A 91 -2.74 11.29 2.10
CA ILE A 91 -2.87 10.68 3.42
C ILE A 91 -1.52 10.62 4.14
N ASP A 92 -1.43 11.31 5.27
CA ASP A 92 -0.21 11.34 6.06
C ASP A 92 -0.37 10.56 7.35
N VAL A 93 -0.67 9.27 7.24
CA VAL A 93 -0.85 8.41 8.40
C VAL A 93 0.33 8.53 9.36
N LYS A 94 0.04 8.44 10.65
CA LYS A 94 1.08 8.53 11.68
C LYS A 94 1.91 7.25 11.73
N ASP A 95 1.30 6.14 11.33
CA ASP A 95 1.97 4.85 11.33
C ASP A 95 1.53 4.01 10.14
N THR A 96 2.23 2.89 9.93
CA THR A 96 1.90 2.00 8.82
C THR A 96 0.52 1.38 9.00
N LYS A 97 0.18 1.05 10.24
CA LYS A 97 -1.12 0.46 10.54
C LYS A 97 -2.26 1.32 10.01
N GLU A 98 -2.22 2.61 10.33
CA GLU A 98 -3.24 3.55 9.87
C GLU A 98 -3.38 3.51 8.35
N ALA A 99 -2.25 3.47 7.67
CA ALA A 99 -2.23 3.43 6.21
C ALA A 99 -2.93 2.18 5.69
N LEU A 100 -2.91 1.11 6.50
CA LEU A 100 -3.54 -0.14 6.12
C LEU A 100 -5.06 -0.06 6.28
N ASP A 101 -5.50 0.44 7.43
CA ASP A 101 -6.93 0.57 7.70
C ASP A 101 -7.59 1.49 6.69
N LYS A 102 -6.82 2.42 6.14
CA LYS A 102 -7.33 3.36 5.15
C LYS A 102 -7.48 2.70 3.79
N ILE A 103 -6.36 2.26 3.22
CA ILE A 103 -6.38 1.61 1.91
C ILE A 103 -7.33 0.41 1.91
N GLU A 104 -7.51 -0.20 3.08
CA GLU A 104 -8.39 -1.35 3.21
C GLU A 104 -9.84 -0.95 3.00
N GLU A 105 -10.32 -0.01 3.82
CA GLU A 105 -11.69 0.47 3.72
C GLU A 105 -12.00 0.97 2.32
N GLU A 106 -11.02 1.63 1.70
CA GLU A 106 -11.20 2.16 0.35
C GLU A 106 -11.56 1.06 -0.63
N GLN A 107 -11.08 -0.15 -0.36
CA GLN A 107 -11.35 -1.30 -1.22
C GLN A 107 -12.66 -1.97 -0.81
N ASN A 108 -12.88 -2.10 0.49
CA ASN A 108 -14.09 -2.73 1.00
C ASN A 108 -15.34 -1.98 0.54
N LYS A 109 -15.33 -0.66 0.73
CA LYS A 109 -16.45 0.18 0.34
C LYS A 109 -16.74 0.03 -1.15
N SER A 110 -15.70 -0.26 -1.93
CA SER A 110 -15.84 -0.42 -3.37
C SER A 110 -16.63 -1.69 -3.70
N LYS A 111 -16.38 -2.74 -2.92
CA LYS A 111 -17.06 -4.02 -3.13
C LYS A 111 -18.55 -3.91 -2.76
N LYS A 112 -18.84 -3.10 -1.76
CA LYS A 112 -20.22 -2.90 -1.32
C LYS A 112 -21.06 -2.26 -2.42
N LYS A 113 -20.49 -1.27 -3.10
CA LYS A 113 -21.18 -0.58 -4.18
C LYS A 113 -21.60 -1.56 -5.27
N ALA A 114 -20.82 -2.63 -5.43
CA ALA A 114 -21.11 -3.64 -6.44
C ALA A 114 -21.45 -4.98 -5.79
N GLN A 115 -22.24 -4.93 -4.73
CA GLN A 115 -22.64 -6.14 -4.01
C GLN A 115 -23.77 -5.85 -3.03
N GLN A 116 -24.62 -4.88 -3.37
CA GLN A 116 -25.73 -4.51 -2.52
C GLN A 116 -26.94 -5.41 -2.77
N ALA A 117 -27.10 -5.83 -4.02
CA ALA A 117 -28.20 -6.71 -4.39
C ALA A 117 -27.77 -8.17 -4.40
N ALA A 118 -26.75 -8.49 -3.60
CA ALA A 118 -26.25 -9.86 -3.52
C ALA A 118 -25.85 -10.21 -2.09
N ALA A 119 -26.59 -9.67 -1.13
CA ALA A 119 -26.31 -9.93 0.28
C ALA A 119 -27.59 -10.32 1.02
N ASP A 120 -28.52 -10.94 0.30
CA ASP A 120 -29.78 -11.37 0.89
C ASP A 120 -29.80 -12.87 1.10
N THR A 121 -28.65 -13.44 1.42
CA THR A 121 -28.53 -14.88 1.63
C THR A 121 -28.16 -15.19 3.07
N GLY A 122 -28.68 -16.30 3.59
CA GLY A 122 -28.38 -16.69 4.96
C GLY A 122 -27.08 -17.47 5.07
N ASN A 123 -27.00 -18.36 6.05
CA ASN A 123 -25.81 -19.17 6.27
C ASN A 123 -26.15 -20.42 7.08
N ASN A 124 -26.85 -20.24 8.18
CA ASN A 124 -27.23 -21.35 9.04
C ASN A 124 -28.12 -20.87 10.19
N SER A 125 -27.65 -19.85 10.91
CA SER A 125 -28.41 -19.31 12.04
C SER A 125 -29.49 -18.35 11.55
N GLN A 126 -30.60 -18.92 11.10
CA GLN A 126 -31.72 -18.11 10.61
C GLN A 126 -32.76 -17.90 11.70
N VAL A 127 -33.59 -16.88 11.53
CA VAL A 127 -34.64 -16.58 12.50
C VAL A 127 -35.49 -17.80 12.79
N SER A 128 -35.84 -17.99 14.06
CA SER A 128 -36.65 -19.13 14.47
C SER A 128 -37.96 -19.17 13.70
N GLN A 129 -38.41 -20.37 13.37
CA GLN A 129 -39.66 -20.55 12.62
C GLN A 129 -40.84 -19.98 13.40
N ASN A 130 -42.02 -20.02 12.78
CA ASN A 130 -43.22 -19.51 13.41
C ASN A 130 -44.41 -20.42 13.12
N TYR A 131 -45.08 -20.87 14.18
CA TYR A 131 -46.24 -21.74 14.04
C TYR A 131 -47.29 -21.11 13.14
N 8SP B . -3.16 -21.07 -5.66
P 8SP B . 0.89 -19.38 -6.38
OG 8SP B . 0.04 -20.60 -6.97
C1A 8SP B . -2.68 -15.57 -10.15
O1A 8SP B . -3.64 -15.16 -9.43
C1B 8SP B . 2.50 -14.30 -8.06
O1B 8SP B . 3.03 -14.38 -9.19
CB 8SP B . -1.37 -20.42 -7.22
C1G 8SP B . -1.02 -15.49 -8.28
O1G 8SP B . -1.41 -15.63 -9.65
C2A 8SP B . -2.88 -15.99 -11.55
C2B 8SP B . 3.25 -13.86 -6.87
CA 8SP B . -2.24 -21.58 -6.69
C2G 8SP B . 0.48 -15.82 -8.11
O2G 8SP B . 1.17 -14.57 -7.90
O2P 8SP B . 0.37 -18.89 -5.10
C3A 8SP B . -3.88 -17.18 -11.75
C3B 8SP B . 2.83 -12.49 -6.28
C 8SP B . -1.45 -22.69 -6.12
O 8SP B . -0.62 -23.32 -6.81
OXT 8SP B . -1.57 -23.02 -4.81
C3G 8SP B . 0.75 -16.85 -6.98
O3G 8SP B . 0.88 -18.21 -7.47
O3P 8SP B . 2.39 -19.85 -6.21
C4A 8SP B . -3.15 -18.49 -12.14
C4B 8SP B . 4.01 -11.71 -5.64
C5A 8SP B . -3.72 -19.12 -13.44
C5B 8SP B . 4.16 -10.28 -6.22
C6A 8SP B . -3.73 -20.68 -13.41
C6B 8SP B . 4.20 -9.18 -5.12
C7A 8SP B . -2.31 -21.28 -13.21
C7B 8SP B . 5.34 -8.14 -5.35
C8A 8SP B . -2.30 -22.82 -13.29
C8B 8SP B . 6.27 -7.99 -4.12
H2 8SP B . -3.15 -21.71 -4.86
HB3 8SP B . -1.45 -20.41 -8.31
HB2 8SP B . -1.76 -19.46 -6.88
H11G 8SP B . -1.20 -14.45 -7.96
H21G 8SP B . -1.61 -16.16 -7.65
H 8SP B . -4.10 -21.02 -6.04
H12A 8SP B . -3.23 -15.14 -12.12
H22A 8SP B . -1.90 -16.29 -11.94
H12B 8SP B . 4.32 -13.82 -7.14
H22B 8SP B . 3.14 -14.64 -6.10
HA 8SP B . -2.84 -21.96 -7.52
H2G 8SP B . 0.83 -16.25 -9.05
H13A 8SP B . -4.59 -16.90 -12.53
H23A 8SP B . -4.42 -17.35 -10.82
H13B 8SP B . 2.08 -12.66 -5.50
H23B 8SP B . 2.37 -11.89 -7.06
H13G 8SP B . 1.60 -16.51 -6.38
H23G 8SP B . -0.10 -16.85 -6.30
H14A 8SP B . -3.25 -19.22 -11.33
H24A 8SP B . -2.08 -18.28 -12.29
H14B 8SP B . 4.94 -12.26 -5.82
H24B 8SP B . 3.86 -11.64 -4.56
H15A 8SP B . -3.11 -18.80 -14.29
H25A 8SP B . -4.74 -18.77 -13.60
H15B 8SP B . 3.32 -10.07 -6.89
H25B 8SP B . 5.08 -10.22 -6.81
H16A 8SP B . -4.16 -21.06 -14.33
H26A 8SP B . -4.37 -21.01 -12.57
H16B 8SP B . 4.34 -9.66 -4.14
H26B 8SP B . 3.25 -8.66 -5.10
H17A 8SP B . -1.91 -20.98 -12.24
H27A 8SP B . -1.65 -20.90 -13.99
H17B 8SP B . 4.90 -7.16 -5.58
H27B 8SP B . 5.94 -8.46 -6.21
H18A 8SP B . -3.20 -23.17 -13.81
H28A 8SP B . -1.42 -23.17 -13.83
H38A 8SP B . -2.30 -23.25 -12.29
H18B 8SP B . 5.96 -7.13 -3.52
H28B 8SP B . 6.22 -8.89 -3.50
H38B 8SP B . 7.30 -7.85 -4.45
HNB 8SP B . -2.86 -20.15 -5.36
N GLY A 1 3.29 11.15 -12.25
CA GLY A 1 4.51 10.75 -11.58
C GLY A 1 5.66 10.52 -12.54
N ALA A 2 6.44 11.57 -12.80
CA ALA A 2 7.57 11.47 -13.71
C ALA A 2 8.74 12.31 -13.22
N ARG A 3 9.30 11.91 -12.07
CA ARG A 3 10.43 12.63 -11.49
C ARG A 3 11.48 11.65 -10.96
N ALA A 4 12.69 12.16 -10.75
CA ALA A 4 13.78 11.33 -10.25
C ALA A 4 13.51 10.88 -8.80
N SER A 5 14.12 9.78 -8.41
CA SER A 5 13.95 9.24 -7.06
C SER A 5 12.49 8.87 -6.81
N VAL A 6 12.18 8.53 -5.57
CA VAL A 6 10.82 8.17 -5.19
C VAL A 6 10.11 9.32 -4.48
N LEU A 7 10.53 9.58 -3.25
CA LEU A 7 9.93 10.66 -2.47
C LEU A 7 10.76 11.94 -2.57
N SER A 8 10.13 13.00 -3.05
CA SER A 8 10.81 14.28 -3.20
C SER A 8 11.14 14.89 -1.84
N GLY A 9 11.67 16.11 -1.86
CA GLY A 9 12.03 16.78 -0.62
C GLY A 9 10.87 16.86 0.35
N GLY A 10 9.72 17.33 -0.13
CA GLY A 10 8.54 17.45 0.71
C GLY A 10 8.04 16.10 1.20
N GLU A 11 7.94 15.15 0.28
CA GLU A 11 7.46 13.81 0.61
C GLU A 11 8.39 13.14 1.62
N LEU A 12 9.68 13.44 1.51
CA LEU A 12 10.68 12.86 2.41
C LEU A 12 10.48 13.36 3.84
N ASP A 13 10.06 14.61 3.97
CA ASP A 13 9.82 15.19 5.28
C ASP A 13 8.74 14.43 6.04
N LYS A 14 7.60 14.21 5.38
CA LYS A 14 6.49 13.49 5.99
C LYS A 14 6.85 12.02 6.17
N TRP A 15 7.56 11.45 5.21
CA TRP A 15 7.95 10.05 5.27
C TRP A 15 8.72 9.76 6.56
N GLU A 16 9.56 10.71 6.98
CA GLU A 16 10.34 10.54 8.20
C GLU A 16 9.46 10.70 9.43
N LYS A 17 8.27 11.27 9.25
CA LYS A 17 7.34 11.49 10.34
C LYS A 17 6.31 10.36 10.40
N ILE A 18 6.74 9.16 10.02
CA ILE A 18 5.86 7.99 10.04
C ILE A 18 6.48 6.85 10.83
N ARG A 19 5.74 6.36 11.83
CA ARG A 19 6.22 5.26 12.66
C ARG A 19 6.24 3.96 11.87
N LEU A 20 7.30 3.18 12.07
CA LEU A 20 7.46 1.90 11.37
C LEU A 20 6.43 0.90 11.87
N ARG A 21 6.05 1.02 13.13
CA ARG A 21 5.06 0.11 13.72
C ARG A 21 4.02 0.89 14.53
N PRO A 22 2.86 0.26 14.75
CA PRO A 22 1.75 0.88 15.50
C PRO A 22 2.08 1.03 16.99
N GLY A 23 2.79 0.05 17.54
CA GLY A 23 3.15 0.10 18.94
C GLY A 23 4.64 0.29 19.15
N GLY A 24 5.27 1.02 18.25
CA GLY A 24 6.70 1.27 18.35
C GLY A 24 7.02 2.70 18.73
N LYS A 25 8.30 3.06 18.65
CA LYS A 25 8.73 4.40 18.98
C LYS A 25 9.85 4.87 18.05
N LYS A 26 9.72 4.54 16.77
CA LYS A 26 10.71 4.92 15.77
C LYS A 26 10.05 5.64 14.60
N GLN A 27 10.84 5.90 13.56
CA GLN A 27 10.34 6.58 12.37
C GLN A 27 10.87 5.94 11.10
N TYR A 28 10.29 6.30 9.96
CA TYR A 28 10.69 5.75 8.67
C TYR A 28 11.90 6.49 8.13
N LYS A 29 12.73 5.79 7.35
CA LYS A 29 13.92 6.39 6.76
C LYS A 29 14.12 5.90 5.33
N LEU A 30 14.92 6.63 4.57
CA LEU A 30 15.19 6.26 3.19
C LEU A 30 15.66 4.81 3.09
N LYS A 31 16.33 4.33 4.13
CA LYS A 31 16.82 2.97 4.17
C LYS A 31 15.70 1.98 3.83
N HIS A 32 14.49 2.30 4.26
CA HIS A 32 13.34 1.44 4.00
C HIS A 32 12.81 1.65 2.59
N ILE A 33 12.77 2.87 2.07
CA ILE A 33 12.27 3.11 0.73
C ILE A 33 13.13 2.41 -0.32
N VAL A 34 14.44 2.38 -0.07
CA VAL A 34 15.37 1.73 -0.98
C VAL A 34 15.22 0.22 -0.95
N TRP A 35 14.98 -0.31 0.25
CA TRP A 35 14.81 -1.76 0.41
C TRP A 35 13.68 -2.28 -0.45
N ALA A 36 12.57 -1.54 -0.49
CA ALA A 36 11.42 -1.93 -1.29
C ALA A 36 11.78 -2.03 -2.76
N SER A 37 12.68 -1.17 -3.21
CA SER A 37 13.12 -1.15 -4.60
C SER A 37 13.91 -2.42 -4.94
N ARG A 38 14.91 -2.72 -4.12
CA ARG A 38 15.74 -3.91 -4.33
C ARG A 38 14.90 -5.18 -4.23
N GLU A 39 13.80 -5.11 -3.48
CA GLU A 39 12.93 -6.25 -3.31
C GLU A 39 11.89 -6.32 -4.43
N LEU A 40 11.55 -5.16 -4.98
CA LEU A 40 10.56 -5.09 -6.06
C LEU A 40 11.09 -5.76 -7.32
N GLU A 41 12.33 -5.43 -7.69
CA GLU A 41 12.96 -6.01 -8.88
C GLU A 41 12.94 -7.53 -8.82
N ARG A 42 12.92 -8.06 -7.60
CA ARG A 42 12.92 -9.50 -7.40
C ARG A 42 11.55 -10.10 -7.76
N PHE A 43 10.51 -9.29 -7.62
CA PHE A 43 9.15 -9.73 -7.92
C PHE A 43 8.76 -9.33 -9.34
N ALA A 44 9.76 -9.17 -10.21
CA ALA A 44 9.52 -8.78 -11.59
C ALA A 44 8.89 -7.40 -11.68
N VAL A 45 9.08 -6.60 -10.63
CA VAL A 45 8.53 -5.25 -10.58
C VAL A 45 9.64 -4.20 -10.49
N ASN A 46 9.57 -3.20 -11.36
CA ASN A 46 10.57 -2.14 -11.37
C ASN A 46 10.41 -1.21 -10.17
N PRO A 47 11.54 -0.75 -9.62
CA PRO A 47 11.55 0.15 -8.46
C PRO A 47 11.03 1.54 -8.80
N GLY A 48 10.83 1.79 -10.10
CA GLY A 48 10.34 3.08 -10.53
C GLY A 48 8.83 3.19 -10.46
N LEU A 49 8.21 2.23 -9.79
CA LEU A 49 6.75 2.22 -9.65
C LEU A 49 6.32 2.83 -8.32
N LEU A 50 7.21 2.78 -7.33
CA LEU A 50 6.94 3.32 -6.02
C LEU A 50 6.85 4.85 -6.07
N GLU A 51 7.53 5.43 -7.05
CA GLU A 51 7.54 6.88 -7.21
C GLU A 51 6.23 7.37 -7.82
N THR A 52 5.37 6.42 -8.21
CA THR A 52 4.09 6.75 -8.81
C THR A 52 2.94 6.17 -8.00
N SER A 53 1.95 7.01 -7.70
CA SER A 53 0.80 6.58 -6.92
C SER A 53 0.11 5.38 -7.58
N GLU A 54 0.27 5.26 -8.89
CA GLU A 54 -0.33 4.17 -9.64
C GLU A 54 0.48 2.88 -9.46
N GLY A 55 1.79 2.99 -9.57
CA GLY A 55 2.65 1.84 -9.41
C GLY A 55 2.41 1.10 -8.11
N CYS A 56 2.40 1.85 -7.01
CA CYS A 56 2.17 1.25 -5.69
C CYS A 56 0.89 0.45 -5.67
N ARG A 57 -0.13 0.95 -6.37
CA ARG A 57 -1.43 0.29 -6.42
C ARG A 57 -1.28 -1.13 -6.96
N GLN A 58 -0.63 -1.27 -8.11
CA GLN A 58 -0.43 -2.57 -8.73
C GLN A 58 0.41 -3.46 -7.83
N ILE A 59 1.34 -2.87 -7.10
CA ILE A 59 2.21 -3.61 -6.19
C ILE A 59 1.43 -4.12 -4.98
N LEU A 60 0.53 -3.29 -4.47
CA LEU A 60 -0.28 -3.65 -3.31
C LEU A 60 -1.41 -4.59 -3.71
N GLY A 61 -1.88 -4.46 -4.95
CA GLY A 61 -2.96 -5.30 -5.43
C GLY A 61 -2.54 -6.75 -5.55
N GLN A 62 -1.24 -7.00 -5.63
CA GLN A 62 -0.72 -8.35 -5.74
C GLN A 62 -0.36 -8.92 -4.37
N LEU A 63 -0.05 -8.03 -3.44
CA LEU A 63 0.31 -8.43 -2.08
C LEU A 63 -0.93 -8.56 -1.20
N GLN A 64 -1.97 -7.81 -1.55
CA GLN A 64 -3.21 -7.83 -0.79
C GLN A 64 -3.71 -9.27 -0.61
N PRO A 65 -4.01 -9.93 -1.73
CA PRO A 65 -4.50 -11.32 -1.72
C PRO A 65 -3.42 -12.31 -1.29
N SER A 66 -2.17 -11.88 -1.35
CA SER A 66 -1.05 -12.73 -0.98
C SER A 66 -0.55 -12.38 0.42
N LEU A 67 -1.43 -11.83 1.24
CA LEU A 67 -1.09 -11.45 2.60
C LEU A 67 -1.06 -12.67 3.52
N GLN A 68 -1.98 -13.60 3.29
CA GLN A 68 -2.06 -14.81 4.10
C GLN A 68 -0.93 -15.77 3.75
N THR A 69 -0.82 -16.11 2.47
CA THR A 69 0.21 -17.02 2.00
C THR A 69 1.59 -16.36 2.03
N GLY A 70 1.59 -15.03 1.89
CA GLY A 70 2.85 -14.30 1.90
C GLY A 70 3.69 -14.60 3.12
N SER A 71 4.99 -14.35 3.01
CA SER A 71 5.90 -14.59 4.12
C SER A 71 6.29 -13.29 4.82
N GLU A 72 7.19 -13.38 5.79
CA GLU A 72 7.64 -12.21 6.53
C GLU A 72 8.18 -11.14 5.59
N GLU A 73 8.70 -11.59 4.45
CA GLU A 73 9.25 -10.67 3.45
C GLU A 73 8.14 -9.96 2.69
N LEU A 74 6.98 -10.61 2.59
CA LEU A 74 5.84 -10.04 1.88
C LEU A 74 5.12 -9.01 2.75
N ARG A 75 5.06 -9.28 4.05
CA ARG A 75 4.41 -8.37 4.99
C ARG A 75 5.11 -7.03 5.03
N SER A 76 6.43 -7.06 5.19
CA SER A 76 7.23 -5.84 5.25
C SER A 76 6.96 -4.96 4.04
N LEU A 77 6.93 -5.56 2.85
CA LEU A 77 6.67 -4.83 1.62
C LEU A 77 5.33 -4.13 1.67
N TYR A 78 4.26 -4.88 1.90
CA TYR A 78 2.92 -4.33 1.98
C TYR A 78 2.86 -3.19 2.99
N ASN A 79 3.72 -3.26 4.00
CA ASN A 79 3.77 -2.24 5.03
C ASN A 79 4.40 -0.96 4.51
N THR A 80 5.63 -1.06 4.02
CA THR A 80 6.35 0.08 3.48
C THR A 80 5.61 0.69 2.29
N ILE A 81 5.30 -0.15 1.31
CA ILE A 81 4.59 0.30 0.12
C ILE A 81 3.30 1.02 0.48
N ALA A 82 2.62 0.53 1.51
CA ALA A 82 1.37 1.14 1.96
C ALA A 82 1.60 2.57 2.43
N VAL A 83 2.57 2.76 3.32
CA VAL A 83 2.88 4.08 3.84
C VAL A 83 3.34 5.02 2.73
N LEU A 84 4.08 4.47 1.76
CA LEU A 84 4.57 5.26 0.64
C LEU A 84 3.42 5.73 -0.25
N TYR A 85 2.54 4.79 -0.60
CA TYR A 85 1.40 5.09 -1.45
C TYR A 85 0.61 6.29 -0.90
N CYS A 86 0.32 6.24 0.40
CA CYS A 86 -0.42 7.32 1.04
C CYS A 86 0.24 8.67 0.78
N VAL A 87 1.56 8.69 0.83
CA VAL A 87 2.32 9.91 0.61
C VAL A 87 1.95 10.55 -0.74
N HIS A 88 1.82 9.71 -1.76
CA HIS A 88 1.48 10.18 -3.10
C HIS A 88 -0.02 10.48 -3.19
N GLN A 89 -0.85 9.99 -2.28
CA GLN A 89 -2.29 10.25 -2.33
C GLN A 89 -2.67 11.40 -1.40
N ARG A 90 -1.71 12.28 -1.14
CA ARG A 90 -1.94 13.43 -0.27
C ARG A 90 -2.31 12.97 1.14
N ILE A 91 -1.61 11.94 1.62
CA ILE A 91 -1.87 11.40 2.96
C ILE A 91 -0.59 11.34 3.77
N ASP A 92 -0.71 11.60 5.07
CA ASP A 92 0.45 11.57 5.96
C ASP A 92 0.13 10.78 7.22
N VAL A 93 -0.17 9.50 7.06
CA VAL A 93 -0.49 8.64 8.19
C VAL A 93 0.58 8.72 9.27
N LYS A 94 0.20 8.39 10.50
CA LYS A 94 1.12 8.42 11.62
C LYS A 94 1.94 7.13 11.70
N ASP A 95 1.36 6.05 11.19
CA ASP A 95 2.03 4.75 11.21
C ASP A 95 1.61 3.91 10.00
N THR A 96 2.22 2.73 9.87
CA THR A 96 1.90 1.84 8.76
C THR A 96 0.56 1.16 8.96
N LYS A 97 0.28 0.77 10.21
CA LYS A 97 -0.97 0.09 10.53
C LYS A 97 -2.17 0.94 10.07
N GLU A 98 -2.14 2.22 10.41
CA GLU A 98 -3.22 3.13 10.03
C GLU A 98 -3.39 3.18 8.52
N ALA A 99 -2.28 3.30 7.81
CA ALA A 99 -2.30 3.35 6.35
C ALA A 99 -3.01 2.14 5.77
N LEU A 100 -2.84 0.99 6.41
CA LEU A 100 -3.47 -0.25 5.95
C LEU A 100 -4.99 -0.17 6.09
N ASP A 101 -5.44 0.52 7.13
CA ASP A 101 -6.88 0.67 7.38
C ASP A 101 -7.50 1.63 6.37
N LYS A 102 -6.76 2.68 6.03
CA LYS A 102 -7.25 3.67 5.08
C LYS A 102 -7.37 3.07 3.68
N ILE A 103 -6.27 2.58 3.15
CA ILE A 103 -6.25 1.97 1.82
C ILE A 103 -7.27 0.84 1.73
N GLU A 104 -7.51 0.17 2.85
CA GLU A 104 -8.46 -0.93 2.89
C GLU A 104 -9.91 -0.41 2.83
N GLU A 105 -10.12 0.79 3.35
CA GLU A 105 -11.44 1.40 3.36
C GLU A 105 -11.75 2.03 2.00
N GLU A 106 -10.73 2.58 1.37
CA GLU A 106 -10.89 3.22 0.07
C GLU A 106 -11.13 2.18 -1.03
N GLN A 107 -10.42 1.06 -0.93
CA GLN A 107 -10.54 -0.02 -1.90
C GLN A 107 -11.95 -0.59 -1.89
N ASN A 108 -12.59 -0.55 -0.73
CA ASN A 108 -13.94 -1.08 -0.59
C ASN A 108 -14.95 -0.18 -1.29
N LYS A 109 -14.65 1.10 -1.37
CA LYS A 109 -15.52 2.07 -2.02
C LYS A 109 -15.57 1.83 -3.53
N SER A 110 -14.49 1.29 -4.07
CA SER A 110 -14.40 1.01 -5.49
C SER A 110 -15.39 -0.07 -5.90
N LYS A 111 -15.62 -1.02 -5.00
CA LYS A 111 -16.56 -2.11 -5.27
C LYS A 111 -17.93 -1.57 -5.67
N LYS A 112 -18.25 -0.37 -5.19
CA LYS A 112 -19.53 0.25 -5.48
C LYS A 112 -19.63 0.58 -6.97
N LYS A 113 -18.49 0.81 -7.61
CA LYS A 113 -18.45 1.13 -9.02
C LYS A 113 -18.61 -0.13 -9.87
N ALA A 114 -18.15 -1.25 -9.34
CA ALA A 114 -18.25 -2.53 -10.04
C ALA A 114 -19.70 -2.89 -10.32
N GLN A 115 -20.57 -2.65 -9.35
CA GLN A 115 -21.98 -2.96 -9.49
C GLN A 115 -22.76 -1.74 -10.00
N GLN A 116 -22.91 -0.75 -9.13
CA GLN A 116 -23.63 0.47 -9.50
C GLN A 116 -25.01 0.14 -10.08
N ALA A 117 -25.59 -0.96 -9.60
CA ALA A 117 -26.91 -1.38 -10.07
C ALA A 117 -27.41 -2.59 -9.28
N ALA A 118 -26.49 -3.49 -8.96
CA ALA A 118 -26.83 -4.69 -8.20
C ALA A 118 -26.40 -4.57 -6.75
N ALA A 119 -26.28 -3.34 -6.27
CA ALA A 119 -25.87 -3.09 -4.89
C ALA A 119 -27.01 -2.48 -4.08
N ASP A 120 -27.74 -1.56 -4.70
CA ASP A 120 -28.86 -0.90 -4.04
C ASP A 120 -30.19 -1.43 -4.56
N THR A 121 -30.23 -1.78 -5.84
CA THR A 121 -31.44 -2.29 -6.46
C THR A 121 -32.56 -1.27 -6.43
N GLY A 122 -33.69 -1.60 -7.05
CA GLY A 122 -34.82 -0.69 -7.08
C GLY A 122 -35.23 -0.23 -5.70
N ASN A 123 -35.11 1.06 -5.44
CA ASN A 123 -35.47 1.63 -4.15
C ASN A 123 -35.42 3.15 -4.18
N ASN A 124 -36.35 3.78 -3.49
CA ASN A 124 -36.41 5.24 -3.43
C ASN A 124 -35.37 5.79 -2.47
N SER A 125 -34.71 6.89 -2.86
CA SER A 125 -33.69 7.51 -2.03
C SER A 125 -33.18 8.80 -2.67
N GLN A 126 -32.31 9.50 -1.96
CA GLN A 126 -31.74 10.74 -2.45
C GLN A 126 -30.28 10.88 -2.06
N VAL A 127 -29.42 11.15 -3.03
CA VAL A 127 -27.99 11.31 -2.77
C VAL A 127 -27.54 12.74 -3.03
N SER A 128 -26.34 13.08 -2.56
CA SER A 128 -25.79 14.41 -2.73
C SER A 128 -24.39 14.36 -3.30
N GLN A 129 -24.26 14.58 -4.60
CA GLN A 129 -22.96 14.54 -5.26
C GLN A 129 -22.40 15.95 -5.42
N ASN A 130 -21.31 16.24 -4.71
CA ASN A 130 -20.69 17.56 -4.77
C ASN A 130 -19.17 17.42 -4.85
N TYR A 131 -18.66 17.21 -6.05
CA TYR A 131 -17.22 17.06 -6.26
C TYR A 131 -16.81 17.53 -7.66
N 8SP B . 3.95 -19.97 -8.02
P 8SP B . 4.33 -15.79 -10.53
OG 8SP B . 3.45 -16.54 -9.44
C1A 8SP B . 5.85 -12.39 -15.01
O1A 8SP B . 6.86 -11.65 -15.13
C1B 8SP B . 3.71 -12.01 -10.13
O1B 8SP B . 2.54 -12.32 -10.44
CB 8SP B . 4.07 -17.59 -8.64
C1G 8SP B . 4.40 -11.68 -13.10
O1G 8SP B . 4.68 -11.92 -14.48
C2A 8SP B . 5.87 -13.81 -15.44
C2B 8SP B . 4.02 -11.18 -8.94
CA 8SP B . 3.14 -18.80 -8.41
C2G 8SP B . 4.79 -12.90 -12.24
O2G 8SP B . 4.77 -12.47 -10.87
O2P 8SP B . 5.49 -15.11 -9.98
C3A 8SP B . 6.46 -14.07 -16.85
C3B 8SP B . 3.67 -11.82 -7.57
C 8SP B . 2.32 -19.15 -9.59
O 8SP B . 2.71 -18.87 -10.74
OXT 8SP B . 1.16 -19.83 -9.43
C3G 8SP B . 3.88 -14.13 -12.49
O3G 8SP B . 3.38 -14.72 -11.27
O3P 8SP B . 4.79 -16.84 -11.62
C4A 8SP B . 5.41 -14.67 -17.83
C4B 8SP B . 4.31 -11.06 -6.38
C5A 8SP B . 6.01 -15.76 -18.75
C5B 8SP B . 3.79 -9.60 -6.25
C6A 8SP B . 4.94 -16.39 -19.69
C6B 8SP B . 4.94 -8.57 -6.02
C7A 8SP B . 5.55 -17.43 -20.68
C7B 8SP B . 4.44 -7.28 -5.32
C8A 8SP B . 5.75 -18.82 -20.03
C8B 8SP B . 5.44 -6.75 -4.26
H2 8SP B . 4.77 -20.02 -8.62
HB3 8SP B . 4.26 -17.11 -7.68
HB2 8SP B . 5.05 -17.91 -9.02
H11G 8SP B . 4.97 -10.80 -12.77
H21G 8SP B . 3.34 -11.46 -12.97
H 8SP B . 3.40 -20.83 -8.13
H12A 8SP B . 6.44 -14.38 -14.69
H22A 8SP B . 4.84 -14.17 -15.42
H12B 8SP B . 3.47 -10.24 -9.04
H22B 8SP B . 5.08 -10.95 -8.98
HA 8SP B . 2.48 -18.57 -7.56
H2G 8SP B . 5.81 -13.17 -12.50
H13A 8SP B . 7.30 -14.76 -16.76
H23A 8SP B . 6.82 -13.13 -17.27
H13B 8SP B . 4.03 -12.85 -7.56
H23B 8SP B . 2.58 -11.84 -7.45
H13G 8SP B . 3.10 -13.85 -13.21
H23G 8SP B . 4.47 -14.90 -12.99
H14A 8SP B . 5.01 -13.86 -18.44
H24A 8SP B . 4.58 -15.10 -17.24
H14B 8SP B . 5.39 -11.05 -6.50
H24B 8SP B . 4.07 -11.61 -5.45
H15A 8SP B . 6.45 -16.54 -18.14
H25A 8SP B . 6.80 -15.32 -19.37
H15B 8SP B . 3.10 -9.54 -5.41
H25B 8SP B . 3.25 -9.34 -7.16
H16A 8SP B . 4.46 -15.60 -20.27
H26A 8SP B . 4.18 -16.88 -19.09
H16B 8SP B . 5.38 -8.32 -6.98
H26B 8SP B . 5.71 -9.04 -5.41
H17A 8SP B . 6.52 -17.06 -21.02
H27A 8SP B . 4.89 -17.54 -21.54
H17B 8SP B . 3.49 -7.48 -4.82
H27B 8SP B . 4.28 -6.50 -6.06
H18A 8SP B . 4.84 -19.41 -20.14
H28A 8SP B . 6.57 -19.35 -20.51
H38A 8SP B . 5.97 -18.71 -18.96
H18B 8SP B . 6.33 -6.34 -4.75
H28B 8SP B . 4.97 -5.96 -3.67
H38B 8SP B . 5.74 -7.55 -3.58
HNB 8SP B . 4.25 -19.88 -7.05
N GLY A 1 20.89 15.29 -16.06
CA GLY A 1 20.94 13.95 -16.61
C GLY A 1 19.93 13.02 -15.98
N ALA A 2 20.34 11.79 -15.69
CA ALA A 2 19.46 10.80 -15.09
C ALA A 2 18.80 11.36 -13.83
N ARG A 3 17.50 11.12 -13.69
CA ARG A 3 16.75 11.60 -12.53
C ARG A 3 15.86 10.50 -11.97
N ALA A 4 16.29 9.90 -10.87
CA ALA A 4 15.53 8.82 -10.23
C ALA A 4 15.22 9.16 -8.77
N SER A 5 14.02 9.67 -8.53
CA SER A 5 13.60 10.05 -7.19
C SER A 5 12.17 9.60 -6.92
N VAL A 6 11.92 9.10 -5.73
CA VAL A 6 10.59 8.64 -5.34
C VAL A 6 9.84 9.71 -4.55
N LEU A 7 10.37 10.05 -3.37
CA LEU A 7 9.76 11.05 -2.51
C LEU A 7 10.49 12.38 -2.63
N SER A 8 9.78 13.41 -3.08
CA SER A 8 10.36 14.74 -3.23
C SER A 8 10.79 15.31 -1.88
N GLY A 9 11.18 16.58 -1.88
CA GLY A 9 11.60 17.22 -0.65
C GLY A 9 10.52 17.21 0.41
N GLY A 10 9.32 17.63 0.05
CA GLY A 10 8.22 17.66 0.99
C GLY A 10 7.81 16.27 1.44
N GLU A 11 7.77 15.33 0.50
CA GLU A 11 7.39 13.96 0.82
C GLU A 11 8.44 13.30 1.71
N LEU A 12 9.70 13.62 1.47
CA LEU A 12 10.80 13.05 2.25
C LEU A 12 10.64 13.38 3.74
N ASP A 13 10.51 14.67 4.04
CA ASP A 13 10.34 15.11 5.43
C ASP A 13 9.20 14.36 6.10
N LYS A 14 8.08 14.22 5.39
CA LYS A 14 6.91 13.52 5.92
C LYS A 14 7.20 12.04 6.09
N TRP A 15 7.92 11.46 5.13
CA TRP A 15 8.26 10.04 5.19
C TRP A 15 8.98 9.70 6.49
N GLU A 16 9.85 10.61 6.93
CA GLU A 16 10.61 10.40 8.16
C GLU A 16 9.72 10.60 9.39
N LYS A 17 8.56 11.23 9.17
CA LYS A 17 7.62 11.47 10.26
C LYS A 17 6.55 10.38 10.30
N ILE A 18 6.93 9.17 9.93
CA ILE A 18 6.00 8.05 9.92
C ILE A 18 6.56 6.88 10.73
N ARG A 19 5.73 6.32 11.61
CA ARG A 19 6.14 5.19 12.44
C ARG A 19 6.01 3.89 11.67
N LEU A 20 6.94 2.96 11.93
CA LEU A 20 6.93 1.67 11.26
C LEU A 20 5.88 0.75 11.86
N ARG A 21 5.67 0.88 13.18
CA ARG A 21 4.69 0.06 13.87
C ARG A 21 3.62 0.93 14.53
N PRO A 22 2.47 0.33 14.84
CA PRO A 22 1.35 1.03 15.48
C PRO A 22 1.65 1.40 16.92
N GLY A 23 2.39 0.53 17.62
CA GLY A 23 2.73 0.79 19.00
C GLY A 23 4.21 1.02 19.20
N GLY A 24 4.89 1.45 18.13
CA GLY A 24 6.32 1.70 18.21
C GLY A 24 6.66 3.18 18.08
N LYS A 25 7.90 3.52 18.38
CA LYS A 25 8.35 4.90 18.28
C LYS A 25 9.25 5.11 17.06
N LYS A 26 9.90 4.04 16.62
CA LYS A 26 10.78 4.10 15.47
C LYS A 26 10.08 4.72 14.28
N GLN A 27 10.81 5.53 13.52
CA GLN A 27 10.25 6.19 12.34
C GLN A 27 10.77 5.54 11.06
N TYR A 28 10.36 6.10 9.92
CA TYR A 28 10.79 5.58 8.62
C TYR A 28 12.02 6.31 8.11
N LYS A 29 12.82 5.62 7.32
CA LYS A 29 14.04 6.20 6.76
C LYS A 29 14.26 5.73 5.34
N LEU A 30 15.12 6.44 4.61
CA LEU A 30 15.43 6.08 3.22
C LEU A 30 15.83 4.61 3.11
N LYS A 31 16.44 4.10 4.17
CA LYS A 31 16.87 2.70 4.19
C LYS A 31 15.73 1.77 3.81
N HIS A 32 14.51 2.14 4.23
CA HIS A 32 13.33 1.34 3.93
C HIS A 32 12.85 1.58 2.50
N ILE A 33 12.87 2.81 2.01
CA ILE A 33 12.42 3.09 0.65
C ILE A 33 13.27 2.36 -0.38
N VAL A 34 14.57 2.26 -0.10
CA VAL A 34 15.49 1.58 -1.00
C VAL A 34 15.28 0.08 -0.96
N TRP A 35 15.10 -0.46 0.24
CA TRP A 35 14.89 -1.90 0.42
C TRP A 35 13.75 -2.40 -0.46
N ALA A 36 12.61 -1.72 -0.38
CA ALA A 36 11.45 -2.09 -1.16
C ALA A 36 11.80 -2.21 -2.65
N SER A 37 12.56 -1.23 -3.14
CA SER A 37 12.97 -1.21 -4.53
C SER A 37 13.66 -2.51 -4.91
N ARG A 38 14.55 -2.98 -4.04
CA ARG A 38 15.28 -4.22 -4.29
C ARG A 38 14.33 -5.41 -4.37
N GLU A 39 13.45 -5.53 -3.38
CA GLU A 39 12.50 -6.63 -3.34
C GLU A 39 11.53 -6.55 -4.52
N LEU A 40 11.27 -5.33 -4.99
CA LEU A 40 10.37 -5.11 -6.11
C LEU A 40 10.90 -5.79 -7.37
N GLU A 41 12.12 -5.43 -7.76
CA GLU A 41 12.73 -6.01 -8.95
C GLU A 41 12.76 -7.53 -8.87
N ARG A 42 12.77 -8.06 -7.65
CA ARG A 42 12.78 -9.50 -7.44
C ARG A 42 11.47 -10.13 -7.90
N PHE A 43 10.38 -9.36 -7.81
CA PHE A 43 9.07 -9.84 -8.20
C PHE A 43 8.74 -9.41 -9.64
N ALA A 44 9.78 -9.22 -10.43
CA ALA A 44 9.61 -8.81 -11.83
C ALA A 44 8.96 -7.43 -11.91
N VAL A 45 9.06 -6.67 -10.84
CA VAL A 45 8.49 -5.33 -10.80
C VAL A 45 9.57 -4.27 -10.63
N ASN A 46 9.62 -3.32 -11.57
CA ASN A 46 10.60 -2.25 -11.51
C ASN A 46 10.40 -1.38 -10.28
N PRO A 47 11.52 -0.90 -9.71
CA PRO A 47 11.49 -0.05 -8.51
C PRO A 47 10.94 1.34 -8.82
N GLY A 48 10.73 1.63 -10.09
CA GLY A 48 10.21 2.93 -10.49
C GLY A 48 8.70 3.00 -10.36
N LEU A 49 8.10 1.99 -9.72
CA LEU A 49 6.67 1.95 -9.53
C LEU A 49 6.28 2.40 -8.12
N LEU A 50 7.15 3.21 -7.52
CA LEU A 50 6.90 3.71 -6.16
C LEU A 50 6.75 5.22 -6.16
N GLU A 51 7.35 5.87 -7.16
CA GLU A 51 7.29 7.33 -7.27
C GLU A 51 5.93 7.77 -7.81
N THR A 52 5.11 6.80 -8.19
CA THR A 52 3.78 7.08 -8.73
C THR A 52 2.70 6.37 -7.92
N SER A 53 1.68 7.13 -7.53
CA SER A 53 0.58 6.58 -6.75
C SER A 53 -0.04 5.38 -7.47
N GLU A 54 0.06 5.37 -8.78
CA GLU A 54 -0.49 4.28 -9.60
C GLU A 54 0.36 3.03 -9.49
N GLY A 55 1.68 3.20 -9.64
CA GLY A 55 2.59 2.07 -9.56
C GLY A 55 2.42 1.28 -8.28
N CYS A 56 2.31 2.00 -7.16
CA CYS A 56 2.14 1.36 -5.86
C CYS A 56 0.89 0.48 -5.83
N ARG A 57 -0.18 0.99 -6.43
CA ARG A 57 -1.44 0.26 -6.48
C ARG A 57 -1.25 -1.14 -7.05
N GLN A 58 -0.49 -1.22 -8.15
CA GLN A 58 -0.22 -2.50 -8.79
C GLN A 58 0.63 -3.40 -7.90
N ILE A 59 1.54 -2.78 -7.15
CA ILE A 59 2.42 -3.52 -6.25
C ILE A 59 1.64 -4.09 -5.06
N LEU A 60 0.70 -3.30 -4.54
CA LEU A 60 -0.11 -3.72 -3.42
C LEU A 60 -1.17 -4.73 -3.85
N GLY A 61 -1.79 -4.46 -5.00
CA GLY A 61 -2.82 -5.36 -5.51
C GLY A 61 -2.34 -6.79 -5.61
N GLN A 62 -1.03 -6.96 -5.78
CA GLN A 62 -0.44 -8.29 -5.89
C GLN A 62 -0.09 -8.86 -4.52
N LEU A 63 0.19 -7.97 -3.58
CA LEU A 63 0.55 -8.38 -2.23
C LEU A 63 -0.70 -8.68 -1.41
N GLN A 64 -1.81 -8.06 -1.77
CA GLN A 64 -3.07 -8.27 -1.07
C GLN A 64 -3.39 -9.76 -0.94
N PRO A 65 -3.55 -10.42 -2.09
CA PRO A 65 -3.86 -11.86 -2.14
C PRO A 65 -2.68 -12.72 -1.70
N SER A 66 -1.50 -12.12 -1.68
CA SER A 66 -0.29 -12.83 -1.28
C SER A 66 -0.15 -12.85 0.24
N LEU A 67 -0.72 -11.86 0.91
CA LEU A 67 -0.67 -11.76 2.36
C LEU A 67 -1.16 -13.05 3.00
N GLN A 68 -2.08 -13.74 2.33
CA GLN A 68 -2.63 -14.99 2.84
C GLN A 68 -1.53 -16.02 3.03
N THR A 69 -0.64 -16.14 2.04
CA THR A 69 0.45 -17.09 2.11
C THR A 69 1.80 -16.40 1.90
N GLY A 70 1.98 -15.26 2.56
CA GLY A 70 3.22 -14.53 2.42
C GLY A 70 4.12 -14.69 3.63
N SER A 71 5.41 -14.43 3.45
CA SER A 71 6.38 -14.55 4.53
C SER A 71 6.70 -13.19 5.14
N GLU A 72 7.67 -13.18 6.04
CA GLU A 72 8.07 -11.94 6.71
C GLU A 72 8.40 -10.85 5.69
N GLU A 73 8.96 -11.26 4.56
CA GLU A 73 9.33 -10.32 3.50
C GLU A 73 8.08 -9.66 2.91
N LEU A 74 7.09 -10.48 2.59
CA LEU A 74 5.84 -9.97 2.02
C LEU A 74 5.18 -8.96 2.94
N ARG A 75 5.11 -9.29 4.23
CA ARG A 75 4.51 -8.40 5.22
C ARG A 75 5.21 -7.05 5.23
N SER A 76 6.54 -7.08 5.30
CA SER A 76 7.33 -5.86 5.32
C SER A 76 6.99 -4.97 4.13
N LEU A 77 6.85 -5.57 2.96
CA LEU A 77 6.52 -4.82 1.75
C LEU A 77 5.17 -4.12 1.90
N TYR A 78 4.13 -4.90 2.17
CA TYR A 78 2.79 -4.34 2.32
C TYR A 78 2.79 -3.21 3.35
N ASN A 79 3.69 -3.29 4.31
CA ASN A 79 3.79 -2.28 5.34
C ASN A 79 4.41 -0.98 4.79
N THR A 80 5.63 -1.09 4.28
CA THR A 80 6.32 0.05 3.72
C THR A 80 5.53 0.67 2.56
N ILE A 81 5.19 -0.16 1.59
CA ILE A 81 4.44 0.30 0.44
C ILE A 81 3.17 1.04 0.85
N ALA A 82 2.51 0.52 1.88
CA ALA A 82 1.29 1.14 2.40
C ALA A 82 1.54 2.57 2.86
N VAL A 83 2.71 2.79 3.46
CA VAL A 83 3.08 4.11 3.96
C VAL A 83 3.49 5.02 2.81
N LEU A 84 4.18 4.46 1.83
CA LEU A 84 4.64 5.22 0.67
C LEU A 84 3.46 5.70 -0.17
N TYR A 85 2.60 4.75 -0.57
CA TYR A 85 1.43 5.08 -1.38
C TYR A 85 0.62 6.20 -0.73
N CYS A 86 0.46 6.14 0.58
CA CYS A 86 -0.29 7.15 1.31
C CYS A 86 0.31 8.53 1.09
N VAL A 87 1.63 8.59 1.02
CA VAL A 87 2.34 9.86 0.81
C VAL A 87 1.90 10.52 -0.50
N HIS A 88 1.67 9.71 -1.52
CA HIS A 88 1.24 10.21 -2.82
C HIS A 88 -0.27 10.41 -2.86
N GLN A 89 -1.01 9.97 -1.85
CA GLN A 89 -2.46 10.14 -1.84
C GLN A 89 -2.88 11.24 -0.88
N ARG A 90 -1.97 12.19 -0.64
CA ARG A 90 -2.24 13.30 0.26
C ARG A 90 -2.62 12.81 1.65
N ILE A 91 -2.14 11.61 1.99
CA ILE A 91 -2.42 11.02 3.29
C ILE A 91 -1.26 11.25 4.26
N ASP A 92 -1.60 11.72 5.46
CA ASP A 92 -0.59 11.98 6.48
C ASP A 92 -0.87 11.17 7.74
N VAL A 93 -0.69 9.85 7.65
CA VAL A 93 -0.92 8.97 8.78
C VAL A 93 0.20 9.08 9.80
N LYS A 94 0.00 8.44 10.96
CA LYS A 94 1.00 8.47 12.02
C LYS A 94 1.91 7.24 11.95
N ASP A 95 1.33 6.11 11.58
CA ASP A 95 2.08 4.87 11.47
C ASP A 95 1.67 4.08 10.24
N THR A 96 2.24 2.89 10.07
CA THR A 96 1.92 2.04 8.93
C THR A 96 0.54 1.43 9.07
N LYS A 97 0.09 1.27 10.32
CA LYS A 97 -1.22 0.69 10.60
C LYS A 97 -2.33 1.57 10.02
N GLU A 98 -2.34 2.83 10.41
CA GLU A 98 -3.35 3.78 9.93
C GLU A 98 -3.40 3.79 8.40
N ALA A 99 -2.23 3.82 7.78
CA ALA A 99 -2.14 3.84 6.33
C ALA A 99 -2.94 2.70 5.72
N LEU A 100 -2.92 1.54 6.38
CA LEU A 100 -3.64 0.37 5.89
C LEU A 100 -5.15 0.58 5.99
N ASP A 101 -5.59 1.11 7.14
CA ASP A 101 -7.01 1.37 7.36
C ASP A 101 -7.58 2.27 6.27
N LYS A 102 -6.77 3.21 5.79
CA LYS A 102 -7.20 4.13 4.75
C LYS A 102 -7.34 3.40 3.41
N ILE A 103 -6.31 2.64 3.05
CA ILE A 103 -6.33 1.89 1.79
C ILE A 103 -7.41 0.81 1.81
N GLU A 104 -7.74 0.34 3.01
CA GLU A 104 -8.76 -0.69 3.16
C GLU A 104 -10.16 -0.11 2.96
N GLU A 105 -10.36 1.10 3.48
CA GLU A 105 -11.65 1.77 3.37
C GLU A 105 -11.95 2.13 1.91
N GLU A 106 -10.91 2.46 1.16
CA GLU A 106 -11.07 2.82 -0.24
C GLU A 106 -11.54 1.63 -1.07
N GLN A 107 -11.21 0.43 -0.59
CA GLN A 107 -11.59 -0.80 -1.29
C GLN A 107 -13.00 -1.22 -0.89
N ASN A 108 -13.34 -1.03 0.38
CA ASN A 108 -14.66 -1.40 0.88
C ASN A 108 -15.75 -0.61 0.17
N LYS A 109 -15.50 0.67 -0.08
CA LYS A 109 -16.45 1.53 -0.75
C LYS A 109 -16.75 1.02 -2.16
N SER A 110 -15.71 0.58 -2.85
CA SER A 110 -15.86 0.06 -4.20
C SER A 110 -16.55 -1.29 -4.20
N LYS A 111 -16.24 -2.11 -3.20
CA LYS A 111 -16.84 -3.43 -3.07
C LYS A 111 -18.35 -3.34 -2.89
N LYS A 112 -18.79 -2.27 -2.23
CA LYS A 112 -20.21 -2.06 -2.00
C LYS A 112 -20.95 -1.75 -3.30
N LYS A 113 -20.22 -1.20 -4.26
CA LYS A 113 -20.80 -0.85 -5.56
C LYS A 113 -20.45 -1.90 -6.60
N ALA A 114 -20.23 -3.14 -6.14
CA ALA A 114 -19.88 -4.24 -7.04
C ALA A 114 -20.39 -5.57 -6.49
N GLN A 115 -21.49 -5.52 -5.76
CA GLN A 115 -22.08 -6.72 -5.18
C GLN A 115 -22.54 -7.68 -6.27
N GLN A 116 -23.04 -7.13 -7.36
CA GLN A 116 -23.52 -7.95 -8.48
C GLN A 116 -22.44 -8.93 -8.93
N ALA A 117 -21.19 -8.48 -8.89
CA ALA A 117 -20.06 -9.32 -9.30
C ALA A 117 -19.89 -10.50 -8.35
N ALA A 118 -19.98 -10.22 -7.05
CA ALA A 118 -19.83 -11.26 -6.03
C ALA A 118 -20.79 -12.42 -6.29
N ALA A 119 -21.96 -12.10 -6.83
CA ALA A 119 -22.96 -13.11 -7.14
C ALA A 119 -23.10 -13.35 -8.63
N ASP A 120 -21.96 -13.36 -9.32
CA ASP A 120 -21.94 -13.57 -10.77
C ASP A 120 -20.56 -14.03 -11.23
N THR A 121 -19.89 -14.82 -10.39
CA THR A 121 -18.56 -15.33 -10.71
C THR A 121 -18.35 -16.71 -10.14
N GLY A 122 -17.45 -17.48 -10.76
CA GLY A 122 -17.17 -18.82 -10.29
C GLY A 122 -16.82 -19.77 -11.42
N ASN A 123 -15.63 -20.35 -11.35
CA ASN A 123 -15.17 -21.29 -12.38
C ASN A 123 -14.83 -22.64 -11.77
N ASN A 124 -14.66 -23.65 -12.63
CA ASN A 124 -14.33 -24.99 -12.18
C ASN A 124 -12.91 -25.37 -12.60
N SER A 125 -12.31 -26.31 -11.88
CA SER A 125 -10.96 -26.75 -12.19
C SER A 125 -10.94 -28.25 -12.51
N GLN A 126 -9.83 -28.71 -13.06
CA GLN A 126 -9.68 -30.12 -13.43
C GLN A 126 -8.29 -30.64 -13.07
N VAL A 127 -8.03 -31.89 -13.40
CA VAL A 127 -6.74 -32.51 -13.10
C VAL A 127 -6.27 -33.39 -14.26
N SER A 128 -5.03 -33.84 -14.19
CA SER A 128 -4.47 -34.69 -15.23
C SER A 128 -5.31 -35.94 -15.43
N GLN A 129 -5.34 -36.45 -16.66
CA GLN A 129 -6.11 -37.64 -16.98
C GLN A 129 -5.35 -38.90 -16.62
N ASN A 130 -5.95 -39.74 -15.77
CA ASN A 130 -5.33 -40.97 -15.34
C ASN A 130 -4.90 -41.81 -16.54
N TYR A 131 -4.14 -42.87 -16.28
CA TYR A 131 -3.68 -43.76 -17.34
C TYR A 131 -4.79 -44.67 -17.83
N 8SP B . 1.67 -19.48 -2.69
P 8SP B . -0.26 -19.38 -7.26
OG 8SP B . -0.29 -18.80 -5.77
C1A 8SP B . 4.42 -18.38 -10.87
O1A 8SP B . 3.98 -17.95 -11.96
C1B 8SP B . 3.28 -15.20 -7.16
O1B 8SP B . 3.22 -15.53 -5.95
CB 8SP B . 0.91 -18.90 -4.96
C1G 8SP B . 2.50 -18.16 -9.28
O1G 8SP B . 3.87 -18.00 -9.68
C2A 8SP B . 5.55 -19.34 -10.81
C2B 8SP B . 3.73 -13.86 -7.58
CA 8SP B . 0.76 -19.87 -3.77
C2G 8SP B . 2.19 -17.30 -8.03
O2G 8SP B . 2.97 -16.10 -8.13
O2P 8SP B . 0.85 -20.31 -7.50
C3A 8SP B . 5.82 -19.96 -9.41
C3B 8SP B . 3.11 -12.68 -6.79
C 8SP B . 1.03 -21.28 -4.13
O 8SP B . 0.11 -22.13 -4.14
OXT 8SP B . 2.27 -21.68 -4.49
C3G 8SP B . 0.67 -17.02 -7.85
O3G 8SP B . -0.16 -18.14 -8.26
O3P 8SP B . -1.64 -20.10 -7.54
C4A 8SP B . 6.77 -19.09 -8.54
C4B 8SP B . 4.18 -11.81 -6.07
C5A 8SP B . 7.97 -19.91 -7.98
C5B 8SP B . 3.70 -10.35 -5.80
C6A 8SP B . 8.81 -20.59 -9.09
C6B 8SP B . 4.72 -9.52 -4.97
C7A 8SP B . 10.13 -21.20 -8.55
C7B 8SP B . 4.93 -8.09 -5.55
C8A 8SP B . 9.90 -22.43 -7.64
C8B 8SP B . 5.48 -7.10 -4.50
H2 8SP B . 2.44 -18.93 -3.07
HB3 8SP B . 1.06 -17.89 -4.56
HB2 8SP B . 1.82 -19.13 -5.52
H11G 8SP B . 1.85 -17.85 -10.11
H21G 8SP B . 2.30 -19.22 -9.06
H 8SP B . 2.06 -20.32 -2.23
H12A 8SP B . 5.35 -20.14 -11.52
H22A 8SP B . 6.44 -18.80 -11.12
H12B 8SP B . 3.50 -13.74 -8.63
H22B 8SP B . 4.81 -13.83 -7.47
HA 8SP B . -0.26 -19.79 -3.37
H2G 8SP B . 2.54 -17.87 -7.16
H13A 8SP B . 6.26 -20.96 -9.54
H23A 8SP B . 4.87 -20.07 -8.87
H13B 8SP B . 2.42 -13.07 -6.04
H23B 8SP B . 2.55 -12.04 -7.48
H13G 8SP B . 0.50 -16.68 -6.82
H23G 8SP B . 0.39 -16.18 -8.49
H14A 8SP B . 6.21 -18.67 -7.72
H24A 8SP B . 7.16 -18.27 -9.15
H14B 8SP B . 5.09 -11.77 -6.68
H24B 8SP B . 4.43 -12.28 -5.11
H15A 8SP B . 7.59 -20.66 -7.29
H25A 8SP B . 8.62 -19.23 -7.42
H15B 8SP B . 2.75 -10.38 -5.28
H25B 8SP B . 3.54 -9.86 -6.77
H16A 8SP B . 9.05 -19.86 -9.86
H26A 8SP B . 8.21 -21.38 -9.55
H16B 8SP B . 5.67 -10.04 -4.94
H26B 8SP B . 4.34 -9.43 -3.94
H17A 8SP B . 10.68 -20.44 -7.99
H27A 8SP B . 10.76 -21.50 -9.39
H17B 8SP B . 3.98 -7.70 -5.92
H27B 8SP B . 5.63 -8.14 -6.39
H18A 8SP B . 8.96 -22.30 -7.09
H28A 8SP B . 9.84 -23.33 -8.24
H38A 8SP B . 10.71 -22.52 -6.92
H18B 8SP B . 6.04 -7.62 -3.73
H28B 8SP B . 6.15 -6.39 -5.00
H38B 8SP B . 4.66 -6.53 -4.04
HNB 8SP B . 1.17 -18.92 -2.00
N GLY A 1 18.42 9.87 -16.84
CA GLY A 1 19.58 9.35 -16.13
C GLY A 1 19.36 9.28 -14.63
N ALA A 2 19.07 10.41 -14.02
CA ALA A 2 18.83 10.47 -12.59
C ALA A 2 17.42 10.96 -12.28
N ARG A 3 16.43 10.13 -12.57
CA ARG A 3 15.04 10.47 -12.34
C ARG A 3 14.46 9.65 -11.19
N ALA A 4 15.28 9.40 -10.18
CA ALA A 4 14.85 8.61 -9.02
C ALA A 4 14.26 9.51 -7.94
N SER A 5 13.09 10.07 -8.22
CA SER A 5 12.41 10.96 -7.28
C SER A 5 11.23 10.25 -6.63
N VAL A 6 11.49 9.60 -5.50
CA VAL A 6 10.45 8.88 -4.77
C VAL A 6 9.63 9.84 -3.90
N LEU A 7 10.28 10.46 -2.93
CA LEU A 7 9.62 11.40 -2.03
C LEU A 7 10.25 12.78 -2.13
N SER A 8 9.45 13.76 -2.51
CA SER A 8 9.93 15.14 -2.64
C SER A 8 10.24 15.74 -1.27
N GLY A 9 10.52 17.04 -1.25
CA GLY A 9 10.83 17.71 0.00
C GLY A 9 9.75 17.51 1.05
N GLY A 10 8.50 17.76 0.66
CA GLY A 10 7.40 17.61 1.59
C GLY A 10 7.17 16.16 1.98
N GLU A 11 7.16 15.28 0.99
CA GLU A 11 6.95 13.85 1.24
C GLU A 11 8.05 13.29 2.12
N LEU A 12 9.24 13.86 2.02
CA LEU A 12 10.38 13.41 2.81
C LEU A 12 10.14 13.65 4.30
N ASP A 13 9.83 14.89 4.66
CA ASP A 13 9.56 15.24 6.05
C ASP A 13 8.51 14.32 6.66
N LYS A 14 7.39 14.19 5.96
CA LYS A 14 6.30 13.34 6.43
C LYS A 14 6.75 11.87 6.51
N TRP A 15 7.53 11.45 5.53
CA TRP A 15 8.02 10.08 5.50
C TRP A 15 8.79 9.75 6.77
N GLU A 16 9.81 10.55 7.07
CA GLU A 16 10.63 10.33 8.26
C GLU A 16 9.76 10.35 9.52
N LYS A 17 8.63 11.04 9.45
CA LYS A 17 7.71 11.13 10.58
C LYS A 17 6.94 9.84 10.76
N ILE A 18 6.32 9.37 9.68
CA ILE A 18 5.55 8.14 9.72
C ILE A 18 6.36 6.99 10.31
N ARG A 19 5.70 6.15 11.10
CA ARG A 19 6.36 5.01 11.74
C ARG A 19 5.98 3.71 11.04
N LEU A 20 6.84 2.70 11.17
CA LEU A 20 6.61 1.40 10.57
C LEU A 20 5.48 0.65 11.29
N ARG A 21 5.35 0.92 12.58
CA ARG A 21 4.32 0.27 13.39
C ARG A 21 3.70 1.25 14.38
N PRO A 22 2.46 0.98 14.79
CA PRO A 22 1.73 1.83 15.74
C PRO A 22 2.32 1.77 17.15
N GLY A 23 2.79 0.58 17.53
CA GLY A 23 3.37 0.41 18.85
C GLY A 23 4.86 0.13 18.80
N GLY A 24 5.61 1.06 18.19
CA GLY A 24 7.04 0.89 18.07
C GLY A 24 7.81 2.10 18.55
N LYS A 25 9.12 2.08 18.37
CA LYS A 25 9.98 3.19 18.78
C LYS A 25 10.91 3.60 17.65
N LYS A 26 10.52 3.32 16.43
CA LYS A 26 11.32 3.67 15.26
C LYS A 26 10.46 4.22 14.13
N GLN A 27 10.93 5.27 13.49
CA GLN A 27 10.19 5.90 12.40
C GLN A 27 10.67 5.36 11.05
N TYR A 28 10.14 5.93 9.97
CA TYR A 28 10.51 5.51 8.62
C TYR A 28 11.79 6.20 8.16
N LYS A 29 12.54 5.51 7.32
CA LYS A 29 13.80 6.05 6.79
C LYS A 29 14.07 5.53 5.38
N LEU A 30 15.04 6.14 4.71
CA LEU A 30 15.40 5.74 3.36
C LEU A 30 15.72 4.25 3.31
N LYS A 31 16.19 3.72 4.43
CA LYS A 31 16.53 2.30 4.51
C LYS A 31 15.39 1.43 4.03
N HIS A 32 14.16 1.89 4.27
CA HIS A 32 12.97 1.15 3.85
C HIS A 32 12.65 1.42 2.38
N ILE A 33 12.92 2.60 1.86
CA ILE A 33 12.64 2.91 0.46
C ILE A 33 13.59 2.17 -0.47
N VAL A 34 14.85 2.05 -0.06
CA VAL A 34 15.86 1.36 -0.84
C VAL A 34 15.68 -0.16 -0.77
N TRP A 35 15.40 -0.65 0.44
CA TRP A 35 15.21 -2.08 0.64
C TRP A 35 14.08 -2.61 -0.23
N ALA A 36 12.90 -2.01 -0.09
CA ALA A 36 11.74 -2.43 -0.86
C ALA A 36 12.02 -2.36 -2.36
N SER A 37 12.93 -1.46 -2.74
CA SER A 37 13.29 -1.29 -4.15
C SER A 37 13.97 -2.54 -4.69
N ARG A 38 14.89 -3.10 -3.90
CA ARG A 38 15.61 -4.30 -4.31
C ARG A 38 14.68 -5.51 -4.35
N GLU A 39 13.84 -5.63 -3.33
CA GLU A 39 12.90 -6.74 -3.24
C GLU A 39 11.84 -6.64 -4.33
N LEU A 40 11.58 -5.41 -4.78
CA LEU A 40 10.58 -5.18 -5.83
C LEU A 40 11.05 -5.76 -7.16
N GLU A 41 12.22 -5.34 -7.61
CA GLU A 41 12.77 -5.82 -8.87
C GLU A 41 12.84 -7.34 -8.89
N ARG A 42 12.97 -7.94 -7.71
CA ARG A 42 13.04 -9.38 -7.59
C ARG A 42 11.72 -10.04 -7.99
N PHE A 43 10.63 -9.32 -7.80
CA PHE A 43 9.30 -9.83 -8.14
C PHE A 43 8.87 -9.34 -9.53
N ALA A 44 9.85 -9.07 -10.38
CA ALA A 44 9.58 -8.59 -11.73
C ALA A 44 8.91 -7.23 -11.71
N VAL A 45 9.08 -6.51 -10.61
CA VAL A 45 8.49 -5.19 -10.45
C VAL A 45 9.57 -4.12 -10.28
N ASN A 46 9.67 -3.22 -11.26
CA ASN A 46 10.65 -2.15 -11.21
C ASN A 46 10.40 -1.23 -10.02
N PRO A 47 11.50 -0.72 -9.43
CA PRO A 47 11.42 0.18 -8.28
C PRO A 47 10.87 1.55 -8.65
N GLY A 48 10.80 1.83 -9.94
CA GLY A 48 10.27 3.11 -10.40
C GLY A 48 8.81 3.29 -10.06
N LEU A 49 8.14 2.19 -9.72
CA LEU A 49 6.72 2.24 -9.38
C LEU A 49 6.52 2.85 -7.99
N LEU A 50 7.55 2.78 -7.16
CA LEU A 50 7.50 3.33 -5.81
C LEU A 50 7.29 4.84 -5.84
N GLU A 51 7.69 5.46 -6.95
CA GLU A 51 7.55 6.90 -7.10
C GLU A 51 6.34 7.24 -7.97
N THR A 52 5.37 6.34 -7.99
CA THR A 52 4.16 6.54 -8.79
C THR A 52 2.92 6.18 -7.99
N SER A 53 2.00 7.14 -7.87
CA SER A 53 0.76 6.92 -7.12
C SER A 53 -0.02 5.75 -7.70
N GLU A 54 0.24 5.44 -8.97
CA GLU A 54 -0.44 4.33 -9.63
C GLU A 54 0.25 3.01 -9.34
N GLY A 55 1.57 2.99 -9.49
CA GLY A 55 2.34 1.79 -9.24
C GLY A 55 2.07 1.21 -7.86
N CYS A 56 2.16 2.06 -6.84
CA CYS A 56 1.93 1.63 -5.46
C CYS A 56 0.60 0.89 -5.34
N ARG A 57 -0.44 1.44 -5.97
CA ARG A 57 -1.76 0.83 -5.92
C ARG A 57 -1.73 -0.58 -6.50
N GLN A 58 -0.92 -0.79 -7.52
CA GLN A 58 -0.79 -2.10 -8.15
C GLN A 58 0.04 -3.04 -7.30
N ILE A 59 1.21 -2.57 -6.88
CA ILE A 59 2.12 -3.36 -6.06
C ILE A 59 1.39 -3.92 -4.84
N LEU A 60 0.51 -3.12 -4.26
CA LEU A 60 -0.25 -3.53 -3.09
C LEU A 60 -1.36 -4.49 -3.47
N GLY A 61 -1.83 -4.39 -4.71
CA GLY A 61 -2.89 -5.26 -5.19
C GLY A 61 -2.44 -6.70 -5.32
N GLN A 62 -1.12 -6.91 -5.42
CA GLN A 62 -0.57 -8.24 -5.56
C GLN A 62 -0.19 -8.82 -4.21
N LEU A 63 0.11 -7.94 -3.26
CA LEU A 63 0.49 -8.37 -1.91
C LEU A 63 -0.75 -8.47 -1.01
N GLN A 64 -1.78 -7.71 -1.33
CA GLN A 64 -3.01 -7.73 -0.56
C GLN A 64 -3.53 -9.15 -0.37
N PRO A 65 -3.85 -9.81 -1.49
CA PRO A 65 -4.35 -11.19 -1.48
C PRO A 65 -3.29 -12.20 -1.08
N SER A 66 -2.03 -11.77 -1.14
CA SER A 66 -0.91 -12.65 -0.78
C SER A 66 -0.37 -12.29 0.60
N LEU A 67 -1.23 -11.72 1.45
CA LEU A 67 -0.84 -11.33 2.79
C LEU A 67 -0.84 -12.54 3.72
N GLN A 68 -1.77 -13.47 3.49
CA GLN A 68 -1.87 -14.67 4.31
C GLN A 68 -0.90 -15.74 3.83
N THR A 69 -0.77 -15.86 2.51
CA THR A 69 0.12 -16.85 1.92
C THR A 69 1.47 -16.24 1.56
N GLY A 70 1.88 -15.23 2.32
CA GLY A 70 3.14 -14.57 2.07
C GLY A 70 4.19 -14.88 3.13
N SER A 71 5.36 -14.29 2.99
CA SER A 71 6.45 -14.51 3.94
C SER A 71 6.78 -13.23 4.69
N GLU A 72 7.78 -13.30 5.57
CA GLU A 72 8.19 -12.14 6.36
C GLU A 72 8.50 -10.96 5.46
N GLU A 73 9.15 -11.23 4.33
CA GLU A 73 9.51 -10.18 3.38
C GLU A 73 8.26 -9.53 2.80
N LEU A 74 7.34 -10.34 2.31
CA LEU A 74 6.10 -9.84 1.73
C LEU A 74 5.38 -8.91 2.70
N ARG A 75 5.39 -9.29 3.98
CA ARG A 75 4.74 -8.49 5.01
C ARG A 75 5.33 -7.08 5.08
N SER A 76 6.64 -7.02 5.31
CA SER A 76 7.33 -5.74 5.40
C SER A 76 7.07 -4.88 4.15
N LEU A 77 7.02 -5.54 2.99
CA LEU A 77 6.77 -4.84 1.74
C LEU A 77 5.44 -4.10 1.78
N TYR A 78 4.37 -4.85 2.01
CA TYR A 78 3.03 -4.26 2.07
C TYR A 78 2.98 -3.09 3.05
N ASN A 79 3.83 -3.17 4.07
CA ASN A 79 3.89 -2.11 5.08
C ASN A 79 4.49 -0.83 4.49
N THR A 80 5.70 -0.93 3.95
CA THR A 80 6.37 0.22 3.36
C THR A 80 5.60 0.73 2.15
N ILE A 81 5.32 -0.15 1.20
CA ILE A 81 4.59 0.22 0.00
C ILE A 81 3.30 0.95 0.34
N ALA A 82 2.72 0.61 1.49
CA ALA A 82 1.48 1.23 1.94
C ALA A 82 1.70 2.70 2.29
N VAL A 83 2.58 2.95 3.26
CA VAL A 83 2.88 4.32 3.69
C VAL A 83 3.23 5.20 2.50
N LEU A 84 4.08 4.67 1.61
CA LEU A 84 4.50 5.42 0.43
C LEU A 84 3.31 5.75 -0.46
N TYR A 85 2.41 4.79 -0.62
CA TYR A 85 1.22 4.99 -1.45
C TYR A 85 0.41 6.18 -0.96
N CYS A 86 0.02 6.13 0.31
CA CYS A 86 -0.77 7.22 0.90
C CYS A 86 -0.09 8.57 0.67
N VAL A 87 1.23 8.58 0.75
CA VAL A 87 1.99 9.81 0.55
C VAL A 87 1.79 10.37 -0.86
N HIS A 88 1.69 9.47 -1.84
CA HIS A 88 1.49 9.87 -3.22
C HIS A 88 0.01 10.08 -3.52
N GLN A 89 -0.90 9.67 -2.65
CA GLN A 89 -2.33 9.85 -2.88
C GLN A 89 -2.87 11.04 -2.09
N ARG A 90 -1.98 11.98 -1.78
CA ARG A 90 -2.37 13.18 -1.02
C ARG A 90 -2.95 12.78 0.33
N ILE A 91 -2.38 11.73 0.94
CA ILE A 91 -2.83 11.27 2.24
C ILE A 91 -1.77 11.47 3.30
N ASP A 92 -2.20 11.76 4.52
CA ASP A 92 -1.27 11.97 5.63
C ASP A 92 -1.59 11.03 6.79
N VAL A 93 -0.60 10.26 7.21
CA VAL A 93 -0.76 9.32 8.31
C VAL A 93 0.34 9.48 9.35
N LYS A 94 0.30 8.64 10.38
CA LYS A 94 1.29 8.69 11.45
C LYS A 94 2.09 7.39 11.51
N ASP A 95 1.44 6.29 11.13
CA ASP A 95 2.09 4.98 11.15
C ASP A 95 1.68 4.16 9.93
N THR A 96 2.19 2.94 9.84
CA THR A 96 1.89 2.06 8.73
C THR A 96 0.47 1.49 8.84
N LYS A 97 -0.02 1.41 10.08
CA LYS A 97 -1.37 0.89 10.32
C LYS A 97 -2.42 1.87 9.82
N GLU A 98 -2.23 3.15 10.11
CA GLU A 98 -3.17 4.18 9.69
C GLU A 98 -3.40 4.13 8.19
N ALA A 99 -2.31 4.12 7.43
CA ALA A 99 -2.39 4.06 5.97
C ALA A 99 -3.05 2.77 5.51
N LEU A 100 -2.88 1.71 6.30
CA LEU A 100 -3.46 0.41 5.97
C LEU A 100 -4.98 0.48 5.97
N ASP A 101 -5.54 1.16 6.96
CA ASP A 101 -7.00 1.30 7.07
C ASP A 101 -7.54 2.17 5.95
N LYS A 102 -6.76 3.16 5.54
CA LYS A 102 -7.16 4.07 4.47
C LYS A 102 -7.30 3.33 3.15
N ILE A 103 -6.35 2.44 2.86
CA ILE A 103 -6.38 1.67 1.64
C ILE A 103 -7.48 0.61 1.67
N GLU A 104 -7.59 -0.08 2.80
CA GLU A 104 -8.60 -1.12 2.96
C GLU A 104 -10.00 -0.56 2.69
N GLU A 105 -10.25 0.66 3.15
CA GLU A 105 -11.53 1.31 2.96
C GLU A 105 -11.87 1.44 1.48
N GLU A 106 -10.83 1.71 0.67
CA GLU A 106 -11.01 1.87 -0.76
C GLU A 106 -11.39 0.54 -1.41
N GLN A 107 -10.86 -0.55 -0.88
CA GLN A 107 -11.13 -1.88 -1.40
C GLN A 107 -12.55 -2.33 -1.02
N ASN A 108 -13.00 -1.90 0.14
CA ASN A 108 -14.33 -2.27 0.63
C ASN A 108 -15.41 -1.67 -0.26
N LYS A 109 -15.13 -0.49 -0.81
CA LYS A 109 -16.09 0.20 -1.69
C LYS A 109 -16.14 -0.48 -3.05
N SER A 110 -15.01 -1.02 -3.50
CA SER A 110 -14.94 -1.69 -4.79
C SER A 110 -15.63 -3.04 -4.74
N LYS A 111 -15.56 -3.70 -3.59
CA LYS A 111 -16.18 -5.01 -3.40
C LYS A 111 -17.68 -4.86 -3.15
N LYS A 112 -18.03 -3.87 -2.32
CA LYS A 112 -19.43 -3.62 -2.00
C LYS A 112 -20.23 -3.29 -3.25
N LYS A 113 -19.57 -2.71 -4.25
CA LYS A 113 -20.22 -2.34 -5.50
C LYS A 113 -19.98 -3.40 -6.57
N ALA A 114 -19.84 -4.65 -6.13
CA ALA A 114 -19.59 -5.76 -7.05
C ALA A 114 -19.71 -7.10 -6.34
N GLN A 115 -20.66 -7.19 -5.41
CA GLN A 115 -20.86 -8.42 -4.65
C GLN A 115 -21.91 -9.31 -5.34
N GLN A 116 -23.01 -8.69 -5.76
CA GLN A 116 -24.08 -9.43 -6.42
C GLN A 116 -23.54 -10.23 -7.60
N ALA A 117 -22.46 -9.74 -8.19
CA ALA A 117 -21.84 -10.42 -9.33
C ALA A 117 -21.59 -11.89 -9.02
N ALA A 118 -21.36 -12.19 -7.74
CA ALA A 118 -21.09 -13.56 -7.32
C ALA A 118 -22.34 -14.19 -6.70
N ALA A 119 -22.16 -15.33 -6.05
CA ALA A 119 -23.27 -16.03 -5.41
C ALA A 119 -24.30 -16.49 -6.44
N ASP A 120 -23.87 -16.60 -7.69
CA ASP A 120 -24.76 -17.02 -8.76
C ASP A 120 -24.26 -18.32 -9.40
N THR A 121 -23.72 -19.21 -8.58
CA THR A 121 -23.19 -20.48 -9.06
C THR A 121 -23.99 -21.65 -8.48
N GLY A 122 -23.76 -22.84 -9.03
CA GLY A 122 -24.45 -24.03 -8.55
C GLY A 122 -24.05 -24.40 -7.15
N ASN A 123 -22.89 -25.03 -7.01
CA ASN A 123 -22.39 -25.45 -5.70
C ASN A 123 -21.96 -24.24 -4.87
N ASN A 124 -22.39 -24.23 -3.61
CA ASN A 124 -22.06 -23.13 -2.70
C ASN A 124 -21.95 -23.63 -1.27
N SER A 125 -21.68 -22.71 -0.35
CA SER A 125 -21.55 -23.05 1.06
C SER A 125 -22.48 -22.19 1.91
N GLN A 126 -23.64 -22.75 2.26
CA GLN A 126 -24.62 -22.02 3.07
C GLN A 126 -24.04 -21.66 4.43
N VAL A 127 -24.69 -20.74 5.12
CA VAL A 127 -24.24 -20.31 6.45
C VAL A 127 -25.20 -20.77 7.54
N SER A 128 -24.73 -20.75 8.77
CA SER A 128 -25.54 -21.18 9.91
C SER A 128 -26.01 -19.97 10.72
N GLN A 129 -27.18 -20.10 11.34
CA GLN A 129 -27.74 -19.02 12.15
C GLN A 129 -28.44 -19.57 13.39
N ASN A 130 -28.93 -18.67 14.23
CA ASN A 130 -29.62 -19.07 15.45
C ASN A 130 -28.71 -19.94 16.33
N TYR A 131 -29.26 -20.40 17.45
CA TYR A 131 -28.51 -21.25 18.37
C TYR A 131 -27.30 -20.51 18.92
N 8SP B . 2.89 -14.72 -17.41
P 8SP B . 4.96 -14.05 -13.96
OG 8SP B . 4.69 -14.46 -15.49
C1A 8SP B . 3.77 -9.35 -13.10
O1A 8SP B . 2.78 -8.70 -12.70
C1B 8SP B . 4.69 -12.37 -8.64
O1B 8SP B . 5.71 -11.66 -8.84
CB 8SP B . 4.82 -13.47 -16.51
C1G 8SP B . 3.56 -11.07 -11.30
O1G 8SP B . 4.15 -10.50 -12.48
C2A 8SP B . 4.58 -8.93 -14.27
C2B 8SP B . 4.26 -12.74 -7.26
CA 8SP B . 3.62 -13.43 -17.48
C2G 8SP B . 4.06 -12.52 -11.08
O2G 8SP B . 3.92 -12.80 -9.67
O2P 8SP B . 5.35 -15.19 -13.11
C3A 8SP B . 4.04 -7.69 -15.04
C3B 8SP B . 3.26 -11.76 -6.60
C 8SP B . 4.00 -13.19 -18.88
O 8SP B . 4.78 -13.96 -19.49
OXT 8SP B . 3.48 -12.14 -19.56
C3G 8SP B . 3.35 -13.56 -11.99
O3G 8SP B . 3.63 -13.36 -13.40
O3P 8SP B . 6.12 -12.97 -13.93
C4A 8SP B . 3.39 -8.08 -16.40
C4B 8SP B . 3.90 -10.89 -5.49
C5A 8SP B . 3.55 -6.97 -17.48
C5B 8SP B . 4.81 -9.76 -6.06
C6A 8SP B . 3.46 -7.55 -18.93
C6B 8SP B . 4.12 -8.36 -6.03
C7A 8SP B . 4.79 -7.37 -19.71
C7B 8SP B . 5.15 -7.19 -6.02
C8A 8SP B . 4.96 -8.44 -20.82
C8B 8SP B . 5.70 -6.88 -4.60
H2 8SP B . 2.14 -14.65 -16.71
HB3 8SP B . 5.70 -13.77 -17.08
HB2 8SP B . 5.03 -12.45 -16.13
H11G 8SP B . 3.81 -10.46 -10.43
H21G 8SP B . 2.47 -11.08 -11.41
H 8SP B . 3.54 -15.46 -17.14
H12A 8SP B . 5.59 -8.72 -13.93
H22A 8SP B . 4.62 -9.78 -14.96
H12B 8SP B . 5.15 -12.82 -6.65
H22B 8SP B . 3.80 -13.73 -7.32
HA 8SP B . 2.93 -12.65 -17.15
H2G 8SP B . 5.13 -12.52 -11.32
H13A 8SP B . 4.87 -7.00 -15.23
H23A 8SP B . 3.29 -7.17 -14.43
H13B 8SP B . 2.44 -12.33 -6.17
H23B 8SP B . 2.84 -11.10 -7.38
H13G 8SP B . 3.58 -14.56 -11.60
H23G 8SP B . 2.27 -13.44 -11.88
H14A 8SP B . 2.32 -8.26 -16.24
H24A 8SP B . 3.84 -9.01 -16.76
H14B 8SP B . 4.51 -11.52 -4.84
H24B 8SP B . 3.11 -10.43 -4.89
H15A 8SP B . 4.52 -6.49 -17.34
H25A 8SP B . 2.77 -6.22 -17.35
H15B 8SP B . 5.07 -10.00 -7.10
H25B 8SP B . 5.73 -9.72 -5.48
H16A 8SP B . 2.66 -7.03 -19.45
H26A 8SP B . 3.21 -8.61 -18.87
H16B 8SP B . 3.50 -8.29 -5.14
H26B 8SP B . 3.48 -8.26 -6.91
H17A 8SP B . 5.63 -7.45 -19.02
H27A 8SP B . 4.82 -6.39 -20.18
H17B 8SP B . 4.68 -6.29 -6.41
H27B 8SP B . 5.99 -7.45 -6.67
H18A 8SP B . 4.25 -9.26 -20.66
H28A 8SP B . 4.78 -8.00 -21.80
H38A 8SP B . 5.98 -8.84 -20.80
H18B 8SP B . 5.13 -6.08 -4.15
H28B 8SP B . 5.61 -7.77 -3.97
H38B 8SP B . 6.75 -6.60 -4.66
HNB 8SP B . 2.49 -14.93 -18.33
N GLY A 1 18.39 3.05 -17.58
CA GLY A 1 18.71 3.35 -16.21
C GLY A 1 19.12 4.80 -16.01
N ALA A 2 18.39 5.51 -15.16
CA ALA A 2 18.68 6.92 -14.88
C ALA A 2 18.50 7.24 -13.40
N ARG A 3 18.85 8.46 -13.02
CA ARG A 3 18.73 8.89 -11.64
C ARG A 3 17.35 9.47 -11.37
N ALA A 4 16.78 9.11 -10.23
CA ALA A 4 15.45 9.60 -9.85
C ALA A 4 15.13 9.24 -8.40
N SER A 5 14.37 10.10 -7.73
CA SER A 5 13.99 9.88 -6.34
C SER A 5 12.51 9.51 -6.24
N VAL A 6 12.20 8.61 -5.31
CA VAL A 6 10.83 8.18 -5.09
C VAL A 6 9.99 9.26 -4.43
N LEU A 7 10.52 9.81 -3.33
CA LEU A 7 9.83 10.86 -2.59
C LEU A 7 10.54 12.20 -2.76
N SER A 8 9.78 13.24 -3.09
CA SER A 8 10.33 14.58 -3.27
C SER A 8 10.74 15.19 -1.93
N GLY A 9 11.14 16.46 -1.97
CA GLY A 9 11.54 17.13 -0.76
C GLY A 9 10.44 17.17 0.29
N GLY A 10 9.25 17.61 -0.13
CA GLY A 10 8.13 17.68 0.80
C GLY A 10 7.70 16.31 1.30
N GLU A 11 7.69 15.34 0.40
CA GLU A 11 7.29 13.98 0.76
C GLU A 11 8.31 13.34 1.69
N LEU A 12 9.59 13.64 1.46
CA LEU A 12 10.66 13.09 2.27
C LEU A 12 10.47 13.47 3.74
N ASP A 13 10.32 14.76 4.00
CA ASP A 13 10.13 15.25 5.36
C ASP A 13 8.99 14.49 6.05
N LYS A 14 7.92 14.25 5.31
CA LYS A 14 6.76 13.54 5.85
C LYS A 14 7.07 12.07 6.06
N TRP A 15 7.79 11.48 5.11
CA TRP A 15 8.16 10.07 5.20
C TRP A 15 8.89 9.78 6.51
N GLU A 16 9.74 10.71 6.92
CA GLU A 16 10.51 10.54 8.15
C GLU A 16 9.61 10.74 9.37
N LYS A 17 8.45 11.35 9.16
CA LYS A 17 7.51 11.59 10.24
C LYS A 17 6.46 10.49 10.31
N ILE A 18 6.86 9.27 9.95
CA ILE A 18 5.96 8.13 9.97
C ILE A 18 6.54 6.98 10.79
N ARG A 19 5.78 6.52 11.77
CA ARG A 19 6.22 5.43 12.63
C ARG A 19 6.17 4.09 11.89
N LEU A 20 7.19 3.27 12.09
CA LEU A 20 7.26 1.97 11.44
C LEU A 20 6.22 1.01 12.01
N ARG A 21 5.96 1.12 13.31
CA ARG A 21 4.99 0.27 13.97
C ARG A 21 4.10 1.09 14.91
N PRO A 22 2.89 0.58 15.17
CA PRO A 22 1.92 1.24 16.04
C PRO A 22 2.36 1.21 17.51
N GLY A 23 2.95 0.10 17.92
CA GLY A 23 3.40 -0.03 19.30
C GLY A 23 4.91 0.13 19.43
N GLY A 24 5.44 1.22 18.89
CA GLY A 24 6.87 1.46 18.95
C GLY A 24 7.21 2.92 18.91
N LYS A 25 8.50 3.23 18.74
CA LYS A 25 8.96 4.62 18.68
C LYS A 25 10.06 4.77 17.64
N LYS A 26 9.84 4.23 16.45
CA LYS A 26 10.82 4.31 15.37
C LYS A 26 10.20 4.92 14.11
N GLN A 27 10.82 5.95 13.58
CA GLN A 27 10.33 6.61 12.37
C GLN A 27 10.87 5.93 11.12
N TYR A 28 10.34 6.31 9.97
CA TYR A 28 10.76 5.74 8.70
C TYR A 28 11.99 6.46 8.15
N LYS A 29 12.80 5.74 7.39
CA LYS A 29 14.01 6.31 6.81
C LYS A 29 14.23 5.77 5.39
N LEU A 30 15.06 6.49 4.62
CA LEU A 30 15.35 6.09 3.26
C LEU A 30 15.80 4.63 3.20
N LYS A 31 16.44 4.17 4.26
CA LYS A 31 16.91 2.79 4.34
C LYS A 31 15.79 1.81 4.01
N HIS A 32 14.57 2.18 4.38
CA HIS A 32 13.41 1.32 4.13
C HIS A 32 12.90 1.51 2.70
N ILE A 33 12.86 2.73 2.17
CA ILE A 33 12.38 2.96 0.81
C ILE A 33 13.26 2.24 -0.20
N VAL A 34 14.56 2.22 0.06
CA VAL A 34 15.51 1.55 -0.84
C VAL A 34 15.36 0.04 -0.77
N TRP A 35 15.14 -0.48 0.44
CA TRP A 35 14.97 -1.91 0.63
C TRP A 35 13.86 -2.46 -0.26
N ALA A 36 12.68 -1.87 -0.16
CA ALA A 36 11.54 -2.30 -0.95
C ALA A 36 11.90 -2.34 -2.43
N SER A 37 12.65 -1.36 -2.88
CA SER A 37 13.06 -1.28 -4.29
C SER A 37 13.78 -2.55 -4.71
N ARG A 38 14.70 -3.01 -3.86
CA ARG A 38 15.47 -4.23 -4.14
C ARG A 38 14.57 -5.45 -4.12
N GLU A 39 13.48 -5.37 -3.38
CA GLU A 39 12.54 -6.48 -3.27
C GLU A 39 11.56 -6.48 -4.45
N LEU A 40 11.30 -5.30 -4.99
CA LEU A 40 10.38 -5.16 -6.11
C LEU A 40 10.94 -5.85 -7.35
N GLU A 41 12.19 -5.55 -7.68
CA GLU A 41 12.85 -6.14 -8.85
C GLU A 41 12.79 -7.66 -8.78
N ARG A 42 12.70 -8.19 -7.57
CA ARG A 42 12.65 -9.64 -7.38
C ARG A 42 11.29 -10.19 -7.81
N PHE A 43 10.26 -9.37 -7.71
CA PHE A 43 8.91 -9.77 -8.11
C PHE A 43 8.60 -9.33 -9.52
N ALA A 44 9.64 -9.17 -10.33
CA ALA A 44 9.48 -8.75 -11.72
C ALA A 44 8.89 -7.34 -11.80
N VAL A 45 9.06 -6.58 -10.74
CA VAL A 45 8.54 -5.21 -10.68
C VAL A 45 9.68 -4.20 -10.54
N ASN A 46 9.67 -3.18 -11.39
CA ASN A 46 10.69 -2.15 -11.37
C ASN A 46 10.51 -1.24 -10.16
N PRO A 47 11.64 -0.83 -9.56
CA PRO A 47 11.64 0.05 -8.38
C PRO A 47 11.18 1.46 -8.71
N GLY A 48 11.02 1.74 -10.00
CA GLY A 48 10.59 3.06 -10.44
C GLY A 48 9.09 3.21 -10.41
N LEU A 49 8.41 2.26 -9.78
CA LEU A 49 6.95 2.29 -9.68
C LEU A 49 6.51 2.91 -8.36
N LEU A 50 7.36 2.81 -7.36
CA LEU A 50 7.05 3.37 -6.04
C LEU A 50 6.97 4.89 -6.08
N GLU A 51 7.66 5.47 -7.07
CA GLU A 51 7.67 6.93 -7.22
C GLU A 51 6.36 7.41 -7.84
N THR A 52 5.51 6.46 -8.24
CA THR A 52 4.23 6.79 -8.85
C THR A 52 3.07 6.23 -8.03
N SER A 53 2.09 7.09 -7.74
CA SER A 53 0.92 6.68 -6.96
C SER A 53 0.23 5.49 -7.60
N GLU A 54 0.40 5.35 -8.91
CA GLU A 54 -0.21 4.24 -9.64
C GLU A 54 0.62 2.96 -9.48
N GLY A 55 1.93 3.09 -9.61
CA GLY A 55 2.81 1.94 -9.47
C GLY A 55 2.57 1.18 -8.18
N CYS A 56 2.48 1.91 -7.08
CA CYS A 56 2.25 1.30 -5.77
C CYS A 56 0.97 0.47 -5.77
N ARG A 57 -0.09 1.04 -6.34
CA ARG A 57 -1.38 0.35 -6.40
C ARG A 57 -1.23 -1.04 -7.01
N GLN A 58 -0.51 -1.11 -8.12
CA GLN A 58 -0.28 -2.39 -8.80
C GLN A 58 0.51 -3.34 -7.93
N ILE A 59 1.46 -2.80 -7.17
CA ILE A 59 2.28 -3.61 -6.28
C ILE A 59 1.48 -4.13 -5.10
N LEU A 60 0.58 -3.30 -4.59
CA LEU A 60 -0.26 -3.68 -3.46
C LEU A 60 -1.36 -4.64 -3.89
N GLY A 61 -1.74 -4.55 -5.16
CA GLY A 61 -2.78 -5.42 -5.69
C GLY A 61 -2.34 -6.87 -5.76
N GLN A 62 -1.05 -7.09 -5.88
CA GLN A 62 -0.50 -8.44 -5.96
C GLN A 62 -0.19 -8.99 -4.58
N LEU A 63 0.08 -8.09 -3.63
CA LEU A 63 0.38 -8.49 -2.27
C LEU A 63 -0.89 -8.61 -1.43
N GLN A 64 -1.93 -7.87 -1.84
CA GLN A 64 -3.20 -7.90 -1.13
C GLN A 64 -3.69 -9.33 -0.94
N PRO A 65 -3.93 -10.02 -2.07
CA PRO A 65 -4.42 -11.40 -2.07
C PRO A 65 -3.35 -12.38 -1.59
N SER A 66 -2.11 -11.93 -1.58
CA SER A 66 -0.99 -12.77 -1.14
C SER A 66 -0.53 -12.39 0.26
N LEU A 67 -1.45 -11.82 1.04
CA LEU A 67 -1.14 -11.40 2.40
C LEU A 67 -1.17 -12.60 3.36
N GLN A 68 -2.08 -13.53 3.11
CA GLN A 68 -2.21 -14.72 3.94
C GLN A 68 -1.17 -15.76 3.55
N THR A 69 -0.94 -15.90 2.25
CA THR A 69 0.03 -16.87 1.74
C THR A 69 1.39 -16.22 1.48
N GLY A 70 1.66 -15.13 2.19
CA GLY A 70 2.92 -14.43 2.03
C GLY A 70 3.86 -14.67 3.19
N SER A 71 5.13 -14.30 2.99
CA SER A 71 6.15 -14.48 4.02
C SER A 71 6.46 -13.16 4.71
N GLU A 72 7.39 -13.20 5.65
CA GLU A 72 7.80 -12.00 6.39
C GLU A 72 8.23 -10.90 5.43
N GLU A 73 8.72 -11.29 4.25
CA GLU A 73 9.18 -10.33 3.26
C GLU A 73 7.99 -9.62 2.60
N LEU A 74 6.92 -10.38 2.35
CA LEU A 74 5.73 -9.83 1.72
C LEU A 74 5.04 -8.85 2.66
N ARG A 75 4.99 -9.18 3.94
CA ARG A 75 4.35 -8.33 4.94
C ARG A 75 5.04 -6.97 5.00
N SER A 76 6.37 -6.99 5.08
CA SER A 76 7.15 -5.76 5.16
C SER A 76 6.87 -4.87 3.95
N LEU A 77 6.84 -5.48 2.78
CA LEU A 77 6.58 -4.75 1.54
C LEU A 77 5.24 -4.02 1.60
N TYR A 78 4.18 -4.78 1.82
CA TYR A 78 2.84 -4.22 1.90
C TYR A 78 2.79 -3.07 2.90
N ASN A 79 3.64 -3.15 3.93
CA ASN A 79 3.70 -2.12 4.95
C ASN A 79 4.35 -0.85 4.42
N THR A 80 5.62 -0.96 4.03
CA THR A 80 6.36 0.17 3.50
C THR A 80 5.64 0.79 2.31
N ILE A 81 5.34 -0.03 1.32
CA ILE A 81 4.65 0.43 0.12
C ILE A 81 3.37 1.19 0.48
N ALA A 82 2.68 0.71 1.50
CA ALA A 82 1.44 1.34 1.96
C ALA A 82 1.71 2.75 2.46
N VAL A 83 2.68 2.89 3.36
CA VAL A 83 3.04 4.18 3.93
C VAL A 83 3.43 5.16 2.83
N LEU A 84 4.13 4.66 1.82
CA LEU A 84 4.57 5.50 0.71
C LEU A 84 3.39 5.95 -0.15
N TYR A 85 2.54 4.99 -0.52
CA TYR A 85 1.37 5.28 -1.34
C TYR A 85 0.56 6.41 -0.73
N CYS A 86 0.27 6.31 0.56
CA CYS A 86 -0.50 7.32 1.26
C CYS A 86 0.10 8.70 1.04
N VAL A 87 1.41 8.76 0.86
CA VAL A 87 2.10 10.02 0.64
C VAL A 87 1.78 10.59 -0.74
N HIS A 88 1.76 9.73 -1.75
CA HIS A 88 1.47 10.14 -3.12
C HIS A 88 -0.01 10.46 -3.28
N GLN A 89 -0.90 9.86 -2.50
CA GLN A 89 -2.33 10.12 -2.63
C GLN A 89 -2.71 11.37 -1.84
N ARG A 90 -2.77 11.24 -0.52
CA ARG A 90 -3.12 12.36 0.34
C ARG A 90 -3.08 11.94 1.81
N ILE A 91 -3.46 10.70 2.08
CA ILE A 91 -3.47 10.18 3.44
C ILE A 91 -2.12 10.42 4.13
N ASP A 92 -2.17 11.00 5.32
CA ASP A 92 -0.96 11.28 6.08
C ASP A 92 -0.95 10.50 7.40
N VAL A 93 -1.04 9.18 7.29
CA VAL A 93 -1.05 8.33 8.48
C VAL A 93 0.13 8.64 9.39
N LYS A 94 0.04 8.22 10.65
CA LYS A 94 1.09 8.45 11.62
C LYS A 94 1.96 7.21 11.79
N ASP A 95 1.37 6.04 11.52
CA ASP A 95 2.08 4.78 11.65
C ASP A 95 1.70 3.83 10.52
N THR A 96 2.43 2.72 10.42
CA THR A 96 2.17 1.73 9.38
C THR A 96 0.86 1.00 9.62
N LYS A 97 0.44 0.95 10.88
CA LYS A 97 -0.81 0.28 11.25
C LYS A 97 -2.01 1.02 10.69
N GLU A 98 -2.00 2.35 10.81
CA GLU A 98 -3.09 3.18 10.30
C GLU A 98 -3.14 3.13 8.78
N ALA A 99 -1.97 3.18 8.15
CA ALA A 99 -1.88 3.15 6.71
C ALA A 99 -2.50 1.89 6.14
N LEU A 100 -2.34 0.78 6.85
CA LEU A 100 -2.89 -0.51 6.42
C LEU A 100 -4.41 -0.53 6.59
N ASP A 101 -4.92 0.38 7.42
CA ASP A 101 -6.36 0.46 7.66
C ASP A 101 -7.01 1.42 6.68
N LYS A 102 -6.35 2.56 6.44
CA LYS A 102 -6.87 3.57 5.52
C LYS A 102 -6.77 3.09 4.07
N ILE A 103 -5.82 2.20 3.81
CA ILE A 103 -5.64 1.66 2.47
C ILE A 103 -6.86 0.87 2.01
N GLU A 104 -7.59 0.31 2.98
CA GLU A 104 -8.78 -0.47 2.68
C GLU A 104 -9.98 0.44 2.44
N GLU A 105 -10.00 1.58 3.12
CA GLU A 105 -11.09 2.53 2.98
C GLU A 105 -11.05 3.21 1.61
N GLU A 106 -9.84 3.40 1.09
CA GLU A 106 -9.66 4.04 -0.21
C GLU A 106 -10.11 3.11 -1.33
N GLN A 107 -10.05 1.81 -1.08
CA GLN A 107 -10.44 0.81 -2.07
C GLN A 107 -11.96 0.57 -2.02
N ASN A 108 -12.50 0.58 -0.81
CA ASN A 108 -13.94 0.36 -0.63
C ASN A 108 -14.75 1.32 -1.49
N LYS A 109 -14.28 2.56 -1.57
CA LYS A 109 -14.96 3.59 -2.36
C LYS A 109 -15.00 3.20 -3.83
N SER A 110 -14.01 2.44 -4.27
CA SER A 110 -13.93 2.01 -5.66
C SER A 110 -14.39 0.57 -5.81
N LYS A 111 -15.35 0.18 -4.97
CA LYS A 111 -15.88 -1.18 -5.01
C LYS A 111 -17.34 -1.18 -5.46
N LYS A 112 -18.16 -0.40 -4.77
CA LYS A 112 -19.59 -0.30 -5.09
C LYS A 112 -19.79 0.41 -6.43
N LYS A 113 -18.85 1.30 -6.77
CA LYS A 113 -18.93 2.04 -8.02
C LYS A 113 -18.08 1.38 -9.11
N ALA A 114 -17.90 0.06 -8.99
CA ALA A 114 -17.12 -0.69 -9.95
C ALA A 114 -17.81 -1.99 -10.33
N GLN A 115 -19.14 -1.96 -10.37
CA GLN A 115 -19.93 -3.13 -10.72
C GLN A 115 -21.32 -2.73 -11.21
N GLN A 116 -21.38 -1.68 -12.03
CA GLN A 116 -22.64 -1.20 -12.55
C GLN A 116 -23.39 -2.31 -13.28
N ALA A 117 -22.65 -3.25 -13.86
CA ALA A 117 -23.24 -4.36 -14.58
C ALA A 117 -24.00 -5.28 -13.63
N ALA A 118 -23.33 -5.73 -12.57
CA ALA A 118 -23.95 -6.60 -11.59
C ALA A 118 -25.21 -5.98 -11.01
N ALA A 119 -25.17 -4.68 -10.79
CA ALA A 119 -26.33 -3.97 -10.23
C ALA A 119 -27.55 -4.15 -11.11
N ASP A 120 -27.34 -4.16 -12.43
CA ASP A 120 -28.43 -4.33 -13.39
C ASP A 120 -28.90 -5.78 -13.43
N THR A 121 -27.96 -6.72 -13.26
CA THR A 121 -28.27 -8.13 -13.28
C THR A 121 -28.92 -8.53 -14.59
N GLY A 122 -29.31 -9.80 -14.70
CA GLY A 122 -29.94 -10.29 -15.91
C GLY A 122 -31.46 -10.34 -15.79
N ASN A 123 -31.95 -11.28 -14.99
CA ASN A 123 -33.39 -11.42 -14.80
C ASN A 123 -33.81 -10.97 -13.40
N ASN A 124 -35.11 -11.00 -13.13
CA ASN A 124 -35.63 -10.59 -11.82
C ASN A 124 -34.96 -11.37 -10.70
N SER A 125 -34.70 -10.70 -9.59
CA SER A 125 -34.06 -11.33 -8.44
C SER A 125 -34.96 -11.30 -7.22
N GLN A 126 -34.90 -12.34 -6.41
CA GLN A 126 -35.72 -12.43 -5.21
C GLN A 126 -35.10 -11.63 -4.07
N VAL A 127 -35.62 -10.42 -3.85
CA VAL A 127 -35.12 -9.56 -2.79
C VAL A 127 -36.22 -9.20 -1.81
N SER A 128 -35.88 -9.22 -0.52
CA SER A 128 -36.85 -8.90 0.53
C SER A 128 -36.29 -7.86 1.50
N GLN A 129 -37.16 -7.03 2.04
CA GLN A 129 -36.76 -5.99 2.98
C GLN A 129 -37.13 -6.38 4.41
N ASN A 130 -36.65 -5.59 5.37
CA ASN A 130 -36.94 -5.85 6.78
C ASN A 130 -36.31 -4.77 7.66
N TYR A 131 -36.45 -4.94 8.97
CA TYR A 131 -35.89 -3.98 9.93
C TYR A 131 -36.54 -2.61 9.76
N 8SP B . 12.60 -14.26 -9.45
P 8SP B . 8.82 -17.50 -8.54
OG 8SP B . 10.15 -16.74 -8.12
C1A 8SP B . 5.83 -18.06 -4.34
O1A 8SP B . 6.86 -17.98 -3.61
C1B 8SP B . 5.51 -13.22 -8.08
O1B 8SP B . 6.05 -12.85 -9.15
CB 8SP B . 10.61 -15.64 -8.95
C1G 8SP B . 5.82 -15.95 -5.69
O1G 8SP B . 5.76 -17.37 -5.52
C2A 8SP B . 4.67 -18.91 -4.00
C2B 8SP B . 4.22 -12.65 -7.63
CA 8SP B . 12.15 -15.63 -9.14
C2G 8SP B . 5.66 -15.56 -7.18
O2G 8SP B . 6.06 -14.20 -7.31
O2P 8SP B . 8.41 -17.26 -9.93
C3A 8SP B . 4.96 -20.04 -2.96
C3B 8SP B . 4.07 -12.44 -6.10
C 8SP B . 12.61 -16.55 -10.20
O 8SP B . 12.61 -17.78 -10.04
OXT 8SP B . 13.01 -16.04 -11.40
C3G 8SP B . 6.44 -16.51 -8.14
O3G 8SP B . 7.65 -17.05 -7.54
O3P 8SP B . 9.04 -19.06 -8.32
C4A 8SP B . 4.03 -21.26 -3.15
C4B 8SP B . 3.48 -11.05 -5.73
C5A 8SP B . 2.91 -21.33 -2.08
C5B 8SP B . 4.54 -9.92 -5.82
C6A 8SP B . 2.67 -22.78 -1.56
C6B 8SP B . 3.93 -8.53 -6.15
C7A 8SP B . 1.18 -23.07 -1.23
C7B 8SP B . 4.95 -7.38 -6.05
C8A 8SP B . 0.29 -23.12 -2.49
C8B 8SP B . 5.36 -7.05 -4.60
H2 8SP B . 13.01 -14.25 -10.39
HB3 8SP B . 10.33 -14.74 -8.39
HB2 8SP B . 10.11 -15.56 -9.91
H11G 8SP B . 5.02 -15.48 -5.11
H21G 8SP B . 6.78 -15.57 -5.32
H 8SP B . 13.30 -13.97 -8.77
H12A 8SP B . 3.89 -18.27 -3.62
H22A 8SP B . 4.33 -19.38 -4.93
H12B 8SP B . 3.41 -13.31 -7.98
H22B 8SP B . 4.09 -11.68 -8.14
HA 8SP B . 12.62 -15.92 -8.19
H2G 8SP B . 4.60 -15.64 -7.42
H13A 8SP B . 4.82 -19.63 -1.95
H23A 8SP B . 6.00 -20.37 -3.06
H13B 8SP B . 5.06 -12.54 -5.64
H23B 8SP B . 3.42 -13.22 -5.70
H13G 8SP B . 5.74 -17.27 -8.52
H23G 8SP B . 6.76 -15.94 -9.01
H14A 8SP B . 4.63 -22.17 -3.10
H24A 8SP B . 3.57 -21.22 -4.14
H14B 8SP B . 3.08 -11.09 -4.71
H24B 8SP B . 2.66 -10.82 -6.41
H15A 8SP B . 1.98 -20.96 -2.52
H25A 8SP B . 3.17 -20.69 -1.24
H15B 8SP B . 5.28 -10.17 -6.59
H25B 8SP B . 5.07 -9.85 -4.86
H16A 8SP B . 3.27 -22.93 -0.66
H26A 8SP B . 3.01 -23.50 -2.32
H16B 8SP B . 3.09 -8.33 -5.46
H26B 8SP B . 3.52 -8.57 -7.17
H17A 8SP B . 0.80 -22.28 -0.56
H27A 8SP B . 1.10 -24.02 -0.71
H17B 8SP B . 4.53 -6.47 -6.50
H27B 8SP B . 5.85 -7.64 -6.62
H18A 8SP B . 0.12 -24.15 -2.77
H28A 8SP B . -0.68 -22.63 -2.29
H38A 8SP B . 0.78 -22.59 -3.32
H18B 8SP B . 4.53 -6.58 -4.07
H28B 8SP B . 5.64 -7.97 -4.08
H38B 8SP B . 6.22 -6.37 -4.58
HNB 8SP B . 11.80 -13.63 -9.42
N GLY A 1 23.79 10.75 -15.17
CA GLY A 1 23.39 9.61 -14.39
C GLY A 1 21.92 9.26 -14.59
N ALA A 2 21.09 10.28 -14.74
CA ALA A 2 19.66 10.08 -14.94
C ALA A 2 19.06 9.29 -13.78
N ARG A 3 18.50 10.00 -12.81
CA ARG A 3 17.90 9.35 -11.64
C ARG A 3 16.46 9.83 -11.46
N ALA A 4 15.66 9.02 -10.77
CA ALA A 4 14.26 9.36 -10.51
C ALA A 4 13.90 9.13 -9.05
N SER A 5 13.95 10.20 -8.26
CA SER A 5 13.63 10.13 -6.85
C SER A 5 12.22 9.58 -6.64
N VAL A 6 11.88 9.33 -5.37
CA VAL A 6 10.56 8.80 -5.03
C VAL A 6 9.73 9.82 -4.27
N LEU A 7 10.18 10.15 -3.07
CA LEU A 7 9.47 11.13 -2.24
C LEU A 7 10.11 12.51 -2.36
N SER A 8 9.30 13.50 -2.74
CA SER A 8 9.78 14.86 -2.89
C SER A 8 10.14 15.47 -1.55
N GLY A 9 10.43 16.76 -1.55
CA GLY A 9 10.79 17.45 -0.32
C GLY A 9 9.70 17.35 0.73
N GLY A 10 8.48 17.72 0.34
CA GLY A 10 7.37 17.67 1.28
C GLY A 10 7.05 16.25 1.73
N GLU A 11 7.11 15.31 0.79
CA GLU A 11 6.82 13.91 1.11
C GLU A 11 7.89 13.34 2.02
N LEU A 12 9.13 13.76 1.81
CA LEU A 12 10.26 13.28 2.62
C LEU A 12 10.04 13.61 4.10
N ASP A 13 9.69 14.86 4.37
CA ASP A 13 9.46 15.31 5.74
C ASP A 13 8.46 14.39 6.44
N LYS A 14 7.32 14.16 5.80
CA LYS A 14 6.28 13.31 6.36
C LYS A 14 6.75 11.87 6.46
N TRP A 15 7.45 11.41 5.44
CA TRP A 15 7.96 10.04 5.41
C TRP A 15 8.78 9.75 6.67
N GLU A 16 9.74 10.61 6.95
CA GLU A 16 10.60 10.44 8.12
C GLU A 16 9.78 10.47 9.40
N LYS A 17 8.64 11.14 9.35
CA LYS A 17 7.75 11.24 10.51
C LYS A 17 6.99 9.92 10.73
N ILE A 18 6.39 9.41 9.66
CA ILE A 18 5.65 8.16 9.74
C ILE A 18 6.47 7.06 10.38
N ARG A 19 5.82 6.25 11.21
CA ARG A 19 6.50 5.15 11.89
C ARG A 19 6.12 3.81 11.27
N LEU A 20 7.01 2.82 11.40
CA LEU A 20 6.76 1.50 10.85
C LEU A 20 5.64 0.79 11.62
N ARG A 21 5.71 0.85 12.94
CA ARG A 21 4.70 0.22 13.78
C ARG A 21 4.01 1.24 14.68
N PRO A 22 2.79 0.92 15.12
CA PRO A 22 2.00 1.79 15.98
C PRO A 22 2.59 1.92 17.38
N GLY A 23 3.17 0.83 17.86
CA GLY A 23 3.76 0.83 19.19
C GLY A 23 5.27 0.95 19.15
N GLY A 24 5.86 0.62 18.01
CA GLY A 24 7.30 0.69 17.87
C GLY A 24 7.86 2.04 18.27
N LYS A 25 9.18 2.13 18.40
CA LYS A 25 9.83 3.38 18.78
C LYS A 25 10.80 3.83 17.69
N LYS A 26 10.52 3.45 16.46
CA LYS A 26 11.36 3.83 15.33
C LYS A 26 10.52 4.42 14.20
N GLN A 27 11.07 5.43 13.52
CA GLN A 27 10.38 6.08 12.42
C GLN A 27 10.84 5.52 11.08
N TYR A 28 10.28 6.05 9.99
CA TYR A 28 10.64 5.61 8.65
C TYR A 28 11.87 6.34 8.14
N LYS A 29 12.65 5.66 7.29
CA LYS A 29 13.86 6.25 6.73
C LYS A 29 14.13 5.72 5.33
N LEU A 30 15.06 6.33 4.64
CA LEU A 30 15.42 5.92 3.28
C LEU A 30 15.75 4.42 3.24
N LYS A 31 16.25 3.91 4.36
CA LYS A 31 16.61 2.50 4.45
C LYS A 31 15.45 1.61 4.01
N HIS A 32 14.23 2.08 4.24
CA HIS A 32 13.03 1.33 3.87
C HIS A 32 12.68 1.56 2.40
N ILE A 33 12.96 2.73 1.84
CA ILE A 33 12.65 3.01 0.44
C ILE A 33 13.59 2.25 -0.49
N VAL A 34 14.86 2.16 -0.10
CA VAL A 34 15.86 1.47 -0.89
C VAL A 34 15.65 -0.03 -0.85
N TRP A 35 15.24 -0.54 0.32
CA TRP A 35 15.00 -1.98 0.49
C TRP A 35 13.89 -2.46 -0.44
N ALA A 36 12.75 -1.77 -0.39
CA ALA A 36 11.61 -2.13 -1.23
C ALA A 36 12.01 -2.23 -2.69
N SER A 37 12.77 -1.24 -3.16
CA SER A 37 13.22 -1.20 -4.54
C SER A 37 13.90 -2.52 -4.92
N ARG A 38 14.73 -3.03 -4.03
CA ARG A 38 15.45 -4.28 -4.27
C ARG A 38 14.46 -5.45 -4.38
N GLU A 39 13.63 -5.62 -3.36
CA GLU A 39 12.66 -6.70 -3.36
C GLU A 39 11.73 -6.60 -4.56
N LEU A 40 11.49 -5.37 -5.02
CA LEU A 40 10.62 -5.14 -6.17
C LEU A 40 11.18 -5.81 -7.42
N GLU A 41 12.41 -5.45 -7.78
CA GLU A 41 13.06 -6.02 -8.96
C GLU A 41 13.07 -7.54 -8.90
N ARG A 42 13.05 -8.08 -7.68
CA ARG A 42 13.06 -9.53 -7.48
C ARG A 42 11.76 -10.14 -7.98
N PHE A 43 10.68 -9.38 -7.91
CA PHE A 43 9.37 -9.85 -8.36
C PHE A 43 9.09 -9.41 -9.79
N ALA A 44 10.16 -9.20 -10.56
CA ALA A 44 10.01 -8.78 -11.94
C ALA A 44 9.37 -7.40 -12.04
N VAL A 45 9.44 -6.63 -10.94
CA VAL A 45 8.85 -5.31 -10.91
C VAL A 45 9.92 -4.24 -10.69
N ASN A 46 9.99 -3.27 -11.60
CA ASN A 46 10.97 -2.20 -11.51
C ASN A 46 10.72 -1.35 -10.27
N PRO A 47 11.82 -0.88 -9.65
CA PRO A 47 11.76 -0.04 -8.45
C PRO A 47 11.19 1.35 -8.74
N GLY A 48 11.02 1.66 -10.02
CA GLY A 48 10.49 2.96 -10.41
C GLY A 48 8.98 3.01 -10.33
N LEU A 49 8.38 1.99 -9.72
CA LEU A 49 6.93 1.94 -9.58
C LEU A 49 6.50 2.34 -8.18
N LEU A 50 7.34 3.14 -7.52
CA LEU A 50 7.04 3.62 -6.17
C LEU A 50 6.88 5.13 -6.15
N GLU A 51 7.53 5.81 -7.09
CA GLU A 51 7.45 7.27 -7.17
C GLU A 51 6.12 7.70 -7.78
N THR A 52 5.34 6.73 -8.23
CA THR A 52 4.04 7.01 -8.85
C THR A 52 2.92 6.33 -8.08
N SER A 53 1.87 7.09 -7.77
CA SER A 53 0.73 6.57 -7.04
C SER A 53 0.14 5.36 -7.75
N GLU A 54 0.33 5.30 -9.07
CA GLU A 54 -0.18 4.19 -9.87
C GLU A 54 0.69 2.95 -9.70
N GLY A 55 2.00 3.13 -9.82
CA GLY A 55 2.92 2.01 -9.68
C GLY A 55 2.71 1.26 -8.37
N CYS A 56 2.56 2.00 -7.29
CA CYS A 56 2.35 1.39 -5.97
C CYS A 56 1.06 0.59 -5.94
N ARG A 57 0.04 1.10 -6.61
CA ARG A 57 -1.25 0.44 -6.65
C ARG A 57 -1.11 -1.00 -7.12
N GLN A 58 -0.43 -1.19 -8.24
CA GLN A 58 -0.21 -2.53 -8.80
C GLN A 58 0.55 -3.40 -7.82
N ILE A 59 1.44 -2.79 -7.04
CA ILE A 59 2.24 -3.52 -6.07
C ILE A 59 1.38 -4.01 -4.91
N LEU A 60 0.48 -3.16 -4.44
CA LEU A 60 -0.41 -3.49 -3.34
C LEU A 60 -1.49 -4.47 -3.79
N GLY A 61 -1.82 -4.42 -5.07
CA GLY A 61 -2.85 -5.30 -5.62
C GLY A 61 -2.39 -6.75 -5.65
N GLN A 62 -1.09 -6.96 -5.83
CA GLN A 62 -0.54 -8.31 -5.88
C GLN A 62 -0.19 -8.81 -4.49
N LEU A 63 0.09 -7.88 -3.59
CA LEU A 63 0.43 -8.23 -2.21
C LEU A 63 -0.82 -8.40 -1.36
N GLN A 64 -1.90 -7.72 -1.76
CA GLN A 64 -3.15 -7.78 -1.03
C GLN A 64 -3.58 -9.24 -0.82
N PRO A 65 -3.81 -9.96 -1.93
CA PRO A 65 -4.21 -11.37 -1.89
C PRO A 65 -3.10 -12.28 -1.40
N SER A 66 -1.88 -11.78 -1.42
CA SER A 66 -0.71 -12.55 -0.98
C SER A 66 -0.57 -12.49 0.54
N LEU A 67 -1.06 -11.42 1.13
CA LEU A 67 -0.99 -11.23 2.58
C LEU A 67 -1.53 -12.46 3.31
N GLN A 68 -2.48 -13.14 2.68
CA GLN A 68 -3.08 -14.33 3.27
C GLN A 68 -2.03 -15.39 3.56
N THR A 69 -1.29 -15.78 2.52
CA THR A 69 -0.25 -16.79 2.66
C THR A 69 1.13 -16.18 2.42
N GLY A 70 1.35 -14.99 2.95
CA GLY A 70 2.63 -14.32 2.78
C GLY A 70 3.54 -14.51 3.97
N SER A 71 4.82 -14.15 3.81
CA SER A 71 5.79 -14.27 4.88
C SER A 71 6.25 -12.90 5.37
N GLU A 72 7.25 -12.90 6.24
CA GLU A 72 7.78 -11.65 6.77
C GLU A 72 8.21 -10.70 5.65
N GLU A 73 8.70 -11.28 4.56
CA GLU A 73 9.14 -10.48 3.42
C GLU A 73 7.97 -9.73 2.79
N LEU A 74 6.81 -10.37 2.76
CA LEU A 74 5.61 -9.75 2.20
C LEU A 74 5.07 -8.66 3.13
N ARG A 75 5.18 -8.90 4.43
CA ARG A 75 4.69 -7.95 5.42
C ARG A 75 5.39 -6.60 5.27
N SER A 76 6.72 -6.61 5.33
CA SER A 76 7.51 -5.40 5.20
C SER A 76 7.15 -4.66 3.92
N LEU A 77 6.82 -5.41 2.88
CA LEU A 77 6.46 -4.82 1.60
C LEU A 77 5.12 -4.08 1.68
N TYR A 78 4.05 -4.84 1.92
CA TYR A 78 2.72 -4.24 2.04
C TYR A 78 2.71 -3.12 3.08
N ASN A 79 3.60 -3.23 4.05
CA ASN A 79 3.68 -2.22 5.11
C ASN A 79 4.38 -0.96 4.61
N THR A 80 5.66 -1.08 4.26
CA THR A 80 6.43 0.04 3.76
C THR A 80 5.76 0.68 2.55
N ILE A 81 5.46 -0.13 1.55
CA ILE A 81 4.81 0.36 0.33
C ILE A 81 3.55 1.15 0.66
N ALA A 82 2.76 0.63 1.60
CA ALA A 82 1.53 1.29 2.01
C ALA A 82 1.80 2.72 2.45
N VAL A 83 2.73 2.90 3.37
CA VAL A 83 3.09 4.23 3.88
C VAL A 83 3.46 5.15 2.73
N LEU A 84 4.16 4.61 1.73
CA LEU A 84 4.58 5.40 0.58
C LEU A 84 3.39 5.78 -0.28
N TYR A 85 2.60 4.79 -0.69
CA TYR A 85 1.43 5.02 -1.52
C TYR A 85 0.53 6.08 -0.90
N CYS A 86 0.27 5.94 0.40
CA CYS A 86 -0.58 6.89 1.11
C CYS A 86 -0.11 8.32 0.89
N VAL A 87 1.21 8.51 0.89
CA VAL A 87 1.80 9.83 0.69
C VAL A 87 1.41 10.41 -0.66
N HIS A 88 1.46 9.57 -1.70
CA HIS A 88 1.10 10.00 -3.04
C HIS A 88 -0.40 10.23 -3.16
N GLN A 89 -1.21 9.70 -2.26
CA GLN A 89 -2.66 9.88 -2.33
C GLN A 89 -3.13 10.97 -1.37
N ARG A 90 -2.23 11.90 -1.06
CA ARG A 90 -2.55 12.99 -0.15
C ARG A 90 -3.04 12.46 1.19
N ILE A 91 -2.62 11.25 1.53
CA ILE A 91 -3.01 10.62 2.79
C ILE A 91 -1.96 10.83 3.87
N ASP A 92 -2.38 11.31 5.02
CA ASP A 92 -1.47 11.55 6.15
C ASP A 92 -1.73 10.57 7.28
N VAL A 93 -0.69 9.85 7.68
CA VAL A 93 -0.81 8.87 8.76
C VAL A 93 0.39 8.95 9.71
N LYS A 94 0.22 8.44 10.92
CA LYS A 94 1.28 8.45 11.92
C LYS A 94 2.14 7.19 11.80
N ASP A 95 1.49 6.05 11.59
CA ASP A 95 2.20 4.78 11.46
C ASP A 95 1.68 3.99 10.26
N THR A 96 2.20 2.78 10.09
CA THR A 96 1.79 1.93 8.98
C THR A 96 0.47 1.23 9.28
N LYS A 97 0.21 0.98 10.56
CA LYS A 97 -1.02 0.32 10.98
C LYS A 97 -2.24 1.10 10.52
N GLU A 98 -2.12 2.43 10.48
CA GLU A 98 -3.21 3.29 10.06
C GLU A 98 -3.30 3.34 8.54
N ALA A 99 -2.16 3.51 7.88
CA ALA A 99 -2.11 3.59 6.44
C ALA A 99 -2.79 2.36 5.81
N LEU A 100 -2.70 1.22 6.49
CA LEU A 100 -3.30 -0.01 5.99
C LEU A 100 -4.82 0.05 6.11
N ASP A 101 -5.32 0.54 7.24
CA ASP A 101 -6.76 0.65 7.45
C ASP A 101 -7.39 1.58 6.43
N LYS A 102 -6.64 2.60 6.02
CA LYS A 102 -7.13 3.57 5.03
C LYS A 102 -7.24 2.92 3.66
N ILE A 103 -6.14 2.36 3.18
CA ILE A 103 -6.11 1.71 1.88
C ILE A 103 -7.09 0.55 1.81
N GLU A 104 -7.25 -0.14 2.94
CA GLU A 104 -8.16 -1.28 3.02
C GLU A 104 -9.61 -0.82 2.88
N GLU A 105 -9.90 0.38 3.37
CA GLU A 105 -11.25 0.93 3.31
C GLU A 105 -11.54 1.50 1.92
N GLU A 106 -10.56 2.22 1.37
CA GLU A 106 -10.71 2.81 0.04
C GLU A 106 -10.96 1.74 -1.02
N GLN A 107 -10.30 0.60 -0.86
CA GLN A 107 -10.45 -0.51 -1.79
C GLN A 107 -11.80 -1.20 -1.62
N ASN A 108 -12.26 -1.27 -0.37
CA ASN A 108 -13.54 -1.90 -0.07
C ASN A 108 -14.70 -1.11 -0.67
N LYS A 109 -14.51 0.19 -0.83
CA LYS A 109 -15.53 1.06 -1.41
C LYS A 109 -15.62 0.86 -2.92
N SER A 110 -14.46 0.73 -3.56
CA SER A 110 -14.40 0.56 -5.01
C SER A 110 -15.18 -0.69 -5.43
N LYS A 111 -15.26 -1.67 -4.53
CA LYS A 111 -15.96 -2.90 -4.81
C LYS A 111 -17.48 -2.67 -4.84
N LYS A 112 -17.93 -1.69 -4.07
CA LYS A 112 -19.36 -1.36 -4.01
C LYS A 112 -19.82 -0.73 -5.32
N LYS A 113 -18.89 -0.08 -6.03
CA LYS A 113 -19.21 0.56 -7.29
C LYS A 113 -19.23 -0.45 -8.43
N ALA A 114 -18.23 -1.33 -8.47
CA ALA A 114 -18.14 -2.35 -9.50
C ALA A 114 -19.35 -3.28 -9.45
N GLN A 115 -19.93 -3.43 -8.26
CA GLN A 115 -21.09 -4.29 -8.07
C GLN A 115 -22.36 -3.47 -7.92
N GLN A 116 -22.37 -2.28 -8.50
CA GLN A 116 -23.53 -1.40 -8.42
C GLN A 116 -24.39 -1.52 -9.67
N ALA A 117 -23.76 -1.88 -10.79
CA ALA A 117 -24.47 -2.03 -12.05
C ALA A 117 -24.97 -3.47 -12.23
N ALA A 118 -24.07 -4.43 -12.08
CA ALA A 118 -24.41 -5.83 -12.22
C ALA A 118 -24.86 -6.43 -10.89
N ALA A 119 -25.80 -5.76 -10.23
CA ALA A 119 -26.31 -6.23 -8.96
C ALA A 119 -27.56 -5.45 -8.54
N ASP A 120 -28.33 -5.02 -9.54
CA ASP A 120 -29.55 -4.26 -9.27
C ASP A 120 -30.61 -4.54 -10.34
N THR A 121 -30.21 -4.43 -11.61
CA THR A 121 -31.12 -4.67 -12.72
C THR A 121 -32.41 -3.88 -12.56
N GLY A 122 -33.40 -4.16 -13.41
CA GLY A 122 -34.66 -3.46 -13.35
C GLY A 122 -35.64 -4.12 -12.40
N ASN A 123 -36.37 -3.31 -11.66
CA ASN A 123 -37.36 -3.83 -10.71
C ASN A 123 -38.78 -3.55 -11.18
N ASN A 124 -39.75 -4.24 -10.58
CA ASN A 124 -41.15 -4.07 -10.95
C ASN A 124 -41.69 -2.74 -10.41
N SER A 125 -42.95 -2.47 -10.70
CA SER A 125 -43.59 -1.24 -10.25
C SER A 125 -44.14 -1.39 -8.83
N GLN A 126 -43.29 -1.10 -7.84
CA GLN A 126 -43.69 -1.22 -6.44
C GLN A 126 -44.48 0.02 -6.01
N VAL A 127 -45.41 -0.18 -5.07
CA VAL A 127 -46.23 0.91 -4.57
C VAL A 127 -45.44 1.79 -3.60
N SER A 128 -44.55 2.61 -4.15
CA SER A 128 -43.72 3.49 -3.33
C SER A 128 -42.93 4.46 -4.21
N GLN A 129 -42.49 5.57 -3.61
CA GLN A 129 -41.73 6.57 -4.34
C GLN A 129 -40.24 6.39 -4.11
N ASN A 130 -39.43 7.10 -4.90
CA ASN A 130 -37.98 7.02 -4.79
C ASN A 130 -37.30 8.07 -5.65
N TYR A 131 -37.71 8.16 -6.92
CA TYR A 131 -37.14 9.12 -7.84
C TYR A 131 -35.62 9.01 -7.88
N 8SP B . 11.39 -17.72 -0.06
P 8SP B . 7.87 -16.95 -2.29
OG 8SP B . 9.15 -17.11 -1.34
C1A 8SP B . 2.58 -16.86 -1.40
O1A 8SP B . 1.70 -16.62 -2.27
C1B 8SP B . 4.22 -14.59 -4.99
O1B 8SP B . 4.96 -15.02 -5.90
CB 8SP B . 8.96 -17.33 0.08
C1G 8SP B . 4.13 -14.89 -1.52
O1G 8SP B . 3.29 -15.84 -0.84
C2A 8SP B . 2.88 -18.23 -0.93
C2B 8SP B . 3.56 -13.27 -5.08
CA 8SP B . 10.29 -17.41 0.86
C2G 8SP B . 4.82 -15.54 -2.73
O2G 8SP B . 3.97 -15.33 -3.87
O2P 8SP B . 8.20 -17.06 -3.71
C3A 8SP B . 3.37 -19.22 -2.02
C3B 8SP B . 4.11 -12.32 -6.18
C 8SP B . 10.26 -18.43 1.94
O 8SP B . 10.69 -19.59 1.74
OXT 8SP B . 9.83 -18.11 3.18
C3G 8SP B . 6.27 -15.01 -2.95
O3G 8SP B . 7.21 -15.53 -1.98
O3P 8SP B . 6.81 -18.06 -1.89
C4A 8SP B . 2.21 -19.80 -2.86
C4B 8SP B . 3.58 -10.86 -6.05
C5A 8SP B . 2.25 -21.36 -2.93
C5B 8SP B . 4.70 -9.80 -6.16
C6A 8SP B . 0.92 -22.01 -2.47
C6B 8SP B . 4.17 -8.35 -6.07
C7A 8SP B . 0.63 -21.76 -0.96
C7B 8SP B . 5.31 -7.29 -5.95
C8A 8SP B . 1.36 -22.75 -0.04
C8B 8SP B . 5.85 -7.16 -4.52
H2 8SP B . 12.25 -17.89 0.47
HB3 8SP B . 8.47 -18.30 0.13
HB2 8SP B . 8.27 -16.62 0.55
H11G 8SP B . 3.50 -14.05 -1.86
H21G 8SP B . 4.87 -14.50 -0.83
H 8SP B . 11.54 -16.94 -0.71
H12A 8SP B . 3.64 -18.15 -0.14
H22A 8SP B . 1.96 -18.62 -0.49
H12B 8SP B . 3.65 -12.77 -4.11
H22B 8SP B . 2.50 -13.45 -5.27
HA 8SP B . 10.49 -16.43 1.30
H2G 8SP B . 4.88 -16.62 -2.53
H13A 8SP B . 3.92 -20.03 -1.54
H23A 8SP B . 4.06 -18.69 -2.69
H13B 8SP B . 3.82 -12.70 -7.16
H23B 8SP B . 5.20 -12.31 -6.13
H13G 8SP B . 6.55 -15.20 -4.00
H23G 8SP B . 6.26 -13.93 -2.84
H14A 8SP B . 2.26 -19.39 -3.87
H24A 8SP B . 1.25 -19.49 -2.42
H14B 8SP B . 3.07 -10.75 -5.08
H24B 8SP B . 2.84 -10.69 -6.84
H15A 8SP B . 3.07 -21.72 -2.31
H25A 8SP B . 2.44 -21.65 -3.97
H15B 8SP B . 5.21 -9.92 -7.12
H25B 8SP B . 5.42 -9.97 -5.37
H16A 8SP B . 0.97 -23.09 -2.64
H26A 8SP B . 0.10 -21.60 -3.06
H16B 8SP B . 3.51 -8.25 -5.20
H26B 8SP B . 3.58 -8.12 -6.96
H17A 8SP B . -0.45 -21.84 -0.79
H27A 8SP B . 0.95 -20.75 -0.70
H17B 8SP B . 4.94 -6.32 -6.29
H27B 8SP B . 6.14 -7.59 -6.61
H18A 8SP B . 2.25 -22.29 0.39
H28A 8SP B . 0.71 -23.07 0.78
H38A 8SP B . 1.67 -23.64 -0.61
H18B 8SP B . 6.92 -6.91 -4.53
H28B 8SP B . 5.32 -6.35 -4.00
H38B 8SP B . 5.70 -8.08 -3.96
HNB 8SP B . 11.16 -18.57 -0.59
N GLY A 1 21.32 16.56 -14.29
CA GLY A 1 20.06 16.78 -14.96
C GLY A 1 19.36 15.48 -15.32
N ALA A 2 18.06 15.56 -15.57
CA ALA A 2 17.28 14.39 -15.93
C ALA A 2 17.44 13.28 -14.90
N ARG A 3 16.96 13.53 -13.68
CA ARG A 3 17.06 12.55 -12.61
C ARG A 3 15.69 12.30 -11.99
N ALA A 4 15.48 11.07 -11.54
CA ALA A 4 14.21 10.68 -10.93
C ALA A 4 14.34 10.63 -9.40
N SER A 5 13.20 10.45 -8.73
CA SER A 5 13.19 10.39 -7.27
C SER A 5 11.92 9.71 -6.77
N VAL A 6 11.96 9.19 -5.55
CA VAL A 6 10.82 8.52 -4.94
C VAL A 6 9.98 9.49 -4.14
N LEU A 7 10.52 9.94 -3.00
CA LEU A 7 9.82 10.87 -2.14
C LEU A 7 10.46 12.26 -2.18
N SER A 8 9.66 13.27 -2.49
CA SER A 8 10.15 14.64 -2.56
C SER A 8 10.41 15.20 -1.17
N GLY A 9 10.85 16.45 -1.13
CA GLY A 9 11.13 17.09 0.15
C GLY A 9 9.97 16.97 1.12
N GLY A 10 8.77 17.28 0.65
CA GLY A 10 7.60 17.21 1.49
C GLY A 10 7.30 15.78 1.95
N GLU A 11 7.26 14.85 1.00
CA GLU A 11 6.99 13.46 1.32
C GLU A 11 8.04 12.89 2.26
N LEU A 12 9.28 13.33 2.09
CA LEU A 12 10.38 12.87 2.92
C LEU A 12 10.19 13.31 4.37
N ASP A 13 9.77 14.56 4.55
CA ASP A 13 9.54 15.10 5.88
C ASP A 13 8.55 14.24 6.66
N LYS A 14 7.38 14.03 6.08
CA LYS A 14 6.34 13.22 6.72
C LYS A 14 6.78 11.76 6.80
N TRP A 15 7.40 11.26 5.74
CA TRP A 15 7.87 9.88 5.69
C TRP A 15 8.74 9.57 6.90
N GLU A 16 9.75 10.41 7.13
CA GLU A 16 10.66 10.21 8.25
C GLU A 16 9.91 10.26 9.58
N LYS A 17 8.77 10.94 9.59
CA LYS A 17 7.97 11.06 10.79
C LYS A 17 7.15 9.79 11.03
N ILE A 18 6.48 9.32 9.99
CA ILE A 18 5.67 8.11 10.08
C ILE A 18 6.47 6.95 10.67
N ARG A 19 5.85 6.22 11.58
CA ARG A 19 6.50 5.08 12.22
C ARG A 19 6.02 3.76 11.62
N LEU A 20 6.91 2.77 11.61
CA LEU A 20 6.57 1.46 11.06
C LEU A 20 5.45 0.80 11.86
N ARG A 21 5.33 1.18 13.13
CA ARG A 21 4.30 0.63 14.00
C ARG A 21 3.60 1.74 14.77
N PRO A 22 2.38 1.44 15.27
CA PRO A 22 1.59 2.40 16.04
C PRO A 22 2.19 2.69 17.41
N GLY A 23 2.57 1.63 18.12
CA GLY A 23 3.15 1.80 19.44
C GLY A 23 4.60 1.38 19.49
N GLY A 24 5.33 1.67 18.42
CA GLY A 24 6.73 1.32 18.35
C GLY A 24 7.64 2.42 18.88
N LYS A 25 8.94 2.25 18.70
CA LYS A 25 9.91 3.24 19.16
C LYS A 25 10.87 3.61 18.04
N LYS A 26 10.42 3.46 16.80
CA LYS A 26 11.24 3.79 15.65
C LYS A 26 10.42 4.51 14.58
N GLN A 27 11.11 5.14 13.64
CA GLN A 27 10.45 5.86 12.56
C GLN A 27 10.86 5.33 11.20
N TYR A 28 10.21 5.81 10.14
CA TYR A 28 10.52 5.37 8.79
C TYR A 28 11.76 6.07 8.26
N LYS A 29 12.48 5.39 7.37
CA LYS A 29 13.69 5.94 6.79
C LYS A 29 13.91 5.40 5.37
N LEU A 30 14.82 6.03 4.64
CA LEU A 30 15.13 5.61 3.27
C LEU A 30 15.48 4.12 3.23
N LYS A 31 16.02 3.61 4.34
CA LYS A 31 16.40 2.21 4.43
C LYS A 31 15.24 1.31 4.00
N HIS A 32 14.03 1.72 4.33
CA HIS A 32 12.84 0.95 3.98
C HIS A 32 12.44 1.19 2.53
N ILE A 33 12.66 2.38 1.97
CA ILE A 33 12.29 2.66 0.59
C ILE A 33 13.21 1.91 -0.38
N VAL A 34 14.49 1.82 -0.02
CA VAL A 34 15.46 1.14 -0.87
C VAL A 34 15.28 -0.37 -0.80
N TRP A 35 15.15 -0.90 0.42
CA TRP A 35 14.96 -2.33 0.61
C TRP A 35 13.77 -2.84 -0.18
N ALA A 36 12.79 -1.97 -0.41
CA ALA A 36 11.60 -2.33 -1.17
C ALA A 36 11.85 -2.21 -2.67
N SER A 37 12.81 -1.37 -3.05
CA SER A 37 13.13 -1.17 -4.45
C SER A 37 13.93 -2.35 -4.99
N ARG A 38 14.89 -2.83 -4.21
CA ARG A 38 15.73 -3.95 -4.61
C ARG A 38 14.94 -5.26 -4.58
N GLU A 39 13.91 -5.30 -3.74
CA GLU A 39 13.07 -6.48 -3.60
C GLU A 39 11.98 -6.50 -4.67
N LEU A 40 11.61 -5.32 -5.14
CA LEU A 40 10.57 -5.20 -6.15
C LEU A 40 11.06 -5.73 -7.50
N GLU A 41 12.25 -5.29 -7.91
CA GLU A 41 12.84 -5.73 -9.18
C GLU A 41 12.94 -7.25 -9.23
N ARG A 42 13.02 -7.87 -8.06
CA ARG A 42 13.12 -9.32 -7.98
C ARG A 42 11.80 -9.99 -8.33
N PHE A 43 10.70 -9.26 -8.11
CA PHE A 43 9.37 -9.78 -8.40
C PHE A 43 8.90 -9.31 -9.77
N ALA A 44 9.84 -9.08 -10.67
CA ALA A 44 9.53 -8.65 -12.03
C ALA A 44 8.86 -7.27 -12.01
N VAL A 45 9.05 -6.53 -10.91
CA VAL A 45 8.46 -5.21 -10.78
C VAL A 45 9.55 -4.15 -10.64
N ASN A 46 9.64 -3.26 -11.63
CA ASN A 46 10.63 -2.19 -11.61
C ASN A 46 10.42 -1.27 -10.41
N PRO A 47 11.53 -0.77 -9.85
CA PRO A 47 11.49 0.14 -8.70
C PRO A 47 10.94 1.51 -9.05
N GLY A 48 10.79 1.77 -10.35
CA GLY A 48 10.27 3.04 -10.80
C GLY A 48 8.81 3.24 -10.43
N LEU A 49 8.15 2.15 -10.06
CA LEU A 49 6.74 2.20 -9.69
C LEU A 49 6.57 2.77 -8.28
N LEU A 50 7.62 2.66 -7.47
CA LEU A 50 7.59 3.17 -6.11
C LEU A 50 7.46 4.69 -6.09
N GLU A 51 7.89 5.33 -7.17
CA GLU A 51 7.82 6.78 -7.29
C GLU A 51 6.58 7.20 -8.09
N THR A 52 5.58 6.32 -8.12
CA THR A 52 4.35 6.60 -8.84
C THR A 52 3.13 6.22 -8.02
N SER A 53 2.23 7.18 -7.80
CA SER A 53 1.02 6.95 -7.01
C SER A 53 0.20 5.81 -7.62
N GLU A 54 0.39 5.58 -8.91
CA GLU A 54 -0.33 4.51 -9.61
C GLU A 54 0.35 3.17 -9.42
N GLY A 55 1.66 3.13 -9.66
CA GLY A 55 2.40 1.90 -9.51
C GLY A 55 2.22 1.27 -8.14
N CYS A 56 2.42 2.08 -7.10
CA CYS A 56 2.28 1.60 -5.72
C CYS A 56 0.91 0.96 -5.51
N ARG A 57 -0.09 1.43 -6.26
CA ARG A 57 -1.44 0.91 -6.15
C ARG A 57 -1.52 -0.51 -6.70
N GLN A 58 -0.82 -0.76 -7.80
CA GLN A 58 -0.81 -2.07 -8.42
C GLN A 58 0.01 -3.07 -7.60
N ILE A 59 1.16 -2.61 -7.11
CA ILE A 59 2.04 -3.45 -6.31
C ILE A 59 1.29 -4.04 -5.11
N LEU A 60 0.43 -3.23 -4.51
CA LEU A 60 -0.34 -3.67 -3.35
C LEU A 60 -1.40 -4.70 -3.76
N GLY A 61 -1.82 -4.64 -5.02
CA GLY A 61 -2.82 -5.56 -5.52
C GLY A 61 -2.30 -6.99 -5.57
N GLN A 62 -0.98 -7.14 -5.57
CA GLN A 62 -0.37 -8.47 -5.62
C GLN A 62 -0.08 -8.99 -4.21
N LEU A 63 0.27 -8.07 -3.31
CA LEU A 63 0.57 -8.44 -1.93
C LEU A 63 -0.71 -8.58 -1.11
N GLN A 64 -1.75 -7.88 -1.54
CA GLN A 64 -3.04 -7.92 -0.84
C GLN A 64 -3.50 -9.36 -0.63
N PRO A 65 -3.71 -10.08 -1.75
CA PRO A 65 -4.15 -11.47 -1.72
C PRO A 65 -3.07 -12.41 -1.21
N SER A 66 -1.83 -11.94 -1.21
CA SER A 66 -0.70 -12.73 -0.74
C SER A 66 -0.28 -12.31 0.66
N LEU A 67 -1.22 -11.76 1.42
CA LEU A 67 -0.94 -11.31 2.77
C LEU A 67 -0.93 -12.49 3.75
N GLN A 68 -1.88 -13.39 3.57
CA GLN A 68 -1.99 -14.57 4.43
C GLN A 68 -0.93 -15.60 4.07
N THR A 69 -0.70 -15.79 2.77
CA THR A 69 0.28 -16.75 2.29
C THR A 69 1.60 -16.06 1.96
N GLY A 70 1.90 -14.98 2.66
CA GLY A 70 3.13 -14.25 2.43
C GLY A 70 4.11 -14.39 3.58
N SER A 71 5.40 -14.24 3.28
CA SER A 71 6.43 -14.35 4.29
C SER A 71 6.75 -12.98 4.90
N GLU A 72 7.69 -12.96 5.84
CA GLU A 72 8.09 -11.72 6.49
C GLU A 72 8.44 -10.65 5.46
N GLU A 73 8.97 -11.09 4.32
CA GLU A 73 9.36 -10.17 3.26
C GLU A 73 8.13 -9.47 2.67
N LEU A 74 7.17 -10.26 2.23
CA LEU A 74 5.95 -9.72 1.64
C LEU A 74 5.25 -8.78 2.62
N ARG A 75 5.36 -9.09 3.91
CA ARG A 75 4.73 -8.27 4.94
C ARG A 75 5.33 -6.87 4.96
N SER A 76 6.65 -6.79 5.16
CA SER A 76 7.34 -5.52 5.21
C SER A 76 7.01 -4.68 3.97
N LEU A 77 6.84 -5.34 2.84
CA LEU A 77 6.53 -4.67 1.59
C LEU A 77 5.21 -3.90 1.69
N TYR A 78 4.15 -4.62 2.03
CA TYR A 78 2.83 -4.02 2.17
C TYR A 78 2.88 -2.80 3.10
N ASN A 79 3.80 -2.84 4.07
CA ASN A 79 3.96 -1.74 5.02
C ASN A 79 4.57 -0.52 4.34
N THR A 80 5.74 -0.70 3.74
CA THR A 80 6.43 0.39 3.06
C THR A 80 5.60 0.92 1.90
N ILE A 81 5.17 0.03 1.01
CA ILE A 81 4.37 0.41 -0.14
C ILE A 81 3.11 1.16 0.30
N ALA A 82 2.67 0.90 1.52
CA ALA A 82 1.48 1.56 2.06
C ALA A 82 1.76 3.00 2.43
N VAL A 83 2.67 3.19 3.38
CA VAL A 83 3.03 4.54 3.82
C VAL A 83 3.41 5.43 2.64
N LEU A 84 4.09 4.84 1.67
CA LEU A 84 4.51 5.57 0.48
C LEU A 84 3.31 5.91 -0.40
N TYR A 85 2.52 4.89 -0.73
CA TYR A 85 1.35 5.08 -1.58
C TYR A 85 0.47 6.20 -1.03
N CYS A 86 0.20 6.15 0.26
CA CYS A 86 -0.64 7.16 0.91
C CYS A 86 -0.13 8.57 0.61
N VAL A 87 1.16 8.80 0.86
CA VAL A 87 1.77 10.09 0.62
C VAL A 87 1.68 10.47 -0.85
N HIS A 88 1.81 9.49 -1.73
CA HIS A 88 1.73 9.72 -3.17
C HIS A 88 0.31 10.10 -3.58
N GLN A 89 -0.72 9.55 -2.95
CA GLN A 89 -2.10 9.90 -3.32
C GLN A 89 -2.51 11.22 -2.70
N ARG A 90 -2.77 11.20 -1.39
CA ARG A 90 -3.18 12.41 -0.68
C ARG A 90 -3.40 12.12 0.81
N ILE A 91 -2.60 11.21 1.34
CA ILE A 91 -2.71 10.84 2.75
C ILE A 91 -1.36 10.95 3.46
N ASP A 92 -1.39 11.40 4.70
CA ASP A 92 -0.17 11.55 5.49
C ASP A 92 -0.35 10.96 6.89
N VAL A 93 -0.61 9.66 6.95
CA VAL A 93 -0.81 8.97 8.22
C VAL A 93 0.41 9.13 9.13
N LYS A 94 0.37 8.51 10.30
CA LYS A 94 1.47 8.59 11.24
C LYS A 94 2.07 7.20 11.48
N ASP A 95 1.27 6.16 11.27
CA ASP A 95 1.73 4.80 11.46
C ASP A 95 1.26 3.90 10.31
N THR A 96 1.94 2.78 10.13
CA THR A 96 1.61 1.85 9.06
C THR A 96 0.27 1.16 9.33
N LYS A 97 -0.10 1.09 10.60
CA LYS A 97 -1.36 0.47 11.00
C LYS A 97 -2.55 1.24 10.43
N GLU A 98 -2.43 2.57 10.40
CA GLU A 98 -3.50 3.41 9.88
C GLU A 98 -3.50 3.42 8.36
N ALA A 99 -2.33 3.65 7.77
CA ALA A 99 -2.19 3.69 6.32
C ALA A 99 -2.78 2.43 5.69
N LEU A 100 -2.71 1.32 6.42
CA LEU A 100 -3.24 0.05 5.92
C LEU A 100 -4.76 0.01 6.05
N ASP A 101 -5.26 0.48 7.17
CA ASP A 101 -6.70 0.51 7.42
C ASP A 101 -7.42 1.35 6.38
N LYS A 102 -6.79 2.46 5.99
CA LYS A 102 -7.37 3.36 5.00
C LYS A 102 -7.48 2.67 3.64
N ILE A 103 -6.42 1.97 3.25
CA ILE A 103 -6.41 1.27 1.97
C ILE A 103 -7.34 0.06 1.99
N GLU A 104 -7.46 -0.56 3.17
CA GLU A 104 -8.32 -1.72 3.32
C GLU A 104 -9.80 -1.33 3.22
N GLU A 105 -10.15 -0.22 3.85
CA GLU A 105 -11.53 0.26 3.82
C GLU A 105 -11.98 0.57 2.39
N GLU A 106 -11.08 1.16 1.62
CA GLU A 106 -11.38 1.50 0.22
C GLU A 106 -11.73 0.26 -0.58
N GLN A 107 -11.16 -0.88 -0.18
CA GLN A 107 -11.42 -2.14 -0.87
C GLN A 107 -12.65 -2.84 -0.30
N ASN A 108 -12.93 -2.59 0.98
CA ASN A 108 -14.07 -3.19 1.64
C ASN A 108 -15.37 -2.86 0.92
N LYS A 109 -15.60 -1.56 0.70
CA LYS A 109 -16.79 -1.09 0.01
C LYS A 109 -16.90 -1.71 -1.38
N SER A 110 -15.75 -1.92 -2.02
CA SER A 110 -15.71 -2.50 -3.36
C SER A 110 -15.98 -4.00 -3.30
N LYS A 111 -15.65 -4.61 -2.18
CA LYS A 111 -15.86 -6.04 -2.00
C LYS A 111 -17.34 -6.36 -1.88
N LYS A 112 -18.00 -5.75 -0.90
CA LYS A 112 -19.43 -5.97 -0.69
C LYS A 112 -20.24 -5.55 -1.91
N LYS A 113 -19.70 -4.58 -2.66
CA LYS A 113 -20.37 -4.09 -3.85
C LYS A 113 -20.55 -5.20 -4.87
N ALA A 114 -19.57 -6.09 -4.94
CA ALA A 114 -19.62 -7.21 -5.89
C ALA A 114 -20.60 -8.28 -5.41
N GLN A 115 -20.76 -8.39 -4.09
CA GLN A 115 -21.66 -9.36 -3.52
C GLN A 115 -22.96 -8.71 -3.05
N GLN A 116 -23.31 -7.60 -3.67
CA GLN A 116 -24.53 -6.86 -3.32
C GLN A 116 -25.75 -7.52 -3.93
N ALA A 117 -25.59 -8.09 -5.12
CA ALA A 117 -26.68 -8.76 -5.82
C ALA A 117 -26.94 -10.14 -5.23
N ALA A 118 -25.86 -10.82 -4.82
CA ALA A 118 -25.97 -12.15 -4.24
C ALA A 118 -26.19 -12.07 -2.73
N ALA A 119 -27.34 -11.53 -2.33
CA ALA A 119 -27.68 -11.41 -0.92
C ALA A 119 -29.19 -11.36 -0.71
N ASP A 120 -29.92 -11.95 -1.65
CA ASP A 120 -31.38 -11.97 -1.57
C ASP A 120 -31.90 -13.40 -1.68
N THR A 121 -31.32 -14.30 -0.90
CA THR A 121 -31.73 -15.70 -0.92
C THR A 121 -32.69 -16.02 0.22
N GLY A 122 -33.41 -17.12 0.09
CA GLY A 122 -34.36 -17.51 1.12
C GLY A 122 -33.68 -18.05 2.37
N ASN A 123 -34.43 -18.80 3.17
CA ASN A 123 -33.89 -19.37 4.39
C ASN A 123 -33.12 -20.66 4.10
N ASN A 124 -31.90 -20.51 3.57
CA ASN A 124 -31.07 -21.66 3.24
C ASN A 124 -29.59 -21.28 3.23
N SER A 125 -29.21 -20.41 4.17
CA SER A 125 -27.83 -19.96 4.27
C SER A 125 -27.53 -19.43 5.67
N GLN A 126 -26.54 -20.02 6.32
CA GLN A 126 -26.16 -19.62 7.66
C GLN A 126 -24.65 -19.41 7.76
N VAL A 127 -24.22 -18.16 7.61
CA VAL A 127 -22.79 -17.84 7.69
C VAL A 127 -22.59 -16.39 8.14
N SER A 128 -21.55 -16.17 8.94
CA SER A 128 -21.24 -14.83 9.45
C SER A 128 -20.72 -13.94 8.34
N GLN A 129 -21.58 -13.08 7.81
CA GLN A 129 -21.20 -12.17 6.73
C GLN A 129 -21.71 -10.76 7.02
N ASN A 130 -21.72 -10.38 8.29
CA ASN A 130 -22.17 -9.06 8.70
C ASN A 130 -21.43 -8.58 9.93
N TYR A 131 -21.05 -7.30 9.94
CA TYR A 131 -20.32 -6.72 11.06
C TYR A 131 -19.06 -7.50 11.35
N 8SP B . -1.64 -18.74 -12.41
P 8SP B . -1.00 -13.98 -10.89
OG 8SP B . -0.98 -15.06 -12.08
C1A 8SP B . -2.92 -16.75 -8.44
O1A 8SP B . -2.47 -17.93 -8.55
C1B 8SP B . 2.14 -15.07 -6.64
O1B 8SP B . 2.26 -16.20 -7.16
CB 8SP B . -1.63 -16.33 -11.87
C1G 8SP B . -0.78 -15.81 -7.56
O1G 8SP B . -2.09 -15.72 -8.12
C2A 8SP B . -4.34 -16.44 -8.70
C2B 8SP B . 3.31 -14.23 -6.31
CA 8SP B . -0.84 -17.50 -12.53
C2G 8SP B . -0.20 -14.39 -7.29
O2G 8SP B . 0.90 -14.55 -6.38
O2P 8SP B . -0.67 -12.63 -11.33
C3A 8SP B . -5.30 -17.66 -8.78
C3B 8SP B . 3.02 -13.01 -5.38
C 8SP B . 0.47 -17.74 -11.91
O 8SP B . 1.29 -16.80 -11.76
OXT 8SP B . 0.83 -18.98 -11.47
C3G 8SP B . 0.19 -13.64 -8.59
O3G 8SP B . 0.06 -14.47 -9.79
O3P 8SP B . -2.43 -13.99 -10.22
C4A 8SP B . -6.77 -17.27 -8.54
C4B 8SP B . 4.26 -12.07 -5.21
C5A 8SP B . -7.50 -18.24 -7.58
C5B 8SP B . 4.00 -10.64 -5.73
C6A 8SP B . -7.58 -17.70 -6.13
C6B 8SP B . 5.15 -9.66 -5.41
C7A 8SP B . -7.47 -18.83 -5.06
C7B 8SP B . 4.87 -8.22 -5.91
C8A 8SP B . -6.95 -18.33 -3.70
C8B 8SP B . 5.96 -7.21 -5.49
H2 8SP B . -2.57 -18.51 -12.06
HB3 8SP B . -2.58 -16.25 -12.38
HB2 8SP B . -1.85 -16.56 -10.83
H11G 8SP B . -0.83 -16.36 -6.62
H21G 8SP B . -0.12 -16.35 -8.24
H 8SP B . -1.19 -19.39 -11.77
H12A 8SP B . -4.68 -15.77 -7.90
H22A 8SP B . -4.39 -15.89 -9.64
H12B 8SP B . 3.74 -13.87 -7.25
H22B 8SP B . 4.05 -14.87 -5.83
HA 8SP B . -0.72 -17.29 -13.59
H2G 8SP B . -0.98 -13.81 -6.79
H13A 8SP B . -4.99 -18.41 -8.03
H23A 8SP B . -5.21 -18.12 -9.76
H13B 8SP B . 2.72 -13.39 -4.40
H23B 8SP B . 2.19 -12.44 -5.80
H13G 8SP B . -0.36 -12.70 -8.63
H23G 8SP B . 1.24 -13.37 -8.54
H14A 8SP B . -7.29 -17.26 -9.50
H24A 8SP B . -6.82 -16.26 -8.12
H14B 8SP B . 5.11 -12.51 -5.74
H24B 8SP B . 4.50 -12.03 -4.15
H15A 8SP B . -6.99 -19.20 -7.58
H25A 8SP B . -8.53 -18.40 -7.94
H15B 8SP B . 3.07 -10.26 -5.29
H25B 8SP B . 3.86 -10.68 -6.82
H16A 8SP B . -8.53 -17.18 -5.99
H26A 8SP B . -6.77 -16.99 -5.97
H16B 8SP B . 6.07 -10.02 -5.87
H26B 8SP B . 5.30 -9.64 -4.32
H17A 8SP B . -6.80 -19.61 -5.43
H27A 8SP B . -8.46 -19.28 -4.91
H17B 8SP B . 3.91 -7.88 -5.50
H27B 8SP B . 4.80 -8.22 -7.00
H18A 8SP B . -6.39 -17.41 -3.85
H28A 8SP B . -7.77 -18.13 -3.02
H38A 8SP B . -6.29 -19.07 -3.25
H18B 8SP B . 6.05 -7.16 -4.40
H28B 8SP B . 6.91 -7.51 -5.91
H38B 8SP B . 5.72 -6.20 -5.86
HNB 8SP B . -1.73 -19.17 -13.34
N GLY A 1 9.63 19.23 -17.01
CA GLY A 1 8.50 19.98 -16.51
C GLY A 1 7.50 19.11 -15.76
N ALA A 2 8.01 18.08 -15.09
CA ALA A 2 7.17 17.16 -14.34
C ALA A 2 7.87 16.69 -13.07
N ARG A 3 7.08 16.28 -12.09
CA ARG A 3 7.63 15.80 -10.83
C ARG A 3 8.57 14.62 -11.05
N ALA A 4 9.18 14.14 -9.97
CA ALA A 4 10.12 13.02 -10.05
C ALA A 4 10.53 12.55 -8.66
N SER A 5 11.52 11.66 -8.62
CA SER A 5 12.01 11.13 -7.35
C SER A 5 10.91 10.37 -6.63
N VAL A 6 11.28 9.66 -5.56
CA VAL A 6 10.33 8.89 -4.77
C VAL A 6 9.52 9.80 -3.86
N LEU A 7 10.21 10.50 -2.96
CA LEU A 7 9.55 11.41 -2.02
C LEU A 7 10.13 12.81 -2.13
N SER A 8 9.31 13.75 -2.59
CA SER A 8 9.73 15.14 -2.75
C SER A 8 10.04 15.77 -1.39
N GLY A 9 10.28 17.08 -1.39
CA GLY A 9 10.58 17.77 -0.15
C GLY A 9 9.52 17.54 0.92
N GLY A 10 8.26 17.74 0.56
CA GLY A 10 7.17 17.54 1.50
C GLY A 10 7.02 16.11 1.93
N GLU A 11 7.02 15.20 0.94
CA GLU A 11 6.87 13.77 1.22
C GLU A 11 8.01 13.27 2.11
N LEU A 12 9.19 13.87 1.94
CA LEU A 12 10.36 13.49 2.73
C LEU A 12 10.13 13.73 4.21
N ASP A 13 9.80 14.96 4.56
CA ASP A 13 9.54 15.33 5.95
C ASP A 13 8.52 14.38 6.58
N LYS A 14 7.40 14.20 5.90
CA LYS A 14 6.35 13.32 6.38
C LYS A 14 6.84 11.88 6.50
N TRP A 15 7.63 11.46 5.52
CA TRP A 15 8.17 10.10 5.50
C TRP A 15 8.95 9.81 6.78
N GLU A 16 9.95 10.66 7.06
CA GLU A 16 10.77 10.48 8.25
C GLU A 16 9.91 10.51 9.51
N LYS A 17 8.76 11.16 9.42
CA LYS A 17 7.84 11.25 10.56
C LYS A 17 7.08 9.95 10.75
N ILE A 18 6.49 9.45 9.67
CA ILE A 18 5.73 8.21 9.72
C ILE A 18 6.54 7.09 10.35
N ARG A 19 5.88 6.26 11.15
CA ARG A 19 6.54 5.15 11.83
C ARG A 19 6.17 3.83 11.17
N LEU A 20 7.04 2.84 11.32
CA LEU A 20 6.80 1.51 10.75
C LEU A 20 5.65 0.81 11.47
N ARG A 21 5.43 1.17 12.73
CA ARG A 21 4.37 0.57 13.52
C ARG A 21 3.80 1.59 14.52
N PRO A 22 2.55 1.36 14.93
CA PRO A 22 1.87 2.24 15.89
C PRO A 22 2.45 2.15 17.29
N GLY A 23 2.91 0.96 17.66
CA GLY A 23 3.50 0.77 18.98
C GLY A 23 4.98 0.49 18.91
N GLY A 24 5.74 1.41 18.32
CA GLY A 24 7.17 1.22 18.20
C GLY A 24 7.95 2.42 18.69
N LYS A 25 9.27 2.39 18.51
CA LYS A 25 10.13 3.49 18.93
C LYS A 25 11.08 3.89 17.80
N LYS A 26 10.66 3.65 16.57
CA LYS A 26 11.48 3.99 15.40
C LYS A 26 10.60 4.52 14.27
N GLN A 27 11.13 5.50 13.53
CA GLN A 27 10.39 6.09 12.42
C GLN A 27 10.88 5.53 11.09
N TYR A 28 10.35 6.08 9.99
CA TYR A 28 10.74 5.63 8.66
C TYR A 28 12.00 6.34 8.18
N LYS A 29 12.78 5.67 7.35
CA LYS A 29 14.01 6.23 6.82
C LYS A 29 14.32 5.66 5.44
N LEU A 30 15.30 6.25 4.76
CA LEU A 30 15.70 5.79 3.43
C LEU A 30 16.01 4.30 3.45
N LYS A 31 16.44 3.79 4.60
CA LYS A 31 16.77 2.38 4.73
C LYS A 31 15.62 1.50 4.26
N HIS A 32 14.40 1.98 4.46
CA HIS A 32 13.21 1.24 4.05
C HIS A 32 12.92 1.46 2.56
N ILE A 33 13.23 2.63 2.00
CA ILE A 33 12.98 2.88 0.58
C ILE A 33 13.93 2.06 -0.29
N VAL A 34 15.17 1.93 0.15
CA VAL A 34 16.17 1.18 -0.59
C VAL A 34 15.86 -0.32 -0.59
N TRP A 35 15.35 -0.81 0.53
CA TRP A 35 15.00 -2.22 0.67
C TRP A 35 13.86 -2.59 -0.27
N ALA A 36 12.83 -1.75 -0.29
CA ALA A 36 11.66 -1.98 -1.15
C ALA A 36 12.08 -2.12 -2.61
N SER A 37 13.09 -1.34 -3.01
CA SER A 37 13.59 -1.37 -4.38
C SER A 37 14.15 -2.74 -4.73
N ARG A 38 14.90 -3.32 -3.79
CA ARG A 38 15.51 -4.63 -4.01
C ARG A 38 14.48 -5.74 -3.85
N GLU A 39 13.42 -5.46 -3.08
CA GLU A 39 12.37 -6.43 -2.85
C GLU A 39 11.33 -6.39 -3.96
N LEU A 40 11.33 -5.29 -4.71
CA LEU A 40 10.39 -5.12 -5.81
C LEU A 40 10.97 -5.67 -7.12
N GLU A 41 12.19 -5.26 -7.43
CA GLU A 41 12.86 -5.72 -8.65
C GLU A 41 12.99 -7.23 -8.66
N ARG A 42 13.01 -7.82 -7.47
CA ARG A 42 13.12 -9.27 -7.34
C ARG A 42 11.86 -9.97 -7.84
N PHE A 43 10.75 -9.25 -7.82
CA PHE A 43 9.47 -9.80 -8.26
C PHE A 43 9.13 -9.31 -9.67
N ALA A 44 10.16 -9.04 -10.46
CA ALA A 44 9.98 -8.57 -11.82
C ALA A 44 9.27 -7.21 -11.85
N VAL A 45 9.33 -6.50 -10.74
CA VAL A 45 8.70 -5.19 -10.64
C VAL A 45 9.74 -4.10 -10.39
N ASN A 46 9.89 -3.19 -11.34
CA ASN A 46 10.85 -2.11 -11.23
C ASN A 46 10.51 -1.21 -10.05
N PRO A 47 11.54 -0.70 -9.37
CA PRO A 47 11.39 0.18 -8.21
C PRO A 47 10.83 1.55 -8.59
N GLY A 48 10.75 1.81 -9.89
CA GLY A 48 10.24 3.08 -10.36
C GLY A 48 8.76 3.27 -10.06
N LEU A 49 8.09 2.17 -9.73
CA LEU A 49 6.67 2.21 -9.42
C LEU A 49 6.43 2.81 -8.04
N LEU A 50 7.44 2.73 -7.18
CA LEU A 50 7.34 3.27 -5.83
C LEU A 50 7.13 4.79 -5.86
N GLU A 51 7.58 5.41 -6.95
CA GLU A 51 7.46 6.86 -7.10
C GLU A 51 6.26 7.20 -7.98
N THR A 52 5.29 6.29 -8.04
CA THR A 52 4.11 6.50 -8.85
C THR A 52 2.83 6.13 -8.08
N SER A 53 1.92 7.08 -7.97
CA SER A 53 0.67 6.85 -7.25
C SER A 53 -0.10 5.69 -7.86
N GLU A 54 0.18 5.40 -9.12
CA GLU A 54 -0.48 4.31 -9.82
C GLU A 54 0.21 2.98 -9.55
N GLY A 55 1.53 2.97 -9.65
CA GLY A 55 2.30 1.77 -9.41
C GLY A 55 2.16 1.27 -7.99
N CYS A 56 2.39 2.16 -7.03
CA CYS A 56 2.30 1.80 -5.61
C CYS A 56 0.96 1.14 -5.31
N ARG A 57 -0.07 1.56 -6.02
CA ARG A 57 -1.41 1.01 -5.83
C ARG A 57 -1.49 -0.42 -6.36
N GLN A 58 -0.92 -0.64 -7.53
CA GLN A 58 -0.92 -1.96 -8.15
C GLN A 58 -0.13 -2.96 -7.32
N ILE A 59 1.01 -2.53 -6.81
CA ILE A 59 1.86 -3.38 -5.99
C ILE A 59 1.09 -3.93 -4.79
N LEU A 60 0.23 -3.10 -4.22
CA LEU A 60 -0.57 -3.50 -3.07
C LEU A 60 -1.68 -4.46 -3.49
N GLY A 61 -2.20 -4.27 -4.69
CA GLY A 61 -3.26 -5.13 -5.18
C GLY A 61 -2.83 -6.57 -5.30
N GLN A 62 -1.59 -6.78 -5.75
CA GLN A 62 -1.05 -8.13 -5.92
C GLN A 62 -0.60 -8.71 -4.57
N LEU A 63 -0.25 -7.82 -3.65
CA LEU A 63 0.20 -8.24 -2.33
C LEU A 63 -0.99 -8.54 -1.42
N GLN A 64 -2.12 -7.90 -1.71
CA GLN A 64 -3.33 -8.11 -0.92
C GLN A 64 -3.65 -9.59 -0.77
N PRO A 65 -3.89 -10.26 -1.91
CA PRO A 65 -4.21 -11.69 -1.94
C PRO A 65 -3.02 -12.56 -1.57
N SER A 66 -1.82 -11.98 -1.64
CA SER A 66 -0.60 -12.69 -1.32
C SER A 66 -0.36 -12.72 0.19
N LEU A 67 -0.88 -11.71 0.88
CA LEU A 67 -0.73 -11.62 2.33
C LEU A 67 -1.24 -12.87 3.02
N GLN A 68 -2.17 -13.57 2.37
CA GLN A 68 -2.75 -14.78 2.92
C GLN A 68 -1.67 -15.82 3.17
N THR A 69 -0.87 -16.10 2.15
CA THR A 69 0.21 -17.08 2.26
C THR A 69 1.56 -16.45 1.96
N GLY A 70 1.80 -15.26 2.51
CA GLY A 70 3.05 -14.58 2.29
C GLY A 70 4.05 -14.81 3.41
N SER A 71 5.25 -14.28 3.25
CA SER A 71 6.30 -14.44 4.25
C SER A 71 6.68 -13.10 4.86
N GLU A 72 7.74 -13.08 5.65
CA GLU A 72 8.21 -11.87 6.30
C GLU A 72 8.43 -10.76 5.28
N GLU A 73 9.17 -11.07 4.21
CA GLU A 73 9.45 -10.11 3.16
C GLU A 73 8.16 -9.59 2.54
N LEU A 74 7.33 -10.51 2.06
CA LEU A 74 6.06 -10.14 1.43
C LEU A 74 5.21 -9.29 2.38
N ARG A 75 5.44 -9.47 3.68
CA ARG A 75 4.70 -8.72 4.70
C ARG A 75 5.28 -7.31 4.87
N SER A 76 6.58 -7.24 5.12
CA SER A 76 7.25 -5.96 5.31
C SER A 76 6.95 -5.02 4.14
N LEU A 77 6.81 -5.59 2.95
CA LEU A 77 6.52 -4.81 1.76
C LEU A 77 5.18 -4.10 1.88
N TYR A 78 4.12 -4.86 2.11
CA TYR A 78 2.78 -4.31 2.25
C TYR A 78 2.76 -3.19 3.28
N ASN A 79 3.63 -3.29 4.27
CA ASN A 79 3.72 -2.29 5.33
C ASN A 79 4.30 -0.98 4.79
N THR A 80 5.48 -1.06 4.21
CA THR A 80 6.14 0.12 3.66
C THR A 80 5.33 0.71 2.51
N ILE A 81 4.96 -0.12 1.56
CA ILE A 81 4.18 0.32 0.42
C ILE A 81 2.88 0.99 0.85
N ALA A 82 2.41 0.63 2.04
CA ALA A 82 1.18 1.20 2.59
C ALA A 82 1.38 2.65 3.00
N VAL A 83 2.61 2.98 3.40
CA VAL A 83 2.94 4.33 3.82
C VAL A 83 3.34 5.20 2.63
N LEU A 84 4.06 4.60 1.69
CA LEU A 84 4.51 5.31 0.50
C LEU A 84 3.32 5.66 -0.40
N TYR A 85 2.49 4.68 -0.68
CA TYR A 85 1.33 4.88 -1.54
C TYR A 85 0.47 6.04 -1.02
N CYS A 86 0.13 5.99 0.26
CA CYS A 86 -0.68 7.04 0.88
C CYS A 86 -0.09 8.41 0.61
N VAL A 87 1.24 8.51 0.69
CA VAL A 87 1.93 9.77 0.45
C VAL A 87 1.64 10.30 -0.95
N HIS A 88 1.57 9.39 -1.91
CA HIS A 88 1.31 9.76 -3.30
C HIS A 88 -0.18 9.88 -3.55
N GLN A 89 -1.04 9.42 -2.65
CA GLN A 89 -2.49 9.51 -2.86
C GLN A 89 -3.07 10.66 -2.05
N ARG A 90 -2.25 11.67 -1.77
CA ARG A 90 -2.68 12.83 -1.01
C ARG A 90 -3.17 12.42 0.38
N ILE A 91 -2.47 11.47 0.98
CA ILE A 91 -2.83 10.98 2.31
C ILE A 91 -1.71 11.23 3.30
N ASP A 92 -2.07 11.53 4.55
CA ASP A 92 -1.09 11.78 5.60
C ASP A 92 -1.38 10.94 6.83
N VAL A 93 -0.47 10.02 7.14
CA VAL A 93 -0.63 9.14 8.30
C VAL A 93 0.52 9.31 9.28
N LYS A 94 0.41 8.64 10.42
CA LYS A 94 1.44 8.73 11.44
C LYS A 94 2.24 7.42 11.52
N ASP A 95 1.57 6.31 11.19
CA ASP A 95 2.22 5.01 11.23
C ASP A 95 1.76 4.16 10.04
N THR A 96 2.26 2.92 9.98
CA THR A 96 1.90 2.01 8.91
C THR A 96 0.57 1.31 9.19
N LYS A 97 0.23 1.20 10.47
CA LYS A 97 -1.02 0.56 10.87
C LYS A 97 -2.23 1.37 10.42
N GLU A 98 -2.11 2.69 10.56
CA GLU A 98 -3.20 3.59 10.16
C GLU A 98 -3.34 3.65 8.64
N ALA A 99 -2.21 3.79 7.97
CA ALA A 99 -2.20 3.85 6.50
C ALA A 99 -2.96 2.68 5.90
N LEU A 100 -2.96 1.55 6.60
CA LEU A 100 -3.65 0.37 6.12
C LEU A 100 -5.17 0.52 6.25
N ASP A 101 -5.59 1.20 7.31
CA ASP A 101 -7.01 1.43 7.55
C ASP A 101 -7.59 2.39 6.52
N LYS A 102 -6.77 3.34 6.08
CA LYS A 102 -7.19 4.33 5.09
C LYS A 102 -7.48 3.67 3.75
N ILE A 103 -6.56 2.82 3.30
CA ILE A 103 -6.72 2.12 2.03
C ILE A 103 -7.85 1.11 2.10
N GLU A 104 -8.04 0.51 3.26
CA GLU A 104 -9.09 -0.48 3.46
C GLU A 104 -10.46 0.15 3.29
N GLU A 105 -10.57 1.43 3.61
CA GLU A 105 -11.83 2.16 3.48
C GLU A 105 -12.14 2.47 2.03
N GLU A 106 -11.10 2.61 1.22
CA GLU A 106 -11.27 2.90 -0.20
C GLU A 106 -11.48 1.63 -1.00
N GLN A 107 -10.79 0.56 -0.59
CA GLN A 107 -10.89 -0.72 -1.28
C GLN A 107 -12.23 -1.40 -0.95
N ASN A 108 -12.68 -1.25 0.29
CA ASN A 108 -13.93 -1.85 0.73
C ASN A 108 -15.08 -1.43 -0.18
N LYS A 109 -15.00 -0.21 -0.70
CA LYS A 109 -16.04 0.31 -1.59
C LYS A 109 -16.11 -0.51 -2.87
N SER A 110 -14.97 -1.01 -3.31
CA SER A 110 -14.90 -1.81 -4.54
C SER A 110 -15.14 -3.29 -4.23
N LYS A 111 -14.81 -3.69 -3.00
CA LYS A 111 -15.00 -5.07 -2.58
C LYS A 111 -16.48 -5.46 -2.58
N LYS A 112 -17.33 -4.46 -2.38
CA LYS A 112 -18.78 -4.70 -2.36
C LYS A 112 -19.31 -4.91 -3.78
N LYS A 113 -18.64 -4.30 -4.75
CA LYS A 113 -19.05 -4.43 -6.15
C LYS A 113 -18.16 -5.43 -6.88
N ALA A 114 -17.72 -6.46 -6.17
CA ALA A 114 -16.86 -7.49 -6.75
C ALA A 114 -17.29 -8.88 -6.29
N GLN A 115 -18.58 -9.04 -6.01
CA GLN A 115 -19.11 -10.31 -5.56
C GLN A 115 -19.59 -11.16 -6.74
N GLN A 116 -20.31 -10.52 -7.66
CA GLN A 116 -20.82 -11.22 -8.84
C GLN A 116 -19.69 -11.93 -9.58
N ALA A 117 -18.48 -11.39 -9.47
CA ALA A 117 -17.32 -11.99 -10.13
C ALA A 117 -17.22 -13.47 -9.81
N ALA A 118 -17.69 -13.86 -8.63
CA ALA A 118 -17.63 -15.26 -8.21
C ALA A 118 -18.99 -15.93 -8.39
N ALA A 119 -19.13 -17.12 -7.82
CA ALA A 119 -20.39 -17.87 -7.92
C ALA A 119 -20.67 -18.26 -9.37
N ASP A 120 -19.63 -18.27 -10.19
CA ASP A 120 -19.78 -18.63 -11.60
C ASP A 120 -19.01 -19.90 -11.92
N THR A 121 -17.76 -19.97 -11.46
CA THR A 121 -16.92 -21.13 -11.69
C THR A 121 -17.41 -22.34 -10.91
N GLY A 122 -16.89 -23.52 -11.24
CA GLY A 122 -17.28 -24.73 -10.55
C GLY A 122 -16.10 -25.66 -10.29
N ASN A 123 -16.00 -26.72 -11.09
CA ASN A 123 -14.92 -27.68 -10.94
C ASN A 123 -14.86 -28.21 -9.50
N ASN A 124 -15.93 -28.87 -9.08
CA ASN A 124 -16.01 -29.42 -7.73
C ASN A 124 -15.69 -30.92 -7.74
N SER A 125 -14.65 -31.30 -7.02
CA SER A 125 -14.24 -32.70 -6.94
C SER A 125 -14.74 -33.35 -5.66
N GLN A 126 -14.80 -34.68 -5.65
CA GLN A 126 -15.26 -35.41 -4.49
C GLN A 126 -14.28 -35.30 -3.34
N VAL A 127 -14.77 -35.50 -2.11
CA VAL A 127 -13.93 -35.42 -0.93
C VAL A 127 -12.99 -36.63 -0.83
N SER A 128 -13.43 -37.75 -1.38
CA SER A 128 -12.64 -38.98 -1.36
C SER A 128 -12.23 -39.32 0.08
N GLN A 129 -13.20 -39.77 0.87
CA GLN A 129 -12.93 -40.15 2.26
C GLN A 129 -12.32 -41.54 2.35
N ASN A 130 -12.03 -41.97 3.57
CA ASN A 130 -11.44 -43.30 3.80
C ASN A 130 -12.40 -44.39 3.34
N TYR A 131 -11.86 -45.38 2.65
CA TYR A 131 -12.66 -46.49 2.16
C TYR A 131 -12.17 -47.83 2.73
N 8SP B . -4.59 -17.11 -7.66
P 8SP B . -1.63 -15.12 -6.35
OG 8SP B . -2.09 -16.65 -6.45
C1A 8SP B . 4.04 -18.45 -3.69
O1A 8SP B . 5.13 -18.14 -4.21
C1B 8SP B . 2.80 -14.88 -5.83
O1B 8SP B . 2.59 -14.95 -7.07
CB 8SP B . -2.13 -17.29 -7.75
C1G 8SP B . 1.85 -17.35 -3.20
O1G 8SP B . 3.26 -17.50 -3.09
C2A 8SP B . 3.53 -19.84 -3.69
C2B 8SP B . 3.27 -13.63 -5.20
CA 8SP B . -3.48 -18.00 -8.04
C2G 8SP B . 1.49 -16.13 -4.08
O2G 8SP B . 2.56 -15.95 -5.02
O2P 8SP B . -1.50 -14.48 -7.66
C3A 8SP B . 4.60 -20.95 -3.74
C3B 8SP B . 3.22 -12.36 -6.10
C 8SP B . -3.63 -19.28 -7.33
O 8SP B . -2.63 -19.98 -7.04
OXT 8SP B . -4.85 -19.71 -6.93
C3G 8SP B . 0.10 -16.25 -4.76
O3G 8SP B . -0.24 -15.09 -5.57
O3P 8SP B . -2.69 -14.34 -5.47
C4A 8SP B . 4.02 -22.33 -4.17
C4B 8SP B . 4.25 -11.27 -5.67
C5A 8SP B . 4.09 -23.39 -3.05
C5B 8SP B . 3.87 -9.86 -6.20
C6A 8SP B . 2.84 -24.30 -3.00
C6B 8SP B . 4.26 -8.72 -5.22
C7A 8SP B . 2.54 -24.83 -1.57
C7B 8SP B . 5.21 -7.67 -5.86
C8A 8SP B . 1.18 -25.53 -1.47
C8B 8SP B . 6.13 -6.97 -4.84
H2 8SP B . -4.28 -16.47 -6.93
HB3 8SP B . -1.35 -18.05 -7.71
HB2 8SP B . -1.85 -16.63 -8.58
H11G 8SP B . 1.42 -18.25 -3.67
H21G 8SP B . 1.40 -17.24 -2.21
H 8SP B . -5.37 -17.66 -7.32
H12A 8SP B . 2.91 -19.97 -2.80
H22A 8SP B . 2.88 -19.94 -4.57
H12B 8SP B . 4.30 -13.79 -4.86
H22B 8SP B . 2.65 -13.45 -4.32
HA 8SP B . -3.55 -18.17 -9.12
H2G 8SP B . 1.46 -15.25 -3.41
H13A 8SP B . 5.07 -21.04 -2.75
H23A 8SP B . 5.39 -20.66 -4.45
H13B 8SP B . 2.22 -11.93 -6.06
H23B 8SP B . 3.43 -12.65 -7.14
H13G 8SP B . 0.05 -17.20 -5.29
H23G 8SP B . -0.67 -16.31 -3.98
H14A 8SP B . 4.57 -22.68 -5.04
H24A 8SP B . 2.97 -22.19 -4.46
H14B 8SP B . 5.24 -11.54 -6.04
H24B 8SP B . 4.29 -11.24 -4.58
H15A 8SP B . 4.21 -22.88 -2.09
H25A 8SP B . 4.98 -24.01 -3.21
H15B 8SP B . 2.79 -9.82 -6.37
H25B 8SP B . 4.38 -9.69 -7.15
H16A 8SP B . 3.00 -25.15 -3.67
H26A 8SP B . 1.97 -23.74 -3.35
H16B 8SP B . 4.76 -9.16 -4.34
H26B 8SP B . 3.36 -8.22 -4.88
H17A 8SP B . 2.55 -23.98 -0.87
H27A 8SP B . 3.33 -25.53 -1.26
H17B 8SP B . 4.61 -6.91 -6.37
H27B 8SP B . 5.84 -8.17 -6.61
H18A 8SP B . 0.66 -25.21 -0.57
H28A 8SP B . 0.56 -25.30 -2.33
H38A 8SP B . 1.32 -26.62 -1.42
H18B 8SP B . 5.70 -6.02 -4.54
H28B 8SP B . 6.23 -7.59 -3.94
H38B 8SP B . 7.12 -6.81 -5.26
HNB 8SP B . -4.89 -16.57 -8.48
N GLY A 1 4.17 18.34 -15.60
CA GLY A 1 3.94 17.80 -14.27
C GLY A 1 4.66 16.48 -14.06
N ALA A 2 5.87 16.38 -14.60
CA ALA A 2 6.67 15.17 -14.47
C ALA A 2 7.23 15.03 -13.05
N ARG A 3 6.94 13.90 -12.41
CA ARG A 3 7.41 13.65 -11.06
C ARG A 3 8.86 13.18 -11.06
N ALA A 4 9.59 13.52 -10.00
CA ALA A 4 10.99 13.13 -9.89
C ALA A 4 11.29 12.58 -8.49
N SER A 5 12.21 11.62 -8.42
CA SER A 5 12.59 11.01 -7.16
C SER A 5 11.39 10.28 -6.53
N VAL A 6 11.65 9.60 -5.42
CA VAL A 6 10.59 8.86 -4.72
C VAL A 6 9.73 9.79 -3.88
N LEU A 7 10.35 10.45 -2.91
CA LEU A 7 9.64 11.37 -2.02
C LEU A 7 10.25 12.76 -2.10
N SER A 8 9.47 13.72 -2.58
CA SER A 8 9.92 15.10 -2.70
C SER A 8 10.20 15.71 -1.33
N GLY A 9 10.46 17.01 -1.30
CA GLY A 9 10.74 17.69 -0.05
C GLY A 9 9.65 17.48 0.98
N GLY A 10 8.41 17.71 0.57
CA GLY A 10 7.29 17.55 1.48
C GLY A 10 7.06 16.10 1.86
N GLU A 11 7.10 15.22 0.86
CA GLU A 11 6.90 13.79 1.10
C GLU A 11 7.99 13.23 2.00
N LEU A 12 9.16 13.85 1.97
CA LEU A 12 10.29 13.41 2.78
C LEU A 12 10.02 13.65 4.26
N ASP A 13 9.68 14.88 4.60
CA ASP A 13 9.40 15.25 5.98
C ASP A 13 8.36 14.31 6.58
N LYS A 14 7.25 14.14 5.89
CA LYS A 14 6.18 13.26 6.35
C LYS A 14 6.66 11.82 6.45
N TRP A 15 7.48 11.41 5.50
CA TRP A 15 8.01 10.05 5.49
C TRP A 15 8.80 9.76 6.76
N GLU A 16 9.84 10.56 7.00
CA GLU A 16 10.68 10.40 8.19
C GLU A 16 9.83 10.45 9.46
N LYS A 17 8.69 11.12 9.38
CA LYS A 17 7.80 11.24 10.52
C LYS A 17 7.05 9.94 10.77
N ILE A 18 6.41 9.42 9.73
CA ILE A 18 5.66 8.18 9.83
C ILE A 18 6.51 7.07 10.44
N ARG A 19 5.88 6.21 11.24
CA ARG A 19 6.59 5.11 11.88
C ARG A 19 6.23 3.78 11.23
N LEU A 20 7.10 2.79 11.38
CA LEU A 20 6.87 1.47 10.80
C LEU A 20 5.78 0.73 11.56
N ARG A 21 5.62 1.07 12.84
CA ARG A 21 4.61 0.44 13.68
C ARG A 21 3.94 1.47 14.59
N PRO A 22 2.74 1.12 15.10
CA PRO A 22 1.99 2.00 15.99
C PRO A 22 2.64 2.12 17.36
N GLY A 23 3.15 1.01 17.88
CA GLY A 23 3.79 1.01 19.18
C GLY A 23 5.28 0.76 19.09
N GLY A 24 5.91 1.27 18.04
CA GLY A 24 7.34 1.09 17.86
C GLY A 24 8.15 2.22 18.46
N LYS A 25 9.48 2.09 18.39
CA LYS A 25 10.37 3.11 18.95
C LYS A 25 11.28 3.67 17.85
N LYS A 26 10.81 3.62 16.61
CA LYS A 26 11.58 4.11 15.47
C LYS A 26 10.65 4.64 14.39
N GLN A 27 11.19 5.51 13.53
CA GLN A 27 10.41 6.09 12.45
C GLN A 27 10.85 5.52 11.10
N TYR A 28 10.31 6.08 10.02
CA TYR A 28 10.65 5.61 8.67
C TYR A 28 11.91 6.30 8.17
N LYS A 29 12.65 5.60 7.32
CA LYS A 29 13.89 6.14 6.75
C LYS A 29 14.12 5.58 5.35
N LEU A 30 15.08 6.19 4.64
CA LEU A 30 15.41 5.75 3.28
C LEU A 30 15.73 4.27 3.25
N LYS A 31 16.21 3.75 4.38
CA LYS A 31 16.56 2.34 4.48
C LYS A 31 15.40 1.46 4.02
N HIS A 32 14.18 1.91 4.30
CA HIS A 32 12.98 1.17 3.91
C HIS A 32 12.63 1.42 2.46
N ILE A 33 12.92 2.59 1.89
CA ILE A 33 12.61 2.88 0.51
C ILE A 33 13.55 2.13 -0.44
N VAL A 34 14.81 2.01 -0.04
CA VAL A 34 15.80 1.31 -0.85
C VAL A 34 15.62 -0.19 -0.75
N TRP A 35 15.27 -0.67 0.44
CA TRP A 35 15.08 -2.10 0.67
C TRP A 35 13.94 -2.63 -0.21
N ALA A 36 12.81 -1.93 -0.19
CA ALA A 36 11.66 -2.35 -0.99
C ALA A 36 11.98 -2.33 -2.48
N SER A 37 12.91 -1.47 -2.87
CA SER A 37 13.31 -1.36 -4.27
C SER A 37 14.00 -2.63 -4.73
N ARG A 38 14.86 -3.18 -3.89
CA ARG A 38 15.59 -4.40 -4.21
C ARG A 38 14.65 -5.60 -4.25
N GLU A 39 13.75 -5.68 -3.27
CA GLU A 39 12.80 -6.77 -3.19
C GLU A 39 11.75 -6.66 -4.30
N LEU A 40 11.51 -5.45 -4.78
CA LEU A 40 10.55 -5.21 -5.84
C LEU A 40 11.02 -5.81 -7.16
N GLU A 41 12.23 -5.41 -7.58
CA GLU A 41 12.81 -5.90 -8.83
C GLU A 41 12.84 -7.42 -8.84
N ARG A 42 12.90 -8.03 -7.66
CA ARG A 42 12.95 -9.48 -7.53
C ARG A 42 11.63 -10.10 -7.96
N PHE A 43 10.54 -9.35 -7.78
CA PHE A 43 9.21 -9.83 -8.15
C PHE A 43 8.82 -9.33 -9.54
N ALA A 44 9.82 -9.10 -10.38
CA ALA A 44 9.58 -8.63 -11.74
C ALA A 44 8.95 -7.24 -11.73
N VAL A 45 9.11 -6.52 -10.63
CA VAL A 45 8.56 -5.18 -10.50
C VAL A 45 9.66 -4.14 -10.31
N ASN A 46 9.79 -3.25 -11.29
CA ASN A 46 10.80 -2.20 -11.24
C ASN A 46 10.57 -1.28 -10.04
N PRO A 47 11.68 -0.80 -9.44
CA PRO A 47 11.62 0.09 -8.28
C PRO A 47 11.09 1.47 -8.65
N GLY A 48 11.04 1.76 -9.94
CA GLY A 48 10.56 3.05 -10.39
C GLY A 48 9.10 3.27 -10.10
N LEU A 49 8.39 2.19 -9.78
CA LEU A 49 6.97 2.26 -9.47
C LEU A 49 6.75 2.87 -8.09
N LEU A 50 7.76 2.76 -7.23
CA LEU A 50 7.67 3.30 -5.88
C LEU A 50 7.47 4.82 -5.91
N GLU A 51 7.92 5.44 -7.00
CA GLU A 51 7.78 6.88 -7.15
C GLU A 51 6.60 7.22 -8.06
N THR A 52 5.62 6.32 -8.11
CA THR A 52 4.44 6.53 -8.95
C THR A 52 3.17 6.19 -8.18
N SER A 53 2.26 7.16 -8.08
CA SER A 53 1.00 6.96 -7.37
C SER A 53 0.22 5.79 -7.97
N GLU A 54 0.51 5.48 -9.24
CA GLU A 54 -0.17 4.38 -9.93
C GLU A 54 0.51 3.05 -9.62
N GLY A 55 1.84 3.04 -9.69
CA GLY A 55 2.58 1.82 -9.43
C GLY A 55 2.48 1.38 -7.97
N CYS A 56 2.66 2.33 -7.06
CA CYS A 56 2.59 2.03 -5.63
C CYS A 56 1.29 1.31 -5.30
N ARG A 57 0.24 1.59 -6.06
CA ARG A 57 -1.06 0.97 -5.83
C ARG A 57 -1.08 -0.45 -6.39
N GLN A 58 -0.61 -0.62 -7.62
CA GLN A 58 -0.59 -1.93 -8.25
C GLN A 58 0.18 -2.94 -7.39
N ILE A 59 1.31 -2.50 -6.86
CA ILE A 59 2.14 -3.37 -6.01
C ILE A 59 1.33 -3.92 -4.85
N LEU A 60 0.45 -3.10 -4.30
CA LEU A 60 -0.40 -3.52 -3.18
C LEU A 60 -1.49 -4.47 -3.64
N GLY A 61 -1.85 -4.38 -4.91
CA GLY A 61 -2.88 -5.24 -5.46
C GLY A 61 -2.44 -6.69 -5.55
N GLN A 62 -1.13 -6.90 -5.52
CA GLN A 62 -0.57 -8.25 -5.61
C GLN A 62 -0.29 -8.80 -4.21
N LEU A 63 0.15 -7.94 -3.31
CA LEU A 63 0.46 -8.34 -1.95
C LEU A 63 -0.81 -8.43 -1.10
N GLN A 64 -1.83 -7.67 -1.50
CA GLN A 64 -3.10 -7.67 -0.78
C GLN A 64 -3.63 -9.09 -0.60
N PRO A 65 -3.89 -9.77 -1.72
CA PRO A 65 -4.41 -11.14 -1.72
C PRO A 65 -3.36 -12.15 -1.24
N SER A 66 -2.10 -11.73 -1.24
CA SER A 66 -1.00 -12.59 -0.81
C SER A 66 -0.53 -12.21 0.59
N LEU A 67 -1.43 -11.63 1.37
CA LEU A 67 -1.10 -11.22 2.73
C LEU A 67 -1.14 -12.41 3.69
N GLN A 68 -2.10 -13.30 3.46
CA GLN A 68 -2.25 -14.49 4.30
C GLN A 68 -1.27 -15.59 3.87
N THR A 69 -1.14 -15.77 2.55
CA THR A 69 -0.25 -16.79 2.02
C THR A 69 1.08 -16.18 1.59
N GLY A 70 1.45 -15.06 2.21
CA GLY A 70 2.69 -14.40 1.87
C GLY A 70 3.81 -14.77 2.82
N SER A 71 4.97 -14.16 2.63
CA SER A 71 6.14 -14.44 3.47
C SER A 71 6.51 -13.21 4.30
N GLU A 72 7.56 -13.35 5.10
CA GLU A 72 8.02 -12.25 5.95
C GLU A 72 8.30 -11.01 5.11
N GLU A 73 9.05 -11.19 4.02
CA GLU A 73 9.39 -10.08 3.15
C GLU A 73 8.14 -9.40 2.61
N LEU A 74 7.18 -10.21 2.16
CA LEU A 74 5.93 -9.68 1.63
C LEU A 74 5.23 -8.78 2.64
N ARG A 75 5.12 -9.25 3.88
CA ARG A 75 4.49 -8.48 4.94
C ARG A 75 5.14 -7.11 5.09
N SER A 76 6.47 -7.11 5.26
CA SER A 76 7.22 -5.87 5.43
C SER A 76 6.95 -4.92 4.26
N LEU A 77 6.92 -5.48 3.05
CA LEU A 77 6.67 -4.68 1.86
C LEU A 77 5.34 -3.93 1.96
N TYR A 78 4.26 -4.68 2.16
CA TYR A 78 2.93 -4.10 2.28
C TYR A 78 2.92 -2.98 3.32
N ASN A 79 3.78 -3.11 4.33
CA ASN A 79 3.87 -2.11 5.39
C ASN A 79 4.50 -0.83 4.87
N THR A 80 5.50 -0.97 3.98
CA THR A 80 6.19 0.18 3.42
C THR A 80 5.37 0.83 2.32
N ILE A 81 5.04 0.05 1.29
CA ILE A 81 4.25 0.56 0.17
C ILE A 81 2.97 1.25 0.66
N ALA A 82 2.46 0.78 1.80
CA ALA A 82 1.25 1.36 2.38
C ALA A 82 1.48 2.79 2.83
N VAL A 83 2.65 3.04 3.41
CA VAL A 83 3.00 4.38 3.89
C VAL A 83 3.42 5.28 2.74
N LEU A 84 4.12 4.71 1.77
CA LEU A 84 4.58 5.47 0.61
C LEU A 84 3.41 5.85 -0.29
N TYR A 85 2.61 4.86 -0.67
CA TYR A 85 1.46 5.09 -1.52
C TYR A 85 0.58 6.21 -0.97
N CYS A 86 0.26 6.11 0.32
CA CYS A 86 -0.57 7.11 0.98
C CYS A 86 -0.03 8.52 0.74
N VAL A 87 1.30 8.62 0.59
CA VAL A 87 1.94 9.90 0.35
C VAL A 87 1.71 10.38 -1.08
N HIS A 88 1.78 9.45 -2.02
CA HIS A 88 1.58 9.78 -3.43
C HIS A 88 0.10 9.94 -3.74
N GLN A 89 -0.81 9.59 -2.83
CA GLN A 89 -2.24 9.73 -3.09
C GLN A 89 -2.79 10.98 -2.41
N ARG A 90 -2.90 10.91 -1.09
CA ARG A 90 -3.42 12.04 -0.31
C ARG A 90 -3.43 11.71 1.18
N ILE A 91 -3.71 10.45 1.51
CA ILE A 91 -3.74 10.02 2.89
C ILE A 91 -2.47 10.40 3.63
N ASP A 92 -2.62 11.03 4.78
CA ASP A 92 -1.48 11.46 5.59
C ASP A 92 -1.46 10.74 6.93
N VAL A 93 -1.42 9.40 6.89
CA VAL A 93 -1.40 8.60 8.11
C VAL A 93 -0.22 8.99 9.00
N LYS A 94 -0.21 8.45 10.21
CA LYS A 94 0.86 8.73 11.16
C LYS A 94 1.78 7.52 11.32
N ASP A 95 1.24 6.34 11.06
CA ASP A 95 2.02 5.11 11.17
C ASP A 95 1.65 4.14 10.05
N THR A 96 2.32 2.99 10.04
CA THR A 96 2.07 1.97 9.02
C THR A 96 0.69 1.35 9.19
N LYS A 97 0.30 1.13 10.43
CA LYS A 97 -1.00 0.54 10.73
C LYS A 97 -2.13 1.37 10.13
N GLU A 98 -2.10 2.67 10.41
CA GLU A 98 -3.12 3.58 9.90
C GLU A 98 -3.28 3.43 8.39
N ALA A 99 -2.15 3.38 7.69
CA ALA A 99 -2.15 3.23 6.24
C ALA A 99 -2.86 1.95 5.81
N LEU A 100 -2.84 0.95 6.69
CA LEU A 100 -3.48 -0.32 6.41
C LEU A 100 -5.00 -0.21 6.52
N ASP A 101 -5.46 0.40 7.60
CA ASP A 101 -6.90 0.58 7.83
C ASP A 101 -7.51 1.47 6.76
N LYS A 102 -6.80 2.55 6.42
CA LYS A 102 -7.27 3.49 5.40
C LYS A 102 -7.51 2.78 4.08
N ILE A 103 -6.50 2.07 3.60
CA ILE A 103 -6.59 1.35 2.34
C ILE A 103 -7.59 0.20 2.44
N GLU A 104 -7.56 -0.49 3.57
CA GLU A 104 -8.48 -1.62 3.79
C GLU A 104 -9.93 -1.15 3.76
N GLU A 105 -10.19 0.00 4.35
CA GLU A 105 -11.53 0.55 4.39
C GLU A 105 -11.97 1.03 3.01
N GLU A 106 -11.01 1.49 2.22
CA GLU A 106 -11.29 1.98 0.88
C GLU A 106 -11.73 0.84 -0.04
N GLN A 107 -11.23 -0.36 0.24
CA GLN A 107 -11.56 -1.54 -0.55
C GLN A 107 -12.92 -2.10 -0.14
N ASN A 108 -13.15 -2.18 1.16
CA ASN A 108 -14.42 -2.70 1.68
C ASN A 108 -15.59 -1.84 1.22
N LYS A 109 -15.34 -0.54 1.07
CA LYS A 109 -16.37 0.39 0.63
C LYS A 109 -16.69 0.19 -0.84
N SER A 110 -15.67 -0.07 -1.64
CA SER A 110 -15.85 -0.27 -3.08
C SER A 110 -16.61 -1.57 -3.35
N LYS A 111 -16.42 -2.55 -2.47
CA LYS A 111 -17.09 -3.84 -2.61
C LYS A 111 -18.61 -3.66 -2.70
N LYS A 112 -19.15 -2.80 -1.85
CA LYS A 112 -20.58 -2.54 -1.83
C LYS A 112 -21.07 -2.15 -3.22
N LYS A 113 -20.39 -1.21 -3.85
CA LYS A 113 -20.76 -0.76 -5.19
C LYS A 113 -20.69 -1.91 -6.19
N ALA A 114 -19.59 -2.65 -6.15
CA ALA A 114 -19.41 -3.79 -7.06
C ALA A 114 -20.53 -4.82 -6.87
N GLN A 115 -21.09 -4.87 -5.67
CA GLN A 115 -22.17 -5.81 -5.38
C GLN A 115 -23.50 -5.09 -5.25
N GLN A 116 -23.60 -3.93 -5.89
CA GLN A 116 -24.83 -3.15 -5.86
C GLN A 116 -25.83 -3.65 -6.90
N ALA A 117 -25.32 -4.08 -8.04
CA ALA A 117 -26.18 -4.60 -9.11
C ALA A 117 -27.14 -5.66 -8.58
N ALA A 118 -26.71 -6.38 -7.55
CA ALA A 118 -27.53 -7.42 -6.95
C ALA A 118 -28.25 -6.92 -5.71
N ALA A 119 -28.83 -7.84 -4.94
CA ALA A 119 -29.54 -7.48 -3.73
C ALA A 119 -30.76 -6.62 -4.03
N ASP A 120 -31.24 -6.70 -5.27
CA ASP A 120 -32.40 -5.94 -5.69
C ASP A 120 -33.49 -6.87 -6.24
N THR A 121 -33.51 -8.10 -5.75
CA THR A 121 -34.50 -9.08 -6.18
C THR A 121 -35.61 -9.23 -5.16
N GLY A 122 -36.73 -9.80 -5.58
CA GLY A 122 -37.85 -10.00 -4.69
C GLY A 122 -38.91 -10.92 -5.27
N ASN A 123 -39.19 -12.02 -4.58
CA ASN A 123 -40.19 -12.99 -5.03
C ASN A 123 -41.59 -12.38 -5.01
N ASN A 124 -42.54 -13.10 -5.57
CA ASN A 124 -43.92 -12.64 -5.62
C ASN A 124 -44.50 -12.49 -4.21
N SER A 125 -44.31 -13.51 -3.39
CA SER A 125 -44.80 -13.50 -2.02
C SER A 125 -43.79 -12.85 -1.08
N GLN A 126 -44.13 -11.66 -0.58
CA GLN A 126 -43.25 -10.95 0.33
C GLN A 126 -43.96 -9.74 0.93
N VAL A 127 -43.41 -9.21 2.02
CA VAL A 127 -44.00 -8.05 2.70
C VAL A 127 -43.32 -6.77 2.26
N SER A 128 -43.85 -5.63 2.71
CA SER A 128 -43.29 -4.33 2.37
C SER A 128 -42.27 -3.89 3.42
N GLN A 129 -41.19 -4.65 3.55
CA GLN A 129 -40.14 -4.33 4.51
C GLN A 129 -38.89 -5.16 4.25
N ASN A 130 -37.89 -4.55 3.61
CA ASN A 130 -36.64 -5.22 3.31
C ASN A 130 -35.60 -4.97 4.38
N TYR A 131 -35.70 -3.81 5.04
CA TYR A 131 -34.76 -3.45 6.09
C TYR A 131 -33.34 -3.34 5.54
N 8SP B . -2.73 -14.06 -7.60
P 8SP B . 0.82 -17.01 -8.81
OG 8SP B . -0.56 -17.05 -8.01
C1A 8SP B . 4.72 -19.79 -7.85
O1A 8SP B . 5.16 -20.41 -8.84
C1B 8SP B . 5.18 -14.54 -5.27
O1B 8SP B . 5.18 -15.18 -4.20
CB 8SP B . -1.62 -16.14 -8.37
C1G 8SP B . 5.11 -17.49 -6.94
O1G 8SP B . 4.59 -18.43 -7.88
C2A 8SP B . 4.30 -20.47 -6.61
C2B 8SP B . 5.53 -13.10 -5.31
CA 8SP B . -2.19 -15.36 -7.15
C2G 8SP B . 4.12 -16.34 -6.68
O2G 8SP B . 4.88 -15.15 -6.46
O2P 8SP B . 0.92 -18.05 -9.83
C3A 8SP B . 2.93 -21.21 -6.67
C3B 8SP B . 4.76 -12.25 -6.36
C 8SP B . -1.19 -15.13 -6.08
O 8SP B . -0.64 -14.01 -5.95
OXT 8SP B . -0.90 -16.12 -5.20
C3G 8SP B . 3.07 -16.18 -7.82
O3G 8SP B . 2.00 -17.16 -7.75
O3P 8SP B . 0.95 -15.57 -9.48
C4A 8SP B . 1.74 -20.29 -6.28
C4B 8SP B . 3.92 -11.10 -5.72
C5A 8SP B . 1.21 -20.58 -4.85
C5B 8SP B . 4.78 -9.84 -5.41
C6A 8SP B . -0.23 -21.16 -4.86
C6B 8SP B . 4.21 -8.54 -6.06
C7A 8SP B . -1.32 -20.07 -4.95
C7B 8SP B . 5.20 -7.35 -5.98
C8A 8SP B . -2.63 -20.46 -4.23
C8B 8SP B . 5.34 -6.77 -4.56
H2 8SP B . -3.70 -13.97 -7.28
HB3 8SP B . -2.41 -16.77 -8.77
HB2 8SP B . -1.35 -15.44 -9.17
H11G 8SP B . 5.32 -18.01 -5.99
H21G 8SP B . 6.06 -17.07 -7.31
H 8SP B . -2.69 -14.01 -8.62
H12A 8SP B . 5.08 -21.18 -6.33
H22A 8SP B . 4.24 -19.71 -5.82
H12B 8SP B . 6.60 -13.01 -5.51
H22B 8SP B . 5.34 -12.69 -4.32
HA 8SP B . -3.03 -15.94 -6.74
H2G 8SP B . 3.58 -16.57 -5.76
H13A 8SP B . 2.97 -22.08 -6.01
H23A 8SP B . 2.78 -21.57 -7.70
H13B 8SP B . 4.07 -12.90 -6.91
H23B 8SP B . 5.47 -11.83 -7.07
H13G 8SP B . 2.74 -15.14 -7.84
H23G 8SP B . 3.58 -16.35 -8.77
H14A 8SP B . 0.93 -20.45 -7.01
H24A 8SP B . 2.05 -19.25 -6.35
H14B 8SP B . 3.48 -11.45 -4.78
H24B 8SP B . 3.12 -10.83 -6.39
H15A 8SP B . 1.22 -19.66 -4.28
H25A 8SP B . 1.87 -21.29 -4.36
H15B 8SP B . 5.80 -9.99 -5.80
H25B 8SP B . 4.86 -9.70 -4.33
H16A 8SP B . -0.38 -21.75 -3.94
H26A 8SP B . -0.34 -21.85 -5.71
H16B 8SP B . 3.28 -8.27 -5.54
H26B 8SP B . 3.97 -8.75 -7.11
H17A 8SP B . -1.54 -19.87 -6.01
H27A 8SP B . -0.94 -19.15 -4.51
H17B 8SP B . 4.85 -6.55 -6.64
H27B 8SP B . 6.18 -7.68 -6.32
H18A 8SP B . -2.73 -19.89 -3.32
H28A 8SP B . -3.49 -20.26 -4.88
H38A 8SP B . -2.62 -21.52 -3.98
H18B 8SP B . 5.94 -5.87 -4.57
H28B 8SP B . 4.35 -6.52 -4.16
H38B 8SP B . 5.80 -7.50 -3.89
HNB 8SP B . -2.17 -13.31 -7.18
#